data_7ESH
#
_entry.id   7ESH
#
_cell.length_a   105.750
_cell.length_b   126.660
_cell.length_c   294.730
_cell.angle_alpha   90.000
_cell.angle_beta   90.000
_cell.angle_gamma   90.000
#
_symmetry.space_group_name_H-M   'P 2 21 21'
#
loop_
_entity.id
_entity.type
_entity.pdbx_description
1 polymer amylosucrase
2 non-polymer 2-AMINO-2-HYDROXYMETHYL-PROPANE-1,3-DIOL
3 water water
#
_entity_poly.entity_id   1
_entity_poly.type   'polypeptide(L)'
_entity_poly.pdbx_seq_one_letter_code
;MFSTPLPAELRPLLERLLTLAQDELSGGDLETFSLRLERYLPDLHAGLTAVYPDAEGLLERLLPILTAAHQARSADLRRL
DAKRLLAPDWFQRPEMIAYVAYTERFAGTLRGVEERIDYLEELGVRYLHLMPFLKPRPAPHDGGYAVMDYRAVREDLGTM
ADLEALTAKLRARGIALCCDLVLNHVAQEHEWALRARRGEAKYQRYFHMFPDRTLPDEYEKTLPEVFPDFAPGNFTFDEE
SGQWVWTTFNRWQWDLNWANPEVFLEFADLILWLANRGVEVFRLDAIAFIWKRLGTNCQNQPEVHAITQALRAVARIVAP
AVLFKAEAIVAPDDLIHYLGQGPHFGLLSDTAYHNSLMVQIWSSLASRDVRLMSEALRRFPLKPTNTAWCTYLRCHDDIG
WAIADEDAARVGLSGEAHRRFLSDYYSGRFPASFSRGLVFQENPRTGDRRISGSAASLAGLEQALERGDPHQLHLSLERL
LLGHAVVLGFGGIPLLYMGDELALLNDHSYLEEPEHAEDNRWVHRPHMDWEKAARAKADPTSPEGRMYHGLRHLIRVRRT
TPHFHAALEAQILEPRNPHVFGYVRRHPLGNLVALYNFSEEVQYYPAEVLWQQGLGLPFDRISGQLVPIEHHLVRLEPYA
RLWITDESDRHHHHHH
;
_entity_poly.pdbx_strand_id   A,B,C,D
#
# COMPACT_ATOMS: atom_id res chain seq x y z
N MET A 1 -23.79 -9.72 20.94
CA MET A 1 -23.79 -8.62 19.92
C MET A 1 -24.97 -8.85 18.95
N PHE A 2 -25.30 -10.10 18.58
CA PHE A 2 -26.45 -10.47 17.70
C PHE A 2 -27.39 -11.43 18.43
N SER A 3 -28.66 -11.06 18.52
CA SER A 3 -29.74 -11.91 19.06
C SER A 3 -30.50 -12.55 17.88
N THR A 4 -30.64 -13.87 17.89
CA THR A 4 -31.32 -14.61 16.80
C THR A 4 -32.81 -14.37 16.97
N PRO A 5 -33.50 -13.74 15.99
CA PRO A 5 -34.92 -13.43 16.15
C PRO A 5 -35.69 -14.74 16.09
N LEU A 6 -36.91 -14.77 16.64
CA LEU A 6 -37.83 -15.93 16.52
C LEU A 6 -38.44 -15.98 15.11
N PRO A 7 -38.13 -17.00 14.29
CA PRO A 7 -38.83 -17.17 13.01
C PRO A 7 -40.35 -17.26 13.24
N ALA A 8 -41.16 -16.58 12.42
CA ALA A 8 -42.63 -16.55 12.60
C ALA A 8 -43.21 -17.96 12.60
N GLU A 9 -42.59 -18.94 11.90
CA GLU A 9 -43.12 -20.34 11.78
C GLU A 9 -42.85 -21.17 13.05
N LEU A 10 -42.10 -20.64 14.03
CA LEU A 10 -41.84 -21.29 15.34
C LEU A 10 -42.75 -20.72 16.46
N ARG A 11 -43.57 -19.71 16.15
CA ARG A 11 -44.54 -19.15 17.13
C ARG A 11 -45.36 -20.30 17.74
N PRO A 12 -46.00 -21.18 16.93
CA PRO A 12 -46.87 -22.22 17.50
C PRO A 12 -46.15 -23.16 18.48
N LEU A 13 -44.92 -23.54 18.12
CA LEU A 13 -44.00 -24.35 18.96
C LEU A 13 -43.69 -23.62 20.27
N LEU A 14 -43.31 -22.35 20.20
CA LEU A 14 -43.05 -21.56 21.43
C LEU A 14 -44.26 -21.70 22.35
N GLU A 15 -45.47 -21.49 21.80
CA GLU A 15 -46.75 -21.46 22.59
C GLU A 15 -46.95 -22.81 23.27
N ARG A 16 -46.69 -23.91 22.56
CA ARG A 16 -46.81 -25.29 23.11
C ARG A 16 -45.81 -25.48 24.25
N LEU A 17 -44.56 -24.99 24.13
CA LEU A 17 -43.53 -25.14 25.19
C LEU A 17 -43.88 -24.26 26.39
N LEU A 18 -44.33 -23.01 26.16
CA LEU A 18 -44.85 -22.09 27.21
C LEU A 18 -46.02 -22.76 27.94
N THR A 19 -46.94 -23.39 27.21
CA THR A 19 -48.09 -24.11 27.80
C THR A 19 -47.54 -25.18 28.75
N LEU A 20 -46.58 -25.98 28.29
CA LEU A 20 -46.00 -27.10 29.07
C LEU A 20 -45.27 -26.52 30.29
N ALA A 21 -44.66 -25.34 30.16
CA ALA A 21 -43.93 -24.66 31.26
C ALA A 21 -44.94 -24.17 32.30
N GLN A 22 -46.10 -23.65 31.86
CA GLN A 22 -47.25 -23.19 32.73
C GLN A 22 -47.64 -24.32 33.69
N ASP A 23 -47.53 -25.59 33.27
CA ASP A 23 -47.91 -26.75 34.12
C ASP A 23 -46.87 -26.98 35.24
N GLU A 24 -45.63 -26.47 35.11
CA GLU A 24 -44.51 -26.82 36.04
C GLU A 24 -44.14 -25.65 36.97
N LEU A 25 -44.47 -24.43 36.57
CA LEU A 25 -43.90 -23.16 37.09
C LEU A 25 -45.04 -22.15 37.15
N SER A 26 -44.99 -21.15 38.02
CA SER A 26 -46.04 -20.10 38.07
C SER A 26 -45.46 -18.74 38.52
N GLY A 27 -46.31 -17.70 38.41
CA GLY A 27 -46.00 -16.34 38.88
C GLY A 27 -44.80 -15.76 38.15
N GLY A 28 -44.01 -14.96 38.86
CA GLY A 28 -42.79 -14.30 38.38
C GLY A 28 -41.74 -15.33 38.00
N ASP A 29 -41.72 -16.48 38.66
CA ASP A 29 -40.74 -17.55 38.40
C ASP A 29 -40.99 -18.07 36.97
N LEU A 30 -42.24 -18.29 36.60
CA LEU A 30 -42.64 -18.73 35.24
C LEU A 30 -42.22 -17.66 34.23
N GLU A 31 -42.40 -16.37 34.56
CA GLU A 31 -42.09 -15.23 33.67
C GLU A 31 -40.59 -15.29 33.32
N THR A 32 -39.73 -15.42 34.34
CA THR A 32 -38.25 -15.41 34.20
C THR A 32 -37.83 -16.60 33.33
N PHE A 33 -38.27 -17.83 33.63
CA PHE A 33 -38.01 -19.00 32.75
C PHE A 33 -38.53 -18.72 31.34
N SER A 34 -39.74 -18.16 31.23
CA SER A 34 -40.45 -18.04 29.92
C SER A 34 -39.71 -17.06 29.02
N LEU A 35 -39.23 -15.94 29.57
CA LEU A 35 -38.49 -14.91 28.78
C LEU A 35 -37.16 -15.49 28.28
N ARG A 36 -36.45 -16.25 29.11
CA ARG A 36 -35.19 -16.92 28.72
C ARG A 36 -35.51 -17.99 27.65
N LEU A 37 -36.51 -18.84 27.85
CA LEU A 37 -36.91 -19.83 26.81
C LEU A 37 -37.21 -19.11 25.49
N GLU A 38 -38.01 -18.04 25.50
CA GLU A 38 -38.34 -17.29 24.27
C GLU A 38 -37.05 -16.76 23.63
N ARG A 39 -36.16 -16.14 24.40
CA ARG A 39 -34.90 -15.52 23.92
C ARG A 39 -34.03 -16.55 23.19
N TYR A 40 -33.87 -17.75 23.76
CA TYR A 40 -32.86 -18.75 23.32
C TYR A 40 -33.48 -19.85 22.45
N LEU A 41 -34.83 -19.94 22.37
CA LEU A 41 -35.50 -21.00 21.58
C LEU A 41 -34.91 -21.03 20.17
N PRO A 42 -34.81 -19.87 19.49
CA PRO A 42 -34.44 -19.89 18.08
C PRO A 42 -33.08 -20.57 17.80
N ASP A 43 -32.12 -20.36 18.69
CA ASP A 43 -30.76 -20.98 18.62
C ASP A 43 -30.88 -22.46 18.97
N LEU A 44 -31.65 -22.78 20.01
CA LEU A 44 -31.86 -24.17 20.44
C LEU A 44 -32.51 -24.96 19.30
N HIS A 45 -33.53 -24.40 18.66
CA HIS A 45 -34.22 -25.08 17.55
C HIS A 45 -33.34 -25.14 16.30
N ALA A 46 -32.65 -24.07 15.96
CA ALA A 46 -31.78 -24.08 14.76
C ALA A 46 -30.72 -25.18 14.86
N GLY A 47 -30.15 -25.40 16.04
CA GLY A 47 -29.17 -26.46 16.27
C GLY A 47 -29.74 -27.87 16.20
N LEU A 48 -30.86 -28.14 16.86
CA LEU A 48 -31.46 -29.51 16.93
C LEU A 48 -31.95 -29.91 15.55
N THR A 49 -32.56 -28.96 14.82
CA THR A 49 -33.23 -29.27 13.52
C THR A 49 -32.18 -29.62 12.47
N ALA A 50 -30.93 -29.16 12.62
CA ALA A 50 -29.86 -29.46 11.65
C ALA A 50 -29.36 -30.89 11.84
N VAL A 51 -29.68 -31.55 12.96
CA VAL A 51 -29.05 -32.81 13.45
C VAL A 51 -30.09 -33.93 13.60
N TYR A 52 -31.22 -33.63 14.27
CA TYR A 52 -32.24 -34.61 14.72
C TYR A 52 -33.54 -34.41 13.94
N PRO A 53 -34.16 -35.51 13.47
CA PRO A 53 -35.32 -35.43 12.59
C PRO A 53 -36.61 -34.86 13.18
N ASP A 54 -36.91 -34.98 14.47
CA ASP A 54 -38.23 -34.42 14.94
C ASP A 54 -37.96 -33.37 16.02
N ALA A 55 -37.41 -32.21 15.65
CA ALA A 55 -36.85 -31.24 16.64
C ALA A 55 -37.99 -30.76 17.56
N GLU A 56 -39.16 -30.52 16.99
CA GLU A 56 -40.41 -30.17 17.72
C GLU A 56 -40.74 -31.19 18.82
N GLY A 57 -40.75 -32.50 18.53
CA GLY A 57 -40.98 -33.55 19.54
C GLY A 57 -39.86 -33.64 20.57
N LEU A 58 -38.60 -33.56 20.12
CA LEU A 58 -37.40 -33.58 21.02
C LEU A 58 -37.47 -32.40 22.00
N LEU A 59 -37.86 -31.20 21.52
CA LEU A 59 -38.02 -29.98 22.35
C LEU A 59 -39.14 -30.16 23.39
N GLU A 60 -40.22 -30.86 23.05
CA GLU A 60 -41.31 -31.16 24.03
C GLU A 60 -40.76 -32.06 25.14
N ARG A 61 -39.92 -33.03 24.78
CA ARG A 61 -39.29 -33.93 25.79
C ARG A 61 -38.18 -33.18 26.55
N LEU A 62 -37.52 -32.20 25.94
CA LEU A 62 -36.50 -31.37 26.63
C LEU A 62 -37.13 -30.43 27.67
N LEU A 63 -38.33 -29.90 27.40
CA LEU A 63 -38.92 -28.82 28.25
C LEU A 63 -38.96 -29.23 29.72
N PRO A 64 -39.45 -30.43 30.12
CA PRO A 64 -39.50 -30.81 31.54
C PRO A 64 -38.13 -30.97 32.19
N ILE A 65 -37.10 -31.33 31.43
CA ILE A 65 -35.70 -31.34 31.92
C ILE A 65 -35.27 -29.89 32.24
N LEU A 66 -35.70 -28.91 31.45
CA LEU A 66 -35.33 -27.50 31.72
C LEU A 66 -36.05 -27.00 32.98
N THR A 67 -37.36 -27.21 33.06
CA THR A 67 -38.18 -26.75 34.21
C THR A 67 -37.73 -27.42 35.50
N ALA A 68 -37.49 -28.72 35.48
CA ALA A 68 -37.02 -29.44 36.68
C ALA A 68 -35.65 -28.89 37.11
N ALA A 69 -34.77 -28.64 36.16
CA ALA A 69 -33.42 -28.11 36.49
C ALA A 69 -33.55 -26.69 37.06
N HIS A 70 -34.47 -25.90 36.50
CA HIS A 70 -34.77 -24.54 36.98
C HIS A 70 -35.27 -24.62 38.42
N GLN A 71 -36.28 -25.45 38.67
CA GLN A 71 -36.88 -25.65 40.01
C GLN A 71 -35.80 -26.01 41.03
N ALA A 72 -34.82 -26.82 40.63
CA ALA A 72 -33.79 -27.32 41.58
C ALA A 72 -32.65 -26.30 41.75
N ARG A 73 -32.62 -25.24 40.93
CA ARG A 73 -31.50 -24.24 40.98
C ARG A 73 -31.63 -23.38 42.25
N SER A 74 -30.64 -23.42 43.14
CA SER A 74 -30.57 -22.61 44.40
C SER A 74 -30.66 -21.08 44.14
N ALA A 75 -31.15 -20.34 45.14
CA ALA A 75 -31.23 -18.87 45.22
C ALA A 75 -29.87 -18.26 44.91
N ASP A 76 -28.81 -18.82 45.49
CA ASP A 76 -27.42 -18.33 45.32
C ASP A 76 -26.99 -18.44 43.83
N LEU A 77 -27.36 -19.51 43.12
CA LEU A 77 -26.91 -19.67 41.71
C LEU A 77 -27.85 -18.91 40.78
N ARG A 78 -29.12 -18.72 41.15
CA ARG A 78 -30.07 -17.86 40.37
C ARG A 78 -29.58 -16.41 40.40
N ARG A 79 -28.98 -16.01 41.50
CA ARG A 79 -28.47 -14.64 41.70
C ARG A 79 -27.21 -14.48 40.83
N LEU A 80 -26.29 -15.45 40.85
CA LEU A 80 -25.10 -15.46 39.97
C LEU A 80 -25.54 -15.42 38.51
N ASP A 81 -26.59 -16.16 38.14
CA ASP A 81 -27.19 -16.11 36.78
C ASP A 81 -27.54 -14.65 36.44
N ALA A 82 -28.30 -13.98 37.31
CA ALA A 82 -28.88 -12.63 37.06
C ALA A 82 -27.74 -11.62 36.94
N LYS A 83 -26.76 -11.71 37.82
CA LYS A 83 -25.56 -10.84 37.86
C LYS A 83 -24.77 -10.99 36.55
N ARG A 84 -24.72 -12.18 35.95
CA ARG A 84 -23.86 -12.44 34.77
C ARG A 84 -24.61 -12.02 33.52
N LEU A 85 -25.94 -12.08 33.52
CA LEU A 85 -26.73 -11.51 32.40
C LEU A 85 -26.54 -10.00 32.32
N LEU A 86 -26.32 -9.36 33.46
CA LEU A 86 -26.16 -7.90 33.57
C LEU A 86 -24.76 -7.53 33.15
N ALA A 87 -23.76 -8.37 33.36
CA ALA A 87 -22.35 -8.11 32.97
C ALA A 87 -21.81 -9.30 32.18
N PRO A 88 -22.26 -9.52 30.94
CA PRO A 88 -21.91 -10.76 30.24
C PRO A 88 -20.43 -10.85 29.84
N ASP A 89 -19.68 -9.75 29.95
CA ASP A 89 -18.25 -9.69 29.56
C ASP A 89 -17.39 -10.05 30.78
N TRP A 90 -18.01 -10.55 31.88
CA TRP A 90 -17.30 -10.83 33.17
C TRP A 90 -16.04 -11.67 32.93
N PHE A 91 -16.08 -12.68 32.05
CA PHE A 91 -14.99 -13.67 31.89
C PHE A 91 -13.90 -13.10 30.95
N GLN A 92 -14.19 -11.99 30.27
CA GLN A 92 -13.25 -11.28 29.35
C GLN A 92 -12.38 -10.28 30.13
N ARG A 93 -12.68 -10.04 31.39
CA ARG A 93 -12.02 -8.97 32.17
C ARG A 93 -10.58 -9.36 32.48
N PRO A 94 -9.69 -8.36 32.65
CA PRO A 94 -8.29 -8.63 33.00
C PRO A 94 -8.13 -9.27 34.38
N GLU A 95 -9.13 -9.10 35.26
CA GLU A 95 -9.12 -9.69 36.63
C GLU A 95 -9.20 -11.22 36.51
N MET A 96 -9.66 -11.76 35.38
CA MET A 96 -9.79 -13.22 35.20
C MET A 96 -8.41 -13.85 35.05
N ILE A 97 -8.04 -14.65 36.04
CA ILE A 97 -6.81 -15.50 36.12
C ILE A 97 -7.30 -16.90 36.42
N ALA A 98 -6.78 -17.92 35.75
CA ALA A 98 -7.28 -19.30 35.90
C ALA A 98 -6.14 -20.19 36.38
N TYR A 99 -6.52 -21.31 36.99
CA TYR A 99 -5.61 -22.30 37.59
C TYR A 99 -6.22 -23.68 37.32
N VAL A 100 -5.38 -24.61 36.86
CA VAL A 100 -5.75 -25.95 36.35
C VAL A 100 -5.00 -26.97 37.20
N ALA A 101 -5.70 -27.85 37.92
CA ALA A 101 -5.04 -28.90 38.70
C ALA A 101 -5.92 -30.15 38.79
N TYR A 102 -5.24 -31.28 39.01
CA TYR A 102 -5.85 -32.55 39.47
C TYR A 102 -6.01 -32.46 40.98
N THR A 103 -7.24 -32.63 41.45
CA THR A 103 -7.59 -32.50 42.88
C THR A 103 -6.61 -33.28 43.75
N GLU A 104 -6.32 -34.54 43.45
CA GLU A 104 -5.44 -35.37 44.33
C GLU A 104 -4.02 -34.78 44.35
N ARG A 105 -3.56 -34.22 43.25
CA ARG A 105 -2.19 -33.65 43.16
C ARG A 105 -2.17 -32.27 43.85
N PHE A 106 -3.25 -31.51 43.81
CA PHE A 106 -3.26 -30.16 44.42
C PHE A 106 -3.49 -30.23 45.93
N ALA A 107 -4.54 -30.89 46.42
CA ALA A 107 -4.98 -30.82 47.83
C ALA A 107 -5.50 -32.16 48.37
N GLY A 108 -5.27 -33.30 47.71
CA GLY A 108 -5.75 -34.64 48.14
C GLY A 108 -7.21 -34.91 47.79
N THR A 109 -8.14 -34.03 48.19
CA THR A 109 -9.60 -34.30 48.14
C THR A 109 -10.34 -33.00 47.77
N LEU A 110 -11.59 -33.07 47.35
CA LEU A 110 -12.35 -31.83 47.08
C LEU A 110 -12.35 -30.97 48.35
N ARG A 111 -12.53 -31.57 49.53
CA ARG A 111 -12.60 -30.84 50.83
C ARG A 111 -11.26 -30.16 51.10
N GLY A 112 -10.16 -30.86 50.87
CA GLY A 112 -8.80 -30.29 50.88
C GLY A 112 -8.65 -29.02 50.06
N VAL A 113 -9.33 -28.91 48.91
CA VAL A 113 -9.24 -27.70 48.04
C VAL A 113 -9.69 -26.47 48.83
N GLU A 114 -10.71 -26.57 49.70
CA GLU A 114 -11.21 -25.43 50.54
C GLU A 114 -10.04 -24.76 51.28
N GLU A 115 -9.02 -25.55 51.66
CA GLU A 115 -7.94 -25.10 52.57
C GLU A 115 -6.82 -24.46 51.74
N ARG A 116 -6.95 -24.48 50.41
CA ARG A 116 -5.94 -23.90 49.50
C ARG A 116 -6.54 -22.72 48.77
N ILE A 117 -7.77 -22.32 49.11
CA ILE A 117 -8.37 -21.13 48.43
C ILE A 117 -7.49 -19.90 48.71
N ASP A 118 -6.89 -19.78 49.90
CA ASP A 118 -5.97 -18.67 50.26
C ASP A 118 -4.85 -18.57 49.23
N TYR A 119 -4.21 -19.70 48.93
CA TYR A 119 -3.08 -19.77 47.98
C TYR A 119 -3.52 -19.28 46.59
N LEU A 120 -4.73 -19.64 46.13
CA LEU A 120 -5.26 -19.27 44.78
C LEU A 120 -5.59 -17.78 44.81
N GLU A 121 -6.21 -17.29 45.88
CA GLU A 121 -6.53 -15.86 46.03
C GLU A 121 -5.22 -15.06 45.97
N GLU A 122 -4.13 -15.59 46.52
CA GLU A 122 -2.81 -14.87 46.50
C GLU A 122 -2.34 -14.72 45.04
N LEU A 123 -2.74 -15.60 44.11
CA LEU A 123 -2.27 -15.54 42.69
C LEU A 123 -3.30 -14.83 41.82
N GLY A 124 -4.37 -14.30 42.42
CA GLY A 124 -5.44 -13.60 41.69
C GLY A 124 -6.43 -14.57 41.05
N VAL A 125 -6.41 -15.85 41.40
CA VAL A 125 -7.18 -16.90 40.65
C VAL A 125 -8.67 -16.61 40.79
N ARG A 126 -9.42 -16.57 39.69
CA ARG A 126 -10.88 -16.30 39.66
C ARG A 126 -11.60 -17.44 38.93
N TYR A 127 -10.88 -18.50 38.62
CA TYR A 127 -11.33 -19.60 37.73
C TYR A 127 -10.42 -20.79 38.04
N LEU A 128 -11.02 -21.87 38.53
CA LEU A 128 -10.34 -23.12 38.93
C LEU A 128 -10.87 -24.27 38.08
N HIS A 129 -10.00 -24.85 37.26
CA HIS A 129 -10.32 -26.07 36.50
C HIS A 129 -9.77 -27.25 37.30
N LEU A 130 -10.66 -28.00 37.95
CA LEU A 130 -10.29 -29.31 38.51
C LEU A 130 -10.51 -30.38 37.43
N MET A 131 -9.43 -31.08 37.10
CA MET A 131 -9.38 -32.17 36.11
C MET A 131 -10.37 -33.27 36.53
N PRO A 132 -10.72 -34.18 35.60
CA PRO A 132 -11.86 -35.08 35.76
C PRO A 132 -11.88 -35.78 37.13
N PHE A 133 -12.94 -35.48 37.89
CA PHE A 133 -13.11 -35.90 39.30
C PHE A 133 -14.39 -36.74 39.46
N LEU A 134 -15.11 -37.01 38.37
CA LEU A 134 -16.30 -37.90 38.40
C LEU A 134 -15.83 -39.35 38.37
N LYS A 135 -16.66 -40.25 38.89
CA LYS A 135 -16.29 -41.69 39.05
C LYS A 135 -15.78 -42.21 37.70
N PRO A 136 -14.49 -42.59 37.60
CA PRO A 136 -13.97 -43.29 36.42
C PRO A 136 -14.09 -44.81 36.51
N ARG A 137 -13.78 -45.50 35.41
CA ARG A 137 -13.55 -46.95 35.47
C ARG A 137 -12.35 -47.19 36.40
N PRO A 138 -12.15 -48.40 36.91
CA PRO A 138 -10.95 -48.68 37.65
C PRO A 138 -9.69 -48.67 36.77
N ALA A 139 -8.56 -48.71 37.44
CA ALA A 139 -7.19 -48.89 36.88
C ALA A 139 -6.86 -47.76 35.96
N PRO A 140 -6.48 -48.07 34.71
CA PRO A 140 -6.15 -47.05 33.75
C PRO A 140 -7.49 -46.46 33.31
N HIS A 141 -7.62 -45.17 33.48
CA HIS A 141 -8.86 -44.46 33.09
C HIS A 141 -8.49 -43.14 32.40
N ASP A 142 -7.29 -43.07 31.84
CA ASP A 142 -6.79 -41.87 31.11
C ASP A 142 -6.99 -40.63 31.99
N GLY A 143 -6.52 -40.67 33.23
CA GLY A 143 -6.51 -39.54 34.16
C GLY A 143 -7.89 -38.94 34.37
N GLY A 144 -8.89 -39.81 34.51
CA GLY A 144 -10.30 -39.43 34.80
C GLY A 144 -11.14 -39.28 33.54
N TYR A 145 -10.56 -39.40 32.34
CA TYR A 145 -11.28 -39.16 31.05
C TYR A 145 -12.10 -40.39 30.59
N ALA A 146 -12.06 -41.51 31.33
CA ALA A 146 -12.91 -42.69 31.04
C ALA A 146 -13.95 -42.81 32.14
N VAL A 147 -15.12 -42.17 31.97
CA VAL A 147 -16.12 -41.93 33.04
C VAL A 147 -17.10 -43.11 33.18
N MET A 148 -17.20 -43.65 34.39
CA MET A 148 -18.10 -44.79 34.75
C MET A 148 -19.46 -44.25 35.24
N ASP A 149 -19.47 -43.11 35.93
CA ASP A 149 -20.72 -42.52 36.50
C ASP A 149 -20.53 -41.00 36.59
N TYR A 150 -21.26 -40.25 35.77
CA TYR A 150 -21.17 -38.78 35.70
C TYR A 150 -21.91 -38.19 36.90
N ARG A 151 -22.69 -38.97 37.66
CA ARG A 151 -23.49 -38.46 38.79
C ARG A 151 -22.84 -38.79 40.15
N ALA A 152 -21.59 -39.26 40.16
CA ALA A 152 -20.84 -39.50 41.40
C ALA A 152 -19.42 -38.94 41.26
N VAL A 153 -18.87 -38.51 42.39
CA VAL A 153 -17.44 -38.16 42.56
C VAL A 153 -16.58 -39.41 42.75
N ARG A 154 -15.40 -39.46 42.13
CA ARG A 154 -14.45 -40.55 42.43
C ARG A 154 -14.37 -40.63 43.96
N GLU A 155 -14.56 -41.83 44.51
CA GLU A 155 -14.58 -42.14 45.96
C GLU A 155 -13.44 -41.41 46.72
N ASP A 156 -12.19 -41.55 46.32
CA ASP A 156 -11.03 -41.05 47.14
C ASP A 156 -10.98 -39.50 47.12
N LEU A 157 -11.78 -38.82 46.30
CA LEU A 157 -11.85 -37.33 46.29
C LEU A 157 -12.98 -36.85 47.19
N GLY A 158 -13.92 -37.73 47.52
CA GLY A 158 -15.11 -37.34 48.31
C GLY A 158 -16.40 -37.59 47.53
N THR A 159 -17.41 -36.74 47.71
CA THR A 159 -18.81 -37.00 47.25
C THR A 159 -19.36 -35.74 46.59
N MET A 160 -20.53 -35.83 45.98
CA MET A 160 -21.19 -34.66 45.34
C MET A 160 -21.43 -33.56 46.38
N ALA A 161 -21.69 -33.94 47.63
CA ALA A 161 -21.92 -32.98 48.73
C ALA A 161 -20.62 -32.20 48.95
N ASP A 162 -19.48 -32.87 48.97
CA ASP A 162 -18.19 -32.15 49.09
C ASP A 162 -18.02 -31.18 47.91
N LEU A 163 -18.52 -31.55 46.73
CA LEU A 163 -18.42 -30.66 45.55
C LEU A 163 -19.31 -29.43 45.76
N GLU A 164 -20.54 -29.59 46.26
CA GLU A 164 -21.46 -28.44 46.47
C GLU A 164 -20.86 -27.48 47.51
N ALA A 165 -20.24 -28.03 48.55
CA ALA A 165 -19.67 -27.24 49.66
C ALA A 165 -18.40 -26.53 49.13
N LEU A 166 -17.58 -27.22 48.34
CA LEU A 166 -16.38 -26.58 47.72
C LEU A 166 -16.83 -25.42 46.83
N THR A 167 -17.89 -25.57 46.02
CA THR A 167 -18.26 -24.49 45.06
C THR A 167 -18.87 -23.32 45.82
N ALA A 168 -19.61 -23.56 46.91
CA ALA A 168 -20.12 -22.47 47.77
C ALA A 168 -18.92 -21.68 48.34
N LYS A 169 -17.85 -22.34 48.77
CA LYS A 169 -16.63 -21.64 49.26
C LYS A 169 -15.95 -20.88 48.10
N LEU A 170 -15.85 -21.51 46.92
CA LEU A 170 -15.25 -20.87 45.73
C LEU A 170 -16.03 -19.60 45.38
N ARG A 171 -17.36 -19.66 45.34
CA ARG A 171 -18.19 -18.49 44.92
C ARG A 171 -18.00 -17.34 45.91
N ALA A 172 -17.81 -17.61 47.20
CA ALA A 172 -17.80 -16.57 48.24
C ALA A 172 -16.49 -15.78 48.10
N ARG A 173 -15.50 -16.36 47.42
CA ARG A 173 -14.21 -15.68 47.11
C ARG A 173 -14.08 -15.39 45.61
N GLY A 174 -15.22 -15.32 44.90
CA GLY A 174 -15.32 -14.96 43.47
C GLY A 174 -14.56 -15.90 42.54
N ILE A 175 -14.56 -17.20 42.81
CA ILE A 175 -13.87 -18.22 41.96
C ILE A 175 -14.91 -19.13 41.29
N ALA A 176 -14.77 -19.32 39.97
CA ALA A 176 -15.63 -20.15 39.10
C ALA A 176 -15.00 -21.53 38.92
N LEU A 177 -15.75 -22.60 39.20
CA LEU A 177 -15.26 -23.98 39.00
C LEU A 177 -15.50 -24.36 37.55
N CYS A 178 -14.43 -24.74 36.87
CA CYS A 178 -14.50 -25.40 35.54
C CYS A 178 -14.44 -26.92 35.77
N CYS A 179 -15.38 -27.62 35.17
CA CYS A 179 -15.52 -29.09 35.21
C CYS A 179 -15.55 -29.62 33.76
N ASP A 180 -14.78 -30.67 33.50
CA ASP A 180 -14.81 -31.44 32.22
C ASP A 180 -16.21 -32.03 32.00
N LEU A 181 -16.75 -31.83 30.79
CA LEU A 181 -17.91 -32.58 30.24
C LEU A 181 -17.34 -33.56 29.23
N VAL A 182 -17.20 -34.80 29.63
CA VAL A 182 -16.56 -35.82 28.75
C VAL A 182 -17.66 -36.40 27.86
N LEU A 183 -18.09 -35.63 26.86
CA LEU A 183 -19.38 -35.93 26.16
C LEU A 183 -19.11 -36.73 24.89
N ASN A 184 -17.87 -37.00 24.54
CA ASN A 184 -17.59 -37.75 23.30
C ASN A 184 -17.69 -39.27 23.56
N HIS A 185 -17.49 -39.72 24.80
CA HIS A 185 -17.26 -41.14 25.10
C HIS A 185 -17.43 -41.41 26.59
N VAL A 186 -17.79 -42.66 26.92
CA VAL A 186 -17.85 -43.18 28.33
C VAL A 186 -16.94 -44.40 28.47
N ALA A 187 -16.57 -44.72 29.71
CA ALA A 187 -15.90 -45.99 30.04
C ALA A 187 -16.81 -47.14 29.60
N GLN A 188 -16.23 -48.25 29.20
CA GLN A 188 -17.01 -49.47 28.79
C GLN A 188 -17.79 -50.01 29.99
N GLU A 189 -17.45 -49.58 31.21
CA GLU A 189 -18.09 -50.01 32.48
C GLU A 189 -19.23 -49.07 32.86
N HIS A 190 -19.47 -48.00 32.13
CA HIS A 190 -20.65 -47.12 32.36
C HIS A 190 -21.91 -47.96 32.12
N GLU A 191 -22.96 -47.73 32.89
CA GLU A 191 -24.30 -48.40 32.74
C GLU A 191 -24.67 -48.49 31.24
N TRP A 192 -24.51 -47.41 30.45
CA TRP A 192 -24.95 -47.35 29.03
C TRP A 192 -24.22 -48.44 28.23
N ALA A 193 -22.93 -48.58 28.47
CA ALA A 193 -22.05 -49.53 27.80
C ALA A 193 -22.40 -50.96 28.28
N LEU A 194 -22.56 -51.15 29.59
CA LEU A 194 -22.93 -52.47 30.18
C LEU A 194 -24.21 -52.93 29.51
N ARG A 195 -25.17 -52.03 29.36
CA ARG A 195 -26.50 -52.37 28.78
C ARG A 195 -26.30 -52.73 27.30
N ALA A 196 -25.44 -51.98 26.61
CA ALA A 196 -25.13 -52.23 25.20
C ALA A 196 -24.51 -53.63 25.08
N ARG A 197 -23.59 -53.97 25.96
CA ARG A 197 -22.82 -55.24 25.94
C ARG A 197 -23.72 -56.44 26.21
N ARG A 198 -24.79 -56.26 26.99
CA ARG A 198 -25.84 -57.29 27.23
C ARG A 198 -26.86 -57.34 26.09
N GLY A 199 -26.71 -56.55 25.03
CA GLY A 199 -27.53 -56.70 23.82
C GLY A 199 -28.83 -55.95 23.90
N GLU A 200 -28.93 -54.98 24.79
CA GLU A 200 -30.10 -54.05 24.75
C GLU A 200 -29.92 -53.08 23.58
N ALA A 201 -30.77 -53.20 22.54
CA ALA A 201 -30.68 -52.43 21.28
C ALA A 201 -30.69 -50.91 21.56
N LYS A 202 -31.59 -50.45 22.44
CA LYS A 202 -31.71 -49.03 22.78
C LYS A 202 -30.32 -48.47 23.12
N TYR A 203 -29.53 -49.22 23.89
CA TYR A 203 -28.23 -48.76 24.43
C TYR A 203 -27.08 -49.04 23.44
N GLN A 204 -27.21 -50.01 22.51
CA GLN A 204 -26.22 -50.21 21.41
C GLN A 204 -26.24 -48.96 20.51
N ARG A 205 -27.40 -48.31 20.40
CA ARG A 205 -27.58 -47.07 19.61
C ARG A 205 -27.08 -45.83 20.38
N TYR A 206 -26.59 -45.97 21.62
CA TYR A 206 -25.83 -44.90 22.33
C TYR A 206 -24.38 -44.90 21.83
N PHE A 207 -23.96 -45.99 21.17
CA PHE A 207 -22.60 -46.19 20.62
C PHE A 207 -22.63 -46.38 19.09
N HIS A 208 -21.45 -46.66 18.52
CA HIS A 208 -21.26 -47.03 17.09
C HIS A 208 -20.71 -48.45 17.07
N MET A 209 -21.62 -49.43 16.93
CA MET A 209 -21.36 -50.87 17.06
C MET A 209 -21.67 -51.54 15.73
N PHE A 210 -20.76 -52.39 15.27
CA PHE A 210 -20.74 -52.97 13.91
C PHE A 210 -20.58 -54.47 14.04
N PRO A 211 -21.38 -55.26 13.30
CA PRO A 211 -21.37 -56.73 13.42
C PRO A 211 -20.15 -57.44 12.80
N ASP A 212 -19.38 -56.73 11.96
CA ASP A 212 -18.18 -57.27 11.27
C ASP A 212 -17.34 -56.09 10.85
N ARG A 213 -16.28 -56.34 10.07
CA ARG A 213 -15.27 -55.34 9.67
C ARG A 213 -15.73 -54.49 8.48
N THR A 214 -16.88 -54.75 7.87
CA THR A 214 -17.26 -54.09 6.60
C THR A 214 -17.20 -52.57 6.77
N LEU A 215 -18.06 -51.99 7.61
CA LEU A 215 -18.10 -50.52 7.80
C LEU A 215 -16.83 -50.05 8.50
N PRO A 216 -16.35 -50.66 9.61
CA PRO A 216 -15.11 -50.18 10.22
C PRO A 216 -13.96 -50.07 9.19
N ASP A 217 -13.73 -51.06 8.32
CA ASP A 217 -12.60 -51.00 7.35
C ASP A 217 -12.73 -49.75 6.46
N GLU A 218 -13.97 -49.42 6.07
CA GLU A 218 -14.29 -48.28 5.20
C GLU A 218 -14.03 -46.99 6.00
N TYR A 219 -14.48 -46.93 7.26
CA TYR A 219 -14.32 -45.73 8.12
C TYR A 219 -12.83 -45.43 8.31
N GLU A 220 -12.03 -46.46 8.57
CA GLU A 220 -10.57 -46.33 8.87
C GLU A 220 -9.80 -45.74 7.68
N LYS A 221 -10.29 -45.85 6.45
CA LYS A 221 -9.56 -45.35 5.25
C LYS A 221 -9.21 -43.85 5.42
N THR A 222 -10.03 -43.05 6.11
CA THR A 222 -9.80 -41.59 6.21
C THR A 222 -9.61 -41.14 7.67
N LEU A 223 -9.37 -42.06 8.60
CA LEU A 223 -9.26 -41.71 10.03
C LEU A 223 -7.79 -41.63 10.41
N PRO A 224 -7.39 -40.60 11.15
CA PRO A 224 -6.07 -40.59 11.76
C PRO A 224 -6.11 -41.47 13.04
N GLU A 225 -4.96 -41.62 13.67
CA GLU A 225 -4.77 -42.29 14.98
C GLU A 225 -4.38 -41.24 16.04
N VAL A 226 -5.19 -41.16 17.10
CA VAL A 226 -4.92 -40.24 18.25
C VAL A 226 -3.90 -40.88 19.20
N PHE A 227 -4.02 -42.19 19.46
CA PHE A 227 -3.10 -42.89 20.39
C PHE A 227 -2.58 -44.18 19.76
N PRO A 228 -1.82 -44.13 18.65
CA PRO A 228 -1.31 -45.34 17.99
C PRO A 228 -0.52 -46.31 18.91
N ASP A 229 0.13 -45.83 19.98
CA ASP A 229 0.93 -46.66 20.91
C ASP A 229 0.01 -47.39 21.90
N PHE A 230 -1.20 -46.89 22.14
CA PHE A 230 -2.11 -47.45 23.18
C PHE A 230 -3.17 -48.33 22.53
N ALA A 231 -3.74 -47.86 21.41
CA ALA A 231 -4.94 -48.45 20.78
C ALA A 231 -4.95 -48.10 19.30
N PRO A 232 -4.29 -48.93 18.46
CA PRO A 232 -4.24 -48.66 17.02
C PRO A 232 -5.63 -48.43 16.42
N GLY A 233 -5.72 -47.51 15.46
CA GLY A 233 -6.97 -47.24 14.73
C GLY A 233 -8.03 -46.67 15.66
N ASN A 234 -9.29 -47.03 15.40
CA ASN A 234 -10.48 -46.31 15.93
C ASN A 234 -11.58 -47.29 16.34
N PHE A 235 -11.30 -48.59 16.34
CA PHE A 235 -12.31 -49.63 16.65
C PHE A 235 -11.70 -50.67 17.57
N THR A 236 -12.53 -51.22 18.46
CA THR A 236 -12.17 -52.33 19.37
C THR A 236 -13.29 -53.40 19.29
N PHE A 237 -12.89 -54.67 19.23
CA PHE A 237 -13.84 -55.80 19.27
C PHE A 237 -14.27 -56.05 20.71
N ASP A 238 -15.57 -56.06 20.94
CA ASP A 238 -16.16 -56.37 22.25
C ASP A 238 -16.74 -57.79 22.19
N GLU A 239 -16.11 -58.75 22.91
CA GLU A 239 -16.47 -60.19 23.01
C GLU A 239 -17.93 -60.36 23.46
N GLU A 240 -18.36 -59.64 24.49
CA GLU A 240 -19.70 -59.82 25.10
C GLU A 240 -20.79 -59.58 24.03
N SER A 241 -20.74 -58.45 23.30
CA SER A 241 -21.73 -58.00 22.29
C SER A 241 -21.46 -58.70 20.95
N GLY A 242 -20.23 -59.13 20.73
CA GLY A 242 -19.73 -59.60 19.42
C GLY A 242 -19.53 -58.46 18.45
N GLN A 243 -19.55 -57.21 18.91
CA GLN A 243 -19.56 -56.03 17.97
C GLN A 243 -18.20 -55.30 17.95
N TRP A 244 -17.83 -54.75 16.80
CA TRP A 244 -16.71 -53.78 16.69
C TRP A 244 -17.23 -52.42 17.15
N VAL A 245 -16.53 -51.78 18.11
CA VAL A 245 -17.06 -50.52 18.69
C VAL A 245 -16.08 -49.39 18.44
N TRP A 246 -16.64 -48.25 18.04
CA TRP A 246 -15.87 -47.01 17.75
C TRP A 246 -15.15 -46.61 19.06
N THR A 247 -13.83 -46.65 19.04
CA THR A 247 -12.96 -46.28 20.18
C THR A 247 -11.83 -45.37 19.67
N THR A 248 -12.11 -44.06 19.59
CA THR A 248 -11.15 -43.05 19.09
C THR A 248 -9.89 -43.01 19.96
N PHE A 249 -10.08 -43.04 21.28
N PHE A 249 -10.10 -43.03 21.28
CA PHE A 249 -9.04 -42.84 22.31
CA PHE A 249 -9.06 -42.84 22.32
C PHE A 249 -8.59 -44.24 22.79
C PHE A 249 -8.61 -44.23 22.79
N ASN A 250 -8.68 -44.53 24.09
CA ASN A 250 -8.31 -45.86 24.62
C ASN A 250 -9.38 -46.88 24.22
N ARG A 251 -9.02 -48.17 24.27
CA ARG A 251 -9.91 -49.32 23.93
C ARG A 251 -11.17 -49.29 24.83
N TRP A 252 -11.08 -48.70 26.04
CA TRP A 252 -12.16 -48.72 27.06
C TRP A 252 -12.88 -47.35 27.13
N GLN A 253 -12.60 -46.44 26.19
CA GLN A 253 -13.38 -45.20 25.95
C GLN A 253 -14.22 -45.42 24.69
N TRP A 254 -15.53 -45.57 24.86
CA TRP A 254 -16.47 -45.91 23.76
C TRP A 254 -17.19 -44.65 23.27
N ASP A 255 -16.99 -44.32 21.99
CA ASP A 255 -17.50 -43.07 21.37
C ASP A 255 -19.03 -43.11 21.38
N LEU A 256 -19.67 -42.01 21.77
CA LEU A 256 -21.14 -41.95 21.82
C LEU A 256 -21.70 -41.61 20.43
N ASN A 257 -22.94 -42.00 20.20
CA ASN A 257 -23.66 -41.80 18.94
C ASN A 257 -24.47 -40.51 19.03
N TRP A 258 -23.89 -39.40 18.54
CA TRP A 258 -24.56 -38.09 18.68
C TRP A 258 -25.68 -37.89 17.64
N ALA A 259 -25.94 -38.87 16.74
CA ALA A 259 -27.12 -38.85 15.82
C ALA A 259 -28.35 -39.34 16.59
N ASN A 260 -28.13 -39.88 17.78
CA ASN A 260 -29.24 -40.40 18.61
C ASN A 260 -29.72 -39.27 19.52
N PRO A 261 -31.00 -38.86 19.42
CA PRO A 261 -31.51 -37.76 20.26
C PRO A 261 -31.47 -38.06 21.78
N GLU A 262 -31.52 -39.33 22.18
CA GLU A 262 -31.44 -39.70 23.61
C GLU A 262 -30.09 -39.24 24.19
N VAL A 263 -29.01 -39.31 23.41
CA VAL A 263 -27.65 -38.91 23.88
C VAL A 263 -27.69 -37.39 24.14
N PHE A 264 -28.28 -36.62 23.23
CA PHE A 264 -28.46 -35.18 23.44
C PHE A 264 -29.19 -34.94 24.77
N LEU A 265 -30.33 -35.59 24.98
CA LEU A 265 -31.16 -35.40 26.20
C LEU A 265 -30.36 -35.81 27.43
N GLU A 266 -29.60 -36.91 27.39
CA GLU A 266 -28.74 -37.33 28.54
C GLU A 266 -27.83 -36.18 28.96
N PHE A 267 -27.24 -35.47 27.99
CA PHE A 267 -26.15 -34.49 28.26
C PHE A 267 -26.74 -33.12 28.60
N ALA A 268 -27.88 -32.75 28.01
CA ALA A 268 -28.63 -31.52 28.38
C ALA A 268 -29.01 -31.67 29.84
N ASP A 269 -29.58 -32.81 30.20
CA ASP A 269 -29.92 -33.16 31.60
C ASP A 269 -28.68 -32.99 32.46
N LEU A 270 -27.58 -33.63 32.09
CA LEU A 270 -26.37 -33.75 32.93
C LEU A 270 -25.73 -32.37 33.12
N ILE A 271 -25.69 -31.56 32.05
CA ILE A 271 -25.11 -30.21 32.13
C ILE A 271 -25.87 -29.41 33.20
N LEU A 272 -27.21 -29.41 33.19
CA LEU A 272 -27.97 -28.57 34.14
C LEU A 272 -27.88 -29.16 35.55
N TRP A 273 -27.85 -30.48 35.71
CA TRP A 273 -27.62 -31.13 37.04
C TRP A 273 -26.26 -30.71 37.62
N LEU A 274 -25.18 -30.74 36.84
CA LEU A 274 -23.83 -30.33 37.32
C LEU A 274 -23.78 -28.82 37.60
N ALA A 275 -24.39 -28.01 36.75
CA ALA A 275 -24.52 -26.56 36.99
C ALA A 275 -25.20 -26.35 38.36
N ASN A 276 -26.21 -27.17 38.73
CA ASN A 276 -26.93 -27.02 40.02
C ASN A 276 -26.05 -27.41 41.22
N ARG A 277 -24.99 -28.19 41.01
CA ARG A 277 -24.03 -28.55 42.10
C ARG A 277 -22.93 -27.49 42.16
N GLY A 278 -22.96 -26.50 41.25
CA GLY A 278 -22.12 -25.29 41.32
C GLY A 278 -21.01 -25.21 40.27
N VAL A 279 -21.04 -26.06 39.23
CA VAL A 279 -20.12 -25.91 38.08
C VAL A 279 -20.55 -24.68 37.29
N GLU A 280 -19.61 -23.77 37.01
CA GLU A 280 -19.87 -22.54 36.23
C GLU A 280 -19.30 -22.65 34.82
N VAL A 281 -18.30 -23.49 34.59
CA VAL A 281 -17.67 -23.63 33.25
C VAL A 281 -17.62 -25.12 32.91
N PHE A 282 -18.13 -25.50 31.74
CA PHE A 282 -18.02 -26.86 31.17
C PHE A 282 -16.97 -26.87 30.07
N ARG A 283 -15.95 -27.68 30.23
CA ARG A 283 -14.95 -27.97 29.17
C ARG A 283 -15.49 -29.08 28.27
N LEU A 284 -15.83 -28.74 27.03
CA LEU A 284 -16.30 -29.71 26.03
C LEU A 284 -15.12 -30.54 25.56
N ASP A 285 -14.85 -31.65 26.26
CA ASP A 285 -13.73 -32.58 25.95
C ASP A 285 -13.98 -33.28 24.61
N ALA A 286 -12.96 -33.32 23.76
CA ALA A 286 -12.97 -33.99 22.45
C ALA A 286 -14.21 -33.56 21.66
N ILE A 287 -14.60 -32.29 21.77
CA ILE A 287 -15.82 -31.76 21.10
C ILE A 287 -15.71 -31.93 19.58
N ALA A 288 -14.51 -31.91 19.01
CA ALA A 288 -14.35 -31.95 17.55
C ALA A 288 -14.76 -33.32 17.00
N PHE A 289 -14.83 -34.35 17.86
CA PHE A 289 -14.92 -35.78 17.45
C PHE A 289 -16.37 -36.28 17.49
N ILE A 290 -17.34 -35.48 17.94
CA ILE A 290 -18.64 -36.05 18.37
C ILE A 290 -19.50 -36.48 17.18
N TRP A 291 -19.24 -36.00 15.96
CA TRP A 291 -19.99 -36.44 14.76
C TRP A 291 -19.11 -37.24 13.79
N LYS A 292 -19.60 -38.41 13.41
CA LYS A 292 -18.95 -39.35 12.46
C LYS A 292 -19.61 -39.19 11.08
N ARG A 293 -18.80 -39.10 10.03
CA ARG A 293 -19.24 -39.12 8.63
C ARG A 293 -18.20 -39.92 7.83
N LEU A 294 -18.63 -41.02 7.21
CA LEU A 294 -17.81 -41.88 6.32
C LEU A 294 -17.07 -41.01 5.30
N GLY A 295 -15.80 -41.30 5.04
CA GLY A 295 -15.02 -40.58 4.01
C GLY A 295 -14.38 -39.29 4.53
N THR A 296 -14.68 -38.86 5.76
CA THR A 296 -13.99 -37.74 6.49
C THR A 296 -13.13 -38.29 7.64
N ASN A 297 -12.36 -37.43 8.26
CA ASN A 297 -11.54 -37.76 9.46
C ASN A 297 -12.41 -37.78 10.71
N CYS A 298 -13.71 -37.48 10.61
CA CYS A 298 -14.66 -37.53 11.75
C CYS A 298 -14.23 -36.54 12.86
N GLN A 299 -13.75 -35.36 12.42
CA GLN A 299 -13.47 -34.16 13.26
C GLN A 299 -14.02 -32.93 12.57
N ASN A 300 -14.48 -31.97 13.36
CA ASN A 300 -14.90 -30.64 12.82
C ASN A 300 -16.08 -30.78 11.88
N GLN A 301 -16.88 -31.86 11.98
CA GLN A 301 -18.07 -31.98 11.10
C GLN A 301 -19.06 -30.89 11.50
N PRO A 302 -19.87 -30.35 10.57
CA PRO A 302 -20.76 -29.23 10.89
C PRO A 302 -21.73 -29.54 12.03
N GLU A 303 -22.15 -30.81 12.17
CA GLU A 303 -23.14 -31.23 13.20
C GLU A 303 -22.55 -30.94 14.59
N VAL A 304 -21.23 -30.93 14.73
CA VAL A 304 -20.58 -30.62 16.03
C VAL A 304 -21.05 -29.23 16.52
N HIS A 305 -21.11 -28.26 15.61
CA HIS A 305 -21.47 -26.84 15.90
C HIS A 305 -22.97 -26.75 16.19
N ALA A 306 -23.82 -27.43 15.41
CA ALA A 306 -25.27 -27.50 15.67
C ALA A 306 -25.57 -28.07 17.06
N ILE A 307 -24.99 -29.23 17.39
CA ILE A 307 -25.14 -29.87 18.73
C ILE A 307 -24.61 -28.92 19.80
N THR A 308 -23.44 -28.34 19.59
CA THR A 308 -22.85 -27.43 20.59
C THR A 308 -23.83 -26.28 20.84
N GLN A 309 -24.35 -25.68 19.77
CA GLN A 309 -25.31 -24.55 19.78
C GLN A 309 -26.53 -24.93 20.61
N ALA A 310 -27.05 -26.15 20.43
CA ALA A 310 -28.23 -26.66 21.16
C ALA A 310 -27.89 -26.77 22.64
N LEU A 311 -26.75 -27.38 22.96
CA LEU A 311 -26.36 -27.58 24.37
C LEU A 311 -26.11 -26.22 25.01
N ARG A 312 -25.52 -25.29 24.27
CA ARG A 312 -25.24 -23.92 24.76
C ARG A 312 -26.56 -23.23 25.10
N ALA A 313 -27.53 -23.34 24.21
CA ALA A 313 -28.85 -22.70 24.40
C ALA A 313 -29.53 -23.29 25.63
N VAL A 314 -29.41 -24.60 25.84
CA VAL A 314 -29.96 -25.25 27.06
C VAL A 314 -29.35 -24.52 28.27
N ALA A 315 -28.02 -24.40 28.33
CA ALA A 315 -27.32 -23.74 29.47
C ALA A 315 -27.76 -22.27 29.59
N ARG A 316 -27.92 -21.54 28.47
CA ARG A 316 -28.39 -20.12 28.49
C ARG A 316 -29.78 -20.00 29.15
N ILE A 317 -30.69 -20.93 28.86
CA ILE A 317 -32.09 -20.85 29.36
C ILE A 317 -32.11 -21.06 30.87
N VAL A 318 -31.50 -22.13 31.39
CA VAL A 318 -31.71 -22.47 32.83
C VAL A 318 -30.57 -21.94 33.70
N ALA A 319 -29.34 -21.81 33.17
CA ALA A 319 -28.15 -21.45 33.98
C ALA A 319 -27.29 -20.39 33.28
N PRO A 320 -27.81 -19.16 33.03
CA PRO A 320 -27.02 -18.07 32.46
C PRO A 320 -25.60 -17.82 32.98
N ALA A 321 -25.33 -18.17 34.23
CA ALA A 321 -23.97 -18.02 34.79
C ALA A 321 -22.98 -18.95 34.11
N VAL A 322 -23.37 -20.07 33.50
CA VAL A 322 -22.33 -21.05 33.08
C VAL A 322 -21.74 -20.63 31.73
N LEU A 323 -20.45 -20.91 31.55
CA LEU A 323 -19.73 -20.82 30.24
C LEU A 323 -19.44 -22.21 29.70
N PHE A 324 -19.27 -22.32 28.39
CA PHE A 324 -18.65 -23.48 27.71
C PHE A 324 -17.23 -23.10 27.25
N LYS A 325 -16.30 -24.05 27.40
CA LYS A 325 -14.91 -23.97 26.89
C LYS A 325 -14.70 -25.13 25.93
N ALA A 326 -14.45 -24.86 24.64
CA ALA A 326 -14.23 -25.94 23.64
C ALA A 326 -12.79 -26.45 23.76
N GLU A 327 -12.58 -27.76 23.94
CA GLU A 327 -11.26 -28.38 23.67
C GLU A 327 -11.24 -28.82 22.21
N ALA A 328 -10.62 -28.01 21.37
CA ALA A 328 -10.54 -28.26 19.93
C ALA A 328 -9.07 -28.03 19.54
N ILE A 329 -8.24 -29.02 19.82
CA ILE A 329 -6.77 -29.00 19.55
C ILE A 329 -6.61 -29.31 18.06
N VAL A 330 -6.95 -28.35 17.21
CA VAL A 330 -7.09 -28.57 15.75
C VAL A 330 -6.17 -27.61 14.98
N ALA A 331 -6.10 -27.79 13.66
CA ALA A 331 -5.26 -26.95 12.76
C ALA A 331 -5.70 -25.50 12.90
N PRO A 332 -4.77 -24.52 12.73
CA PRO A 332 -5.12 -23.10 12.88
C PRO A 332 -6.26 -22.62 11.99
N ASP A 333 -6.45 -23.24 10.83
CA ASP A 333 -7.55 -22.91 9.88
C ASP A 333 -8.90 -23.38 10.44
N ASP A 334 -8.90 -24.38 11.35
CA ASP A 334 -10.12 -25.06 11.87
C ASP A 334 -10.58 -24.45 13.20
N LEU A 335 -9.68 -23.80 13.97
CA LEU A 335 -9.96 -23.43 15.40
C LEU A 335 -11.16 -22.47 15.53
N ILE A 336 -11.27 -21.44 14.66
CA ILE A 336 -12.17 -20.28 14.86
C ILE A 336 -13.65 -20.72 14.81
N HIS A 337 -13.96 -21.82 14.13
CA HIS A 337 -15.33 -22.36 14.02
C HIS A 337 -15.88 -22.74 15.41
N TYR A 338 -15.00 -22.98 16.39
CA TYR A 338 -15.37 -23.45 17.74
C TYR A 338 -15.81 -22.24 18.59
N LEU A 339 -15.63 -21.03 18.08
CA LEU A 339 -16.15 -19.81 18.72
C LEU A 339 -17.37 -19.32 17.93
N GLY A 340 -17.79 -20.05 16.89
CA GLY A 340 -19.05 -19.76 16.18
C GLY A 340 -18.84 -18.85 15.00
N GLN A 341 -19.11 -19.36 13.79
CA GLN A 341 -19.01 -18.59 12.51
C GLN A 341 -20.31 -18.79 11.73
N GLY A 342 -20.54 -17.92 10.74
CA GLY A 342 -21.71 -18.04 9.86
C GLY A 342 -22.96 -18.11 10.72
N PRO A 343 -23.84 -19.11 10.51
CA PRO A 343 -25.12 -19.16 11.23
C PRO A 343 -24.95 -19.51 12.71
N HIS A 344 -23.72 -19.86 13.11
CA HIS A 344 -23.33 -20.16 14.51
C HIS A 344 -22.61 -18.97 15.17
N PHE A 345 -22.45 -17.82 14.51
CA PHE A 345 -21.62 -16.67 14.97
C PHE A 345 -21.91 -16.30 16.43
N GLY A 346 -20.94 -16.57 17.33
CA GLY A 346 -21.08 -16.22 18.76
C GLY A 346 -22.10 -17.04 19.52
N LEU A 347 -22.62 -18.16 18.99
CA LEU A 347 -23.72 -18.97 19.59
C LEU A 347 -23.19 -20.30 20.15
N LEU A 348 -21.89 -20.56 20.10
N LEU A 348 -21.88 -20.55 20.10
CA LEU A 348 -21.27 -21.81 20.58
CA LEU A 348 -21.27 -21.81 20.59
C LEU A 348 -20.56 -21.57 21.93
C LEU A 348 -20.56 -21.57 21.93
N SER A 349 -19.41 -22.21 22.17
CA SER A 349 -18.61 -22.06 23.39
C SER A 349 -18.18 -20.59 23.54
N ASP A 350 -18.06 -20.11 24.77
CA ASP A 350 -17.64 -18.73 25.08
C ASP A 350 -16.13 -18.61 24.89
N THR A 351 -15.43 -19.71 25.08
CA THR A 351 -13.96 -19.79 25.05
C THR A 351 -13.50 -21.06 24.36
N ALA A 352 -12.24 -21.07 23.94
CA ALA A 352 -11.57 -22.26 23.39
C ALA A 352 -10.08 -22.15 23.67
N TYR A 353 -9.42 -23.30 23.73
CA TYR A 353 -7.97 -23.32 23.95
C TYR A 353 -7.30 -22.71 22.71
N HIS A 354 -6.38 -21.76 22.90
CA HIS A 354 -5.61 -21.18 21.77
C HIS A 354 -4.34 -22.01 21.59
N ASN A 355 -4.48 -23.18 20.97
CA ASN A 355 -3.37 -24.15 20.80
C ASN A 355 -2.34 -23.59 19.82
N SER A 356 -2.70 -22.77 18.85
CA SER A 356 -1.71 -22.11 17.94
C SER A 356 -0.79 -21.18 18.74
N LEU A 357 -1.34 -20.32 19.59
CA LEU A 357 -0.52 -19.36 20.40
C LEU A 357 0.48 -20.15 21.25
N MET A 358 0.00 -21.20 21.90
CA MET A 358 0.85 -22.08 22.72
C MET A 358 1.96 -22.68 21.84
N VAL A 359 1.59 -23.23 20.69
CA VAL A 359 2.56 -23.87 19.78
C VAL A 359 3.59 -22.81 19.36
N GLN A 360 3.13 -21.63 18.99
CA GLN A 360 4.02 -20.60 18.41
C GLN A 360 4.99 -20.06 19.48
N ILE A 361 4.60 -20.08 20.77
CA ILE A 361 5.49 -19.61 21.88
C ILE A 361 6.69 -20.56 21.98
N TRP A 362 6.47 -21.87 22.09
CA TRP A 362 7.58 -22.86 22.23
C TRP A 362 8.42 -22.88 20.96
N SER A 363 7.78 -22.83 19.80
CA SER A 363 8.46 -22.73 18.48
C SER A 363 9.39 -21.52 18.44
N SER A 364 8.92 -20.33 18.81
CA SER A 364 9.73 -19.10 18.80
C SER A 364 10.83 -19.19 19.86
N LEU A 365 10.54 -19.78 21.01
CA LEU A 365 11.55 -19.96 22.11
C LEU A 365 12.71 -20.86 21.59
N ALA A 366 12.39 -21.87 20.77
CA ALA A 366 13.36 -22.82 20.21
C ALA A 366 14.17 -22.16 19.10
N SER A 367 13.52 -21.47 18.17
CA SER A 367 14.16 -20.95 16.94
C SER A 367 14.75 -19.57 17.18
N ARG A 368 14.36 -18.88 18.25
CA ARG A 368 14.73 -17.47 18.60
C ARG A 368 14.14 -16.50 17.56
N ASP A 369 13.28 -16.99 16.67
CA ASP A 369 12.71 -16.19 15.56
C ASP A 369 11.19 -16.16 15.74
N VAL A 370 10.55 -14.98 15.57
CA VAL A 370 9.09 -14.77 15.83
C VAL A 370 8.29 -14.54 14.52
N ARG A 371 8.91 -14.70 13.37
CA ARG A 371 8.30 -14.40 12.04
C ARG A 371 7.12 -15.36 11.81
N LEU A 372 7.28 -16.66 12.10
CA LEU A 372 6.21 -17.67 11.92
C LEU A 372 5.05 -17.36 12.89
N MET A 373 5.38 -17.06 14.13
CA MET A 373 4.41 -16.76 15.20
C MET A 373 3.60 -15.52 14.75
N SER A 374 4.29 -14.48 14.31
CA SER A 374 3.69 -13.19 13.86
C SER A 374 2.77 -13.44 12.68
N GLU A 375 3.22 -14.22 11.71
CA GLU A 375 2.44 -14.54 10.49
C GLU A 375 1.24 -15.43 10.85
N ALA A 376 1.43 -16.51 11.61
CA ALA A 376 0.31 -17.43 11.96
C ALA A 376 -0.75 -16.62 12.72
N LEU A 377 -0.35 -15.79 13.67
CA LEU A 377 -1.31 -15.02 14.49
C LEU A 377 -1.93 -13.86 13.68
N ARG A 378 -1.19 -13.25 12.75
CA ARG A 378 -1.75 -12.21 11.85
C ARG A 378 -2.90 -12.81 11.05
N ARG A 379 -2.69 -14.00 10.48
CA ARG A 379 -3.69 -14.62 9.53
C ARG A 379 -4.94 -15.12 10.29
N PHE A 380 -4.88 -15.32 11.61
CA PHE A 380 -6.02 -15.89 12.39
C PHE A 380 -7.25 -15.04 12.16
N PRO A 381 -8.44 -15.62 11.85
CA PRO A 381 -9.63 -14.79 11.76
C PRO A 381 -10.02 -14.16 13.11
N LEU A 382 -10.69 -13.01 13.04
CA LEU A 382 -11.30 -12.34 14.20
C LEU A 382 -12.35 -13.28 14.78
N LYS A 383 -12.58 -13.18 16.09
CA LYS A 383 -13.58 -13.96 16.84
C LYS A 383 -14.73 -13.03 17.12
N PRO A 384 -15.92 -13.57 17.45
CA PRO A 384 -17.02 -12.75 17.94
C PRO A 384 -16.54 -12.12 19.25
N THR A 385 -16.97 -10.89 19.51
CA THR A 385 -16.47 -10.03 20.60
C THR A 385 -17.09 -10.47 21.92
N ASN A 386 -18.08 -11.39 21.88
CA ASN A 386 -18.70 -12.00 23.09
C ASN A 386 -17.91 -13.25 23.51
N THR A 387 -16.88 -13.67 22.76
CA THR A 387 -16.05 -14.86 23.10
C THR A 387 -14.65 -14.44 23.58
N ALA A 388 -13.92 -15.40 24.14
CA ALA A 388 -12.50 -15.19 24.53
C ALA A 388 -11.69 -16.42 24.18
N TRP A 389 -10.42 -16.22 23.90
CA TRP A 389 -9.44 -17.32 23.91
C TRP A 389 -9.13 -17.67 25.36
N CYS A 390 -8.79 -18.93 25.59
CA CYS A 390 -8.05 -19.41 26.75
C CYS A 390 -6.58 -19.53 26.31
N THR A 391 -5.70 -18.79 26.98
CA THR A 391 -4.26 -18.77 26.66
C THR A 391 -3.53 -19.68 27.66
N TYR A 392 -2.46 -20.30 27.25
CA TYR A 392 -1.73 -21.25 28.12
C TYR A 392 -0.37 -21.53 27.50
N LEU A 393 0.57 -21.88 28.36
CA LEU A 393 1.93 -22.31 27.96
C LEU A 393 2.00 -23.83 28.04
N ARG A 394 1.43 -24.45 29.09
CA ARG A 394 1.38 -25.92 29.26
C ARG A 394 0.06 -26.31 29.87
N CYS A 395 -0.21 -27.61 29.89
CA CYS A 395 -1.46 -28.21 30.39
C CYS A 395 -1.22 -29.70 30.61
N HIS A 396 -2.27 -30.45 30.91
CA HIS A 396 -2.15 -31.88 31.27
C HIS A 396 -1.70 -32.68 30.05
N ASP A 397 -1.84 -32.14 28.84
CA ASP A 397 -1.55 -32.94 27.62
C ASP A 397 -0.15 -32.63 27.07
N ASP A 398 0.34 -33.60 26.32
CA ASP A 398 1.41 -33.43 25.33
C ASP A 398 1.12 -32.21 24.44
N ILE A 399 2.17 -31.72 23.79
CA ILE A 399 2.12 -30.65 22.78
C ILE A 399 2.07 -31.32 21.40
N GLY A 400 1.06 -30.98 20.58
CA GLY A 400 1.00 -31.27 19.14
C GLY A 400 1.44 -30.05 18.33
N TRP A 401 2.36 -30.22 17.36
CA TRP A 401 2.96 -29.09 16.61
C TRP A 401 2.00 -28.70 15.47
N ALA A 402 0.96 -27.94 15.80
CA ALA A 402 -0.11 -27.45 14.90
C ALA A 402 0.42 -26.22 14.13
N ILE A 403 1.23 -26.48 13.11
CA ILE A 403 1.83 -25.44 12.26
C ILE A 403 1.32 -25.68 10.84
N ALA A 404 0.52 -24.75 10.31
CA ALA A 404 0.03 -24.76 8.93
C ALA A 404 1.22 -24.56 7.98
N ASP A 405 1.33 -25.41 6.95
CA ASP A 405 2.33 -25.31 5.85
C ASP A 405 2.30 -23.89 5.24
N GLU A 406 1.09 -23.32 5.12
CA GLU A 406 0.81 -22.03 4.45
C GLU A 406 1.54 -20.92 5.23
N ASP A 407 1.47 -20.92 6.56
CA ASP A 407 2.13 -19.90 7.39
C ASP A 407 3.64 -20.08 7.29
N ALA A 408 4.12 -21.31 7.42
CA ALA A 408 5.56 -21.60 7.32
C ALA A 408 6.09 -21.12 5.95
N ALA A 409 5.43 -21.47 4.83
CA ALA A 409 5.91 -21.16 3.47
C ALA A 409 6.06 -19.64 3.31
N ARG A 410 5.13 -18.90 3.89
CA ARG A 410 5.04 -17.42 3.72
C ARG A 410 6.27 -16.72 4.31
N VAL A 411 6.87 -17.27 5.36
CA VAL A 411 8.10 -16.76 6.02
C VAL A 411 9.25 -17.73 5.70
N GLY A 412 9.20 -18.42 4.57
CA GLY A 412 10.40 -19.11 4.06
C GLY A 412 10.83 -20.28 4.92
N LEU A 413 9.86 -21.09 5.38
CA LEU A 413 10.10 -22.34 6.14
C LEU A 413 9.32 -23.48 5.50
N SER A 414 9.91 -24.67 5.51
CA SER A 414 9.20 -25.94 5.21
C SER A 414 8.41 -26.32 6.46
N GLY A 415 7.09 -26.43 6.33
CA GLY A 415 6.23 -26.86 7.43
C GLY A 415 6.65 -28.20 7.97
N GLU A 416 6.87 -29.19 7.10
CA GLU A 416 7.28 -30.56 7.50
C GLU A 416 8.59 -30.51 8.29
N ALA A 417 9.59 -29.78 7.80
CA ALA A 417 10.93 -29.70 8.41
C ALA A 417 10.85 -28.95 9.76
N HIS A 418 10.06 -27.89 9.89
CA HIS A 418 9.91 -27.14 11.17
C HIS A 418 9.23 -28.04 12.22
N ARG A 419 8.19 -28.76 11.84
CA ARG A 419 7.46 -29.64 12.81
C ARG A 419 8.43 -30.69 13.35
N ARG A 420 9.23 -31.24 12.45
CA ARG A 420 10.23 -32.27 12.83
C ARG A 420 11.25 -31.55 13.72
N PHE A 421 11.68 -30.34 13.35
CA PHE A 421 12.69 -29.61 14.16
C PHE A 421 12.18 -29.42 15.59
N LEU A 422 10.89 -29.13 15.78
CA LEU A 422 10.32 -28.83 17.12
C LEU A 422 10.39 -30.06 18.03
N SER A 423 10.13 -31.25 17.51
CA SER A 423 10.21 -32.49 18.31
C SER A 423 11.67 -32.82 18.56
N ASP A 424 12.52 -32.62 17.54
CA ASP A 424 14.01 -32.77 17.66
C ASP A 424 14.47 -31.85 18.79
N TYR A 425 14.12 -30.56 18.78
CA TYR A 425 14.62 -29.61 19.82
C TYR A 425 14.09 -30.08 21.18
N TYR A 426 12.78 -30.31 21.29
CA TYR A 426 12.13 -30.39 22.62
C TYR A 426 12.30 -31.79 23.23
N SER A 427 12.66 -32.81 22.43
CA SER A 427 13.08 -34.15 22.92
C SER A 427 14.49 -34.06 23.50
N GLY A 428 15.26 -33.03 23.17
CA GLY A 428 16.64 -32.89 23.67
C GLY A 428 17.66 -33.29 22.62
N ARG A 429 17.23 -33.84 21.47
CA ARG A 429 18.12 -34.49 20.48
C ARG A 429 18.89 -33.40 19.72
N PHE A 430 18.30 -32.24 19.45
CA PHE A 430 18.94 -31.15 18.65
C PHE A 430 20.18 -30.62 19.40
N PRO A 431 21.32 -30.39 18.69
CA PRO A 431 22.55 -29.89 19.31
C PRO A 431 22.36 -28.65 20.20
N ALA A 432 22.71 -28.78 21.48
CA ALA A 432 22.72 -27.67 22.45
C ALA A 432 21.28 -27.29 22.84
N SER A 433 20.27 -28.12 22.48
CA SER A 433 18.89 -27.91 23.01
C SER A 433 18.95 -27.73 24.51
N PHE A 434 18.23 -26.77 25.07
CA PHE A 434 18.04 -26.65 26.54
C PHE A 434 16.93 -27.59 27.06
N SER A 435 16.18 -28.26 26.19
CA SER A 435 14.90 -28.94 26.56
C SER A 435 15.16 -30.34 27.11
N ARG A 436 14.39 -30.69 28.13
CA ARG A 436 14.24 -32.08 28.64
C ARG A 436 12.78 -32.50 28.45
N GLY A 437 12.43 -32.96 27.26
CA GLY A 437 11.08 -33.39 26.93
C GLY A 437 11.11 -34.80 26.43
N LEU A 438 9.95 -35.44 26.32
CA LEU A 438 9.84 -36.83 25.82
C LEU A 438 8.93 -36.82 24.59
N VAL A 439 9.34 -37.58 23.57
CA VAL A 439 8.48 -37.95 22.41
C VAL A 439 7.26 -38.75 22.91
N PHE A 440 6.08 -38.38 22.42
CA PHE A 440 4.78 -39.00 22.78
C PHE A 440 4.09 -39.39 21.48
N GLN A 441 3.60 -40.63 21.41
CA GLN A 441 2.86 -41.18 20.24
C GLN A 441 3.59 -40.96 18.92
N GLU A 442 4.85 -41.37 18.82
CA GLU A 442 5.56 -41.27 17.54
C GLU A 442 4.86 -42.18 16.54
N ASN A 443 4.34 -41.61 15.46
CA ASN A 443 3.62 -42.36 14.38
C ASN A 443 4.58 -42.56 13.22
N PRO A 444 5.12 -43.77 13.03
CA PRO A 444 6.13 -44.01 11.99
C PRO A 444 5.55 -43.99 10.58
N ARG A 445 4.26 -44.27 10.43
CA ARG A 445 3.74 -44.23 9.06
C ARG A 445 3.27 -42.82 8.72
N THR A 446 3.24 -41.96 9.70
CA THR A 446 2.72 -40.60 9.45
C THR A 446 3.82 -39.57 9.67
N GLY A 447 4.79 -39.89 10.53
CA GLY A 447 5.89 -38.98 10.86
C GLY A 447 5.56 -38.08 12.05
N ASP A 448 4.32 -38.10 12.50
CA ASP A 448 3.86 -37.23 13.62
C ASP A 448 4.48 -37.63 14.96
N ARG A 449 4.89 -36.62 15.70
CA ARG A 449 5.48 -36.76 17.05
C ARG A 449 4.98 -35.62 17.93
N ARG A 450 4.60 -35.94 19.15
CA ARG A 450 4.17 -34.97 20.17
C ARG A 450 5.23 -34.91 21.27
N ILE A 451 5.13 -33.93 22.16
CA ILE A 451 6.12 -33.72 23.24
C ILE A 451 5.41 -33.67 24.59
N SER A 452 5.90 -34.44 25.55
CA SER A 452 5.49 -34.35 26.97
C SER A 452 6.66 -33.72 27.74
N GLY A 453 6.35 -33.07 28.85
CA GLY A 453 7.33 -32.41 29.73
C GLY A 453 6.74 -31.16 30.32
N SER A 454 7.19 -30.81 31.52
CA SER A 454 6.79 -29.60 32.28
C SER A 454 7.37 -28.37 31.59
N ALA A 455 6.70 -27.24 31.72
CA ALA A 455 7.22 -25.93 31.25
C ALA A 455 8.69 -25.80 31.63
N ALA A 456 9.03 -26.01 32.90
CA ALA A 456 10.40 -25.71 33.40
C ALA A 456 11.41 -26.69 32.80
N SER A 457 11.02 -27.93 32.52
CA SER A 457 11.91 -28.95 31.91
C SER A 457 12.11 -28.60 30.43
N LEU A 458 11.03 -28.22 29.73
CA LEU A 458 11.10 -27.86 28.29
C LEU A 458 11.88 -26.56 28.10
N ALA A 459 11.80 -25.63 29.07
CA ALA A 459 12.36 -24.26 28.95
C ALA A 459 13.82 -24.21 29.45
N GLY A 460 14.40 -25.32 29.92
CA GLY A 460 15.85 -25.43 30.15
C GLY A 460 16.23 -25.46 31.64
N LEU A 461 15.29 -25.38 32.57
CA LEU A 461 15.63 -25.25 34.00
C LEU A 461 16.22 -26.56 34.53
N GLU A 462 15.71 -27.70 34.07
CA GLU A 462 16.20 -29.04 34.47
C GLU A 462 17.67 -29.16 34.07
N GLN A 463 17.98 -28.86 32.82
CA GLN A 463 19.36 -28.90 32.28
C GLN A 463 20.22 -27.95 33.11
N ALA A 464 19.76 -26.73 33.34
CA ALA A 464 20.52 -25.67 34.06
C ALA A 464 20.89 -26.18 35.46
N LEU A 465 19.95 -26.83 36.17
CA LEU A 465 20.11 -27.18 37.61
C LEU A 465 21.09 -28.34 37.74
N GLU A 466 20.95 -29.33 36.87
CA GLU A 466 21.81 -30.53 36.76
C GLU A 466 23.25 -30.11 36.45
N ARG A 467 23.46 -29.05 35.66
CA ARG A 467 24.82 -28.62 35.25
C ARG A 467 25.36 -27.60 36.25
N GLY A 468 24.55 -27.16 37.21
CA GLY A 468 24.90 -26.09 38.17
C GLY A 468 25.39 -24.81 37.47
N ASP A 469 24.79 -24.43 36.34
CA ASP A 469 25.11 -23.21 35.54
C ASP A 469 24.13 -22.10 35.93
N PRO A 470 24.56 -21.04 36.67
CA PRO A 470 23.61 -20.06 37.20
C PRO A 470 23.12 -19.05 36.14
N HIS A 471 23.81 -18.95 35.01
CA HIS A 471 23.43 -18.03 33.92
C HIS A 471 22.34 -18.70 33.09
N GLN A 472 22.40 -20.03 32.90
CA GLN A 472 21.36 -20.83 32.19
C GLN A 472 20.16 -20.98 33.14
N LEU A 473 20.40 -21.02 34.45
CA LEU A 473 19.32 -20.97 35.45
C LEU A 473 18.55 -19.67 35.24
N HIS A 474 19.26 -18.53 35.16
CA HIS A 474 18.64 -17.19 35.00
C HIS A 474 17.83 -17.15 33.69
N LEU A 475 18.41 -17.60 32.59
CA LEU A 475 17.81 -17.56 31.24
C LEU A 475 16.57 -18.46 31.18
N SER A 476 16.62 -19.64 31.79
CA SER A 476 15.52 -20.64 31.81
C SER A 476 14.30 -20.05 32.52
N LEU A 477 14.53 -19.34 33.62
CA LEU A 477 13.45 -18.70 34.40
C LEU A 477 12.89 -17.53 33.58
N GLU A 478 13.78 -16.79 32.92
CA GLU A 478 13.37 -15.63 32.09
C GLU A 478 12.53 -16.15 30.90
N ARG A 479 12.87 -17.31 30.34
CA ARG A 479 12.04 -17.91 29.26
C ARG A 479 10.64 -18.21 29.82
N LEU A 480 10.57 -18.78 31.02
CA LEU A 480 9.31 -19.18 31.67
C LEU A 480 8.47 -17.92 31.93
N LEU A 481 9.10 -16.86 32.40
CA LEU A 481 8.37 -15.60 32.69
C LEU A 481 7.94 -14.97 31.38
N LEU A 482 8.76 -15.09 30.35
CA LEU A 482 8.41 -14.49 29.05
C LEU A 482 7.20 -15.21 28.47
N GLY A 483 7.25 -16.53 28.46
CA GLY A 483 6.13 -17.37 27.99
C GLY A 483 4.85 -17.00 28.72
N HIS A 484 4.92 -16.85 30.06
CA HIS A 484 3.73 -16.53 30.88
C HIS A 484 3.31 -15.08 30.60
N ALA A 485 4.26 -14.17 30.33
CA ALA A 485 3.93 -12.77 29.99
C ALA A 485 3.03 -12.74 28.74
N VAL A 486 3.34 -13.52 27.70
CA VAL A 486 2.53 -13.59 26.47
C VAL A 486 1.13 -14.17 26.79
N VAL A 487 1.04 -15.25 27.57
CA VAL A 487 -0.29 -15.87 27.87
C VAL A 487 -1.12 -14.87 28.69
N LEU A 488 -0.48 -14.13 29.59
CA LEU A 488 -1.15 -13.14 30.49
C LEU A 488 -1.59 -11.92 29.68
N GLY A 489 -0.83 -11.56 28.65
CA GLY A 489 -0.94 -10.25 27.98
C GLY A 489 -1.54 -10.33 26.59
N PHE A 490 -1.74 -11.52 26.03
CA PHE A 490 -2.28 -11.63 24.65
C PHE A 490 -3.73 -11.14 24.62
N GLY A 491 -4.46 -11.38 25.70
CA GLY A 491 -5.93 -11.18 25.82
C GLY A 491 -6.66 -12.51 25.76
N GLY A 492 -7.49 -12.78 26.77
CA GLY A 492 -8.06 -14.12 27.01
C GLY A 492 -7.75 -14.60 28.43
N ILE A 493 -8.44 -15.65 28.86
CA ILE A 493 -8.31 -16.23 30.23
C ILE A 493 -7.01 -17.00 30.24
N PRO A 494 -6.02 -16.61 31.08
CA PRO A 494 -4.76 -17.35 31.22
C PRO A 494 -4.90 -18.56 32.14
N LEU A 495 -4.66 -19.77 31.62
CA LEU A 495 -4.80 -21.06 32.35
C LEU A 495 -3.44 -21.44 32.93
N LEU A 496 -3.12 -20.91 34.11
CA LEU A 496 -1.90 -21.30 34.86
C LEU A 496 -2.03 -22.80 35.21
N TYR A 497 -1.02 -23.59 34.84
CA TYR A 497 -0.99 -25.05 35.07
C TYR A 497 -0.27 -25.25 36.40
N MET A 498 -0.90 -25.99 37.31
CA MET A 498 -0.47 -26.13 38.73
C MET A 498 1.04 -26.42 38.81
N GLY A 499 1.75 -25.56 39.54
CA GLY A 499 3.16 -25.77 39.91
C GLY A 499 4.09 -25.15 38.89
N ASP A 500 3.56 -24.57 37.82
CA ASP A 500 4.40 -23.79 36.87
C ASP A 500 4.84 -22.52 37.60
N GLU A 501 4.06 -22.04 38.58
CA GLU A 501 4.40 -20.87 39.43
C GLU A 501 5.59 -21.20 40.35
N LEU A 502 5.99 -22.48 40.48
CA LEU A 502 7.20 -22.94 41.23
C LEU A 502 8.24 -23.55 40.29
N ALA A 503 8.03 -23.46 38.98
CA ALA A 503 8.95 -24.01 37.95
C ALA A 503 9.18 -25.52 38.17
N LEU A 504 8.11 -26.27 38.43
CA LEU A 504 8.22 -27.74 38.72
C LEU A 504 8.77 -28.43 37.48
N LEU A 505 9.58 -29.46 37.74
CA LEU A 505 10.33 -30.21 36.74
C LEU A 505 9.60 -31.51 36.41
N ASN A 506 9.96 -32.12 35.29
CA ASN A 506 9.56 -33.51 34.94
C ASN A 506 9.57 -34.40 36.19
N ASP A 507 8.48 -35.13 36.39
CA ASP A 507 8.31 -36.11 37.48
C ASP A 507 8.28 -37.49 36.83
N HIS A 508 9.35 -38.27 37.01
CA HIS A 508 9.58 -39.62 36.40
C HIS A 508 8.99 -40.75 37.24
N SER A 509 8.42 -40.45 38.41
CA SER A 509 7.85 -41.47 39.34
C SER A 509 6.69 -42.27 38.69
N TYR A 510 6.05 -41.76 37.63
CA TYR A 510 5.02 -42.47 36.83
C TYR A 510 5.59 -43.78 36.24
N LEU A 511 6.88 -43.86 35.97
CA LEU A 511 7.53 -45.13 35.53
C LEU A 511 7.28 -46.28 36.53
N GLU A 512 7.05 -45.99 37.82
CA GLU A 512 6.89 -46.98 38.92
C GLU A 512 5.41 -47.34 39.15
N GLU A 513 4.46 -46.63 38.52
CA GLU A 513 3.01 -46.92 38.66
C GLU A 513 2.55 -47.69 37.43
N PRO A 514 2.26 -49.01 37.51
CA PRO A 514 1.91 -49.80 36.33
C PRO A 514 0.81 -49.16 35.44
N GLU A 515 -0.19 -48.53 36.05
CA GLU A 515 -1.36 -47.97 35.31
C GLU A 515 -1.06 -46.62 34.63
N HIS A 516 0.08 -45.98 34.92
CA HIS A 516 0.53 -44.69 34.32
C HIS A 516 1.77 -44.88 33.43
N ALA A 517 2.54 -45.96 33.64
CA ALA A 517 3.92 -46.13 33.12
C ALA A 517 4.00 -46.05 31.59
N GLU A 518 2.93 -46.45 30.88
CA GLU A 518 2.92 -46.50 29.39
C GLU A 518 2.50 -45.16 28.79
N ASP A 519 2.04 -44.21 29.60
CA ASP A 519 1.52 -42.87 29.18
C ASP A 519 2.47 -41.79 29.72
N ASN A 520 3.46 -41.33 28.92
CA ASN A 520 4.51 -40.42 29.45
C ASN A 520 3.94 -39.00 29.70
N ARG A 521 2.64 -38.74 29.48
CA ARG A 521 2.04 -37.43 29.82
C ARG A 521 2.11 -37.20 31.34
N TRP A 522 2.12 -38.27 32.15
CA TRP A 522 2.21 -38.16 33.63
C TRP A 522 3.51 -37.46 34.01
N VAL A 523 4.54 -37.46 33.16
CA VAL A 523 5.81 -36.78 33.50
C VAL A 523 5.57 -35.28 33.79
N HIS A 524 4.47 -34.70 33.28
CA HIS A 524 4.14 -33.27 33.52
C HIS A 524 2.81 -33.13 34.26
N ARG A 525 2.45 -34.14 35.05
CA ARG A 525 1.29 -34.14 35.98
C ARG A 525 1.82 -34.44 37.37
N PRO A 526 2.71 -33.56 37.88
CA PRO A 526 3.30 -33.75 39.21
C PRO A 526 2.33 -33.54 40.37
N HIS A 527 2.75 -34.00 41.55
CA HIS A 527 2.12 -33.68 42.85
C HIS A 527 2.54 -32.25 43.22
N MET A 528 1.63 -31.46 43.79
CA MET A 528 1.98 -30.13 44.33
C MET A 528 3.02 -30.33 45.44
N ASP A 529 3.89 -29.34 45.63
CA ASP A 529 4.99 -29.36 46.61
C ASP A 529 4.75 -28.15 47.50
N TRP A 530 4.01 -28.32 48.58
CA TRP A 530 3.58 -27.22 49.48
C TRP A 530 4.75 -26.68 50.30
N GLU A 531 5.75 -27.52 50.58
CA GLU A 531 7.03 -27.08 51.20
C GLU A 531 7.67 -26.09 50.23
N LYS A 532 7.75 -26.47 48.95
CA LYS A 532 8.36 -25.62 47.90
C LYS A 532 7.52 -24.32 47.77
N ALA A 533 6.20 -24.40 47.79
CA ALA A 533 5.36 -23.17 47.71
C ALA A 533 5.77 -22.23 48.85
N ALA A 534 6.02 -22.76 50.06
CA ALA A 534 6.40 -21.94 51.24
C ALA A 534 7.77 -21.29 50.99
N ARG A 535 8.74 -22.06 50.53
CA ARG A 535 10.09 -21.52 50.17
C ARG A 535 9.90 -20.39 49.14
N ALA A 536 9.04 -20.57 48.13
CA ALA A 536 8.89 -19.58 47.03
C ALA A 536 8.34 -18.27 47.59
N LYS A 537 7.33 -18.38 48.46
CA LYS A 537 6.64 -17.22 49.09
C LYS A 537 7.67 -16.41 49.88
N ALA A 538 8.53 -17.09 50.65
CA ALA A 538 9.47 -16.50 51.64
C ALA A 538 10.82 -16.11 51.00
N ASP A 539 11.25 -16.76 49.92
CA ASP A 539 12.61 -16.57 49.36
C ASP A 539 12.52 -16.22 47.87
N PRO A 540 12.33 -14.93 47.52
CA PRO A 540 12.29 -14.49 46.11
C PRO A 540 13.56 -14.76 45.28
N THR A 541 14.70 -15.08 45.92
CA THR A 541 16.01 -15.33 45.26
C THR A 541 16.16 -16.79 44.83
N SER A 542 15.35 -17.71 45.34
CA SER A 542 15.36 -19.15 44.95
C SER A 542 14.80 -19.27 43.53
N PRO A 543 15.09 -20.36 42.80
CA PRO A 543 14.46 -20.59 41.50
C PRO A 543 12.93 -20.54 41.67
N GLU A 544 12.38 -21.31 42.60
CA GLU A 544 10.91 -21.36 42.85
C GLU A 544 10.42 -19.95 43.19
N GLY A 545 11.23 -19.21 43.96
CA GLY A 545 10.90 -17.83 44.38
C GLY A 545 10.82 -16.89 43.19
N ARG A 546 11.85 -16.92 42.33
CA ARG A 546 11.97 -16.02 41.14
C ARG A 546 10.75 -16.20 40.26
N MET A 547 10.36 -17.47 40.08
CA MET A 547 9.20 -17.88 39.28
C MET A 547 7.93 -17.39 39.98
N TYR A 548 7.75 -17.70 41.28
CA TYR A 548 6.50 -17.37 42.03
C TYR A 548 6.29 -15.85 42.04
N HIS A 549 7.29 -15.07 42.45
CA HIS A 549 7.19 -13.59 42.58
C HIS A 549 7.16 -12.98 41.19
N GLY A 550 7.95 -13.51 40.25
CA GLY A 550 7.95 -13.06 38.85
C GLY A 550 6.54 -13.13 38.24
N LEU A 551 5.84 -14.24 38.44
CA LEU A 551 4.52 -14.47 37.86
C LEU A 551 3.47 -13.61 38.60
N ARG A 552 3.53 -13.57 39.93
CA ARG A 552 2.56 -12.79 40.72
C ARG A 552 2.60 -11.33 40.23
N HIS A 553 3.80 -10.82 39.98
CA HIS A 553 3.98 -9.41 39.55
C HIS A 553 3.24 -9.20 38.22
N LEU A 554 3.50 -10.04 37.21
CA LEU A 554 2.83 -9.94 35.89
C LEU A 554 1.32 -10.06 36.06
N ILE A 555 0.86 -10.94 36.97
CA ILE A 555 -0.59 -11.15 37.23
C ILE A 555 -1.19 -9.85 37.80
N ARG A 556 -0.51 -9.20 38.75
CA ARG A 556 -1.00 -7.97 39.42
C ARG A 556 -1.05 -6.83 38.38
N VAL A 557 -0.04 -6.73 37.52
CA VAL A 557 0.00 -5.72 36.45
C VAL A 557 -1.11 -6.02 35.42
N ARG A 558 -1.32 -7.28 35.06
CA ARG A 558 -2.39 -7.65 34.08
C ARG A 558 -3.71 -7.17 34.66
N ARG A 559 -3.91 -7.39 35.96
CA ARG A 559 -5.18 -7.12 36.66
C ARG A 559 -5.51 -5.63 36.57
N THR A 560 -4.53 -4.74 36.62
CA THR A 560 -4.76 -3.26 36.67
C THR A 560 -4.57 -2.64 35.27
N THR A 561 -4.56 -3.45 34.22
CA THR A 561 -4.38 -2.97 32.83
C THR A 561 -5.67 -3.28 32.11
N PRO A 562 -6.60 -2.30 32.01
CA PRO A 562 -7.90 -2.55 31.37
C PRO A 562 -7.73 -2.97 29.90
N HIS A 563 -6.53 -2.76 29.33
CA HIS A 563 -6.22 -2.97 27.90
C HIS A 563 -6.29 -4.46 27.54
N PHE A 564 -6.29 -5.33 28.54
CA PHE A 564 -6.24 -6.79 28.34
C PHE A 564 -7.64 -7.38 28.28
N HIS A 565 -8.69 -6.57 28.36
CA HIS A 565 -10.08 -7.03 28.15
C HIS A 565 -10.15 -7.86 26.87
N ALA A 566 -10.60 -9.11 26.96
CA ALA A 566 -10.56 -10.11 25.86
C ALA A 566 -11.47 -9.74 24.68
N ALA A 567 -12.42 -8.83 24.81
CA ALA A 567 -13.30 -8.42 23.69
C ALA A 567 -12.45 -7.73 22.63
N LEU A 568 -11.29 -7.19 23.02
CA LEU A 568 -10.32 -6.63 22.08
C LEU A 568 -9.26 -7.68 21.76
N GLU A 569 -8.85 -7.77 20.51
CA GLU A 569 -7.83 -8.74 20.03
C GLU A 569 -6.51 -8.04 19.75
N ALA A 570 -5.43 -8.79 19.92
CA ALA A 570 -4.05 -8.38 19.56
C ALA A 570 -3.99 -8.08 18.05
N GLN A 571 -3.47 -6.93 17.65
CA GLN A 571 -3.19 -6.63 16.22
C GLN A 571 -1.68 -6.81 16.06
N ILE A 572 -1.30 -7.83 15.31
CA ILE A 572 0.12 -8.26 15.23
C ILE A 572 0.89 -7.20 14.45
N LEU A 573 1.99 -6.70 15.02
CA LEU A 573 2.96 -5.78 14.35
C LEU A 573 3.92 -6.61 13.48
N GLU A 574 4.42 -6.04 12.38
CA GLU A 574 5.57 -6.55 11.56
C GLU A 574 6.77 -6.78 12.48
N PRO A 575 7.36 -7.99 12.50
CA PRO A 575 8.47 -8.29 13.41
C PRO A 575 9.75 -7.66 12.81
N ARG A 576 9.92 -6.36 13.04
CA ARG A 576 10.94 -5.51 12.35
C ARG A 576 12.32 -5.88 12.87
N ASN A 577 12.38 -6.37 14.12
CA ASN A 577 13.42 -7.27 14.66
C ASN A 577 12.82 -8.67 14.73
N PRO A 578 13.39 -9.65 14.01
CA PRO A 578 12.79 -10.98 13.85
C PRO A 578 12.89 -11.85 15.12
N HIS A 579 13.46 -11.30 16.19
CA HIS A 579 13.59 -12.00 17.48
C HIS A 579 12.56 -11.40 18.43
N VAL A 580 11.82 -10.36 18.01
CA VAL A 580 11.01 -9.56 18.97
C VAL A 580 9.55 -9.57 18.51
N PHE A 581 8.71 -10.29 19.25
CA PHE A 581 7.26 -10.43 19.00
C PHE A 581 6.55 -9.18 19.49
N GLY A 582 5.58 -8.69 18.74
CA GLY A 582 4.93 -7.40 19.01
C GLY A 582 3.52 -7.33 18.49
N TYR A 583 2.64 -6.71 19.26
CA TYR A 583 1.24 -6.46 18.86
C TYR A 583 0.77 -5.20 19.56
N VAL A 584 -0.35 -4.69 19.11
CA VAL A 584 -1.03 -3.55 19.74
C VAL A 584 -2.45 -4.02 20.11
N ARG A 585 -2.92 -3.59 21.28
CA ARG A 585 -4.30 -3.81 21.75
C ARG A 585 -4.89 -2.39 21.87
N ARG A 586 -5.94 -2.12 21.11
CA ARG A 586 -6.54 -0.78 20.92
C ARG A 586 -7.73 -0.60 21.86
N HIS A 587 -7.46 -0.13 23.08
CA HIS A 587 -8.50 0.16 24.11
C HIS A 587 -9.01 1.58 23.89
N PRO A 588 -10.29 1.86 24.21
CA PRO A 588 -10.81 3.23 24.18
C PRO A 588 -9.97 4.26 24.98
N LEU A 589 -9.24 3.84 26.03
CA LEU A 589 -8.37 4.73 26.88
C LEU A 589 -7.02 5.03 26.21
N GLY A 590 -6.67 4.32 25.14
CA GLY A 590 -5.39 4.42 24.41
C GLY A 590 -4.88 3.05 23.98
N ASN A 591 -3.83 3.02 23.16
CA ASN A 591 -3.18 1.76 22.70
C ASN A 591 -2.18 1.23 23.74
N LEU A 592 -2.07 -0.10 23.84
CA LEU A 592 -1.00 -0.82 24.56
C LEU A 592 -0.16 -1.53 23.50
N VAL A 593 1.17 -1.35 23.53
CA VAL A 593 2.07 -2.14 22.63
C VAL A 593 2.79 -3.16 23.51
N ALA A 594 2.70 -4.45 23.16
CA ALA A 594 3.43 -5.53 23.86
C ALA A 594 4.61 -5.97 22.99
N LEU A 595 5.79 -5.99 23.58
CA LEU A 595 7.06 -6.41 22.94
C LEU A 595 7.65 -7.52 23.79
N TYR A 596 8.03 -8.60 23.14
CA TYR A 596 8.62 -9.79 23.80
C TYR A 596 9.83 -10.21 22.99
N ASN A 597 10.97 -10.23 23.66
CA ASN A 597 12.25 -10.67 23.08
C ASN A 597 12.33 -12.19 23.25
N PHE A 598 12.32 -12.96 22.16
CA PHE A 598 12.34 -14.44 22.19
C PHE A 598 13.79 -14.95 22.11
N SER A 599 14.77 -14.09 22.37
CA SER A 599 16.22 -14.39 22.25
C SER A 599 16.91 -14.17 23.60
N GLU A 600 17.93 -14.99 23.89
CA GLU A 600 18.88 -14.82 25.02
C GLU A 600 19.73 -13.57 24.83
N GLU A 601 19.67 -12.86 23.70
CA GLU A 601 20.61 -11.72 23.52
C GLU A 601 19.87 -10.39 23.59
N VAL A 602 20.62 -9.35 23.89
CA VAL A 602 20.12 -7.96 23.81
C VAL A 602 19.60 -7.76 22.38
N GLN A 603 18.46 -7.08 22.24
CA GLN A 603 17.78 -6.88 20.95
C GLN A 603 17.31 -5.42 20.89
N TYR A 604 17.53 -4.77 19.77
CA TYR A 604 17.06 -3.38 19.55
C TYR A 604 15.80 -3.42 18.67
N TYR A 605 14.90 -2.47 18.89
CA TYR A 605 13.57 -2.43 18.25
C TYR A 605 13.30 -1.01 17.81
N PRO A 606 12.81 -0.77 16.58
CA PRO A 606 12.58 0.59 16.12
C PRO A 606 11.58 1.29 17.02
N ALA A 607 12.03 2.35 17.69
CA ALA A 607 11.26 3.19 18.63
C ALA A 607 10.07 3.84 17.90
N GLU A 608 10.18 4.10 16.60
CA GLU A 608 9.13 4.83 15.85
C GLU A 608 7.82 4.01 15.90
N VAL A 609 7.87 2.68 16.02
CA VAL A 609 6.66 1.80 16.15
C VAL A 609 5.78 2.31 17.30
N LEU A 610 6.39 2.79 18.38
CA LEU A 610 5.65 3.31 19.56
C LEU A 610 4.92 4.62 19.20
N TRP A 611 5.58 5.59 18.56
CA TRP A 611 4.96 6.87 18.12
C TRP A 611 3.85 6.55 17.11
N GLN A 612 4.10 5.63 16.18
CA GLN A 612 3.09 5.20 15.16
C GLN A 612 1.80 4.71 15.85
N GLN A 613 1.85 4.25 17.10
CA GLN A 613 0.69 3.69 17.86
C GLN A 613 0.19 4.76 18.85
N GLY A 614 0.64 6.01 18.67
CA GLY A 614 0.15 7.17 19.42
C GLY A 614 0.71 7.22 20.82
N LEU A 615 1.91 6.66 21.05
CA LEU A 615 2.57 6.69 22.38
C LEU A 615 3.69 7.75 22.41
N GLY A 616 3.35 8.98 22.83
CA GLY A 616 4.31 10.10 22.92
C GLY A 616 5.39 9.86 23.97
N LEU A 617 4.98 9.40 25.17
CA LEU A 617 5.84 9.09 26.36
C LEU A 617 5.65 7.62 26.69
N PRO A 618 6.35 6.68 26.02
CA PRO A 618 6.12 5.26 26.25
C PRO A 618 6.48 4.86 27.69
N PHE A 619 5.52 4.25 28.39
CA PHE A 619 5.67 3.82 29.79
C PHE A 619 5.38 2.32 29.83
N ASP A 620 6.32 1.54 30.40
CA ASP A 620 6.24 0.06 30.56
C ASP A 620 5.57 -0.27 31.90
N ARG A 621 4.36 -0.84 31.88
CA ARG A 621 3.59 -1.18 33.10
C ARG A 621 4.25 -2.31 33.88
N ILE A 622 5.03 -3.17 33.22
CA ILE A 622 5.76 -4.25 33.94
C ILE A 622 6.87 -3.62 34.82
N SER A 623 7.80 -2.83 34.26
CA SER A 623 8.93 -2.20 35.01
C SER A 623 8.39 -1.08 35.92
N GLY A 624 7.26 -0.46 35.57
CA GLY A 624 6.73 0.73 36.28
C GLY A 624 7.54 1.98 35.97
N GLN A 625 8.18 2.05 34.80
CA GLN A 625 9.15 3.12 34.44
C GLN A 625 9.03 3.42 32.93
N LEU A 626 9.42 4.64 32.53
CA LEU A 626 9.44 5.08 31.12
C LEU A 626 10.25 4.04 30.36
N VAL A 627 9.91 3.79 29.10
CA VAL A 627 10.77 3.01 28.17
C VAL A 627 11.87 3.93 27.66
N PRO A 628 13.15 3.62 27.96
CA PRO A 628 14.26 4.42 27.46
C PRO A 628 14.39 4.22 25.95
N ILE A 629 14.23 5.31 25.20
CA ILE A 629 14.55 5.45 23.74
C ILE A 629 15.96 6.01 23.66
N GLU A 630 16.81 5.38 22.84
CA GLU A 630 18.21 5.82 22.55
C GLU A 630 18.45 5.60 21.05
N HIS A 631 18.91 6.62 20.31
CA HIS A 631 19.23 6.52 18.86
C HIS A 631 18.06 5.83 18.14
N HIS A 632 16.82 6.25 18.46
CA HIS A 632 15.58 5.84 17.76
C HIS A 632 15.33 4.33 17.92
N LEU A 633 15.85 3.71 18.98
CA LEU A 633 15.77 2.25 19.27
C LEU A 633 15.36 2.05 20.71
N VAL A 634 14.62 0.99 20.98
CA VAL A 634 14.36 0.48 22.35
C VAL A 634 15.32 -0.68 22.55
N ARG A 635 16.09 -0.62 23.63
CA ARG A 635 17.00 -1.70 24.05
C ARG A 635 16.17 -2.68 24.89
N LEU A 636 16.01 -3.91 24.41
CA LEU A 636 15.35 -5.00 25.17
C LEU A 636 16.41 -5.97 25.71
N GLU A 637 16.38 -6.22 27.03
CA GLU A 637 17.22 -7.24 27.73
C GLU A 637 16.87 -8.62 27.19
N PRO A 638 17.72 -9.65 27.41
CA PRO A 638 17.36 -11.04 27.11
C PRO A 638 15.97 -11.39 27.64
N TYR A 639 15.11 -11.90 26.77
CA TYR A 639 13.75 -12.37 27.12
C TYR A 639 12.93 -11.28 27.81
N ALA A 640 13.18 -10.02 27.49
CA ALA A 640 12.40 -8.87 28.05
C ALA A 640 10.93 -9.02 27.61
N ARG A 641 10.03 -8.59 28.48
CA ARG A 641 8.60 -8.39 28.19
C ARG A 641 8.26 -6.95 28.58
N LEU A 642 7.66 -6.20 27.64
CA LEU A 642 7.19 -4.80 27.84
C LEU A 642 5.68 -4.73 27.53
N TRP A 643 4.90 -4.15 28.44
CA TRP A 643 3.49 -3.77 28.19
C TRP A 643 3.45 -2.24 28.24
N ILE A 644 3.39 -1.60 27.08
CA ILE A 644 3.67 -0.15 26.94
C ILE A 644 2.39 0.61 26.65
N THR A 645 2.05 1.52 27.55
CA THR A 645 0.98 2.55 27.39
C THR A 645 1.61 3.95 27.49
N ASP A 646 0.81 5.00 27.28
CA ASP A 646 1.25 6.43 27.40
C ASP A 646 1.09 6.90 28.85
N MET B 1 -20.53 -4.22 25.59
CA MET B 1 -19.26 -4.89 25.27
C MET B 1 -18.32 -4.79 26.47
N PHE B 2 -18.24 -3.62 27.13
CA PHE B 2 -17.41 -3.36 28.34
C PHE B 2 -18.36 -2.99 29.49
N SER B 3 -18.20 -3.68 30.61
CA SER B 3 -18.94 -3.36 31.85
C SER B 3 -17.95 -2.69 32.79
N THR B 4 -18.31 -1.55 33.38
CA THR B 4 -17.42 -0.85 34.34
C THR B 4 -17.47 -1.65 35.64
N PRO B 5 -16.32 -2.21 36.08
CA PRO B 5 -16.27 -3.01 37.30
C PRO B 5 -16.37 -2.10 38.53
N LEU B 6 -16.84 -2.66 39.65
CA LEU B 6 -17.09 -1.92 40.93
C LEU B 6 -15.76 -1.61 41.58
N PRO B 7 -15.30 -0.34 41.63
CA PRO B 7 -14.03 -0.01 42.29
C PRO B 7 -14.12 -0.22 43.83
N ALA B 8 -13.06 -0.76 44.45
CA ALA B 8 -13.00 -1.18 45.87
C ALA B 8 -13.55 -0.05 46.76
N GLU B 9 -13.08 1.18 46.54
CA GLU B 9 -13.41 2.36 47.40
C GLU B 9 -14.93 2.68 47.37
N LEU B 10 -15.74 2.07 46.49
CA LEU B 10 -17.19 2.34 46.39
C LEU B 10 -17.97 1.20 47.02
N ARG B 11 -17.31 0.15 47.51
CA ARG B 11 -18.01 -0.96 48.22
C ARG B 11 -18.80 -0.33 49.38
N PRO B 12 -18.22 0.56 50.23
CA PRO B 12 -18.99 1.16 51.34
C PRO B 12 -20.22 1.99 50.93
N LEU B 13 -20.13 2.83 49.88
CA LEU B 13 -21.30 3.58 49.33
C LEU B 13 -22.38 2.59 48.85
N LEU B 14 -22.01 1.54 48.11
CA LEU B 14 -23.01 0.54 47.62
C LEU B 14 -23.77 -0.04 48.83
N GLU B 15 -23.03 -0.45 49.89
CA GLU B 15 -23.61 -0.96 51.17
C GLU B 15 -24.64 0.05 51.71
N ARG B 16 -24.27 1.34 51.83
CA ARG B 16 -25.20 2.41 52.30
C ARG B 16 -26.43 2.44 51.38
N LEU B 17 -26.22 2.40 50.06
CA LEU B 17 -27.34 2.53 49.09
C LEU B 17 -28.25 1.29 49.16
N LEU B 18 -27.69 0.09 49.28
CA LEU B 18 -28.53 -1.14 49.34
C LEU B 18 -29.36 -1.12 50.64
N THR B 19 -28.78 -0.68 51.75
CA THR B 19 -29.50 -0.50 53.05
C THR B 19 -30.67 0.45 52.85
N LEU B 20 -30.45 1.60 52.20
CA LEU B 20 -31.53 2.58 51.92
C LEU B 20 -32.60 1.92 51.02
N ALA B 21 -32.19 1.09 50.05
CA ALA B 21 -33.13 0.35 49.16
C ALA B 21 -33.94 -0.65 50.00
N GLN B 22 -33.28 -1.28 50.97
CA GLN B 22 -33.85 -2.30 51.89
C GLN B 22 -35.07 -1.75 52.64
N ASP B 23 -35.19 -0.42 52.77
CA ASP B 23 -36.25 0.25 53.58
C ASP B 23 -37.47 0.51 52.69
N GLU B 24 -37.39 0.22 51.38
CA GLU B 24 -38.48 0.55 50.42
C GLU B 24 -38.99 -0.71 49.70
N LEU B 25 -38.10 -1.68 49.52
CA LEU B 25 -38.25 -2.86 48.64
C LEU B 25 -37.96 -4.09 49.50
N SER B 26 -38.59 -5.23 49.20
CA SER B 26 -38.28 -6.52 49.87
C SER B 26 -38.26 -7.63 48.83
N GLY B 27 -37.62 -8.77 49.19
CA GLY B 27 -37.73 -10.08 48.51
C GLY B 27 -36.95 -10.15 47.19
N GLY B 28 -37.53 -10.83 46.20
CA GLY B 28 -37.01 -10.96 44.83
C GLY B 28 -36.96 -9.60 44.14
N ASP B 29 -37.92 -8.76 44.46
CA ASP B 29 -38.07 -7.37 43.99
C ASP B 29 -36.84 -6.54 44.41
N LEU B 30 -36.47 -6.65 45.67
CA LEU B 30 -35.34 -5.87 46.20
C LEU B 30 -34.06 -6.37 45.53
N GLU B 31 -34.01 -7.66 45.34
CA GLU B 31 -32.85 -8.33 44.71
C GLU B 31 -32.71 -7.87 43.27
N THR B 32 -33.80 -7.86 42.53
CA THR B 32 -33.71 -7.39 41.12
C THR B 32 -33.16 -5.97 41.07
N PHE B 33 -33.76 -5.07 41.82
CA PHE B 33 -33.32 -3.65 41.90
C PHE B 33 -31.85 -3.58 42.32
N SER B 34 -31.45 -4.39 43.32
CA SER B 34 -30.12 -4.33 43.98
C SER B 34 -29.03 -4.75 43.01
N LEU B 35 -29.28 -5.80 42.24
CA LEU B 35 -28.31 -6.29 41.22
C LEU B 35 -28.12 -5.26 40.12
N ARG B 36 -29.20 -4.65 39.62
CA ARG B 36 -29.12 -3.55 38.62
C ARG B 36 -28.39 -2.35 39.22
N LEU B 37 -28.73 -1.94 40.45
CA LEU B 37 -28.05 -0.81 41.14
C LEU B 37 -26.53 -1.05 41.14
N GLU B 38 -26.10 -2.24 41.57
CA GLU B 38 -24.67 -2.69 41.61
C GLU B 38 -24.03 -2.63 40.20
N ARG B 39 -24.73 -3.09 39.17
CA ARG B 39 -24.20 -3.16 37.78
C ARG B 39 -23.80 -1.77 37.31
N TYR B 40 -24.67 -0.79 37.51
CA TYR B 40 -24.61 0.57 36.89
C TYR B 40 -24.05 1.63 37.85
N LEU B 41 -23.89 1.33 39.14
CA LEU B 41 -23.39 2.29 40.16
C LEU B 41 -22.06 2.85 39.70
N PRO B 42 -21.10 2.01 39.25
CA PRO B 42 -19.79 2.52 38.83
C PRO B 42 -19.89 3.66 37.79
N ASP B 43 -20.76 3.51 36.79
CA ASP B 43 -20.94 4.52 35.71
C ASP B 43 -21.71 5.71 36.28
N LEU B 44 -22.68 5.46 37.16
CA LEU B 44 -23.51 6.52 37.78
C LEU B 44 -22.62 7.45 38.61
N HIS B 45 -21.76 6.87 39.45
CA HIS B 45 -20.80 7.61 40.31
C HIS B 45 -19.72 8.32 39.48
N ALA B 46 -19.07 7.62 38.54
CA ALA B 46 -17.99 8.21 37.72
C ALA B 46 -18.54 9.47 37.03
N GLY B 47 -19.79 9.44 36.55
CA GLY B 47 -20.50 10.58 35.93
C GLY B 47 -20.69 11.73 36.91
N LEU B 48 -21.30 11.47 38.06
CA LEU B 48 -21.66 12.54 39.02
C LEU B 48 -20.41 13.16 39.63
N THR B 49 -19.38 12.38 39.94
CA THR B 49 -18.18 12.89 40.67
C THR B 49 -17.33 13.79 39.79
N ALA B 50 -17.43 13.70 38.47
CA ALA B 50 -16.72 14.60 37.53
C ALA B 50 -17.37 16.00 37.54
N VAL B 51 -18.52 16.17 38.16
CA VAL B 51 -19.41 17.35 37.89
C VAL B 51 -19.86 17.98 39.21
N TYR B 52 -20.32 17.15 40.17
CA TYR B 52 -20.98 17.60 41.43
C TYR B 52 -20.04 17.31 42.60
N PRO B 53 -19.92 18.27 43.55
CA PRO B 53 -18.96 18.15 44.64
C PRO B 53 -19.23 16.99 45.62
N ASP B 54 -20.47 16.58 45.89
CA ASP B 54 -20.68 15.56 46.96
C ASP B 54 -21.43 14.35 46.40
N ALA B 55 -20.74 13.52 45.62
CA ALA B 55 -21.39 12.47 44.79
C ALA B 55 -22.09 11.46 45.71
N GLU B 56 -21.40 11.03 46.79
CA GLU B 56 -21.91 10.06 47.79
C GLU B 56 -23.23 10.61 48.37
N GLY B 57 -23.24 11.86 48.83
CA GLY B 57 -24.47 12.49 49.36
C GLY B 57 -25.56 12.65 48.31
N LEU B 58 -25.17 12.98 47.08
CA LEU B 58 -26.13 13.14 45.95
C LEU B 58 -26.74 11.77 45.65
N LEU B 59 -25.94 10.70 45.74
CA LEU B 59 -26.42 9.32 45.48
C LEU B 59 -27.42 8.89 46.55
N GLU B 60 -27.21 9.29 47.81
CA GLU B 60 -28.16 9.05 48.95
C GLU B 60 -29.49 9.74 48.67
N ARG B 61 -29.48 10.97 48.17
CA ARG B 61 -30.74 11.68 47.79
C ARG B 61 -31.37 11.02 46.57
N LEU B 62 -30.58 10.47 45.65
CA LEU B 62 -31.11 9.86 44.39
C LEU B 62 -31.84 8.53 44.70
N LEU B 63 -31.35 7.75 45.66
CA LEU B 63 -31.86 6.37 45.91
C LEU B 63 -33.37 6.30 45.99
N PRO B 64 -34.04 7.05 46.88
CA PRO B 64 -35.50 6.95 47.03
C PRO B 64 -36.27 7.34 45.75
N ILE B 65 -35.66 8.15 44.88
CA ILE B 65 -36.26 8.46 43.55
C ILE B 65 -36.20 7.18 42.71
N LEU B 66 -35.06 6.48 42.65
CA LEU B 66 -34.89 5.19 41.90
C LEU B 66 -35.92 4.16 42.43
N THR B 67 -35.99 4.08 43.75
CA THR B 67 -36.85 3.17 44.55
C THR B 67 -38.34 3.44 44.24
N ALA B 68 -38.82 4.68 44.39
CA ALA B 68 -40.25 5.04 44.22
C ALA B 68 -40.65 4.79 42.78
N ALA B 69 -39.75 5.11 41.84
CA ALA B 69 -40.01 4.95 40.39
C ALA B 69 -40.04 3.45 40.05
N HIS B 70 -39.16 2.66 40.67
CA HIS B 70 -39.19 1.17 40.61
C HIS B 70 -40.55 0.66 41.11
N GLN B 71 -40.92 1.01 42.36
CA GLN B 71 -42.24 0.68 42.96
C GLN B 71 -43.37 1.01 41.97
N ALA B 72 -43.33 2.18 41.31
CA ALA B 72 -44.45 2.67 40.47
C ALA B 72 -44.44 2.05 39.06
N ARG B 73 -43.40 1.31 38.68
CA ARG B 73 -43.27 0.77 37.28
C ARG B 73 -44.16 -0.48 37.09
N SER B 74 -45.04 -0.46 36.07
CA SER B 74 -46.02 -1.53 35.69
C SER B 74 -45.37 -2.91 35.51
N ALA B 75 -46.16 -3.97 35.66
CA ALA B 75 -45.76 -5.36 35.31
C ALA B 75 -45.37 -5.42 33.83
N ASP B 76 -46.18 -4.82 32.96
CA ASP B 76 -45.98 -4.84 31.48
C ASP B 76 -44.59 -4.23 31.17
N LEU B 77 -44.25 -3.11 31.82
CA LEU B 77 -43.01 -2.35 31.53
C LEU B 77 -41.84 -3.11 32.14
N ARG B 78 -42.03 -3.71 33.32
CA ARG B 78 -41.00 -4.59 33.95
C ARG B 78 -40.69 -5.77 33.03
N ARG B 79 -41.71 -6.32 32.38
CA ARG B 79 -41.60 -7.43 31.41
C ARG B 79 -40.80 -6.97 30.19
N LEU B 80 -41.08 -5.77 29.68
CA LEU B 80 -40.32 -5.19 28.53
C LEU B 80 -38.86 -4.95 28.94
N ASP B 81 -38.60 -4.43 30.14
CA ASP B 81 -37.23 -4.24 30.68
C ASP B 81 -36.46 -5.56 30.64
N ALA B 82 -37.04 -6.63 31.19
CA ALA B 82 -36.41 -7.97 31.27
C ALA B 82 -36.20 -8.47 29.85
N LYS B 83 -37.21 -8.34 28.99
CA LYS B 83 -37.13 -8.78 27.58
C LYS B 83 -35.95 -8.06 26.88
N ARG B 84 -35.74 -6.78 27.16
CA ARG B 84 -34.68 -5.99 26.47
C ARG B 84 -33.30 -6.28 27.08
N LEU B 85 -33.21 -6.60 28.37
CA LEU B 85 -31.90 -6.99 28.95
C LEU B 85 -31.43 -8.27 28.27
N LEU B 86 -32.32 -9.19 27.95
CA LEU B 86 -31.96 -10.48 27.31
C LEU B 86 -31.61 -10.27 25.84
N ALA B 87 -32.22 -9.28 25.15
CA ALA B 87 -31.92 -8.97 23.73
C ALA B 87 -31.53 -7.49 23.60
N PRO B 88 -30.32 -7.11 24.07
CA PRO B 88 -29.91 -5.72 24.11
C PRO B 88 -29.63 -5.06 22.76
N ASP B 89 -29.60 -5.84 21.66
CA ASP B 89 -29.40 -5.31 20.30
C ASP B 89 -30.75 -5.08 19.63
N TRP B 90 -31.85 -5.06 20.37
CA TRP B 90 -33.21 -5.01 19.79
C TRP B 90 -33.33 -3.84 18.81
N PHE B 91 -32.84 -2.67 19.21
CA PHE B 91 -33.02 -1.37 18.50
C PHE B 91 -32.11 -1.32 17.25
N GLN B 92 -31.11 -2.19 17.19
CA GLN B 92 -30.11 -2.28 16.09
C GLN B 92 -30.65 -3.13 14.94
N ARG B 93 -31.78 -3.81 15.12
CA ARG B 93 -32.25 -4.83 14.13
C ARG B 93 -32.84 -4.17 12.89
N PRO B 94 -32.78 -4.86 11.73
CA PRO B 94 -33.40 -4.40 10.49
C PRO B 94 -34.89 -4.06 10.57
N GLU B 95 -35.60 -4.77 11.44
CA GLU B 95 -37.07 -4.61 11.66
C GLU B 95 -37.35 -3.19 12.23
N MET B 96 -36.38 -2.54 12.87
CA MET B 96 -36.57 -1.16 13.42
C MET B 96 -36.70 -0.14 12.28
N ILE B 97 -37.92 0.40 12.19
CA ILE B 97 -38.35 1.49 11.27
C ILE B 97 -39.03 2.53 12.16
N ALA B 98 -38.62 3.78 12.06
CA ALA B 98 -39.14 4.89 12.88
C ALA B 98 -39.94 5.85 12.01
N TYR B 99 -40.84 6.58 12.67
CA TYR B 99 -41.75 7.60 12.09
C TYR B 99 -41.80 8.79 13.06
N VAL B 100 -41.72 9.98 12.50
CA VAL B 100 -41.57 11.23 13.29
C VAL B 100 -42.73 12.16 12.90
N ALA B 101 -43.49 12.61 13.89
CA ALA B 101 -44.69 13.43 13.65
C ALA B 101 -45.02 14.30 14.87
N TYR B 102 -45.54 15.48 14.57
CA TYR B 102 -46.28 16.36 15.51
C TYR B 102 -47.68 15.76 15.67
N THR B 103 -48.09 15.43 16.89
CA THR B 103 -49.41 14.79 17.15
C THR B 103 -50.55 15.56 16.43
N GLU B 104 -50.64 16.89 16.58
CA GLU B 104 -51.78 17.68 16.05
C GLU B 104 -51.79 17.62 14.52
N ARG B 105 -50.62 17.42 13.93
CA ARG B 105 -50.44 17.40 12.46
C ARG B 105 -50.77 15.99 11.92
N PHE B 106 -50.44 14.95 12.69
CA PHE B 106 -50.61 13.54 12.26
C PHE B 106 -52.05 13.08 12.50
N ALA B 107 -52.57 13.25 13.71
CA ALA B 107 -53.87 12.65 14.09
C ALA B 107 -54.68 13.51 15.06
N GLY B 108 -54.39 14.81 15.21
CA GLY B 108 -55.17 15.73 16.05
C GLY B 108 -54.82 15.69 17.52
N THR B 109 -54.93 14.52 18.18
CA THR B 109 -54.72 14.34 19.65
C THR B 109 -53.96 13.02 19.92
N LEU B 110 -53.49 12.80 21.14
CA LEU B 110 -52.85 11.50 21.50
C LEU B 110 -53.80 10.34 21.19
N ARG B 111 -55.05 10.43 21.62
CA ARG B 111 -56.07 9.37 21.38
C ARG B 111 -56.23 9.17 19.87
N GLY B 112 -56.20 10.25 19.10
CA GLY B 112 -56.29 10.23 17.63
C GLY B 112 -55.20 9.34 17.01
N VAL B 113 -54.02 9.26 17.64
CA VAL B 113 -52.85 8.48 17.14
C VAL B 113 -53.21 6.99 17.15
N GLU B 114 -54.06 6.53 18.08
CA GLU B 114 -54.52 5.12 18.19
C GLU B 114 -55.09 4.63 16.86
N GLU B 115 -55.89 5.45 16.20
CA GLU B 115 -56.65 5.10 14.96
C GLU B 115 -55.74 5.14 13.72
N ARG B 116 -54.47 5.52 13.85
CA ARG B 116 -53.51 5.61 12.71
C ARG B 116 -52.35 4.63 12.94
N ILE B 117 -52.45 3.77 13.96
CA ILE B 117 -51.48 2.67 14.17
C ILE B 117 -51.54 1.71 12.95
N ASP B 118 -52.74 1.40 12.43
CA ASP B 118 -52.86 0.49 11.26
C ASP B 118 -51.97 1.05 10.13
N TYR B 119 -51.90 2.38 9.96
CA TYR B 119 -51.13 3.05 8.88
C TYR B 119 -49.62 2.98 9.17
N LEU B 120 -49.22 3.24 10.42
CA LEU B 120 -47.84 3.05 10.92
C LEU B 120 -47.40 1.59 10.71
N GLU B 121 -48.27 0.62 10.98
CA GLU B 121 -47.94 -0.84 10.89
C GLU B 121 -47.65 -1.18 9.43
N GLU B 122 -48.46 -0.66 8.50
CA GLU B 122 -48.34 -0.89 7.03
C GLU B 122 -46.96 -0.40 6.55
N LEU B 123 -46.35 0.59 7.21
CA LEU B 123 -44.97 1.06 6.91
C LEU B 123 -43.93 0.33 7.78
N GLY B 124 -44.34 -0.71 8.51
CA GLY B 124 -43.47 -1.51 9.39
C GLY B 124 -42.87 -0.68 10.53
N VAL B 125 -43.51 0.42 10.92
CA VAL B 125 -43.01 1.33 12.02
C VAL B 125 -42.97 0.56 13.34
N ARG B 126 -41.85 0.64 14.04
CA ARG B 126 -41.66 0.02 15.38
C ARG B 126 -41.15 1.08 16.36
N TYR B 127 -41.11 2.33 15.93
CA TYR B 127 -40.56 3.46 16.71
C TYR B 127 -41.32 4.69 16.26
N LEU B 128 -41.93 5.39 17.20
CA LEU B 128 -42.70 6.61 16.89
C LEU B 128 -42.25 7.78 17.76
N HIS B 129 -41.61 8.77 17.14
CA HIS B 129 -41.28 10.04 17.82
C HIS B 129 -42.43 11.03 17.64
N LEU B 130 -43.24 11.23 18.66
CA LEU B 130 -44.18 12.38 18.72
C LEU B 130 -43.41 13.60 19.25
N MET B 131 -43.43 14.67 18.47
CA MET B 131 -42.76 15.95 18.77
C MET B 131 -43.32 16.52 20.08
N PRO B 132 -42.61 17.48 20.73
CA PRO B 132 -42.95 17.85 22.10
C PRO B 132 -44.46 18.11 22.28
N PHE B 133 -45.04 17.33 23.19
CA PHE B 133 -46.50 17.24 23.50
C PHE B 133 -46.77 17.50 24.98
N LEU B 134 -45.74 17.86 25.75
CA LEU B 134 -45.91 18.36 27.13
C LEU B 134 -46.31 19.84 27.08
N LYS B 135 -46.88 20.36 28.17
CA LYS B 135 -47.50 21.70 28.17
C LYS B 135 -46.42 22.76 27.93
N PRO B 136 -46.54 23.52 26.84
CA PRO B 136 -45.62 24.58 26.61
C PRO B 136 -46.21 25.88 27.15
N ARG B 137 -45.45 26.92 26.92
CA ARG B 137 -45.88 28.30 27.18
C ARG B 137 -46.85 28.68 26.05
N PRO B 138 -47.72 29.68 26.21
CA PRO B 138 -48.59 30.09 25.12
C PRO B 138 -47.92 30.70 23.89
N ALA B 139 -48.76 30.97 22.89
CA ALA B 139 -48.38 31.65 21.63
C ALA B 139 -47.19 30.93 21.06
N PRO B 140 -46.07 31.64 20.81
CA PRO B 140 -44.86 31.03 20.28
C PRO B 140 -44.14 30.19 21.35
N HIS B 141 -43.93 28.93 21.07
CA HIS B 141 -43.28 28.01 22.04
C HIS B 141 -42.24 27.16 21.33
N ASP B 142 -41.84 27.56 20.13
CA ASP B 142 -40.82 26.85 19.33
C ASP B 142 -41.31 25.40 19.08
N GLY B 143 -42.56 25.24 18.67
CA GLY B 143 -43.18 23.93 18.39
C GLY B 143 -43.02 22.97 19.55
N GLY B 144 -43.33 23.40 20.77
CA GLY B 144 -43.33 22.60 22.01
C GLY B 144 -42.02 22.58 22.78
N TYR B 145 -40.95 23.24 22.26
CA TYR B 145 -39.58 23.22 22.85
C TYR B 145 -39.42 24.28 23.98
N ALA B 146 -40.44 25.10 24.23
CA ALA B 146 -40.50 25.99 25.41
C ALA B 146 -41.45 25.35 26.43
N VAL B 147 -40.94 24.48 27.29
CA VAL B 147 -41.82 23.65 28.17
C VAL B 147 -42.14 24.43 29.44
N MET B 148 -43.42 24.46 29.80
CA MET B 148 -43.96 25.19 30.98
C MET B 148 -44.28 24.19 32.08
N ASP B 149 -44.54 22.92 31.75
CA ASP B 149 -44.82 21.84 32.74
C ASP B 149 -44.53 20.47 32.08
N TYR B 150 -43.48 19.81 32.56
CA TYR B 150 -43.03 18.48 32.09
C TYR B 150 -44.06 17.41 32.51
N ARG B 151 -44.88 17.67 33.54
CA ARG B 151 -45.80 16.66 34.14
C ARG B 151 -47.20 16.74 33.51
N ALA B 152 -47.40 17.53 32.46
CA ALA B 152 -48.74 17.72 31.86
C ALA B 152 -48.63 17.65 30.33
N VAL B 153 -49.51 16.91 29.69
CA VAL B 153 -49.71 16.95 28.22
C VAL B 153 -50.36 18.30 27.87
N ARG B 154 -49.97 18.90 26.77
CA ARG B 154 -50.65 20.09 26.24
C ARG B 154 -52.14 19.76 26.15
N GLU B 155 -52.98 20.68 26.63
CA GLU B 155 -54.44 20.52 26.90
C GLU B 155 -55.13 19.96 25.64
N ASP B 156 -54.86 20.55 24.48
CA ASP B 156 -55.61 20.27 23.21
C ASP B 156 -55.23 18.89 22.62
N LEU B 157 -54.17 18.27 23.14
CA LEU B 157 -53.64 16.93 22.76
C LEU B 157 -54.23 15.85 23.67
N GLY B 158 -54.58 16.22 24.90
CA GLY B 158 -55.22 15.33 25.88
C GLY B 158 -54.53 15.38 27.21
N THR B 159 -54.55 14.26 27.94
CA THR B 159 -54.11 14.16 29.35
C THR B 159 -52.98 13.11 29.44
N MET B 160 -52.26 13.06 30.56
CA MET B 160 -51.39 11.92 30.92
C MET B 160 -52.14 10.59 30.81
N ALA B 161 -53.39 10.48 31.27
CA ALA B 161 -54.15 9.21 31.11
C ALA B 161 -54.15 8.78 29.63
N ASP B 162 -54.39 9.71 28.69
CA ASP B 162 -54.44 9.45 27.22
C ASP B 162 -53.08 8.99 26.72
N LEU B 163 -51.99 9.53 27.27
CA LEU B 163 -50.59 9.12 26.92
C LEU B 163 -50.43 7.66 27.33
N GLU B 164 -50.74 7.36 28.59
CA GLU B 164 -50.67 5.98 29.15
C GLU B 164 -51.46 5.03 28.24
N ALA B 165 -52.65 5.43 27.81
CA ALA B 165 -53.52 4.54 27.01
C ALA B 165 -52.90 4.38 25.62
N LEU B 166 -52.27 5.43 25.10
CA LEU B 166 -51.62 5.42 23.78
C LEU B 166 -50.42 4.44 23.84
N THR B 167 -49.56 4.57 24.86
CA THR B 167 -48.33 3.75 24.99
C THR B 167 -48.76 2.28 25.10
N ALA B 168 -49.84 1.99 25.84
CA ALA B 168 -50.36 0.61 26.02
C ALA B 168 -50.75 0.00 24.66
N LYS B 169 -51.39 0.80 23.82
CA LYS B 169 -51.82 0.42 22.46
C LYS B 169 -50.58 0.27 21.53
N LEU B 170 -49.59 1.17 21.62
CA LEU B 170 -48.33 1.06 20.83
C LEU B 170 -47.55 -0.20 21.24
N ARG B 171 -47.29 -0.42 22.53
CA ARG B 171 -46.65 -1.67 23.01
C ARG B 171 -47.39 -2.91 22.48
N ALA B 172 -48.72 -2.94 22.45
CA ALA B 172 -49.47 -4.16 22.00
C ALA B 172 -49.16 -4.39 20.52
N ARG B 173 -48.69 -3.35 19.81
CA ARG B 173 -48.33 -3.48 18.36
C ARG B 173 -46.81 -3.44 18.18
N GLY B 174 -46.02 -3.52 19.25
CA GLY B 174 -44.53 -3.52 19.19
C GLY B 174 -43.94 -2.18 18.74
N ILE B 175 -44.60 -1.08 19.07
CA ILE B 175 -44.16 0.29 18.67
C ILE B 175 -43.62 0.98 19.92
N ALA B 176 -42.38 1.44 19.84
CA ALA B 176 -41.69 2.18 20.92
C ALA B 176 -41.93 3.68 20.76
N LEU B 177 -42.49 4.33 21.78
CA LEU B 177 -42.71 5.81 21.78
C LEU B 177 -41.41 6.51 22.14
N CYS B 178 -40.98 7.45 21.29
CA CYS B 178 -39.88 8.39 21.60
C CYS B 178 -40.48 9.72 22.05
N CYS B 179 -39.95 10.29 23.13
CA CYS B 179 -40.40 11.57 23.71
C CYS B 179 -39.19 12.48 23.90
N ASP B 180 -39.31 13.74 23.49
CA ASP B 180 -38.29 14.77 23.81
C ASP B 180 -38.14 14.90 25.32
N LEU B 181 -36.89 15.04 25.75
CA LEU B 181 -36.49 15.52 27.10
C LEU B 181 -35.81 16.84 26.85
N VAL B 182 -36.53 17.94 27.07
CA VAL B 182 -35.99 19.29 26.80
C VAL B 182 -35.24 19.72 28.06
N LEU B 183 -34.04 19.19 28.25
CA LEU B 183 -33.33 19.25 29.56
C LEU B 183 -32.33 20.40 29.58
N ASN B 184 -32.20 21.17 28.50
CA ASN B 184 -31.24 22.31 28.46
C ASN B 184 -31.88 23.61 28.98
N HIS B 185 -33.18 23.78 28.78
CA HIS B 185 -33.90 25.06 29.07
C HIS B 185 -35.39 24.79 29.30
N VAL B 186 -36.04 25.68 30.05
CA VAL B 186 -37.51 25.65 30.29
C VAL B 186 -38.11 26.96 29.79
N ALA B 187 -39.43 27.00 29.54
CA ALA B 187 -40.13 28.26 29.23
C ALA B 187 -39.92 29.21 30.43
N GLN B 188 -39.79 30.51 30.18
CA GLN B 188 -39.74 31.50 31.29
C GLN B 188 -40.99 31.41 32.17
N GLU B 189 -42.11 30.86 31.67
CA GLU B 189 -43.38 30.69 32.42
C GLU B 189 -43.39 29.39 33.25
N HIS B 190 -42.33 28.57 33.19
CA HIS B 190 -42.22 27.34 34.01
C HIS B 190 -42.13 27.77 35.48
N GLU B 191 -42.75 27.01 36.38
CA GLU B 191 -42.69 27.24 37.85
C GLU B 191 -41.25 27.58 38.26
N TRP B 192 -40.25 26.82 37.81
CA TRP B 192 -38.84 27.03 38.27
C TRP B 192 -38.42 28.46 37.92
N ALA B 193 -38.77 28.91 36.71
CA ALA B 193 -38.48 30.25 36.20
C ALA B 193 -39.30 31.28 36.99
N LEU B 194 -40.62 31.07 37.11
CA LEU B 194 -41.53 31.97 37.87
C LEU B 194 -40.96 32.20 39.27
N ARG B 195 -40.52 31.13 39.95
CA ARG B 195 -39.95 31.21 41.33
C ARG B 195 -38.62 31.97 41.32
N ALA B 196 -37.81 31.82 40.28
CA ALA B 196 -36.54 32.54 40.10
C ALA B 196 -36.80 34.04 39.91
N ARG B 197 -37.85 34.39 39.15
CA ARG B 197 -38.21 35.80 38.86
C ARG B 197 -38.58 36.53 40.17
N ARG B 198 -39.32 35.86 41.07
CA ARG B 198 -39.78 36.39 42.38
C ARG B 198 -38.64 36.44 43.39
N GLY B 199 -37.41 36.06 43.01
CA GLY B 199 -36.24 36.19 43.91
C GLY B 199 -36.08 35.03 44.87
N GLU B 200 -36.71 33.89 44.60
CA GLU B 200 -36.47 32.63 45.38
C GLU B 200 -35.09 32.06 45.02
N ALA B 201 -34.18 31.96 46.00
CA ALA B 201 -32.73 31.68 45.79
C ALA B 201 -32.55 30.28 45.21
N LYS B 202 -33.23 29.27 45.78
CA LYS B 202 -33.10 27.85 45.34
C LYS B 202 -33.26 27.82 43.81
N TYR B 203 -34.21 28.57 43.26
CA TYR B 203 -34.67 28.49 41.85
C TYR B 203 -33.92 29.50 40.96
N GLN B 204 -33.39 30.58 41.52
CA GLN B 204 -32.35 31.40 40.83
C GLN B 204 -31.19 30.48 40.41
N ARG B 205 -30.81 29.55 41.28
CA ARG B 205 -29.64 28.66 41.03
C ARG B 205 -29.99 27.58 39.98
N TYR B 206 -31.23 27.50 39.47
CA TYR B 206 -31.61 26.57 38.38
C TYR B 206 -31.27 27.18 37.03
N PHE B 207 -30.82 28.45 37.04
CA PHE B 207 -30.62 29.26 35.82
C PHE B 207 -29.25 29.91 35.89
N HIS B 208 -28.87 30.59 34.81
CA HIS B 208 -27.62 31.36 34.72
C HIS B 208 -28.04 32.83 34.72
N MET B 209 -28.14 33.41 35.92
CA MET B 209 -28.60 34.80 36.15
C MET B 209 -27.39 35.64 36.56
N PHE B 210 -27.28 36.82 35.95
CA PHE B 210 -26.16 37.79 36.03
C PHE B 210 -26.74 39.15 36.45
N PRO B 211 -26.14 39.84 37.47
CA PRO B 211 -26.65 41.13 37.95
C PRO B 211 -26.44 42.30 36.97
N ASP B 212 -25.47 42.15 36.05
CA ASP B 212 -25.08 43.18 35.07
C ASP B 212 -24.45 42.46 33.86
N ARG B 213 -23.89 43.21 32.92
CA ARG B 213 -23.35 42.69 31.63
C ARG B 213 -21.90 42.20 31.74
N THR B 214 -21.21 42.32 32.87
CA THR B 214 -19.74 42.12 32.89
C THR B 214 -19.44 40.66 32.44
N LEU B 215 -20.10 39.68 33.06
CA LEU B 215 -19.88 38.23 32.75
C LEU B 215 -20.51 37.91 31.39
N PRO B 216 -21.77 38.28 31.10
CA PRO B 216 -22.33 37.97 29.78
C PRO B 216 -21.51 38.49 28.59
N ASP B 217 -21.04 39.73 28.65
CA ASP B 217 -20.17 40.34 27.60
C ASP B 217 -18.93 39.48 27.40
N GLU B 218 -18.31 38.92 28.45
CA GLU B 218 -17.12 38.03 28.30
C GLU B 218 -17.56 36.72 27.64
N TYR B 219 -18.60 36.06 28.18
CA TYR B 219 -19.17 34.83 27.58
C TYR B 219 -19.38 35.07 26.09
N GLU B 220 -20.05 36.16 25.70
CA GLU B 220 -20.45 36.38 24.28
C GLU B 220 -19.24 36.33 23.35
N LYS B 221 -18.02 36.65 23.79
CA LYS B 221 -16.86 36.82 22.87
C LYS B 221 -16.56 35.51 22.13
N THR B 222 -16.89 34.35 22.71
CA THR B 222 -16.61 33.02 22.10
C THR B 222 -17.91 32.26 21.84
N LEU B 223 -19.07 32.90 21.93
CA LEU B 223 -20.37 32.21 21.73
C LEU B 223 -20.87 32.43 20.32
N PRO B 224 -21.33 31.38 19.61
CA PRO B 224 -22.03 31.57 18.35
C PRO B 224 -23.48 31.97 18.65
N GLU B 225 -24.25 32.19 17.58
CA GLU B 225 -25.67 32.57 17.61
C GLU B 225 -26.46 31.45 16.93
N VAL B 226 -27.35 30.80 17.68
CA VAL B 226 -28.19 29.72 17.12
C VAL B 226 -29.34 30.31 16.32
N PHE B 227 -29.99 31.36 16.83
CA PHE B 227 -31.18 31.99 16.22
C PHE B 227 -30.99 33.51 16.13
N PRO B 228 -29.99 34.00 15.34
CA PRO B 228 -29.67 35.43 15.28
C PRO B 228 -30.83 36.30 14.76
N ASP B 229 -31.75 35.76 13.98
CA ASP B 229 -32.97 36.50 13.55
C ASP B 229 -34.02 36.58 14.65
N PHE B 230 -34.00 35.73 15.68
CA PHE B 230 -35.10 35.72 16.68
C PHE B 230 -34.65 36.47 17.95
N ALA B 231 -33.43 36.20 18.39
CA ALA B 231 -32.86 36.62 19.70
C ALA B 231 -31.35 36.67 19.57
N PRO B 232 -30.82 37.84 19.13
CA PRO B 232 -29.38 38.02 19.00
C PRO B 232 -28.66 37.56 20.27
N GLY B 233 -27.45 37.03 20.08
CA GLY B 233 -26.62 36.51 21.19
C GLY B 233 -27.32 35.46 22.02
N ASN B 234 -26.97 35.43 23.30
CA ASN B 234 -27.19 34.27 24.20
C ASN B 234 -27.71 34.77 25.55
N PHE B 235 -28.07 36.05 25.67
CA PHE B 235 -28.64 36.59 26.93
C PHE B 235 -29.86 37.48 26.65
N THR B 236 -30.71 37.55 27.66
CA THR B 236 -31.97 38.32 27.66
C THR B 236 -32.07 39.04 29.00
N PHE B 237 -32.44 40.32 28.98
CA PHE B 237 -32.70 41.08 30.24
C PHE B 237 -34.12 40.74 30.72
N ASP B 238 -34.22 40.28 31.98
CA ASP B 238 -35.53 39.93 32.59
C ASP B 238 -36.02 41.06 33.51
N GLU B 239 -37.08 41.76 33.10
CA GLU B 239 -37.66 42.92 33.84
C GLU B 239 -37.87 42.57 35.32
N GLU B 240 -38.59 41.48 35.59
CA GLU B 240 -39.10 41.13 36.94
C GLU B 240 -37.94 40.84 37.91
N SER B 241 -36.93 40.07 37.51
CA SER B 241 -35.74 39.74 38.34
C SER B 241 -34.71 40.89 38.31
N GLY B 242 -34.77 41.75 37.29
CA GLY B 242 -33.78 42.82 37.07
C GLY B 242 -32.41 42.24 36.80
N GLN B 243 -32.37 41.01 36.26
CA GLN B 243 -31.13 40.21 36.04
C GLN B 243 -30.99 39.81 34.56
N TRP B 244 -29.76 39.60 34.11
CA TRP B 244 -29.50 39.12 32.73
C TRP B 244 -29.51 37.58 32.76
N VAL B 245 -30.25 36.94 31.86
CA VAL B 245 -30.45 35.47 31.91
C VAL B 245 -29.95 34.84 30.60
N TRP B 246 -29.26 33.71 30.71
CA TRP B 246 -28.72 32.94 29.56
C TRP B 246 -29.91 32.35 28.82
N THR B 247 -30.02 32.67 27.54
CA THR B 247 -31.12 32.25 26.61
C THR B 247 -30.44 31.96 25.27
N THR B 248 -29.93 30.74 25.12
CA THR B 248 -29.28 30.31 23.87
C THR B 248 -30.26 30.39 22.68
N PHE B 249 -31.49 29.94 22.90
N PHE B 249 -31.50 29.94 22.90
CA PHE B 249 -32.51 29.75 21.84
CA PHE B 249 -32.52 29.75 21.84
C PHE B 249 -33.38 31.01 21.82
C PHE B 249 -33.38 31.01 21.80
N ASN B 250 -34.70 30.87 21.82
CA ASN B 250 -35.62 32.03 21.93
C ASN B 250 -35.42 32.62 23.33
N ARG B 251 -35.85 33.86 23.54
CA ARG B 251 -35.53 34.62 24.77
C ARG B 251 -36.46 34.16 25.89
N TRP B 252 -37.46 33.36 25.57
CA TRP B 252 -38.37 32.76 26.58
C TRP B 252 -38.01 31.29 26.79
N GLN B 253 -36.86 30.83 26.26
CA GLN B 253 -36.21 29.53 26.61
C GLN B 253 -35.00 29.86 27.47
N TRP B 254 -35.03 29.44 28.74
CA TRP B 254 -34.04 29.81 29.77
C TRP B 254 -33.17 28.60 30.08
N ASP B 255 -31.88 28.72 29.80
CA ASP B 255 -30.90 27.64 29.95
C ASP B 255 -30.84 27.23 31.43
N LEU B 256 -30.87 25.93 31.72
CA LEU B 256 -30.80 25.44 33.11
C LEU B 256 -29.33 25.37 33.55
N ASN B 257 -29.09 25.49 34.86
CA ASN B 257 -27.71 25.47 35.40
C ASN B 257 -27.36 24.03 35.82
N TRP B 258 -26.71 23.30 34.92
CA TRP B 258 -26.38 21.87 35.11
C TRP B 258 -25.23 21.66 36.10
N ALA B 259 -24.62 22.74 36.62
CA ALA B 259 -23.64 22.71 37.74
C ALA B 259 -24.37 22.40 39.07
N ASN B 260 -25.66 22.67 39.11
CA ASN B 260 -26.54 22.56 40.29
C ASN B 260 -27.03 21.11 40.37
N PRO B 261 -26.64 20.32 41.40
CA PRO B 261 -27.08 18.92 41.53
C PRO B 261 -28.60 18.82 41.63
N GLU B 262 -29.24 19.87 42.11
CA GLU B 262 -30.71 19.93 42.24
C GLU B 262 -31.34 19.73 40.85
N VAL B 263 -30.71 20.24 39.79
CA VAL B 263 -31.24 20.10 38.39
C VAL B 263 -31.07 18.62 37.94
N PHE B 264 -29.91 18.03 38.19
CA PHE B 264 -29.71 16.59 37.87
C PHE B 264 -30.87 15.79 38.48
N LEU B 265 -31.14 15.99 39.77
CA LEU B 265 -32.21 15.26 40.50
C LEU B 265 -33.57 15.50 39.85
N GLU B 266 -33.89 16.73 39.44
CA GLU B 266 -35.19 17.00 38.77
C GLU B 266 -35.36 16.09 37.53
N PHE B 267 -34.30 15.94 36.74
CA PHE B 267 -34.38 15.21 35.44
C PHE B 267 -34.28 13.70 35.68
N ALA B 268 -33.48 13.26 36.65
CA ALA B 268 -33.46 11.82 37.00
C ALA B 268 -34.89 11.41 37.37
N ASP B 269 -35.54 12.20 38.23
CA ASP B 269 -36.94 11.95 38.63
C ASP B 269 -37.83 12.04 37.39
N LEU B 270 -37.65 13.08 36.56
CA LEU B 270 -38.55 13.29 35.40
C LEU B 270 -38.40 12.12 34.40
N ILE B 271 -37.17 11.68 34.11
CA ILE B 271 -36.95 10.58 33.14
C ILE B 271 -37.75 9.34 33.58
N LEU B 272 -37.63 8.92 34.85
CA LEU B 272 -38.22 7.65 35.36
C LEU B 272 -39.74 7.76 35.41
N TRP B 273 -40.26 8.93 35.75
CA TRP B 273 -41.71 9.21 35.77
C TRP B 273 -42.30 9.13 34.35
N LEU B 274 -41.68 9.72 33.34
CA LEU B 274 -42.13 9.56 31.93
C LEU B 274 -41.91 8.12 31.46
N ALA B 275 -40.81 7.48 31.86
CA ALA B 275 -40.60 6.04 31.51
C ALA B 275 -41.83 5.25 31.95
N ASN B 276 -42.38 5.59 33.12
CA ASN B 276 -43.49 4.83 33.77
C ASN B 276 -44.83 5.12 33.08
N ARG B 277 -44.97 6.27 32.39
CA ARG B 277 -46.16 6.53 31.54
C ARG B 277 -46.01 5.76 30.21
N GLY B 278 -44.86 5.14 29.91
CA GLY B 278 -44.62 4.35 28.69
C GLY B 278 -43.67 4.97 27.66
N VAL B 279 -42.93 6.04 28.01
CA VAL B 279 -41.87 6.59 27.13
C VAL B 279 -40.71 5.57 27.11
N GLU B 280 -40.33 5.07 25.94
CA GLU B 280 -39.28 4.06 25.78
C GLU B 280 -38.00 4.73 25.27
N VAL B 281 -38.10 5.84 24.55
CA VAL B 281 -36.91 6.57 24.03
C VAL B 281 -37.02 8.05 24.40
N PHE B 282 -35.97 8.58 25.00
CA PHE B 282 -35.79 10.00 25.33
C PHE B 282 -34.82 10.64 24.34
N ARG B 283 -35.28 11.61 23.57
CA ARG B 283 -34.41 12.46 22.73
C ARG B 283 -33.85 13.57 23.65
N LEU B 284 -32.55 13.54 23.90
CA LEU B 284 -31.84 14.60 24.67
C LEU B 284 -31.69 15.83 23.78
N ASP B 285 -32.68 16.71 23.86
CA ASP B 285 -32.74 17.96 23.06
C ASP B 285 -31.57 18.85 23.48
N ALA B 286 -30.89 19.46 22.52
CA ALA B 286 -29.82 20.45 22.81
C ALA B 286 -28.80 19.90 23.82
N ILE B 287 -28.51 18.59 23.78
CA ILE B 287 -27.61 17.93 24.78
C ILE B 287 -26.21 18.59 24.79
N ALA B 288 -25.76 19.13 23.66
CA ALA B 288 -24.39 19.68 23.51
C ALA B 288 -24.24 20.95 24.34
N PHE B 289 -25.36 21.63 24.64
CA PHE B 289 -25.36 23.00 25.20
C PHE B 289 -25.37 22.98 26.74
N ILE B 290 -25.50 21.82 27.39
CA ILE B 290 -25.97 21.81 28.81
C ILE B 290 -24.86 22.30 29.75
N TRP B 291 -23.60 22.37 29.32
CA TRP B 291 -22.51 22.85 30.22
C TRP B 291 -21.90 24.15 29.71
N LYS B 292 -21.84 25.18 30.57
CA LYS B 292 -21.29 26.51 30.21
C LYS B 292 -19.86 26.60 30.74
N ARG B 293 -18.95 27.07 29.88
CA ARG B 293 -17.55 27.36 30.28
C ARG B 293 -17.13 28.64 29.53
N LEU B 294 -16.70 29.61 30.31
CA LEU B 294 -16.16 30.90 29.81
C LEU B 294 -14.95 30.60 28.93
N GLY B 295 -14.84 31.30 27.80
CA GLY B 295 -13.77 31.14 26.79
C GLY B 295 -14.05 30.04 25.78
N THR B 296 -15.14 29.28 25.89
CA THR B 296 -15.57 28.20 24.93
C THR B 296 -16.89 28.59 24.25
N ASN B 297 -17.27 27.83 23.24
CA ASN B 297 -18.56 27.98 22.53
C ASN B 297 -19.69 27.42 23.41
N CYS B 298 -19.36 26.90 24.60
CA CYS B 298 -20.35 26.35 25.58
C CYS B 298 -21.14 25.20 24.90
N GLN B 299 -20.44 24.40 24.10
CA GLN B 299 -20.92 23.20 23.35
C GLN B 299 -19.89 22.08 23.52
N ASN B 300 -20.33 20.83 23.62
CA ASN B 300 -19.44 19.63 23.54
C ASN B 300 -18.44 19.62 24.70
N GLN B 301 -18.74 20.37 25.76
CA GLN B 301 -17.90 20.39 26.98
C GLN B 301 -17.83 18.98 27.57
N PRO B 302 -16.68 18.54 28.13
CA PRO B 302 -16.57 17.20 28.73
C PRO B 302 -17.73 16.88 29.69
N GLU B 303 -18.25 17.88 30.43
CA GLU B 303 -19.23 17.65 31.53
C GLU B 303 -20.56 17.17 30.94
N VAL B 304 -20.82 17.52 29.69
CA VAL B 304 -22.03 17.07 28.97
C VAL B 304 -22.07 15.53 29.06
N HIS B 305 -20.96 14.87 28.80
CA HIS B 305 -20.87 13.40 28.73
C HIS B 305 -20.92 12.83 30.14
N ALA B 306 -20.26 13.46 31.11
CA ALA B 306 -20.34 13.03 32.52
C ALA B 306 -21.82 13.03 32.97
N ILE B 307 -22.56 14.13 32.72
CA ILE B 307 -23.99 14.25 33.12
C ILE B 307 -24.81 13.18 32.37
N THR B 308 -24.66 13.08 31.04
CA THR B 308 -25.40 12.10 30.22
C THR B 308 -25.16 10.70 30.78
N GLN B 309 -23.94 10.40 31.22
CA GLN B 309 -23.58 9.06 31.76
C GLN B 309 -24.38 8.80 33.03
N ALA B 310 -24.56 9.81 33.88
CA ALA B 310 -25.27 9.65 35.16
C ALA B 310 -26.75 9.45 34.86
N LEU B 311 -27.30 10.23 33.93
CA LEU B 311 -28.73 10.09 33.57
C LEU B 311 -28.95 8.72 32.91
N ARG B 312 -28.02 8.28 32.07
CA ARG B 312 -28.17 6.98 31.39
C ARG B 312 -28.17 5.85 32.41
N ALA B 313 -27.29 5.93 33.41
CA ALA B 313 -27.22 4.91 34.46
C ALA B 313 -28.54 4.88 35.25
N VAL B 314 -29.12 6.03 35.54
CA VAL B 314 -30.43 6.11 36.26
C VAL B 314 -31.43 5.27 35.47
N ALA B 315 -31.47 5.45 34.15
CA ALA B 315 -32.45 4.78 33.28
C ALA B 315 -32.12 3.29 33.19
N ARG B 316 -30.83 2.95 33.21
CA ARG B 316 -30.36 1.53 33.15
C ARG B 316 -30.88 0.78 34.37
N ILE B 317 -30.85 1.43 35.54
CA ILE B 317 -31.16 0.77 36.83
C ILE B 317 -32.66 0.52 36.94
N VAL B 318 -33.50 1.49 36.61
CA VAL B 318 -34.95 1.41 36.90
C VAL B 318 -35.76 1.00 35.67
N ALA B 319 -35.36 1.43 34.48
CA ALA B 319 -36.14 1.19 33.24
C ALA B 319 -35.22 0.64 32.14
N PRO B 320 -34.67 -0.59 32.30
CA PRO B 320 -33.81 -1.18 31.26
C PRO B 320 -34.30 -1.03 29.82
N ALA B 321 -35.60 -0.99 29.63
CA ALA B 321 -36.25 -0.93 28.30
C ALA B 321 -35.97 0.40 27.60
N VAL B 322 -35.54 1.44 28.29
CA VAL B 322 -35.51 2.78 27.61
C VAL B 322 -34.16 3.00 26.93
N LEU B 323 -34.18 3.73 25.81
CA LEU B 323 -33.01 4.28 25.09
C LEU B 323 -32.90 5.79 25.27
N PHE B 324 -31.67 6.29 25.13
CA PHE B 324 -31.38 7.72 24.92
C PHE B 324 -30.97 7.91 23.46
N LYS B 325 -31.42 9.01 22.87
CA LYS B 325 -31.05 9.48 21.52
C LYS B 325 -30.55 10.91 21.66
N ALA B 326 -29.27 11.17 21.36
CA ALA B 326 -28.61 12.48 21.50
C ALA B 326 -29.00 13.34 20.30
N GLU B 327 -29.55 14.53 20.52
CA GLU B 327 -29.60 15.57 19.47
C GLU B 327 -28.31 16.37 19.58
N ALA B 328 -27.35 16.04 18.72
CA ALA B 328 -26.04 16.68 18.67
C ALA B 328 -25.78 17.04 17.23
N ILE B 329 -26.28 18.20 16.79
CA ILE B 329 -26.12 18.68 15.40
C ILE B 329 -24.79 19.44 15.35
N VAL B 330 -23.70 18.68 15.34
CA VAL B 330 -22.33 19.23 15.55
C VAL B 330 -21.45 18.85 14.35
N ALA B 331 -20.23 19.39 14.36
CA ALA B 331 -19.20 19.18 13.33
C ALA B 331 -18.88 17.67 13.27
N PRO B 332 -18.56 17.16 12.05
CA PRO B 332 -18.26 15.75 11.86
C PRO B 332 -17.25 15.21 12.88
N ASP B 333 -16.30 16.05 13.32
CA ASP B 333 -15.23 15.67 14.30
C ASP B 333 -15.78 15.59 15.74
N ASP B 334 -16.97 16.14 16.02
CA ASP B 334 -17.54 16.25 17.39
C ASP B 334 -18.63 15.19 17.63
N LEU B 335 -19.24 14.64 16.60
CA LEU B 335 -20.48 13.82 16.72
C LEU B 335 -20.23 12.54 17.54
N ILE B 336 -19.11 11.86 17.29
CA ILE B 336 -18.83 10.47 17.74
C ILE B 336 -18.86 10.39 19.27
N HIS B 337 -18.42 11.47 19.93
CA HIS B 337 -18.33 11.63 21.39
C HIS B 337 -19.71 11.42 22.05
N TYR B 338 -20.81 11.69 21.35
CA TYR B 338 -22.19 11.57 21.88
C TYR B 338 -22.62 10.10 21.94
N LEU B 339 -21.86 9.17 21.34
CA LEU B 339 -22.06 7.70 21.50
C LEU B 339 -21.05 7.13 22.51
N GLY B 340 -20.19 7.97 23.08
CA GLY B 340 -19.30 7.62 24.20
C GLY B 340 -17.94 7.17 23.71
N GLN B 341 -16.89 7.89 24.13
CA GLN B 341 -15.47 7.63 23.77
C GLN B 341 -14.65 7.70 25.06
N GLY B 342 -13.40 7.24 25.01
CA GLY B 342 -12.50 7.16 26.17
C GLY B 342 -13.20 6.53 27.37
N PRO B 343 -13.21 7.21 28.54
CA PRO B 343 -13.87 6.66 29.74
C PRO B 343 -15.39 6.52 29.63
N HIS B 344 -16.00 7.11 28.59
CA HIS B 344 -17.47 7.10 28.39
C HIS B 344 -17.86 6.04 27.36
N PHE B 345 -16.90 5.25 26.86
CA PHE B 345 -17.09 4.38 25.66
C PHE B 345 -18.35 3.52 25.85
N GLY B 346 -19.37 3.79 25.05
CA GLY B 346 -20.67 3.08 25.04
C GLY B 346 -21.51 3.24 26.31
N LEU B 347 -21.26 4.26 27.14
CA LEU B 347 -21.98 4.45 28.45
C LEU B 347 -22.95 5.62 28.37
N LEU B 348 -23.20 6.13 27.16
CA LEU B 348 -23.90 7.40 26.89
C LEU B 348 -25.21 7.11 26.16
N SER B 349 -25.65 7.97 25.25
CA SER B 349 -26.86 7.71 24.44
C SER B 349 -26.67 6.42 23.62
N ASP B 350 -27.74 5.67 23.40
CA ASP B 350 -27.71 4.46 22.55
C ASP B 350 -27.59 4.86 21.08
N THR B 351 -28.18 6.00 20.73
CA THR B 351 -28.31 6.51 19.35
C THR B 351 -28.02 8.02 19.31
N ALA B 352 -27.83 8.51 18.10
CA ALA B 352 -27.57 9.94 17.81
C ALA B 352 -27.90 10.18 16.34
N TYR B 353 -28.42 11.36 16.02
CA TYR B 353 -28.72 11.76 14.64
C TYR B 353 -27.39 11.69 13.88
N HIS B 354 -27.33 10.99 12.75
CA HIS B 354 -26.19 11.11 11.79
C HIS B 354 -26.43 12.33 10.91
N ASN B 355 -26.13 13.55 11.42
CA ASN B 355 -26.33 14.80 10.65
C ASN B 355 -25.35 14.84 9.47
N SER B 356 -24.14 14.29 9.63
CA SER B 356 -23.13 14.27 8.55
C SER B 356 -23.69 13.48 7.37
N LEU B 357 -24.28 12.32 7.61
CA LEU B 357 -24.84 11.44 6.55
C LEU B 357 -25.96 12.21 5.83
N MET B 358 -26.87 12.80 6.61
CA MET B 358 -28.02 13.55 6.01
C MET B 358 -27.43 14.68 5.12
N VAL B 359 -26.42 15.41 5.59
CA VAL B 359 -25.83 16.55 4.83
C VAL B 359 -25.23 16.02 3.52
N GLN B 360 -24.52 14.90 3.60
CA GLN B 360 -23.72 14.38 2.45
C GLN B 360 -24.66 13.83 1.37
N ILE B 361 -25.81 13.28 1.73
CA ILE B 361 -26.85 12.85 0.76
C ILE B 361 -27.28 14.08 -0.05
N TRP B 362 -27.70 15.15 0.62
CA TRP B 362 -28.21 16.35 -0.08
C TRP B 362 -27.10 17.00 -0.92
N SER B 363 -25.89 17.11 -0.35
CA SER B 363 -24.70 17.64 -1.06
C SER B 363 -24.46 16.83 -2.34
N SER B 364 -24.42 15.51 -2.21
CA SER B 364 -24.16 14.60 -3.36
C SER B 364 -25.30 14.70 -4.40
N LEU B 365 -26.54 14.84 -3.94
CA LEU B 365 -27.71 15.04 -4.86
C LEU B 365 -27.52 16.34 -5.66
N ALA B 366 -27.04 17.41 -5.02
CA ALA B 366 -26.87 18.73 -5.68
C ALA B 366 -25.67 18.67 -6.63
N SER B 367 -24.54 18.07 -6.25
CA SER B 367 -23.28 18.07 -7.05
C SER B 367 -23.21 16.90 -8.05
N ARG B 368 -23.97 15.81 -7.85
CA ARG B 368 -23.98 14.57 -8.68
C ARG B 368 -22.66 13.83 -8.45
N ASP B 369 -21.91 14.24 -7.45
CA ASP B 369 -20.56 13.70 -7.12
C ASP B 369 -20.59 13.27 -5.64
N VAL B 370 -20.04 12.10 -5.37
CA VAL B 370 -20.06 11.43 -4.05
C VAL B 370 -18.68 11.38 -3.40
N ARG B 371 -17.69 12.05 -3.96
CA ARG B 371 -16.31 12.00 -3.40
C ARG B 371 -16.26 12.58 -1.99
N LEU B 372 -16.85 13.74 -1.78
CA LEU B 372 -16.85 14.35 -0.44
C LEU B 372 -17.61 13.44 0.54
N MET B 373 -18.77 12.93 0.13
CA MET B 373 -19.58 12.01 0.97
C MET B 373 -18.74 10.78 1.32
N SER B 374 -18.11 10.18 0.32
CA SER B 374 -17.26 8.98 0.52
C SER B 374 -16.09 9.31 1.47
N GLU B 375 -15.39 10.41 1.27
CA GLU B 375 -14.25 10.74 2.14
C GLU B 375 -14.75 11.03 3.57
N ALA B 376 -15.78 11.85 3.73
CA ALA B 376 -16.21 12.30 5.09
C ALA B 376 -16.67 11.08 5.87
N LEU B 377 -17.40 10.17 5.22
CA LEU B 377 -17.92 8.97 5.91
C LEU B 377 -16.80 7.96 6.20
N ARG B 378 -15.80 7.87 5.33
CA ARG B 378 -14.65 6.97 5.53
C ARG B 378 -13.84 7.45 6.72
N ARG B 379 -13.70 8.76 6.87
CA ARG B 379 -12.91 9.32 7.99
C ARG B 379 -13.69 9.21 9.31
N PHE B 380 -15.00 9.01 9.24
CA PHE B 380 -15.78 8.91 10.49
C PHE B 380 -15.24 7.77 11.35
N PRO B 381 -15.02 8.05 12.64
CA PRO B 381 -14.53 7.06 13.57
C PRO B 381 -15.61 6.02 13.85
N LEU B 382 -15.19 4.82 14.18
CA LEU B 382 -16.12 3.71 14.47
C LEU B 382 -16.85 4.01 15.78
N LYS B 383 -18.10 3.59 15.86
CA LYS B 383 -18.94 3.84 17.07
C LYS B 383 -18.83 2.58 17.93
N PRO B 384 -19.16 2.66 19.24
CA PRO B 384 -19.35 1.43 20.03
C PRO B 384 -20.40 0.51 19.42
N THR B 385 -20.15 -0.81 19.39
CA THR B 385 -21.03 -1.80 18.70
C THR B 385 -22.36 -1.96 19.44
N ASN B 386 -22.50 -1.45 20.68
CA ASN B 386 -23.81 -1.48 21.40
C ASN B 386 -24.66 -0.24 21.04
N THR B 387 -24.16 0.66 20.20
CA THR B 387 -24.90 1.90 19.79
C THR B 387 -25.37 1.83 18.33
N ALA B 388 -26.23 2.77 17.93
CA ALA B 388 -26.76 2.89 16.56
C ALA B 388 -26.82 4.36 16.21
N TRP B 389 -26.51 4.68 14.96
CA TRP B 389 -26.90 5.95 14.32
C TRP B 389 -28.43 5.95 14.16
N CYS B 390 -29.03 7.14 14.26
CA CYS B 390 -30.35 7.42 13.65
C CYS B 390 -30.08 8.08 12.31
N THR B 391 -30.53 7.44 11.26
CA THR B 391 -30.39 7.94 9.87
C THR B 391 -31.68 8.69 9.52
N TYR B 392 -31.53 9.71 8.69
CA TYR B 392 -32.65 10.56 8.22
C TYR B 392 -32.26 11.39 7.00
N LEU B 393 -33.26 11.71 6.18
CA LEU B 393 -33.12 12.62 5.04
C LEU B 393 -33.63 14.01 5.43
N ARG B 394 -34.72 14.06 6.18
CA ARG B 394 -35.31 15.33 6.68
C ARG B 394 -35.87 15.08 8.08
N CYS B 395 -36.17 16.19 8.73
CA CYS B 395 -36.74 16.26 10.09
C CYS B 395 -37.38 17.63 10.26
N HIS B 396 -37.74 17.94 11.48
CA HIS B 396 -38.53 19.12 11.84
C HIS B 396 -37.66 20.37 11.70
N ASP B 397 -36.33 20.23 11.67
CA ASP B 397 -35.44 21.41 11.66
C ASP B 397 -34.95 21.70 10.24
N ASP B 398 -34.40 22.90 10.10
CA ASP B 398 -33.58 23.35 8.96
C ASP B 398 -32.34 22.45 8.84
N ILE B 399 -31.73 22.41 7.67
CA ILE B 399 -30.46 21.69 7.38
C ILE B 399 -29.31 22.64 7.68
N GLY B 400 -28.41 22.24 8.57
CA GLY B 400 -27.11 22.94 8.74
C GLY B 400 -26.03 22.21 7.96
N TRP B 401 -25.25 22.94 7.16
CA TRP B 401 -24.23 22.34 6.24
C TRP B 401 -22.94 22.02 7.02
N ALA B 402 -22.98 20.97 7.83
CA ALA B 402 -21.83 20.47 8.62
C ALA B 402 -20.84 19.76 7.68
N ILE B 403 -20.03 20.54 6.98
CA ILE B 403 -18.93 20.10 6.08
C ILE B 403 -17.62 20.54 6.70
N ALA B 404 -16.73 19.60 6.99
CA ALA B 404 -15.38 19.85 7.55
C ALA B 404 -14.45 20.25 6.41
N ASP B 405 -13.76 21.38 6.57
CA ASP B 405 -12.77 21.91 5.61
C ASP B 405 -11.78 20.80 5.23
N GLU B 406 -11.33 20.00 6.19
CA GLU B 406 -10.30 18.94 5.98
C GLU B 406 -10.81 17.91 4.95
N ASP B 407 -12.09 17.51 5.02
CA ASP B 407 -12.67 16.49 4.10
C ASP B 407 -12.85 17.08 2.70
N ALA B 408 -13.31 18.32 2.59
CA ALA B 408 -13.46 19.02 1.29
C ALA B 408 -12.09 19.11 0.61
N ALA B 409 -11.07 19.53 1.36
CA ALA B 409 -9.71 19.80 0.86
C ALA B 409 -9.11 18.48 0.35
N ARG B 410 -9.43 17.40 1.05
CA ARG B 410 -8.87 16.06 0.74
C ARG B 410 -9.31 15.68 -0.68
N VAL B 411 -10.49 16.15 -1.13
CA VAL B 411 -11.05 15.83 -2.47
C VAL B 411 -11.09 17.11 -3.34
N GLY B 412 -10.18 18.05 -3.16
CA GLY B 412 -10.10 19.21 -4.07
C GLY B 412 -11.38 20.05 -4.09
N LEU B 413 -11.96 20.36 -2.93
CA LEU B 413 -13.07 21.34 -2.78
C LEU B 413 -12.63 22.32 -1.70
N SER B 414 -12.99 23.60 -1.85
CA SER B 414 -13.00 24.59 -0.75
C SER B 414 -14.21 24.30 0.16
N GLY B 415 -13.99 24.05 1.45
CA GLY B 415 -15.08 23.98 2.43
C GLY B 415 -16.03 25.16 2.33
N GLU B 416 -15.49 26.38 2.35
CA GLU B 416 -16.29 27.63 2.39
C GLU B 416 -17.07 27.77 1.08
N ALA B 417 -16.44 27.52 -0.08
CA ALA B 417 -17.11 27.65 -1.39
C ALA B 417 -18.27 26.64 -1.43
N HIS B 418 -18.09 25.45 -0.89
CA HIS B 418 -19.06 24.35 -1.08
C HIS B 418 -20.26 24.55 -0.15
N ARG B 419 -20.01 24.94 1.10
CA ARG B 419 -21.05 25.29 2.09
C ARG B 419 -21.93 26.40 1.50
N ARG B 420 -21.31 27.43 0.94
CA ARG B 420 -22.01 28.58 0.28
C ARG B 420 -22.85 28.03 -0.88
N PHE B 421 -22.28 27.18 -1.75
CA PHE B 421 -22.96 26.58 -2.91
C PHE B 421 -24.16 25.77 -2.42
N LEU B 422 -24.09 25.09 -1.28
CA LEU B 422 -25.22 24.20 -0.90
C LEU B 422 -26.47 25.04 -0.56
N SER B 423 -26.31 26.18 0.11
CA SER B 423 -27.43 27.13 0.38
C SER B 423 -27.83 27.85 -0.93
N ASP B 424 -26.88 28.24 -1.79
CA ASP B 424 -27.24 28.81 -3.12
C ASP B 424 -28.10 27.80 -3.85
N TYR B 425 -27.75 26.51 -3.79
CA TYR B 425 -28.40 25.47 -4.60
C TYR B 425 -29.80 25.20 -4.03
N TYR B 426 -29.89 24.93 -2.73
CA TYR B 426 -31.14 24.41 -2.10
C TYR B 426 -32.13 25.57 -1.90
N SER B 427 -31.68 26.83 -1.93
CA SER B 427 -32.59 28.01 -1.93
C SER B 427 -33.15 28.26 -3.33
N GLY B 428 -32.68 27.53 -4.35
CA GLY B 428 -33.19 27.64 -5.73
C GLY B 428 -32.53 28.74 -6.55
N ARG B 429 -31.44 29.36 -6.05
CA ARG B 429 -30.73 30.53 -6.67
C ARG B 429 -29.73 30.04 -7.72
N PHE B 430 -29.05 28.92 -7.46
CA PHE B 430 -28.01 28.36 -8.38
C PHE B 430 -28.65 28.06 -9.72
N PRO B 431 -27.99 28.39 -10.86
CA PRO B 431 -28.55 28.11 -12.19
C PRO B 431 -29.00 26.64 -12.39
N ALA B 432 -30.28 26.45 -12.68
CA ALA B 432 -30.91 25.18 -13.07
C ALA B 432 -31.09 24.26 -11.85
N SER B 433 -30.92 24.78 -10.62
CA SER B 433 -31.28 24.07 -9.37
C SER B 433 -32.70 23.53 -9.48
N PHE B 434 -32.93 22.32 -8.99
CA PHE B 434 -34.28 21.70 -8.95
C PHE B 434 -34.97 22.05 -7.62
N SER B 435 -34.26 22.71 -6.70
CA SER B 435 -34.69 22.88 -5.28
C SER B 435 -35.58 24.11 -5.11
N ARG B 436 -36.64 23.97 -4.32
CA ARG B 436 -37.43 25.10 -3.75
C ARG B 436 -37.29 25.03 -2.23
N GLY B 437 -36.23 25.65 -1.72
CA GLY B 437 -35.96 25.78 -0.28
C GLY B 437 -35.87 27.24 0.11
N LEU B 438 -35.84 27.50 1.43
CA LEU B 438 -35.74 28.87 2.02
C LEU B 438 -34.47 28.95 2.86
N VAL B 439 -33.70 30.01 2.68
CA VAL B 439 -32.62 30.43 3.62
C VAL B 439 -33.26 30.61 5.02
N PHE B 440 -32.60 30.07 6.04
CA PHE B 440 -32.99 30.17 7.46
C PHE B 440 -31.79 30.72 8.24
N GLN B 441 -32.07 31.78 9.00
CA GLN B 441 -31.10 32.38 9.94
C GLN B 441 -29.79 32.72 9.21
N GLU B 442 -29.88 33.43 8.11
CA GLU B 442 -28.71 34.05 7.42
C GLU B 442 -27.96 34.93 8.42
N ASN B 443 -26.68 34.64 8.66
CA ASN B 443 -25.83 35.42 9.58
C ASN B 443 -24.89 36.28 8.75
N PRO B 444 -25.15 37.60 8.60
CA PRO B 444 -24.28 38.44 7.75
C PRO B 444 -22.86 38.52 8.32
N ARG B 445 -22.66 38.24 9.62
CA ARG B 445 -21.35 38.37 10.30
C ARG B 445 -20.49 37.13 10.08
N THR B 446 -21.05 35.92 10.07
CA THR B 446 -20.29 34.65 9.90
C THR B 446 -20.42 34.10 8.47
N GLY B 447 -21.45 34.47 7.71
CA GLY B 447 -21.71 33.90 6.39
C GLY B 447 -22.52 32.61 6.46
N ASP B 448 -22.88 32.16 7.66
CA ASP B 448 -23.61 30.88 7.85
C ASP B 448 -25.04 31.05 7.33
N ARG B 449 -25.50 30.07 6.54
CA ARG B 449 -26.91 29.98 6.07
C ARG B 449 -27.35 28.54 6.26
N ARG B 450 -28.57 28.37 6.78
CA ARG B 450 -29.24 27.06 6.88
C ARG B 450 -30.39 27.04 5.86
N ILE B 451 -30.95 25.86 5.61
CA ILE B 451 -32.00 25.67 4.59
C ILE B 451 -33.26 25.06 5.21
N SER B 452 -34.42 25.64 4.95
CA SER B 452 -35.74 25.05 5.30
C SER B 452 -36.41 24.53 4.01
N GLY B 453 -37.25 23.50 4.15
CA GLY B 453 -38.02 22.92 3.03
C GLY B 453 -38.25 21.43 3.18
N SER B 454 -39.27 20.92 2.51
CA SER B 454 -39.69 19.50 2.60
C SER B 454 -38.73 18.72 1.71
N ALA B 455 -38.52 17.44 1.98
CA ALA B 455 -37.72 16.55 1.11
C ALA B 455 -38.14 16.79 -0.35
N ALA B 456 -39.44 16.65 -0.61
CA ALA B 456 -40.03 16.68 -1.96
C ALA B 456 -39.78 18.03 -2.64
N SER B 457 -39.88 19.14 -1.91
CA SER B 457 -39.63 20.49 -2.50
C SER B 457 -38.13 20.63 -2.77
N LEU B 458 -37.26 20.09 -1.89
CA LEU B 458 -35.79 20.23 -2.06
C LEU B 458 -35.34 19.34 -3.21
N ALA B 459 -36.05 18.23 -3.46
CA ALA B 459 -35.56 17.17 -4.35
C ALA B 459 -36.07 17.43 -5.77
N GLY B 460 -36.91 18.44 -5.94
CA GLY B 460 -37.33 18.94 -7.26
C GLY B 460 -38.79 18.71 -7.61
N LEU B 461 -39.61 18.07 -6.76
CA LEU B 461 -41.01 17.73 -7.14
C LEU B 461 -41.85 19.00 -7.31
N GLU B 462 -41.67 20.01 -6.44
CA GLU B 462 -42.40 21.28 -6.54
C GLU B 462 -42.15 21.88 -7.93
N GLN B 463 -40.88 22.06 -8.30
CA GLN B 463 -40.50 22.66 -9.60
C GLN B 463 -41.08 21.81 -10.76
N ALA B 464 -41.00 20.48 -10.69
CA ALA B 464 -41.47 19.58 -11.79
C ALA B 464 -42.97 19.76 -12.02
N LEU B 465 -43.74 19.89 -10.95
CA LEU B 465 -45.21 20.10 -10.98
C LEU B 465 -45.51 21.49 -11.58
N GLU B 466 -44.77 22.53 -11.21
CA GLU B 466 -44.91 23.89 -11.81
C GLU B 466 -44.60 23.83 -13.32
N ARG B 467 -43.52 23.14 -13.71
CA ARG B 467 -43.01 23.16 -15.11
C ARG B 467 -43.77 22.10 -15.93
N GLY B 468 -44.52 21.21 -15.27
CA GLY B 468 -45.37 20.18 -15.91
C GLY B 468 -44.56 19.12 -16.68
N ASP B 469 -43.25 19.02 -16.50
CA ASP B 469 -42.39 18.05 -17.22
C ASP B 469 -42.55 16.67 -16.57
N PRO B 470 -43.00 15.59 -17.27
CA PRO B 470 -43.17 14.28 -16.64
C PRO B 470 -41.85 13.58 -16.26
N HIS B 471 -40.80 13.89 -17.01
CA HIS B 471 -39.44 13.31 -16.85
C HIS B 471 -38.82 13.85 -15.55
N GLN B 472 -38.89 15.15 -15.31
CA GLN B 472 -38.33 15.80 -14.10
C GLN B 472 -39.16 15.40 -12.87
N LEU B 473 -40.44 15.09 -13.06
CA LEU B 473 -41.30 14.59 -11.97
C LEU B 473 -40.75 13.23 -11.56
N HIS B 474 -40.62 12.32 -12.53
CA HIS B 474 -39.99 10.98 -12.38
C HIS B 474 -38.65 11.12 -11.66
N LEU B 475 -37.73 11.95 -12.17
CA LEU B 475 -36.35 12.08 -11.59
C LEU B 475 -36.46 12.52 -10.12
N SER B 476 -37.39 13.42 -9.84
CA SER B 476 -37.58 14.00 -8.50
C SER B 476 -37.99 12.89 -7.54
N LEU B 477 -38.96 12.07 -7.92
CA LEU B 477 -39.39 10.94 -7.06
C LEU B 477 -38.21 9.96 -6.90
N GLU B 478 -37.45 9.75 -7.98
CA GLU B 478 -36.27 8.84 -7.97
C GLU B 478 -35.26 9.37 -6.95
N ARG B 479 -35.04 10.69 -6.92
CA ARG B 479 -34.08 11.27 -5.95
C ARG B 479 -34.55 10.96 -4.53
N LEU B 480 -35.84 11.10 -4.26
CA LEU B 480 -36.40 10.84 -2.92
C LEU B 480 -36.23 9.36 -2.56
N LEU B 481 -36.51 8.47 -3.48
CA LEU B 481 -36.36 7.02 -3.18
C LEU B 481 -34.88 6.70 -3.01
N LEU B 482 -34.02 7.33 -3.80
CA LEU B 482 -32.57 7.10 -3.62
C LEU B 482 -32.13 7.55 -2.22
N GLY B 483 -32.46 8.77 -1.85
CA GLY B 483 -32.09 9.30 -0.52
C GLY B 483 -32.63 8.42 0.59
N HIS B 484 -33.91 8.06 0.52
CA HIS B 484 -34.50 7.12 1.53
C HIS B 484 -33.76 5.78 1.47
N ALA B 485 -33.35 5.32 0.29
CA ALA B 485 -32.59 4.05 0.16
C ALA B 485 -31.30 4.13 0.97
N VAL B 486 -30.63 5.27 0.94
CA VAL B 486 -29.38 5.45 1.72
C VAL B 486 -29.72 5.42 3.21
N VAL B 487 -30.76 6.12 3.64
CA VAL B 487 -31.10 6.13 5.10
C VAL B 487 -31.58 4.74 5.55
N LEU B 488 -32.22 3.99 4.67
CA LEU B 488 -32.73 2.65 5.02
C LEU B 488 -31.59 1.62 5.03
N GLY B 489 -30.55 1.81 4.23
CA GLY B 489 -29.52 0.78 4.10
C GLY B 489 -28.16 1.10 4.67
N PHE B 490 -27.99 2.25 5.29
CA PHE B 490 -26.66 2.61 5.83
C PHE B 490 -26.37 1.74 7.05
N GLY B 491 -27.40 1.36 7.81
CA GLY B 491 -27.28 0.78 9.17
C GLY B 491 -27.58 1.84 10.22
N GLY B 492 -28.63 1.63 11.00
CA GLY B 492 -29.14 2.61 11.96
C GLY B 492 -30.67 2.65 11.95
N ILE B 493 -31.26 3.31 12.93
CA ILE B 493 -32.74 3.46 12.97
C ILE B 493 -33.10 4.53 11.95
N PRO B 494 -33.88 4.19 10.89
CA PRO B 494 -34.24 5.16 9.85
C PRO B 494 -35.43 6.01 10.35
N LEU B 495 -35.29 7.34 10.39
CA LEU B 495 -36.33 8.21 10.99
C LEU B 495 -37.14 8.78 9.85
N LEU B 496 -38.21 8.11 9.47
CA LEU B 496 -39.08 8.62 8.37
C LEU B 496 -39.81 9.84 8.94
N TYR B 497 -39.77 10.95 8.21
CA TYR B 497 -40.42 12.22 8.60
C TYR B 497 -41.83 12.26 7.98
N MET B 498 -42.84 12.55 8.82
CA MET B 498 -44.28 12.47 8.46
C MET B 498 -44.56 13.13 7.10
N GLY B 499 -45.10 12.34 6.18
CA GLY B 499 -45.60 12.82 4.88
C GLY B 499 -44.55 12.73 3.78
N ASP B 500 -43.28 12.50 4.10
CA ASP B 500 -42.24 12.20 3.08
C ASP B 500 -42.61 10.91 2.30
N GLU B 501 -43.28 9.94 2.92
CA GLU B 501 -43.83 8.74 2.21
C GLU B 501 -44.93 9.16 1.21
N LEU B 502 -45.44 10.40 1.28
CA LEU B 502 -46.40 10.99 0.30
C LEU B 502 -45.75 12.08 -0.54
N ALA B 503 -44.46 12.34 -0.40
CA ALA B 503 -43.75 13.39 -1.16
C ALA B 503 -44.38 14.76 -0.87
N LEU B 504 -44.78 15.04 0.38
CA LEU B 504 -45.42 16.33 0.72
C LEU B 504 -44.47 17.47 0.37
N LEU B 505 -45.03 18.50 -0.28
CA LEU B 505 -44.35 19.76 -0.65
C LEU B 505 -44.38 20.75 0.52
N ASN B 506 -43.50 21.73 0.43
CA ASN B 506 -43.53 23.04 1.15
C ASN B 506 -44.98 23.49 1.41
N ASP B 507 -45.26 23.86 2.65
CA ASP B 507 -46.58 24.35 3.12
C ASP B 507 -46.38 25.79 3.57
N HIS B 508 -46.85 26.75 2.78
CA HIS B 508 -46.67 28.21 3.03
C HIS B 508 -47.74 28.76 3.99
N SER B 509 -48.69 27.93 4.44
CA SER B 509 -49.73 28.23 5.46
C SER B 509 -49.15 29.04 6.62
N TYR B 510 -48.00 28.63 7.15
CA TYR B 510 -47.42 29.20 8.39
C TYR B 510 -47.39 30.74 8.28
N LEU B 511 -47.29 31.32 7.07
CA LEU B 511 -47.20 32.80 6.83
C LEU B 511 -48.45 33.51 7.37
N GLU B 512 -49.60 32.82 7.42
CA GLU B 512 -50.91 33.40 7.84
C GLU B 512 -51.12 33.18 9.35
N GLU B 513 -50.11 32.68 10.06
CA GLU B 513 -50.21 32.36 11.51
C GLU B 513 -49.13 33.14 12.23
N PRO B 514 -49.47 34.25 12.94
CA PRO B 514 -48.45 35.18 13.42
C PRO B 514 -47.44 34.55 14.39
N GLU B 515 -47.82 33.50 15.11
CA GLU B 515 -46.93 32.81 16.07
C GLU B 515 -45.86 31.96 15.34
N HIS B 516 -46.07 31.60 14.06
CA HIS B 516 -45.17 30.78 13.21
C HIS B 516 -44.46 31.62 12.13
N ALA B 517 -45.03 32.76 11.72
CA ALA B 517 -44.71 33.50 10.47
C ALA B 517 -43.22 33.85 10.41
N GLU B 518 -42.58 34.02 11.56
CA GLU B 518 -41.19 34.52 11.63
C GLU B 518 -40.22 33.36 11.44
N ASP B 519 -40.71 32.12 11.57
CA ASP B 519 -39.91 30.85 11.68
C ASP B 519 -40.23 29.98 10.46
N ASN B 520 -39.47 30.14 9.38
CA ASN B 520 -39.80 29.46 8.10
C ASN B 520 -39.53 27.95 8.17
N ARG B 521 -39.05 27.42 9.30
CA ARG B 521 -38.98 25.96 9.52
C ARG B 521 -40.37 25.37 9.42
N TRP B 522 -41.44 26.13 9.68
CA TRP B 522 -42.84 25.66 9.59
C TRP B 522 -43.17 25.28 8.14
N VAL B 523 -42.41 25.76 7.16
CA VAL B 523 -42.69 25.38 5.75
C VAL B 523 -42.59 23.86 5.59
N HIS B 524 -41.77 23.18 6.41
CA HIS B 524 -41.56 21.70 6.31
C HIS B 524 -42.17 20.98 7.52
N ARG B 525 -43.18 21.58 8.14
CA ARG B 525 -43.98 20.93 9.22
C ARG B 525 -45.45 20.98 8.81
N PRO B 526 -45.83 20.28 7.71
CA PRO B 526 -47.20 20.32 7.21
C PRO B 526 -48.14 19.51 8.09
N HIS B 527 -49.45 19.73 7.88
CA HIS B 527 -50.53 18.87 8.38
C HIS B 527 -50.51 17.60 7.50
N MET B 528 -50.89 16.46 8.06
CA MET B 528 -51.00 15.21 7.26
C MET B 528 -52.21 15.33 6.32
N ASP B 529 -52.06 14.83 5.10
CA ASP B 529 -53.15 14.79 4.09
C ASP B 529 -53.58 13.32 3.94
N TRP B 530 -54.61 12.96 4.69
CA TRP B 530 -55.18 11.59 4.76
C TRP B 530 -55.88 11.22 3.45
N GLU B 531 -56.40 12.21 2.72
CA GLU B 531 -56.97 12.01 1.36
C GLU B 531 -55.84 11.60 0.42
N LYS B 532 -54.66 12.20 0.59
CA LYS B 532 -53.45 11.91 -0.22
C LYS B 532 -52.95 10.50 0.16
N ALA B 533 -52.93 10.14 1.44
CA ALA B 533 -52.60 8.77 1.92
C ALA B 533 -53.51 7.74 1.23
N ALA B 534 -54.84 7.96 1.24
CA ALA B 534 -55.82 7.07 0.57
C ALA B 534 -55.51 7.00 -0.94
N ARG B 535 -55.19 8.11 -1.59
CA ARG B 535 -54.92 8.14 -3.06
C ARG B 535 -53.59 7.43 -3.37
N ALA B 536 -52.55 7.65 -2.57
CA ALA B 536 -51.25 6.96 -2.78
C ALA B 536 -51.47 5.44 -2.74
N LYS B 537 -52.22 4.97 -1.74
CA LYS B 537 -52.43 3.51 -1.50
C LYS B 537 -53.26 2.97 -2.68
N ALA B 538 -54.34 3.65 -3.06
CA ALA B 538 -55.29 3.23 -4.15
C ALA B 538 -54.65 3.37 -5.54
N ASP B 539 -53.88 4.44 -5.82
CA ASP B 539 -53.28 4.73 -7.16
C ASP B 539 -51.75 4.77 -7.06
N PRO B 540 -51.04 3.64 -7.26
CA PRO B 540 -49.57 3.63 -7.28
C PRO B 540 -48.86 4.33 -8.47
N THR B 541 -49.59 4.93 -9.42
CA THR B 541 -48.99 5.66 -10.58
C THR B 541 -49.00 7.16 -10.30
N SER B 542 -49.72 7.60 -9.26
CA SER B 542 -49.71 9.01 -8.82
C SER B 542 -48.34 9.31 -8.21
N PRO B 543 -47.90 10.58 -8.14
CA PRO B 543 -46.64 10.91 -7.46
C PRO B 543 -46.60 10.34 -6.03
N GLU B 544 -47.57 10.69 -5.20
CA GLU B 544 -47.70 10.17 -3.81
C GLU B 544 -47.71 8.64 -3.81
N GLY B 545 -48.35 8.00 -4.77
CA GLY B 545 -48.35 6.51 -4.89
C GLY B 545 -46.96 5.98 -5.20
N ARG B 546 -46.26 6.60 -6.16
CA ARG B 546 -44.89 6.17 -6.55
C ARG B 546 -43.99 6.20 -5.30
N MET B 547 -44.07 7.27 -4.53
CA MET B 547 -43.26 7.46 -3.32
C MET B 547 -43.67 6.44 -2.27
N TYR B 548 -44.97 6.23 -2.09
CA TYR B 548 -45.50 5.37 -1.01
C TYR B 548 -45.13 3.90 -1.27
N HIS B 549 -45.45 3.37 -2.44
CA HIS B 549 -45.17 1.95 -2.79
C HIS B 549 -43.65 1.75 -2.94
N GLY B 550 -42.91 2.71 -3.49
CA GLY B 550 -41.43 2.65 -3.60
C GLY B 550 -40.78 2.54 -2.23
N LEU B 551 -41.24 3.34 -1.26
CA LEU B 551 -40.62 3.37 0.08
C LEU B 551 -41.00 2.09 0.82
N ARG B 552 -42.28 1.70 0.73
CA ARG B 552 -42.83 0.49 1.39
C ARG B 552 -42.01 -0.73 0.92
N HIS B 553 -41.66 -0.81 -0.37
CA HIS B 553 -40.83 -1.91 -0.96
C HIS B 553 -39.43 -1.86 -0.32
N LEU B 554 -38.81 -0.69 -0.23
CA LEU B 554 -37.45 -0.60 0.38
C LEU B 554 -37.49 -1.01 1.85
N ILE B 555 -38.54 -0.66 2.59
CA ILE B 555 -38.69 -1.00 4.04
C ILE B 555 -38.79 -2.54 4.16
N ARG B 556 -39.61 -3.15 3.32
CA ARG B 556 -39.90 -4.61 3.37
C ARG B 556 -38.59 -5.36 3.11
N VAL B 557 -37.82 -4.91 2.12
CA VAL B 557 -36.51 -5.51 1.74
C VAL B 557 -35.51 -5.25 2.88
N ARG B 558 -35.48 -4.05 3.44
CA ARG B 558 -34.53 -3.72 4.53
C ARG B 558 -34.74 -4.63 5.74
N ARG B 559 -35.99 -4.86 6.14
CA ARG B 559 -36.25 -5.68 7.35
C ARG B 559 -36.05 -7.18 7.10
N THR B 560 -35.96 -7.58 5.85
CA THR B 560 -35.75 -8.96 5.41
C THR B 560 -34.26 -9.18 5.13
N THR B 561 -33.41 -8.20 5.44
CA THR B 561 -31.95 -8.23 5.16
C THR B 561 -31.19 -8.15 6.48
N PRO B 562 -30.75 -9.28 7.06
CA PRO B 562 -30.00 -9.22 8.32
C PRO B 562 -28.72 -8.36 8.23
N HIS B 563 -28.22 -8.11 7.02
CA HIS B 563 -26.94 -7.37 6.83
C HIS B 563 -27.09 -5.89 7.25
N PHE B 564 -28.31 -5.39 7.51
CA PHE B 564 -28.53 -3.99 7.97
C PHE B 564 -28.52 -3.87 9.50
N HIS B 565 -28.16 -4.94 10.22
CA HIS B 565 -27.99 -4.88 11.69
C HIS B 565 -26.99 -3.77 12.04
N ALA B 566 -27.39 -2.80 12.85
CA ALA B 566 -26.61 -1.57 13.10
C ALA B 566 -25.37 -1.81 13.97
N ALA B 567 -25.20 -2.97 14.57
CA ALA B 567 -23.92 -3.30 15.25
C ALA B 567 -22.81 -3.34 14.21
N LEU B 568 -23.16 -3.58 12.94
CA LEU B 568 -22.20 -3.56 11.81
C LEU B 568 -22.25 -2.18 11.14
N GLU B 569 -21.11 -1.63 10.74
CA GLU B 569 -20.97 -0.32 10.11
C GLU B 569 -20.55 -0.49 8.65
N ALA B 570 -21.12 0.36 7.79
CA ALA B 570 -20.75 0.59 6.39
C ALA B 570 -19.24 0.83 6.31
N GLN B 571 -18.57 0.05 5.48
CA GLN B 571 -17.14 0.25 5.11
C GLN B 571 -17.16 0.86 3.73
N ILE B 572 -16.80 2.14 3.65
CA ILE B 572 -16.96 2.95 2.42
C ILE B 572 -15.98 2.40 1.37
N LEU B 573 -16.47 2.16 0.17
CA LEU B 573 -15.67 1.84 -1.04
C LEU B 573 -15.15 3.13 -1.68
N GLU B 574 -13.93 3.11 -2.23
CA GLU B 574 -13.35 4.14 -3.13
C GLU B 574 -14.39 4.41 -4.22
N PRO B 575 -14.80 5.67 -4.48
CA PRO B 575 -15.80 5.95 -5.49
C PRO B 575 -15.20 5.94 -6.90
N ARG B 576 -15.10 4.74 -7.49
CA ARG B 576 -14.34 4.49 -8.73
C ARG B 576 -15.13 5.09 -9.89
N ASN B 577 -16.44 5.18 -9.75
CA ASN B 577 -17.28 6.13 -10.56
C ASN B 577 -17.67 7.26 -9.61
N PRO B 578 -17.22 8.51 -9.83
CA PRO B 578 -17.44 9.57 -8.85
C PRO B 578 -18.91 9.96 -8.64
N HIS B 579 -19.83 9.36 -9.38
CA HIS B 579 -21.29 9.63 -9.31
C HIS B 579 -21.97 8.54 -8.47
N VAL B 580 -21.24 7.49 -8.11
CA VAL B 580 -21.83 6.31 -7.45
C VAL B 580 -21.27 6.09 -6.05
N PHE B 581 -22.14 6.19 -5.07
CA PHE B 581 -21.76 5.98 -3.66
C PHE B 581 -21.80 4.47 -3.40
N GLY B 582 -20.78 3.97 -2.73
CA GLY B 582 -20.73 2.53 -2.43
C GLY B 582 -20.05 2.21 -1.12
N TYR B 583 -20.52 1.15 -0.48
CA TYR B 583 -19.97 0.62 0.79
C TYR B 583 -20.31 -0.86 0.95
N VAL B 584 -19.64 -1.52 1.87
CA VAL B 584 -19.97 -2.94 2.11
C VAL B 584 -20.28 -3.16 3.58
N ARG B 585 -21.24 -4.00 3.87
CA ARG B 585 -21.58 -4.36 5.26
C ARG B 585 -21.21 -5.82 5.44
N ARG B 586 -20.28 -6.07 6.35
CA ARG B 586 -19.71 -7.43 6.57
C ARG B 586 -20.50 -8.21 7.63
N HIS B 587 -21.48 -8.95 7.19
CA HIS B 587 -22.32 -9.76 8.08
C HIS B 587 -21.77 -11.17 8.16
N PRO B 588 -21.99 -11.91 9.26
CA PRO B 588 -21.58 -13.30 9.36
C PRO B 588 -22.03 -14.20 8.20
N LEU B 589 -23.22 -13.99 7.66
CA LEU B 589 -23.77 -14.77 6.54
C LEU B 589 -23.22 -14.31 5.18
N GLY B 590 -22.42 -13.25 5.13
CA GLY B 590 -21.88 -12.80 3.83
C GLY B 590 -21.83 -11.29 3.69
N ASN B 591 -21.29 -10.81 2.58
CA ASN B 591 -21.15 -9.34 2.43
C ASN B 591 -22.31 -8.73 1.67
N LEU B 592 -22.67 -7.53 2.03
CA LEU B 592 -23.68 -6.79 1.25
C LEU B 592 -22.95 -5.58 0.65
N VAL B 593 -23.09 -5.39 -0.64
CA VAL B 593 -22.48 -4.21 -1.29
C VAL B 593 -23.64 -3.30 -1.69
N ALA B 594 -23.64 -2.09 -1.17
CA ALA B 594 -24.67 -1.10 -1.54
C ALA B 594 -24.08 -0.15 -2.59
N LEU B 595 -24.78 0.03 -3.71
CA LEU B 595 -24.42 1.07 -4.71
C LEU B 595 -25.61 2.03 -4.88
N TYR B 596 -25.31 3.31 -5.05
CA TYR B 596 -26.30 4.41 -5.20
C TYR B 596 -25.80 5.43 -6.22
N ASN B 597 -26.48 5.49 -7.36
CA ASN B 597 -26.25 6.48 -8.44
C ASN B 597 -26.80 7.84 -7.98
N PHE B 598 -25.93 8.82 -7.71
CA PHE B 598 -26.31 10.18 -7.26
C PHE B 598 -26.47 11.09 -8.47
N SER B 599 -26.60 10.47 -9.66
CA SER B 599 -26.69 11.13 -10.99
C SER B 599 -28.02 10.82 -11.70
N GLU B 600 -28.55 11.74 -12.50
CA GLU B 600 -29.75 11.50 -13.36
C GLU B 600 -29.33 10.73 -14.62
N GLU B 601 -28.04 10.51 -14.83
CA GLU B 601 -27.54 9.79 -16.02
C GLU B 601 -27.30 8.33 -15.67
N VAL B 602 -27.33 7.49 -16.71
CA VAL B 602 -26.81 6.10 -16.69
C VAL B 602 -25.33 6.16 -16.25
N GLN B 603 -24.95 5.32 -15.27
CA GLN B 603 -23.56 5.26 -14.78
C GLN B 603 -23.12 3.81 -14.76
N TYR B 604 -21.87 3.59 -15.13
CA TYR B 604 -21.20 2.27 -15.16
C TYR B 604 -20.23 2.19 -13.97
N TYR B 605 -20.23 1.04 -13.32
CA TYR B 605 -19.43 0.76 -12.12
C TYR B 605 -18.62 -0.51 -12.31
N PRO B 606 -17.34 -0.52 -11.93
CA PRO B 606 -16.50 -1.70 -12.16
C PRO B 606 -17.04 -2.92 -11.41
N ALA B 607 -17.44 -3.96 -12.16
CA ALA B 607 -18.05 -5.19 -11.63
C ALA B 607 -17.03 -5.94 -10.77
N GLU B 608 -15.74 -5.78 -11.03
CA GLU B 608 -14.69 -6.48 -10.25
C GLU B 608 -14.86 -6.17 -8.74
N VAL B 609 -15.39 -5.02 -8.30
CA VAL B 609 -15.47 -4.73 -6.84
C VAL B 609 -16.50 -5.68 -6.20
N LEU B 610 -17.54 -6.09 -6.91
CA LEU B 610 -18.49 -7.11 -6.37
C LEU B 610 -17.73 -8.40 -6.06
N TRP B 611 -16.91 -8.88 -7.01
CA TRP B 611 -16.08 -10.11 -6.84
C TRP B 611 -15.07 -9.89 -5.70
N GLN B 612 -14.48 -8.70 -5.60
CA GLN B 612 -13.45 -8.38 -4.56
C GLN B 612 -14.08 -8.52 -3.17
N GLN B 613 -15.38 -8.30 -3.04
CA GLN B 613 -16.13 -8.35 -1.76
C GLN B 613 -16.76 -9.74 -1.60
N GLY B 614 -16.26 -10.74 -2.32
CA GLY B 614 -16.65 -12.16 -2.22
C GLY B 614 -17.95 -12.47 -2.92
N LEU B 615 -18.47 -11.62 -3.81
CA LEU B 615 -19.78 -11.84 -4.46
C LEU B 615 -19.60 -12.39 -5.88
N GLY B 616 -19.42 -13.71 -6.00
CA GLY B 616 -19.24 -14.46 -7.26
C GLY B 616 -20.50 -14.45 -8.14
N LEU B 617 -21.69 -14.29 -7.56
CA LEU B 617 -23.00 -14.34 -8.28
C LEU B 617 -23.93 -13.22 -7.78
N PRO B 618 -23.56 -11.94 -7.99
CA PRO B 618 -24.24 -10.85 -7.29
C PRO B 618 -25.75 -10.78 -7.55
N PHE B 619 -26.52 -10.68 -6.47
CA PHE B 619 -28.00 -10.63 -6.52
C PHE B 619 -28.48 -9.36 -5.81
N ASP B 620 -29.31 -8.58 -6.50
CA ASP B 620 -29.84 -7.32 -5.94
C ASP B 620 -31.18 -7.58 -5.27
N ARG B 621 -31.23 -7.41 -3.96
CA ARG B 621 -32.42 -7.62 -3.13
C ARG B 621 -33.49 -6.58 -3.43
N ILE B 622 -33.13 -5.42 -3.96
CA ILE B 622 -34.17 -4.39 -4.27
C ILE B 622 -35.00 -4.81 -5.50
N SER B 623 -34.37 -5.11 -6.63
CA SER B 623 -35.00 -5.63 -7.87
C SER B 623 -35.40 -7.10 -7.69
N GLY B 624 -34.80 -7.81 -6.75
CA GLY B 624 -35.06 -9.25 -6.57
C GLY B 624 -34.55 -10.06 -7.75
N GLN B 625 -33.47 -9.60 -8.42
CA GLN B 625 -32.92 -10.23 -9.65
C GLN B 625 -31.39 -10.21 -9.59
N LEU B 626 -30.77 -11.09 -10.37
CA LEU B 626 -29.31 -11.08 -10.57
C LEU B 626 -28.92 -9.67 -11.01
N VAL B 627 -27.75 -9.21 -10.58
CA VAL B 627 -27.20 -7.95 -11.13
C VAL B 627 -26.60 -8.29 -12.49
N PRO B 628 -27.14 -7.73 -13.59
CA PRO B 628 -26.53 -7.91 -14.92
C PRO B 628 -25.15 -7.26 -14.94
N ILE B 629 -24.16 -8.04 -15.37
CA ILE B 629 -22.76 -7.60 -15.62
C ILE B 629 -22.53 -7.75 -17.13
N GLU B 630 -21.98 -6.72 -17.79
CA GLU B 630 -21.69 -6.68 -19.24
C GLU B 630 -20.35 -5.96 -19.38
N HIS B 631 -19.37 -6.57 -20.04
CA HIS B 631 -18.03 -5.98 -20.35
C HIS B 631 -17.41 -5.47 -19.05
N HIS B 632 -17.53 -6.28 -17.99
CA HIS B 632 -16.88 -6.06 -16.67
C HIS B 632 -17.46 -4.82 -15.98
N LEU B 633 -18.68 -4.40 -16.31
CA LEU B 633 -19.31 -3.21 -15.66
C LEU B 633 -20.73 -3.53 -15.16
N VAL B 634 -21.16 -2.87 -14.09
CA VAL B 634 -22.57 -2.87 -13.65
C VAL B 634 -23.18 -1.62 -14.26
N ARG B 635 -24.27 -1.76 -15.00
CA ARG B 635 -25.03 -0.64 -15.62
C ARG B 635 -26.05 -0.14 -14.58
N LEU B 636 -25.87 1.08 -14.07
CA LEU B 636 -26.83 1.69 -13.11
C LEU B 636 -27.73 2.69 -13.82
N GLU B 637 -29.05 2.47 -13.72
CA GLU B 637 -30.10 3.42 -14.17
C GLU B 637 -29.94 4.72 -13.39
N PRO B 638 -30.53 5.84 -13.89
CA PRO B 638 -30.58 7.09 -13.13
C PRO B 638 -31.07 6.82 -11.70
N TYR B 639 -30.35 7.35 -10.72
CA TYR B 639 -30.71 7.24 -9.28
C TYR B 639 -30.99 5.79 -8.88
N ALA B 640 -30.38 4.80 -9.54
CA ALA B 640 -30.50 3.38 -9.13
C ALA B 640 -29.95 3.20 -7.70
N ARG B 641 -30.61 2.34 -6.93
CA ARG B 641 -30.12 1.86 -5.61
C ARG B 641 -30.11 0.33 -5.68
N LEU B 642 -28.97 -0.26 -5.34
CA LEU B 642 -28.71 -1.73 -5.38
C LEU B 642 -28.22 -2.17 -4.00
N TRP B 643 -28.93 -3.14 -3.42
CA TRP B 643 -28.56 -3.87 -2.18
C TRP B 643 -28.13 -5.30 -2.58
N ILE B 644 -26.82 -5.56 -2.70
CA ILE B 644 -26.27 -6.71 -3.47
C ILE B 644 -25.64 -7.70 -2.49
N THR B 645 -26.16 -8.91 -2.48
CA THR B 645 -25.61 -10.10 -1.79
C THR B 645 -25.45 -11.25 -2.79
N ASP B 646 -24.96 -12.40 -2.33
CA ASP B 646 -24.96 -13.69 -3.09
C ASP B 646 -26.28 -14.43 -2.81
N MET C 1 21.13 3.44 -24.99
CA MET C 1 21.39 2.82 -23.66
C MET C 1 22.04 1.44 -23.86
N PHE C 2 21.60 0.64 -24.86
CA PHE C 2 22.12 -0.73 -25.14
C PHE C 2 22.66 -0.86 -26.57
N SER C 3 23.93 -1.22 -26.70
CA SER C 3 24.55 -1.56 -28.01
C SER C 3 24.45 -3.08 -28.20
N THR C 4 23.92 -3.52 -29.34
CA THR C 4 23.82 -4.95 -29.73
C THR C 4 25.25 -5.41 -30.06
N PRO C 5 25.86 -6.33 -29.26
CA PRO C 5 27.18 -6.86 -29.59
C PRO C 5 27.10 -7.67 -30.90
N LEU C 6 28.22 -7.80 -31.61
CA LEU C 6 28.30 -8.59 -32.87
C LEU C 6 28.41 -10.06 -32.51
N PRO C 7 27.45 -10.96 -32.86
CA PRO C 7 27.61 -12.40 -32.64
C PRO C 7 28.85 -13.00 -33.34
N ALA C 8 29.49 -13.94 -32.66
CA ALA C 8 30.69 -14.65 -33.17
C ALA C 8 30.44 -15.14 -34.58
N GLU C 9 29.25 -15.64 -34.86
CA GLU C 9 28.94 -16.24 -36.18
C GLU C 9 28.75 -15.22 -37.32
N LEU C 10 28.82 -13.91 -37.06
CA LEU C 10 28.68 -12.90 -38.12
C LEU C 10 30.05 -12.30 -38.40
N ARG C 11 31.11 -12.72 -37.71
CA ARG C 11 32.45 -12.13 -37.95
C ARG C 11 32.83 -12.32 -39.43
N PRO C 12 32.66 -13.52 -40.01
CA PRO C 12 32.94 -13.77 -41.41
C PRO C 12 32.19 -12.81 -42.34
N LEU C 13 30.90 -12.62 -42.11
CA LEU C 13 30.05 -11.70 -42.90
C LEU C 13 30.61 -10.28 -42.79
N LEU C 14 30.95 -9.85 -41.57
CA LEU C 14 31.51 -8.50 -41.36
C LEU C 14 32.78 -8.35 -42.19
N GLU C 15 33.65 -9.35 -42.18
CA GLU C 15 34.93 -9.31 -42.94
C GLU C 15 34.68 -9.18 -44.44
N ARG C 16 33.72 -9.90 -45.00
CA ARG C 16 33.37 -9.82 -46.46
C ARG C 16 32.86 -8.41 -46.80
N LEU C 17 31.94 -7.88 -45.99
CA LEU C 17 31.35 -6.52 -46.19
C LEU C 17 32.47 -5.46 -46.09
N LEU C 18 33.37 -5.60 -45.11
CA LEU C 18 34.55 -4.72 -44.98
C LEU C 18 35.43 -4.85 -46.23
N THR C 19 35.77 -6.06 -46.69
CA THR C 19 36.66 -6.25 -47.88
C THR C 19 35.92 -5.69 -49.12
N LEU C 20 34.58 -5.77 -49.22
CA LEU C 20 33.76 -5.09 -50.27
C LEU C 20 33.81 -3.55 -50.11
N ALA C 21 33.77 -3.03 -48.87
CA ALA C 21 33.87 -1.58 -48.58
C ALA C 21 35.24 -1.04 -49.01
N GLN C 22 36.33 -1.79 -48.73
CA GLN C 22 37.73 -1.45 -49.14
C GLN C 22 37.82 -1.24 -50.67
N ASP C 23 36.84 -1.70 -51.47
CA ASP C 23 36.80 -1.52 -52.96
C ASP C 23 36.18 -0.19 -53.37
N GLU C 24 35.51 0.52 -52.45
CA GLU C 24 34.79 1.78 -52.78
C GLU C 24 35.46 2.97 -52.09
N LEU C 25 36.05 2.79 -50.90
CA LEU C 25 36.49 3.86 -49.97
C LEU C 25 37.95 3.58 -49.61
N SER C 26 38.71 4.59 -49.15
CA SER C 26 40.20 4.56 -49.04
C SER C 26 40.72 4.68 -47.59
N GLY C 27 40.73 5.88 -47.00
CA GLY C 27 41.67 6.17 -45.91
C GLY C 27 40.97 6.33 -44.58
N GLY C 28 40.98 7.53 -44.03
CA GLY C 28 40.17 7.88 -42.84
C GLY C 28 38.67 7.74 -43.13
N ASP C 29 38.29 7.98 -44.39
CA ASP C 29 36.90 7.89 -44.90
C ASP C 29 36.42 6.44 -44.75
N LEU C 30 37.19 5.48 -45.25
CA LEU C 30 36.93 4.03 -45.09
C LEU C 30 36.85 3.68 -43.61
N GLU C 31 37.69 4.28 -42.77
CA GLU C 31 37.72 3.91 -41.33
C GLU C 31 36.37 4.31 -40.70
N THR C 32 35.92 5.53 -40.95
CA THR C 32 34.67 6.11 -40.38
C THR C 32 33.45 5.25 -40.76
N PHE C 33 33.27 4.99 -42.06
CA PHE C 33 32.16 4.15 -42.58
C PHE C 33 32.24 2.79 -41.90
N SER C 34 33.47 2.29 -41.79
CA SER C 34 33.78 0.88 -41.48
C SER C 34 33.46 0.61 -40.00
N LEU C 35 33.77 1.56 -39.14
CA LEU C 35 33.45 1.50 -37.68
C LEU C 35 31.92 1.58 -37.50
N ARG C 36 31.28 2.41 -38.30
CA ARG C 36 29.81 2.58 -38.24
C ARG C 36 29.14 1.27 -38.68
N LEU C 37 29.63 0.68 -39.78
CA LEU C 37 29.05 -0.58 -40.32
C LEU C 37 29.16 -1.67 -39.24
N GLU C 38 30.34 -1.78 -38.59
CA GLU C 38 30.63 -2.71 -37.47
C GLU C 38 29.56 -2.54 -36.40
N ARG C 39 29.34 -1.29 -36.03
CA ARG C 39 28.53 -0.91 -34.84
C ARG C 39 27.07 -1.35 -35.05
N TYR C 40 26.52 -1.15 -36.25
CA TYR C 40 25.07 -1.35 -36.55
C TYR C 40 24.77 -2.62 -37.36
N LEU C 41 25.78 -3.36 -37.80
CA LEU C 41 25.60 -4.60 -38.59
C LEU C 41 24.77 -5.59 -37.79
N PRO C 42 25.00 -5.71 -36.46
CA PRO C 42 24.23 -6.64 -35.63
C PRO C 42 22.71 -6.40 -35.68
N ASP C 43 22.27 -5.15 -35.63
CA ASP C 43 20.84 -4.79 -35.68
C ASP C 43 20.33 -5.01 -37.10
N LEU C 44 21.15 -4.65 -38.09
CA LEU C 44 20.80 -4.73 -39.52
C LEU C 44 20.58 -6.20 -39.88
N HIS C 45 21.54 -7.06 -39.52
CA HIS C 45 21.42 -8.52 -39.78
C HIS C 45 20.21 -9.06 -39.05
N ALA C 46 20.06 -8.85 -37.73
CA ALA C 46 18.95 -9.44 -36.95
C ALA C 46 17.58 -8.99 -37.47
N GLY C 47 17.44 -7.77 -38.01
CA GLY C 47 16.19 -7.33 -38.66
C GLY C 47 15.92 -8.11 -39.93
N LEU C 48 16.88 -8.16 -40.84
CA LEU C 48 16.70 -8.79 -42.17
C LEU C 48 16.49 -10.29 -42.04
N THR C 49 17.21 -10.95 -41.12
CA THR C 49 17.24 -12.43 -41.08
C THR C 49 15.87 -12.90 -40.58
N ALA C 50 15.15 -12.06 -39.83
CA ALA C 50 13.80 -12.38 -39.31
C ALA C 50 12.74 -12.32 -40.43
N VAL C 51 13.09 -11.76 -41.60
CA VAL C 51 12.08 -11.42 -42.64
C VAL C 51 12.45 -12.08 -43.99
N TYR C 52 13.70 -11.95 -44.44
CA TYR C 52 14.17 -12.32 -45.80
C TYR C 52 15.07 -13.54 -45.71
N PRO C 53 14.85 -14.55 -46.59
CA PRO C 53 15.56 -15.84 -46.54
C PRO C 53 17.08 -15.85 -46.75
N ASP C 54 17.67 -14.88 -47.44
CA ASP C 54 19.13 -14.99 -47.74
C ASP C 54 19.80 -13.68 -47.29
N ALA C 55 19.80 -13.48 -45.97
CA ALA C 55 20.17 -12.19 -45.34
C ALA C 55 21.62 -11.84 -45.69
N GLU C 56 22.55 -12.81 -45.72
CA GLU C 56 23.99 -12.55 -45.98
C GLU C 56 24.11 -12.09 -47.44
N GLY C 57 23.36 -12.70 -48.37
CA GLY C 57 23.29 -12.29 -49.79
C GLY C 57 22.72 -10.89 -50.00
N LEU C 58 21.65 -10.56 -49.27
CA LEU C 58 20.96 -9.24 -49.31
C LEU C 58 21.92 -8.17 -48.77
N LEU C 59 22.63 -8.49 -47.70
CA LEU C 59 23.62 -7.57 -47.08
C LEU C 59 24.71 -7.26 -48.11
N GLU C 60 25.17 -8.27 -48.84
CA GLU C 60 26.20 -8.08 -49.90
C GLU C 60 25.66 -7.11 -50.97
N ARG C 61 24.37 -7.14 -51.31
CA ARG C 61 23.79 -6.22 -52.34
C ARG C 61 23.62 -4.81 -51.74
N LEU C 62 23.24 -4.72 -50.46
CA LEU C 62 23.06 -3.43 -49.75
C LEU C 62 24.39 -2.67 -49.64
N LEU C 63 25.51 -3.36 -49.52
CA LEU C 63 26.82 -2.73 -49.18
C LEU C 63 27.16 -1.63 -50.18
N PRO C 64 27.14 -1.87 -51.52
CA PRO C 64 27.49 -0.81 -52.49
C PRO C 64 26.47 0.33 -52.54
N ILE C 65 25.23 0.10 -52.09
CA ILE C 65 24.22 1.21 -51.89
C ILE C 65 24.65 2.09 -50.70
N LEU C 66 25.06 1.49 -49.59
CA LEU C 66 25.61 2.21 -48.41
C LEU C 66 26.83 3.05 -48.82
N THR C 67 27.80 2.43 -49.52
CA THR C 67 29.08 3.08 -49.85
C THR C 67 28.83 4.22 -50.86
N ALA C 68 27.98 4.04 -51.86
CA ALA C 68 27.70 5.09 -52.87
C ALA C 68 27.07 6.30 -52.17
N ALA C 69 26.09 6.04 -51.28
CA ALA C 69 25.35 7.10 -50.55
C ALA C 69 26.32 7.81 -49.59
N HIS C 70 27.17 7.07 -48.89
CA HIS C 70 28.29 7.66 -48.11
C HIS C 70 29.12 8.61 -48.98
N GLN C 71 29.60 8.15 -50.15
CA GLN C 71 30.41 8.97 -51.09
C GLN C 71 29.65 10.24 -51.51
N ALA C 72 28.35 10.14 -51.77
CA ALA C 72 27.52 11.25 -52.29
C ALA C 72 27.08 12.21 -51.17
N ARG C 73 27.51 11.99 -49.92
CA ARG C 73 27.03 12.78 -48.74
C ARG C 73 27.94 14.00 -48.53
N SER C 74 27.40 15.21 -48.66
CA SER C 74 28.16 16.47 -48.58
C SER C 74 28.88 16.58 -47.23
N ALA C 75 29.93 17.41 -47.18
CA ALA C 75 30.74 17.72 -45.99
C ALA C 75 29.84 18.31 -44.89
N ASP C 76 28.90 19.17 -45.26
CA ASP C 76 27.99 19.81 -44.28
C ASP C 76 27.16 18.70 -43.62
N LEU C 77 26.57 17.80 -44.40
CA LEU C 77 25.70 16.76 -43.80
C LEU C 77 26.56 15.80 -42.95
N ARG C 78 27.82 15.55 -43.36
CA ARG C 78 28.79 14.72 -42.59
C ARG C 78 29.13 15.40 -41.25
N ARG C 79 29.22 16.73 -41.24
CA ARG C 79 29.50 17.54 -40.01
C ARG C 79 28.32 17.34 -39.04
N LEU C 80 27.11 17.52 -39.55
CA LEU C 80 25.86 17.35 -38.78
C LEU C 80 25.78 15.89 -38.25
N ASP C 81 26.07 14.89 -39.08
CA ASP C 81 26.14 13.48 -38.62
C ASP C 81 27.07 13.40 -37.40
N ALA C 82 28.28 13.98 -37.48
CA ALA C 82 29.26 13.87 -36.38
C ALA C 82 28.73 14.62 -35.17
N LYS C 83 28.15 15.81 -35.32
CA LYS C 83 27.63 16.55 -34.16
C LYS C 83 26.52 15.76 -33.47
N ARG C 84 25.63 15.14 -34.23
CA ARG C 84 24.51 14.38 -33.64
C ARG C 84 25.02 13.09 -32.99
N LEU C 85 26.13 12.53 -33.45
CA LEU C 85 26.65 11.32 -32.78
C LEU C 85 27.23 11.73 -31.43
N LEU C 86 27.68 12.97 -31.33
CA LEU C 86 28.26 13.46 -30.06
C LEU C 86 27.14 13.86 -29.10
N ALA C 87 25.97 14.26 -29.60
CA ALA C 87 24.83 14.63 -28.72
C ALA C 87 23.57 13.90 -29.19
N PRO C 88 23.45 12.58 -28.95
CA PRO C 88 22.31 11.81 -29.42
C PRO C 88 20.94 12.21 -28.86
N ASP C 89 20.93 13.00 -27.81
CA ASP C 89 19.68 13.43 -27.13
C ASP C 89 19.18 14.78 -27.69
N TRP C 90 19.72 15.25 -28.80
CA TRP C 90 19.44 16.60 -29.35
C TRP C 90 17.93 16.80 -29.58
N PHE C 91 17.23 15.78 -30.08
CA PHE C 91 15.81 15.91 -30.50
C PHE C 91 14.93 15.80 -29.23
N GLN C 92 15.52 15.41 -28.10
CA GLN C 92 14.78 15.27 -26.81
C GLN C 92 14.80 16.59 -26.04
N ARG C 93 15.48 17.60 -26.55
CA ARG C 93 15.74 18.85 -25.81
C ARG C 93 14.49 19.71 -25.75
N PRO C 94 14.30 20.45 -24.65
CA PRO C 94 13.17 21.38 -24.57
C PRO C 94 13.18 22.42 -25.73
N GLU C 95 14.35 22.77 -26.25
CA GLU C 95 14.46 23.79 -27.34
C GLU C 95 13.78 23.28 -28.62
N MET C 96 13.57 21.96 -28.76
CA MET C 96 12.93 21.32 -29.94
C MET C 96 11.45 21.69 -29.95
N ILE C 97 11.02 22.35 -31.03
CA ILE C 97 9.66 22.85 -31.29
C ILE C 97 9.41 22.57 -32.77
N ALA C 98 8.31 21.89 -33.11
CA ALA C 98 8.09 21.49 -34.52
C ALA C 98 6.90 22.25 -35.07
N TYR C 99 6.90 22.42 -36.39
CA TYR C 99 5.80 23.02 -37.15
C TYR C 99 5.47 22.08 -38.32
N VAL C 100 4.17 21.91 -38.59
CA VAL C 100 3.72 20.98 -39.65
C VAL C 100 2.85 21.76 -40.63
N ALA C 101 3.12 21.62 -41.91
CA ALA C 101 2.46 22.42 -42.96
C ALA C 101 2.62 21.75 -44.31
N TYR C 102 1.58 21.89 -45.13
CA TYR C 102 1.62 21.67 -46.58
C TYR C 102 2.32 22.85 -47.25
N THR C 103 3.38 22.59 -48.00
CA THR C 103 4.14 23.62 -48.73
C THR C 103 3.19 24.63 -49.39
N GLU C 104 2.26 24.16 -50.24
CA GLU C 104 1.43 25.06 -51.10
C GLU C 104 0.58 25.96 -50.18
N ARG C 105 0.17 25.46 -49.02
CA ARG C 105 -0.74 26.19 -48.11
C ARG C 105 0.08 27.19 -47.27
N PHE C 106 1.31 26.87 -46.92
CA PHE C 106 2.20 27.69 -46.06
C PHE C 106 2.94 28.80 -46.85
N ALA C 107 3.54 28.51 -48.01
CA ALA C 107 4.43 29.47 -48.71
C ALA C 107 4.47 29.26 -50.23
N GLY C 108 3.42 28.70 -50.84
CA GLY C 108 3.33 28.47 -52.29
C GLY C 108 4.26 27.38 -52.80
N THR C 109 5.57 27.47 -52.51
CA THR C 109 6.63 26.63 -53.13
C THR C 109 7.73 26.37 -52.11
N LEU C 110 8.63 25.43 -52.41
CA LEU C 110 9.77 25.11 -51.51
C LEU C 110 10.65 26.36 -51.36
N ARG C 111 10.83 27.13 -52.45
CA ARG C 111 11.59 28.41 -52.49
C ARG C 111 10.86 29.42 -51.60
N GLY C 112 9.54 29.50 -51.71
CA GLY C 112 8.64 30.29 -50.85
C GLY C 112 8.93 30.07 -49.36
N VAL C 113 9.19 28.82 -48.94
CA VAL C 113 9.35 28.47 -47.50
C VAL C 113 10.55 29.26 -46.97
N GLU C 114 11.58 29.51 -47.78
CA GLU C 114 12.81 30.24 -47.35
C GLU C 114 12.46 31.61 -46.74
N GLU C 115 11.42 32.27 -47.24
CA GLU C 115 11.02 33.67 -46.88
C GLU C 115 10.22 33.66 -45.57
N ARG C 116 9.82 32.47 -45.11
CA ARG C 116 8.98 32.28 -43.91
C ARG C 116 9.82 31.71 -42.78
N ILE C 117 11.12 31.52 -43.01
CA ILE C 117 12.02 31.00 -41.95
C ILE C 117 12.05 31.98 -40.76
N ASP C 118 11.97 33.30 -40.97
CA ASP C 118 11.97 34.31 -39.86
C ASP C 118 10.73 34.06 -38.98
N TYR C 119 9.57 33.84 -39.61
CA TYR C 119 8.28 33.53 -38.93
C TYR C 119 8.46 32.29 -38.04
N LEU C 120 9.03 31.21 -38.59
CA LEU C 120 9.22 29.92 -37.86
C LEU C 120 10.13 30.16 -36.64
N GLU C 121 11.21 30.92 -36.85
CA GLU C 121 12.27 31.19 -35.82
C GLU C 121 11.63 32.01 -34.68
N GLU C 122 10.77 32.95 -35.01
CA GLU C 122 9.92 33.70 -34.05
C GLU C 122 9.21 32.72 -33.11
N LEU C 123 8.73 31.56 -33.61
CA LEU C 123 8.00 30.55 -32.79
C LEU C 123 8.95 29.52 -32.21
N GLY C 124 10.28 29.69 -32.35
CA GLY C 124 11.34 28.81 -31.84
C GLY C 124 11.41 27.45 -32.55
N VAL C 125 10.84 27.39 -33.75
CA VAL C 125 10.76 26.16 -34.58
C VAL C 125 12.17 25.67 -34.93
N ARG C 126 12.44 24.40 -34.64
CA ARG C 126 13.73 23.73 -34.94
C ARG C 126 13.44 22.44 -35.69
N TYR C 127 12.20 22.23 -36.10
CA TYR C 127 11.78 20.99 -36.79
C TYR C 127 10.60 21.34 -37.69
N LEU C 128 10.76 21.10 -38.97
CA LEU C 128 9.67 21.42 -39.93
C LEU C 128 9.27 20.21 -40.76
N HIS C 129 8.05 19.73 -40.58
CA HIS C 129 7.47 18.66 -41.41
C HIS C 129 6.69 19.32 -42.56
N LEU C 130 7.26 19.26 -43.75
CA LEU C 130 6.50 19.62 -44.97
C LEU C 130 5.80 18.34 -45.47
N MET C 131 4.50 18.43 -45.62
CA MET C 131 3.61 17.32 -46.02
C MET C 131 4.01 16.86 -47.42
N PRO C 132 3.60 15.65 -47.83
CA PRO C 132 4.19 14.97 -48.98
C PRO C 132 4.28 15.91 -50.18
N PHE C 133 5.53 16.14 -50.60
CA PHE C 133 5.91 17.12 -51.63
C PHE C 133 6.59 16.45 -52.83
N LEU C 134 6.72 15.12 -52.82
CA LEU C 134 7.24 14.31 -53.96
C LEU C 134 6.10 14.15 -54.97
N LYS C 135 6.44 13.84 -56.23
CA LYS C 135 5.46 13.84 -57.33
C LYS C 135 4.38 12.83 -57.01
N PRO C 136 3.11 13.26 -56.83
CA PRO C 136 2.00 12.34 -56.73
C PRO C 136 1.42 11.96 -58.08
N ARG C 137 0.46 11.07 -58.03
CA ARG C 137 -0.34 10.78 -59.23
C ARG C 137 -1.25 12.01 -59.43
N PRO C 138 -1.84 12.24 -60.61
CA PRO C 138 -2.77 13.34 -60.76
C PRO C 138 -4.10 13.17 -60.04
N ALA C 139 -4.92 14.21 -60.13
CA ALA C 139 -6.29 14.33 -59.59
C ALA C 139 -6.23 14.10 -58.11
N PRO C 140 -7.06 13.21 -57.56
CA PRO C 140 -7.02 12.92 -56.15
C PRO C 140 -5.78 12.06 -55.88
N HIS C 141 -4.94 12.50 -54.96
CA HIS C 141 -3.72 11.74 -54.58
C HIS C 141 -3.59 11.66 -53.06
N ASP C 142 -4.71 11.89 -52.35
CA ASP C 142 -4.79 11.87 -50.87
C ASP C 142 -3.76 12.85 -50.29
N GLY C 143 -3.77 14.08 -50.77
CA GLY C 143 -2.86 15.16 -50.32
C GLY C 143 -1.42 14.73 -50.37
N GLY C 144 -1.02 14.06 -51.45
CA GLY C 144 0.38 13.74 -51.70
C GLY C 144 0.73 12.31 -51.30
N TYR C 145 -0.16 11.58 -50.62
CA TYR C 145 0.13 10.22 -50.06
C TYR C 145 0.06 9.12 -51.16
N ALA C 146 -0.31 9.46 -52.41
CA ALA C 146 -0.24 8.55 -53.58
C ALA C 146 0.92 8.97 -54.47
N VAL C 147 2.11 8.42 -54.21
CA VAL C 147 3.39 8.87 -54.80
C VAL C 147 3.66 8.12 -56.11
N MET C 148 3.99 8.89 -57.15
CA MET C 148 4.17 8.41 -58.53
C MET C 148 5.68 8.37 -58.82
N ASP C 149 6.45 9.19 -58.13
CA ASP C 149 7.92 9.27 -58.31
C ASP C 149 8.56 9.89 -57.07
N TYR C 150 9.26 9.06 -56.29
CA TYR C 150 9.91 9.46 -55.03
C TYR C 150 11.15 10.30 -55.32
N ARG C 151 11.59 10.41 -56.58
CA ARG C 151 12.87 11.05 -56.95
C ARG C 151 12.66 12.44 -57.59
N ALA C 152 11.42 12.94 -57.55
CA ALA C 152 10.97 14.19 -58.16
C ALA C 152 10.07 14.92 -57.16
N VAL C 153 10.33 16.20 -57.00
CA VAL C 153 9.41 17.15 -56.31
C VAL C 153 8.19 17.35 -57.22
N ARG C 154 6.99 17.38 -56.66
CA ARG C 154 5.78 17.81 -57.41
C ARG C 154 6.09 19.14 -58.11
N GLU C 155 5.72 19.25 -59.38
CA GLU C 155 6.23 20.27 -60.31
C GLU C 155 5.93 21.68 -59.77
N ASP C 156 4.70 21.92 -59.30
CA ASP C 156 4.22 23.25 -58.86
C ASP C 156 4.96 23.70 -57.58
N LEU C 157 5.70 22.82 -56.89
CA LEU C 157 6.48 23.17 -55.66
C LEU C 157 7.95 23.46 -56.00
N GLY C 158 8.42 23.09 -57.19
CA GLY C 158 9.80 23.31 -57.64
C GLY C 158 10.48 22.01 -58.01
N THR C 159 11.79 21.91 -57.78
CA THR C 159 12.62 20.75 -58.17
C THR C 159 13.45 20.27 -56.98
N MET C 160 14.18 19.18 -57.19
CA MET C 160 15.15 18.65 -56.21
C MET C 160 16.27 19.65 -55.89
N ALA C 161 16.66 20.53 -56.83
CA ALA C 161 17.68 21.57 -56.57
C ALA C 161 17.11 22.58 -55.56
N ASP C 162 15.83 22.98 -55.70
CA ASP C 162 15.11 23.84 -54.71
C ASP C 162 15.08 23.15 -53.33
N LEU C 163 14.80 21.83 -53.28
CA LEU C 163 14.80 21.08 -52.00
C LEU C 163 16.18 21.20 -51.34
N GLU C 164 17.27 21.07 -52.11
CA GLU C 164 18.66 21.13 -51.59
C GLU C 164 18.93 22.53 -51.03
N ALA C 165 18.50 23.57 -51.72
CA ALA C 165 18.72 25.00 -51.37
C ALA C 165 17.90 25.35 -50.13
N LEU C 166 16.67 24.84 -50.02
CA LEU C 166 15.83 25.08 -48.82
C LEU C 166 16.45 24.39 -47.61
N THR C 167 16.91 23.14 -47.71
CA THR C 167 17.43 22.39 -46.52
C THR C 167 18.72 23.04 -46.03
N ALA C 168 19.58 23.51 -46.94
CA ALA C 168 20.76 24.37 -46.66
C ALA C 168 20.35 25.61 -45.85
N LYS C 169 19.32 26.34 -46.28
CA LYS C 169 18.76 27.51 -45.54
C LYS C 169 18.25 27.09 -44.16
N LEU C 170 17.54 25.95 -44.08
CA LEU C 170 16.95 25.47 -42.81
C LEU C 170 18.10 25.13 -41.87
N ARG C 171 19.12 24.40 -42.34
CA ARG C 171 20.26 23.95 -41.49
C ARG C 171 20.96 25.18 -40.89
N ALA C 172 21.11 26.27 -41.68
CA ALA C 172 21.86 27.46 -41.24
C ALA C 172 21.10 28.11 -40.07
N ARG C 173 19.78 27.88 -39.97
CA ARG C 173 18.94 28.37 -38.86
C ARG C 173 18.56 27.22 -37.89
N GLY C 174 19.36 26.16 -37.79
CA GLY C 174 19.11 25.03 -36.89
C GLY C 174 17.71 24.41 -37.07
N ILE C 175 17.17 24.37 -38.28
CA ILE C 175 15.87 23.69 -38.53
C ILE C 175 16.13 22.39 -39.29
N ALA C 176 15.61 21.28 -38.75
CA ALA C 176 15.57 19.93 -39.37
C ALA C 176 14.29 19.75 -40.21
N LEU C 177 14.44 19.36 -41.48
CA LEU C 177 13.31 18.97 -42.35
C LEU C 177 12.85 17.55 -42.06
N CYS C 178 11.53 17.40 -41.88
CA CYS C 178 10.86 16.07 -41.81
C CYS C 178 10.13 15.84 -43.12
N CYS C 179 10.44 14.73 -43.77
CA CYS C 179 9.82 14.32 -45.04
C CYS C 179 9.12 12.99 -44.81
N ASP C 180 7.91 12.84 -45.35
CA ASP C 180 7.17 11.56 -45.40
C ASP C 180 7.99 10.52 -46.19
N LEU C 181 8.02 9.29 -45.69
CA LEU C 181 8.47 8.08 -46.44
C LEU C 181 7.23 7.21 -46.56
N VAL C 182 6.52 7.34 -47.67
CA VAL C 182 5.26 6.57 -47.89
C VAL C 182 5.69 5.17 -48.31
N LEU C 183 6.18 4.33 -47.38
CA LEU C 183 6.84 3.03 -47.72
C LEU C 183 5.84 1.86 -47.80
N ASN C 184 4.57 2.07 -47.46
CA ASN C 184 3.56 0.97 -47.48
C ASN C 184 2.95 0.81 -48.87
N HIS C 185 2.94 1.86 -49.69
CA HIS C 185 2.14 1.83 -50.94
C HIS C 185 2.61 2.92 -51.92
N VAL C 186 2.41 2.69 -53.21
CA VAL C 186 2.71 3.67 -54.28
C VAL C 186 1.43 3.93 -55.04
N ALA C 187 1.36 5.07 -55.72
CA ALA C 187 0.38 5.37 -56.79
C ALA C 187 0.36 4.20 -57.79
N GLN C 188 -0.82 3.87 -58.29
CA GLN C 188 -0.95 2.87 -59.37
C GLN C 188 -0.25 3.40 -60.64
N GLU C 189 0.03 4.71 -60.70
CA GLU C 189 0.75 5.35 -61.84
C GLU C 189 2.26 5.29 -61.64
N HIS C 190 2.77 4.82 -60.49
CA HIS C 190 4.23 4.63 -60.25
C HIS C 190 4.80 3.61 -61.25
N GLU C 191 6.00 3.85 -61.80
CA GLU C 191 6.73 2.88 -62.66
C GLU C 191 6.47 1.43 -62.20
N TRP C 192 6.71 1.11 -60.93
CA TRP C 192 6.55 -0.27 -60.40
C TRP C 192 5.15 -0.81 -60.74
N ALA C 193 4.11 -0.06 -60.42
CA ALA C 193 2.72 -0.46 -60.64
C ALA C 193 2.42 -0.52 -62.14
N LEU C 194 3.05 0.31 -62.98
CA LEU C 194 2.69 0.29 -64.43
C LEU C 194 3.32 -0.95 -65.04
N ARG C 195 4.56 -1.26 -64.67
CA ARG C 195 5.30 -2.48 -65.10
C ARG C 195 4.52 -3.73 -64.65
N ALA C 196 3.91 -3.70 -63.47
CA ALA C 196 3.06 -4.78 -62.90
C ALA C 196 1.75 -4.85 -63.70
N ARG C 197 1.17 -3.71 -64.04
CA ARG C 197 -0.11 -3.64 -64.80
C ARG C 197 0.07 -4.25 -66.20
N ARG C 198 1.24 -4.09 -66.81
CA ARG C 198 1.62 -4.67 -68.14
C ARG C 198 1.99 -6.17 -68.05
N GLY C 199 1.97 -6.81 -66.86
CA GLY C 199 2.24 -8.26 -66.76
C GLY C 199 3.71 -8.60 -66.60
N GLU C 200 4.55 -7.70 -66.10
CA GLU C 200 5.93 -8.04 -65.65
C GLU C 200 5.83 -8.71 -64.27
N ALA C 201 6.01 -10.03 -64.21
CA ALA C 201 5.99 -10.83 -62.96
C ALA C 201 6.82 -10.15 -61.87
N LYS C 202 8.04 -9.70 -62.19
CA LYS C 202 9.02 -9.10 -61.25
C LYS C 202 8.34 -7.98 -60.46
N TYR C 203 7.57 -7.15 -61.17
CA TYR C 203 6.92 -5.92 -60.60
C TYR C 203 5.56 -6.32 -60.02
N GLN C 204 4.87 -7.36 -60.51
CA GLN C 204 3.69 -7.90 -59.78
C GLN C 204 4.09 -8.31 -58.36
N ARG C 205 5.32 -8.81 -58.16
CA ARG C 205 5.82 -9.26 -56.83
C ARG C 205 6.26 -8.07 -55.95
N TYR C 206 6.25 -6.84 -56.47
CA TYR C 206 6.37 -5.61 -55.65
C TYR C 206 5.04 -5.33 -54.94
N PHE C 207 3.94 -5.96 -55.41
CA PHE C 207 2.58 -5.84 -54.86
C PHE C 207 2.04 -7.18 -54.34
N HIS C 208 0.76 -7.18 -53.95
CA HIS C 208 -0.03 -8.35 -53.53
C HIS C 208 -1.16 -8.52 -54.55
N MET C 209 -0.91 -9.29 -55.61
CA MET C 209 -1.84 -9.41 -56.74
C MET C 209 -2.35 -10.86 -56.81
N PHE C 210 -3.65 -11.04 -56.96
CA PHE C 210 -4.35 -12.33 -56.84
C PHE C 210 -5.14 -12.55 -58.12
N PRO C 211 -5.13 -13.78 -58.65
CA PRO C 211 -5.81 -14.08 -59.92
C PRO C 211 -7.34 -14.12 -59.84
N ASP C 212 -7.87 -14.27 -58.63
CA ASP C 212 -9.34 -14.36 -58.36
C ASP C 212 -9.61 -13.99 -56.89
N ARG C 213 -10.87 -14.13 -56.44
CA ARG C 213 -11.37 -13.74 -55.09
C ARG C 213 -10.99 -14.75 -53.97
N THR C 214 -10.38 -15.87 -54.31
CA THR C 214 -10.15 -17.00 -53.36
C THR C 214 -9.34 -16.49 -52.15
N LEU C 215 -8.14 -15.96 -52.38
CA LEU C 215 -7.30 -15.46 -51.26
C LEU C 215 -7.85 -14.13 -50.75
N PRO C 216 -8.23 -13.14 -51.59
CA PRO C 216 -8.85 -11.92 -51.07
C PRO C 216 -10.02 -12.17 -50.09
N ASP C 217 -10.96 -13.07 -50.42
CA ASP C 217 -12.16 -13.37 -49.56
C ASP C 217 -11.70 -13.83 -48.18
N GLU C 218 -10.64 -14.65 -48.09
CA GLU C 218 -10.10 -15.17 -46.81
C GLU C 218 -9.42 -14.04 -46.02
N TYR C 219 -8.55 -13.25 -46.66
CA TYR C 219 -7.92 -12.08 -46.01
C TYR C 219 -8.98 -11.17 -45.41
N GLU C 220 -10.02 -10.81 -46.16
CA GLU C 220 -11.05 -9.80 -45.75
C GLU C 220 -11.70 -10.21 -44.42
N LYS C 221 -11.79 -11.51 -44.12
CA LYS C 221 -12.52 -11.99 -42.90
C LYS C 221 -11.95 -11.40 -41.61
N THR C 222 -10.67 -10.96 -41.59
CA THR C 222 -10.02 -10.41 -40.37
C THR C 222 -9.51 -8.99 -40.62
N LEU C 223 -9.86 -8.36 -41.74
CA LEU C 223 -9.32 -7.03 -42.11
C LEU C 223 -10.35 -5.98 -41.71
N PRO C 224 -9.93 -4.85 -41.06
CA PRO C 224 -10.81 -3.70 -40.88
C PRO C 224 -10.77 -2.82 -42.13
N GLU C 225 -11.63 -1.82 -42.14
CA GLU C 225 -11.76 -0.83 -43.23
C GLU C 225 -11.20 0.50 -42.75
N VAL C 226 -10.16 1.00 -43.41
CA VAL C 226 -9.59 2.34 -43.11
C VAL C 226 -10.44 3.42 -43.80
N PHE C 227 -10.85 3.23 -45.06
CA PHE C 227 -11.64 4.26 -45.79
C PHE C 227 -12.89 3.63 -46.40
N PRO C 228 -13.85 3.16 -45.59
CA PRO C 228 -15.07 2.53 -46.13
C PRO C 228 -15.92 3.41 -47.06
N ASP C 229 -15.79 4.73 -46.95
CA ASP C 229 -16.51 5.71 -47.81
C ASP C 229 -15.77 5.88 -49.13
N PHE C 230 -14.44 5.65 -49.17
CA PHE C 230 -13.64 5.89 -50.40
C PHE C 230 -13.55 4.59 -51.22
N ALA C 231 -13.30 3.48 -50.54
CA ALA C 231 -12.86 2.20 -51.13
C ALA C 231 -13.19 1.09 -50.15
N PRO C 232 -14.40 0.49 -50.25
CA PRO C 232 -14.76 -0.61 -49.35
C PRO C 232 -13.67 -1.68 -49.31
N GLY C 233 -13.50 -2.34 -48.16
CA GLY C 233 -12.53 -3.42 -48.01
C GLY C 233 -11.11 -2.96 -48.34
N ASN C 234 -10.32 -3.90 -48.86
CA ASN C 234 -8.84 -3.82 -48.90
C ASN C 234 -8.30 -4.28 -50.26
N PHE C 235 -9.17 -4.55 -51.24
CA PHE C 235 -8.78 -5.04 -52.59
C PHE C 235 -9.48 -4.23 -53.66
N THR C 236 -8.79 -4.05 -54.78
CA THR C 236 -9.29 -3.38 -56.00
C THR C 236 -8.94 -4.28 -57.19
N PHE C 237 -9.92 -4.52 -58.06
CA PHE C 237 -9.76 -5.17 -59.37
C PHE C 237 -9.06 -4.17 -60.30
N ASP C 238 -7.94 -4.61 -60.86
CA ASP C 238 -7.18 -3.86 -61.88
C ASP C 238 -7.42 -4.55 -63.22
N GLU C 239 -8.05 -3.82 -64.14
CA GLU C 239 -8.58 -4.36 -65.40
C GLU C 239 -7.42 -4.79 -66.31
N GLU C 240 -6.32 -4.04 -66.32
CA GLU C 240 -5.21 -4.23 -67.29
C GLU C 240 -4.46 -5.54 -67.00
N SER C 241 -4.15 -5.80 -65.72
CA SER C 241 -3.48 -7.02 -65.22
C SER C 241 -4.47 -8.21 -65.05
N GLY C 242 -5.77 -7.96 -64.86
CA GLY C 242 -6.75 -9.03 -64.54
C GLY C 242 -6.67 -9.46 -63.08
N GLN C 243 -5.99 -8.70 -62.22
CA GLN C 243 -5.60 -9.18 -60.86
C GLN C 243 -6.31 -8.33 -59.81
N TRP C 244 -6.72 -8.96 -58.72
CA TRP C 244 -7.16 -8.22 -57.51
C TRP C 244 -5.91 -7.76 -56.81
N VAL C 245 -5.81 -6.49 -56.47
CA VAL C 245 -4.60 -5.94 -55.82
C VAL C 245 -4.97 -5.40 -54.44
N TRP C 246 -4.06 -5.62 -53.50
CA TRP C 246 -4.23 -5.14 -52.11
C TRP C 246 -4.16 -3.61 -52.11
N THR C 247 -5.22 -2.97 -51.66
CA THR C 247 -5.36 -1.48 -51.58
C THR C 247 -5.96 -1.15 -50.22
N THR C 248 -5.12 -1.02 -49.19
CA THR C 248 -5.64 -0.76 -47.83
C THR C 248 -6.39 0.57 -47.83
N PHE C 249 -5.83 1.55 -48.52
N PHE C 249 -5.84 1.56 -48.52
CA PHE C 249 -6.29 2.96 -48.48
CA PHE C 249 -6.30 2.96 -48.49
C PHE C 249 -7.17 3.23 -49.71
C PHE C 249 -7.19 3.24 -49.72
N ASN C 250 -6.88 4.27 -50.50
CA ASN C 250 -7.60 4.59 -51.77
C ASN C 250 -7.31 3.48 -52.80
N ARG C 251 -8.17 3.36 -53.81
CA ARG C 251 -8.09 2.34 -54.89
C ARG C 251 -6.78 2.47 -55.65
N TRP C 252 -6.22 3.70 -55.76
CA TRP C 252 -5.03 4.03 -56.57
C TRP C 252 -3.78 4.08 -55.66
N GLN C 253 -3.91 3.63 -54.40
CA GLN C 253 -2.77 3.40 -53.46
C GLN C 253 -2.51 1.91 -53.33
N TRP C 254 -1.40 1.41 -53.89
CA TRP C 254 -1.14 -0.05 -54.04
C TRP C 254 -0.13 -0.52 -52.99
N ASP C 255 -0.56 -1.41 -52.10
CA ASP C 255 0.24 -1.93 -50.98
C ASP C 255 1.44 -2.67 -51.56
N LEU C 256 2.63 -2.29 -51.11
CA LEU C 256 3.89 -2.96 -51.51
C LEU C 256 4.02 -4.28 -50.78
N ASN C 257 4.76 -5.20 -51.40
CA ASN C 257 5.06 -6.54 -50.88
C ASN C 257 6.39 -6.50 -50.14
N TRP C 258 6.34 -6.36 -48.81
CA TRP C 258 7.54 -6.29 -47.96
C TRP C 258 8.17 -7.68 -47.73
N ALA C 259 7.62 -8.77 -48.26
CA ALA C 259 8.29 -10.09 -48.24
C ALA C 259 9.34 -10.11 -49.35
N ASN C 260 9.28 -9.13 -50.25
CA ASN C 260 10.16 -8.98 -51.44
C ASN C 260 11.45 -8.25 -51.05
N PRO C 261 12.65 -8.90 -51.03
CA PRO C 261 13.89 -8.20 -50.67
C PRO C 261 14.18 -6.98 -51.56
N GLU C 262 13.70 -7.01 -52.80
CA GLU C 262 13.85 -5.88 -53.75
C GLU C 262 13.17 -4.61 -53.20
N VAL C 263 11.99 -4.70 -52.61
CA VAL C 263 11.26 -3.53 -52.05
C VAL C 263 12.12 -2.94 -50.92
N PHE C 264 12.69 -3.80 -50.09
CA PHE C 264 13.55 -3.32 -49.01
C PHE C 264 14.74 -2.54 -49.59
N LEU C 265 15.39 -3.09 -50.61
CA LEU C 265 16.57 -2.42 -51.20
C LEU C 265 16.10 -1.10 -51.84
N GLU C 266 14.95 -1.07 -52.50
CA GLU C 266 14.41 0.20 -53.08
C GLU C 266 14.36 1.30 -51.99
N PHE C 267 13.84 0.99 -50.80
CA PHE C 267 13.56 2.01 -49.75
C PHE C 267 14.84 2.38 -48.99
N ALA C 268 15.75 1.44 -48.82
CA ALA C 268 17.07 1.67 -48.19
C ALA C 268 17.85 2.65 -49.08
N ASP C 269 17.81 2.42 -50.39
CA ASP C 269 18.37 3.35 -51.40
C ASP C 269 17.66 4.71 -51.24
N LEU C 270 16.33 4.74 -51.25
CA LEU C 270 15.55 6.00 -51.30
C LEU C 270 15.79 6.81 -50.02
N ILE C 271 15.82 6.17 -48.85
CA ILE C 271 16.10 6.89 -47.57
C ILE C 271 17.44 7.65 -47.67
N LEU C 272 18.51 6.97 -48.08
CA LEU C 272 19.87 7.59 -48.07
C LEU C 272 19.94 8.71 -49.12
N TRP C 273 19.26 8.56 -50.25
CA TRP C 273 19.27 9.56 -51.34
C TRP C 273 18.60 10.85 -50.81
N LEU C 274 17.45 10.70 -50.16
CA LEU C 274 16.67 11.85 -49.60
C LEU C 274 17.47 12.49 -48.46
N ALA C 275 18.14 11.69 -47.63
CA ALA C 275 18.98 12.21 -46.53
C ALA C 275 20.03 13.11 -47.15
N ASN C 276 20.58 12.69 -48.29
CA ASN C 276 21.66 13.42 -48.99
C ASN C 276 21.09 14.67 -49.66
N ARG C 277 19.78 14.74 -49.93
CA ARG C 277 19.12 16.02 -50.35
C ARG C 277 18.93 16.96 -49.13
N GLY C 278 19.20 16.48 -47.90
CA GLY C 278 19.02 17.19 -46.61
C GLY C 278 17.77 16.81 -45.77
N VAL C 279 17.06 15.72 -46.10
CA VAL C 279 16.01 15.18 -45.19
C VAL C 279 16.71 14.67 -43.93
N GLU C 280 16.25 15.15 -42.78
CA GLU C 280 16.80 14.90 -41.43
C GLU C 280 15.89 13.93 -40.68
N VAL C 281 14.59 13.90 -40.98
CA VAL C 281 13.61 13.07 -40.26
C VAL C 281 12.73 12.38 -41.30
N PHE C 282 12.59 11.06 -41.21
CA PHE C 282 11.67 10.27 -42.05
C PHE C 282 10.44 9.91 -41.23
N ARG C 283 9.27 10.39 -41.67
CA ARG C 283 7.96 9.95 -41.13
C ARG C 283 7.62 8.62 -41.78
N LEU C 284 7.61 7.52 -41.01
CA LEU C 284 7.19 6.20 -41.55
C LEU C 284 5.68 6.14 -41.63
N ASP C 285 5.14 6.59 -42.76
CA ASP C 285 3.69 6.57 -43.06
C ASP C 285 3.16 5.13 -43.12
N ALA C 286 2.05 4.88 -42.44
CA ALA C 286 1.36 3.58 -42.41
C ALA C 286 2.34 2.43 -42.07
N ILE C 287 3.32 2.66 -41.20
CA ILE C 287 4.37 1.66 -40.85
C ILE C 287 3.71 0.38 -40.29
N ALA C 288 2.58 0.50 -39.60
CA ALA C 288 1.90 -0.65 -38.96
C ALA C 288 1.35 -1.61 -40.02
N PHE C 289 1.22 -1.19 -41.27
CA PHE C 289 0.47 -1.94 -42.31
C PHE C 289 1.40 -2.76 -43.20
N ILE C 290 2.73 -2.67 -43.06
CA ILE C 290 3.64 -3.10 -44.17
C ILE C 290 3.80 -4.62 -44.23
N TRP C 291 3.37 -5.37 -43.20
CA TRP C 291 3.40 -6.86 -43.25
C TRP C 291 1.99 -7.43 -43.22
N LYS C 292 1.70 -8.33 -44.17
CA LYS C 292 0.39 -9.02 -44.26
C LYS C 292 0.58 -10.45 -43.73
N ARG C 293 -0.40 -10.91 -42.98
CA ARG C 293 -0.49 -12.32 -42.50
C ARG C 293 -1.97 -12.66 -42.52
N LEU C 294 -2.34 -13.70 -43.28
CA LEU C 294 -3.71 -14.26 -43.34
C LEU C 294 -4.18 -14.60 -41.92
N GLY C 295 -5.40 -14.19 -41.58
CA GLY C 295 -6.03 -14.51 -40.28
C GLY C 295 -5.75 -13.44 -39.23
N THR C 296 -4.97 -12.41 -39.58
CA THR C 296 -4.77 -11.19 -38.75
C THR C 296 -5.37 -9.98 -39.45
N ASN C 297 -5.40 -8.85 -38.73
CA ASN C 297 -5.85 -7.52 -39.21
C ASN C 297 -4.76 -6.89 -40.08
N CYS C 298 -3.63 -7.60 -40.29
CA CYS C 298 -2.46 -7.18 -41.11
C CYS C 298 -1.92 -5.82 -40.65
N GLN C 299 -1.86 -5.64 -39.33
CA GLN C 299 -1.33 -4.44 -38.63
C GLN C 299 -0.46 -4.91 -37.46
N ASN C 300 0.63 -4.21 -37.15
CA ASN C 300 1.38 -4.46 -35.90
C ASN C 300 2.05 -5.83 -35.94
N GLN C 301 2.17 -6.46 -37.11
CA GLN C 301 2.84 -7.79 -37.23
C GLN C 301 4.31 -7.66 -36.85
N PRO C 302 4.91 -8.71 -36.24
CA PRO C 302 6.31 -8.66 -35.81
C PRO C 302 7.27 -8.20 -36.93
N GLU C 303 7.00 -8.55 -38.18
CA GLU C 303 7.98 -8.30 -39.27
C GLU C 303 8.10 -6.78 -39.48
N VAL C 304 7.06 -6.02 -39.16
CA VAL C 304 7.06 -4.54 -39.26
C VAL C 304 8.28 -4.01 -38.53
N HIS C 305 8.52 -4.54 -37.34
CA HIS C 305 9.59 -4.04 -36.45
C HIS C 305 10.93 -4.56 -36.95
N ALA C 306 10.99 -5.78 -37.48
CA ALA C 306 12.25 -6.33 -38.05
C ALA C 306 12.67 -5.42 -39.21
N ILE C 307 11.72 -5.11 -40.09
CA ILE C 307 11.97 -4.25 -41.28
C ILE C 307 12.42 -2.86 -40.80
N THR C 308 11.66 -2.23 -39.90
CA THR C 308 11.98 -0.88 -39.37
C THR C 308 13.40 -0.90 -38.80
N GLN C 309 13.74 -1.92 -37.98
CA GLN C 309 15.09 -2.08 -37.39
C GLN C 309 16.14 -2.08 -38.50
N ALA C 310 15.90 -2.80 -39.59
CA ALA C 310 16.88 -2.89 -40.69
C ALA C 310 17.02 -1.53 -41.38
N LEU C 311 15.92 -0.86 -41.72
CA LEU C 311 15.91 0.46 -42.40
C LEU C 311 16.58 1.48 -41.48
N ARG C 312 16.22 1.48 -40.19
CA ARG C 312 16.86 2.34 -39.18
C ARG C 312 18.38 2.13 -39.19
N ALA C 313 18.86 0.90 -39.11
CA ALA C 313 20.31 0.58 -39.08
C ALA C 313 21.02 1.17 -40.32
N VAL C 314 20.37 1.07 -41.50
CA VAL C 314 20.89 1.65 -42.77
C VAL C 314 21.19 3.15 -42.55
N ALA C 315 20.22 3.91 -42.04
CA ALA C 315 20.38 5.35 -41.75
C ALA C 315 21.44 5.58 -40.66
N ARG C 316 21.50 4.73 -39.65
CA ARG C 316 22.53 4.90 -38.59
C ARG C 316 23.95 4.77 -39.18
N ILE C 317 24.14 3.90 -40.16
CA ILE C 317 25.50 3.61 -40.72
C ILE C 317 25.94 4.78 -41.62
N VAL C 318 25.03 5.27 -42.48
CA VAL C 318 25.37 6.22 -43.56
C VAL C 318 25.05 7.68 -43.18
N ALA C 319 23.97 7.95 -42.44
CA ALA C 319 23.50 9.32 -42.09
C ALA C 319 23.12 9.40 -40.62
N PRO C 320 24.09 9.32 -39.67
CA PRO C 320 23.79 9.39 -38.23
C PRO C 320 22.88 10.55 -37.79
N ALA C 321 22.77 11.61 -38.59
CA ALA C 321 21.99 12.82 -38.22
C ALA C 321 20.50 12.52 -38.29
N VAL C 322 20.08 11.56 -39.11
CA VAL C 322 18.64 11.42 -39.42
C VAL C 322 17.94 10.64 -38.30
N LEU C 323 16.67 11.00 -38.07
CA LEU C 323 15.72 10.32 -37.14
C LEU C 323 14.60 9.68 -37.95
N PHE C 324 13.96 8.69 -37.36
CA PHE C 324 12.71 8.07 -37.87
C PHE C 324 11.59 8.45 -36.92
N LYS C 325 10.45 8.86 -37.46
CA LYS C 325 9.17 9.10 -36.75
C LYS C 325 8.15 8.06 -37.23
N ALA C 326 7.65 7.19 -36.35
CA ALA C 326 6.64 6.18 -36.69
C ALA C 326 5.26 6.83 -36.69
N GLU C 327 4.57 6.80 -37.84
CA GLU C 327 3.11 7.00 -37.87
C GLU C 327 2.45 5.67 -37.55
N ALA C 328 2.08 5.47 -36.27
CA ALA C 328 1.36 4.28 -35.79
C ALA C 328 0.14 4.71 -34.98
N ILE C 329 -0.96 5.00 -35.66
CA ILE C 329 -2.22 5.50 -35.03
C ILE C 329 -2.98 4.24 -34.58
N VAL C 330 -2.53 3.66 -33.49
CA VAL C 330 -2.94 2.28 -33.11
C VAL C 330 -3.46 2.34 -31.68
N ALA C 331 -3.92 1.20 -31.18
CA ALA C 331 -4.51 1.10 -29.82
C ALA C 331 -3.44 1.44 -28.78
N PRO C 332 -3.86 1.94 -27.61
CA PRO C 332 -2.92 2.23 -26.53
C PRO C 332 -1.91 1.11 -26.25
N ASP C 333 -2.38 -0.13 -26.34
CA ASP C 333 -1.65 -1.34 -25.89
C ASP C 333 -0.58 -1.68 -26.94
N ASP C 334 -0.72 -1.14 -28.17
CA ASP C 334 0.08 -1.54 -29.37
C ASP C 334 1.15 -0.46 -29.69
N LEU C 335 0.98 0.76 -29.21
CA LEU C 335 1.76 1.94 -29.64
C LEU C 335 3.22 1.81 -29.22
N ILE C 336 3.47 1.30 -28.02
CA ILE C 336 4.82 1.27 -27.36
C ILE C 336 5.78 0.41 -28.19
N HIS C 337 5.30 -0.63 -28.89
CA HIS C 337 6.15 -1.49 -29.74
C HIS C 337 6.89 -0.65 -30.81
N TYR C 338 6.37 0.51 -31.21
CA TYR C 338 6.91 1.30 -32.35
C TYR C 338 8.12 2.12 -31.88
N LEU C 339 8.37 2.20 -30.57
CA LEU C 339 9.64 2.75 -30.05
C LEU C 339 10.59 1.62 -29.65
N GLY C 340 10.22 0.36 -29.89
CA GLY C 340 11.11 -0.80 -29.73
C GLY C 340 11.02 -1.45 -28.35
N GLN C 341 10.58 -2.71 -28.33
CA GLN C 341 10.45 -3.54 -27.11
C GLN C 341 11.13 -4.88 -27.37
N GLY C 342 11.44 -5.62 -26.30
CA GLY C 342 12.05 -6.96 -26.41
C GLY C 342 13.35 -6.88 -27.20
N PRO C 343 13.55 -7.74 -28.22
CA PRO C 343 14.81 -7.73 -28.94
C PRO C 343 15.00 -6.45 -29.77
N HIS C 344 13.97 -5.59 -29.86
CA HIS C 344 14.02 -4.36 -30.69
C HIS C 344 14.16 -3.12 -29.80
N PHE C 345 14.47 -3.29 -28.51
CA PHE C 345 14.51 -2.19 -27.49
C PHE C 345 15.38 -1.02 -27.97
N GLY C 346 14.74 0.12 -28.24
CA GLY C 346 15.45 1.35 -28.62
C GLY C 346 16.13 1.24 -29.98
N LEU C 347 15.78 0.27 -30.83
CA LEU C 347 16.51 0.05 -32.11
C LEU C 347 15.63 0.42 -33.30
N LEU C 348 14.44 0.99 -33.05
N LEU C 348 14.44 0.99 -33.05
CA LEU C 348 13.42 1.23 -34.10
CA LEU C 348 13.44 1.24 -34.12
C LEU C 348 13.36 2.75 -34.35
C LEU C 348 13.37 2.75 -34.36
N SER C 349 12.18 3.29 -34.64
CA SER C 349 11.94 4.74 -34.78
C SER C 349 12.41 5.46 -33.50
N ASP C 350 12.98 6.65 -33.68
CA ASP C 350 13.43 7.53 -32.57
C ASP C 350 12.18 8.15 -31.90
N THR C 351 11.11 8.37 -32.66
CA THR C 351 9.87 8.98 -32.13
C THR C 351 8.63 8.33 -32.73
N ALA C 352 7.50 8.58 -32.11
CA ALA C 352 6.17 8.08 -32.57
C ALA C 352 5.13 9.09 -32.10
N TYR C 353 4.10 9.32 -32.89
CA TYR C 353 2.95 10.18 -32.51
C TYR C 353 2.32 9.58 -31.25
N HIS C 354 2.11 10.39 -30.19
CA HIS C 354 1.31 9.98 -28.99
C HIS C 354 -0.16 10.26 -29.31
N ASN C 355 -0.77 9.42 -30.15
CA ASN C 355 -2.21 9.57 -30.49
C ASN C 355 -3.04 9.42 -29.21
N SER C 356 -2.59 8.65 -28.23
CA SER C 356 -3.37 8.44 -26.98
C SER C 356 -3.42 9.76 -26.20
N LEU C 357 -2.31 10.51 -26.12
CA LEU C 357 -2.30 11.82 -25.40
C LEU C 357 -3.26 12.79 -26.10
N MET C 358 -3.18 12.84 -27.42
CA MET C 358 -4.05 13.69 -28.27
C MET C 358 -5.52 13.33 -28.01
N VAL C 359 -5.89 12.07 -28.17
CA VAL C 359 -7.27 11.60 -27.93
C VAL C 359 -7.69 12.02 -26.50
N GLN C 360 -6.83 11.81 -25.49
CA GLN C 360 -7.21 12.00 -24.07
C GLN C 360 -7.46 13.49 -23.77
N ILE C 361 -6.69 14.37 -24.43
CA ILE C 361 -6.84 15.85 -24.28
C ILE C 361 -8.24 16.26 -24.75
N TRP C 362 -8.69 15.82 -25.92
CA TRP C 362 -10.02 16.19 -26.49
C TRP C 362 -11.14 15.54 -25.65
N SER C 363 -10.96 14.28 -25.24
CA SER C 363 -11.94 13.54 -24.41
C SER C 363 -12.16 14.31 -23.10
N SER C 364 -11.07 14.66 -22.42
CA SER C 364 -11.09 15.39 -21.12
C SER C 364 -11.69 16.79 -21.30
N LEU C 365 -11.49 17.43 -22.45
CA LEU C 365 -12.11 18.75 -22.76
C LEU C 365 -13.63 18.60 -22.90
N ALA C 366 -14.12 17.56 -23.55
CA ALA C 366 -15.57 17.37 -23.77
C ALA C 366 -16.23 17.01 -22.43
N SER C 367 -15.63 16.16 -21.63
CA SER C 367 -16.28 15.59 -20.42
C SER C 367 -15.98 16.41 -19.15
N ARG C 368 -14.98 17.30 -19.20
CA ARG C 368 -14.48 18.15 -18.07
C ARG C 368 -13.84 17.27 -16.98
N ASP C 369 -13.62 15.98 -17.24
CA ASP C 369 -13.10 14.97 -16.28
C ASP C 369 -11.81 14.39 -16.88
N VAL C 370 -10.79 14.18 -16.05
CA VAL C 370 -9.41 13.79 -16.46
C VAL C 370 -9.09 12.39 -15.92
N ARG C 371 -10.06 11.70 -15.32
CA ARG C 371 -9.82 10.34 -14.73
C ARG C 371 -9.41 9.37 -15.85
N LEU C 372 -10.12 9.33 -16.98
CA LEU C 372 -9.78 8.36 -18.04
C LEU C 372 -8.36 8.70 -18.58
N MET C 373 -8.10 9.98 -18.87
CA MET C 373 -6.80 10.46 -19.35
C MET C 373 -5.69 10.01 -18.39
N SER C 374 -5.86 10.25 -17.10
CA SER C 374 -4.89 9.96 -16.02
C SER C 374 -4.60 8.46 -15.93
N GLU C 375 -5.63 7.62 -15.92
CA GLU C 375 -5.53 6.15 -15.90
C GLU C 375 -4.88 5.65 -17.21
N ALA C 376 -5.34 6.05 -18.38
CA ALA C 376 -4.78 5.54 -19.66
C ALA C 376 -3.29 5.90 -19.73
N LEU C 377 -2.94 7.13 -19.34
CA LEU C 377 -1.53 7.61 -19.41
C LEU C 377 -0.69 7.00 -18.28
N ARG C 378 -1.26 6.75 -17.10
CA ARG C 378 -0.57 6.04 -15.99
C ARG C 378 -0.16 4.61 -16.43
N ARG C 379 -1.05 3.89 -17.11
CA ARG C 379 -0.87 2.46 -17.52
C ARG C 379 0.12 2.32 -18.68
N PHE C 380 0.35 3.42 -19.41
CA PHE C 380 1.22 3.44 -20.60
C PHE C 380 2.59 2.93 -20.19
N PRO C 381 3.13 1.88 -20.83
CA PRO C 381 4.48 1.41 -20.50
C PRO C 381 5.55 2.49 -20.78
N LEU C 382 6.64 2.42 -20.03
CA LEU C 382 7.86 3.27 -20.21
C LEU C 382 8.49 2.96 -21.58
N LYS C 383 9.06 3.98 -22.24
CA LYS C 383 9.69 3.88 -23.58
C LYS C 383 11.19 3.80 -23.38
N PRO C 384 11.97 3.34 -24.37
CA PRO C 384 13.43 3.43 -24.28
C PRO C 384 13.78 4.91 -24.09
N THR C 385 14.77 5.22 -23.23
CA THR C 385 15.15 6.60 -22.86
C THR C 385 15.89 7.30 -23.99
N ASN C 386 16.28 6.57 -25.05
CA ASN C 386 16.88 7.18 -26.27
C ASN C 386 15.75 7.68 -27.19
N THR C 387 14.48 7.46 -26.85
CA THR C 387 13.34 7.78 -27.76
C THR C 387 12.53 8.95 -27.21
N ALA C 388 11.67 9.50 -28.04
CA ALA C 388 10.79 10.62 -27.64
C ALA C 388 9.41 10.43 -28.26
N TRP C 389 8.38 10.82 -27.54
CA TRP C 389 7.04 10.99 -28.16
C TRP C 389 7.04 12.25 -29.02
N CYS C 390 6.25 12.27 -30.07
CA CYS C 390 5.76 13.51 -30.72
C CYS C 390 4.38 13.81 -30.14
N THR C 391 4.24 14.93 -29.47
CA THR C 391 2.96 15.37 -28.89
C THR C 391 2.28 16.29 -29.89
N TYR C 392 0.96 16.31 -29.86
CA TYR C 392 0.17 17.14 -30.79
C TYR C 392 -1.27 17.20 -30.35
N LEU C 393 -1.92 18.28 -30.75
CA LEU C 393 -3.35 18.52 -30.50
C LEU C 393 -4.12 18.26 -31.80
N ARG C 394 -3.58 18.69 -32.95
CA ARG C 394 -4.24 18.40 -34.25
C ARG C 394 -3.20 18.09 -35.32
N CYS C 395 -3.64 17.62 -36.47
CA CYS C 395 -2.73 17.27 -37.59
C CYS C 395 -3.57 17.19 -38.85
N HIS C 396 -2.98 16.86 -39.99
CA HIS C 396 -3.67 16.82 -41.29
C HIS C 396 -4.82 15.82 -41.29
N ASP C 397 -4.84 14.89 -40.32
CA ASP C 397 -5.83 13.80 -40.33
C ASP C 397 -6.98 14.07 -39.36
N ASP C 398 -8.10 13.38 -39.62
CA ASP C 398 -9.18 13.09 -38.65
C ASP C 398 -8.61 12.57 -37.32
N ILE C 399 -9.45 12.68 -36.29
CA ILE C 399 -9.24 12.10 -34.95
C ILE C 399 -9.95 10.74 -34.90
N GLY C 400 -9.18 9.70 -34.58
CA GLY C 400 -9.69 8.35 -34.25
C GLY C 400 -9.72 8.19 -32.74
N TRP C 401 -10.85 7.80 -32.17
CA TRP C 401 -11.01 7.75 -30.69
C TRP C 401 -10.43 6.43 -30.17
N ALA C 402 -9.11 6.36 -30.06
CA ALA C 402 -8.35 5.19 -29.52
C ALA C 402 -8.45 5.14 -27.98
N ILE C 403 -9.58 4.67 -27.49
CA ILE C 403 -9.87 4.51 -26.05
C ILE C 403 -10.02 3.01 -25.76
N ALA C 404 -9.20 2.47 -24.87
CA ALA C 404 -9.23 1.05 -24.53
C ALA C 404 -10.36 0.86 -23.51
N ASP C 405 -11.24 -0.09 -23.76
CA ASP C 405 -12.34 -0.53 -22.85
C ASP C 405 -11.80 -0.69 -21.43
N GLU C 406 -10.60 -1.27 -21.29
CA GLU C 406 -9.97 -1.62 -19.99
C GLU C 406 -9.70 -0.33 -19.18
N ASP C 407 -9.29 0.74 -19.85
CA ASP C 407 -8.98 2.03 -19.20
C ASP C 407 -10.31 2.69 -18.80
N ALA C 408 -11.29 2.63 -19.70
CA ALA C 408 -12.63 3.17 -19.43
C ALA C 408 -13.25 2.42 -18.27
N ALA C 409 -13.22 1.09 -18.29
CA ALA C 409 -13.84 0.26 -17.24
C ALA C 409 -13.24 0.54 -15.87
N ARG C 410 -11.93 0.78 -15.80
CA ARG C 410 -11.22 1.05 -14.53
C ARG C 410 -11.74 2.31 -13.85
N VAL C 411 -12.17 3.31 -14.63
CA VAL C 411 -12.69 4.60 -14.09
C VAL C 411 -14.21 4.69 -14.25
N GLY C 412 -14.89 3.55 -14.40
CA GLY C 412 -16.35 3.47 -14.37
C GLY C 412 -16.96 4.11 -15.59
N LEU C 413 -16.40 3.81 -16.77
CA LEU C 413 -16.97 4.25 -18.06
C LEU C 413 -17.11 3.04 -18.99
N SER C 414 -18.14 3.04 -19.83
CA SER C 414 -18.30 2.11 -20.96
C SER C 414 -17.47 2.68 -22.11
N GLY C 415 -16.47 1.93 -22.55
CA GLY C 415 -15.62 2.31 -23.68
C GLY C 415 -16.47 2.61 -24.91
N GLU C 416 -17.40 1.72 -25.24
CA GLU C 416 -18.40 1.88 -26.34
C GLU C 416 -19.22 3.18 -26.15
N ALA C 417 -19.90 3.40 -25.02
CA ALA C 417 -20.71 4.62 -24.78
C ALA C 417 -19.78 5.86 -24.90
N HIS C 418 -18.58 5.80 -24.36
CA HIS C 418 -17.69 6.99 -24.34
C HIS C 418 -17.18 7.33 -25.75
N ARG C 419 -16.68 6.33 -26.49
CA ARG C 419 -16.29 6.52 -27.92
C ARG C 419 -17.46 7.11 -28.69
N ARG C 420 -18.64 6.53 -28.57
CA ARG C 420 -19.85 7.05 -29.27
C ARG C 420 -20.07 8.51 -28.85
N PHE C 421 -20.00 8.82 -27.55
CA PHE C 421 -20.17 10.19 -27.00
C PHE C 421 -19.15 11.16 -27.63
N LEU C 422 -17.91 10.75 -27.87
CA LEU C 422 -16.87 11.71 -28.32
C LEU C 422 -17.18 12.17 -29.74
N SER C 423 -17.69 11.29 -30.59
CA SER C 423 -18.12 11.68 -31.95
C SER C 423 -19.41 12.51 -31.86
N ASP C 424 -20.33 12.15 -30.96
CA ASP C 424 -21.58 12.92 -30.75
C ASP C 424 -21.22 14.34 -30.29
N TYR C 425 -20.28 14.48 -29.36
CA TYR C 425 -19.88 15.79 -28.80
C TYR C 425 -19.26 16.61 -29.92
N TYR C 426 -18.21 16.08 -30.57
CA TYR C 426 -17.33 16.87 -31.46
C TYR C 426 -18.01 17.09 -32.83
N SER C 427 -19.06 16.33 -33.18
CA SER C 427 -19.87 16.59 -34.40
C SER C 427 -20.87 17.73 -34.15
N GLY C 428 -21.05 18.14 -32.89
CA GLY C 428 -21.88 19.31 -32.50
C GLY C 428 -23.29 18.94 -32.11
N ARG C 429 -23.64 17.64 -32.07
CA ARG C 429 -25.02 17.14 -31.91
C ARG C 429 -25.36 17.04 -30.41
N PHE C 430 -24.37 16.74 -29.56
CA PHE C 430 -24.58 16.63 -28.10
C PHE C 430 -25.09 17.97 -27.55
N PRO C 431 -26.13 17.97 -26.66
CA PRO C 431 -26.69 19.22 -26.13
C PRO C 431 -25.59 20.11 -25.53
N ALA C 432 -25.47 21.34 -26.05
CA ALA C 432 -24.58 22.41 -25.54
C ALA C 432 -23.14 22.17 -26.01
N SER C 433 -22.87 21.25 -26.94
CA SER C 433 -21.48 21.07 -27.45
C SER C 433 -21.00 22.41 -27.95
N PHE C 434 -19.76 22.78 -27.62
CA PHE C 434 -19.09 23.97 -28.19
C PHE C 434 -18.48 23.69 -29.57
N SER C 435 -18.49 22.44 -30.09
CA SER C 435 -17.62 21.99 -31.21
C SER C 435 -18.31 22.14 -32.57
N ARG C 436 -17.54 22.56 -33.58
CA ARG C 436 -17.94 22.48 -35.00
C ARG C 436 -16.98 21.52 -35.70
N GLY C 437 -17.25 20.23 -35.58
CA GLY C 437 -16.51 19.19 -36.34
C GLY C 437 -17.44 18.39 -37.21
N LEU C 438 -16.87 17.59 -38.10
CA LEU C 438 -17.61 16.72 -39.06
C LEU C 438 -17.26 15.25 -38.79
N VAL C 439 -18.26 14.39 -38.97
CA VAL C 439 -18.06 12.91 -38.95
C VAL C 439 -17.26 12.53 -40.20
N PHE C 440 -16.24 11.71 -40.04
CA PHE C 440 -15.47 11.11 -41.17
C PHE C 440 -15.55 9.58 -41.07
N GLN C 441 -15.88 8.94 -42.20
CA GLN C 441 -15.74 7.46 -42.39
C GLN C 441 -16.62 6.76 -41.35
N GLU C 442 -17.85 7.24 -41.20
CA GLU C 442 -18.87 6.56 -40.37
C GLU C 442 -19.05 5.17 -40.96
N ASN C 443 -18.79 4.13 -40.17
CA ASN C 443 -18.90 2.70 -40.56
C ASN C 443 -20.14 2.14 -39.86
N PRO C 444 -21.25 1.86 -40.58
CA PRO C 444 -22.45 1.30 -39.94
C PRO C 444 -22.30 -0.15 -39.45
N ARG C 445 -21.36 -0.90 -40.03
CA ARG C 445 -21.11 -2.31 -39.64
C ARG C 445 -20.42 -2.35 -38.27
N THR C 446 -19.46 -1.48 -37.98
CA THR C 446 -18.68 -1.49 -36.71
C THR C 446 -19.15 -0.41 -35.73
N GLY C 447 -19.88 0.61 -36.21
CA GLY C 447 -20.29 1.80 -35.43
C GLY C 447 -19.17 2.84 -35.31
N ASP C 448 -17.99 2.62 -35.93
CA ASP C 448 -16.80 3.51 -35.82
C ASP C 448 -17.10 4.85 -36.50
N ARG C 449 -16.76 5.94 -35.82
CA ARG C 449 -16.81 7.28 -36.43
C ARG C 449 -15.53 8.02 -36.05
N ARG C 450 -14.96 8.76 -37.00
CA ARG C 450 -13.84 9.69 -36.75
C ARG C 450 -14.33 11.11 -36.92
N ILE C 451 -13.48 12.08 -36.53
CA ILE C 451 -13.88 13.52 -36.53
C ILE C 451 -12.87 14.33 -37.33
N SER C 452 -13.33 15.19 -38.22
CA SER C 452 -12.50 16.21 -38.89
C SER C 452 -12.82 17.59 -38.30
N GLY C 453 -11.88 18.53 -38.35
CA GLY C 453 -12.08 19.91 -37.87
C GLY C 453 -10.80 20.49 -37.33
N SER C 454 -10.65 21.80 -37.41
CA SER C 454 -9.49 22.53 -36.83
C SER C 454 -9.63 22.52 -35.31
N ALA C 455 -8.52 22.66 -34.61
CA ALA C 455 -8.43 22.86 -33.17
C ALA C 455 -9.43 23.94 -32.75
N ALA C 456 -9.36 25.10 -33.40
CA ALA C 456 -10.15 26.32 -33.07
C ALA C 456 -11.64 26.01 -33.22
N SER C 457 -12.03 25.21 -34.22
CA SER C 457 -13.45 24.90 -34.50
C SER C 457 -13.95 23.82 -33.54
N LEU C 458 -13.11 22.83 -33.22
CA LEU C 458 -13.46 21.78 -32.24
C LEU C 458 -13.51 22.34 -30.81
N ALA C 459 -12.70 23.34 -30.50
CA ALA C 459 -12.49 23.88 -29.14
C ALA C 459 -13.52 24.97 -28.82
N GLY C 460 -14.38 25.34 -29.78
CA GLY C 460 -15.54 26.24 -29.58
C GLY C 460 -15.40 27.65 -30.14
N LEU C 461 -14.28 28.02 -30.76
CA LEU C 461 -14.04 29.42 -31.17
C LEU C 461 -14.98 29.77 -32.32
N GLU C 462 -15.31 28.78 -33.16
CA GLU C 462 -16.13 29.04 -34.37
C GLU C 462 -17.51 29.48 -33.88
N GLN C 463 -18.09 28.67 -33.01
CA GLN C 463 -19.40 28.88 -32.40
C GLN C 463 -19.41 30.23 -31.68
N ALA C 464 -18.40 30.48 -30.86
CA ALA C 464 -18.32 31.71 -30.04
C ALA C 464 -18.34 32.93 -30.98
N LEU C 465 -17.57 32.94 -32.08
CA LEU C 465 -17.46 34.13 -32.99
C LEU C 465 -18.79 34.32 -33.72
N GLU C 466 -19.49 33.24 -34.03
CA GLU C 466 -20.78 33.25 -34.77
C GLU C 466 -21.88 33.85 -33.89
N ARG C 467 -21.93 33.50 -32.60
CA ARG C 467 -22.94 34.03 -31.63
C ARG C 467 -22.54 35.38 -31.06
N GLY C 468 -21.33 35.89 -31.35
CA GLY C 468 -20.76 37.12 -30.75
C GLY C 468 -20.77 37.08 -29.24
N ASP C 469 -20.49 35.91 -28.65
CA ASP C 469 -20.50 35.66 -27.18
C ASP C 469 -19.07 35.84 -26.66
N PRO C 470 -18.77 36.89 -25.84
CA PRO C 470 -17.40 37.18 -25.43
C PRO C 470 -16.85 36.19 -24.40
N HIS C 471 -17.69 35.67 -23.53
CA HIS C 471 -17.33 34.68 -22.48
C HIS C 471 -16.90 33.37 -23.18
N GLN C 472 -17.69 32.90 -24.16
CA GLN C 472 -17.38 31.66 -24.93
C GLN C 472 -16.14 31.89 -25.81
N LEU C 473 -15.90 33.11 -26.29
CA LEU C 473 -14.68 33.43 -27.09
C LEU C 473 -13.46 33.28 -26.17
N HIS C 474 -13.46 33.97 -25.01
CA HIS C 474 -12.42 33.79 -23.97
C HIS C 474 -12.23 32.29 -23.68
N LEU C 475 -13.28 31.57 -23.30
CA LEU C 475 -13.16 30.15 -22.86
C LEU C 475 -12.57 29.29 -24.00
N SER C 476 -12.98 29.51 -25.24
CA SER C 476 -12.51 28.73 -26.40
C SER C 476 -11.00 28.95 -26.57
N LEU C 477 -10.54 30.20 -26.45
CA LEU C 477 -9.09 30.51 -26.60
C LEU C 477 -8.34 29.82 -25.46
N GLU C 478 -8.89 29.83 -24.26
CA GLU C 478 -8.25 29.21 -23.08
C GLU C 478 -8.14 27.69 -23.28
N ARG C 479 -9.17 27.07 -23.84
CA ARG C 479 -9.14 25.61 -24.11
C ARG C 479 -8.00 25.30 -25.08
N LEU C 480 -7.79 26.14 -26.11
CA LEU C 480 -6.71 25.92 -27.10
C LEU C 480 -5.33 26.08 -26.44
N LEU C 481 -5.17 27.06 -25.57
CA LEU C 481 -3.91 27.30 -24.85
C LEU C 481 -3.68 26.18 -23.83
N LEU C 482 -4.75 25.71 -23.18
CA LEU C 482 -4.61 24.57 -22.24
C LEU C 482 -4.10 23.36 -23.02
N GLY C 483 -4.73 23.06 -24.14
CA GLY C 483 -4.42 21.91 -24.99
C GLY C 483 -2.97 21.96 -25.42
N HIS C 484 -2.56 23.13 -25.88
CA HIS C 484 -1.17 23.37 -26.34
C HIS C 484 -0.24 23.28 -25.15
N ALA C 485 -0.66 23.72 -23.96
CA ALA C 485 0.22 23.65 -22.75
C ALA C 485 0.54 22.17 -22.45
N VAL C 486 -0.43 21.29 -22.56
CA VAL C 486 -0.22 19.83 -22.35
C VAL C 486 0.74 19.32 -23.43
N VAL C 487 0.54 19.67 -24.71
CA VAL C 487 1.46 19.09 -25.75
C VAL C 487 2.88 19.65 -25.57
N LEU C 488 3.02 20.88 -25.05
CA LEU C 488 4.33 21.55 -24.83
C LEU C 488 5.00 20.98 -23.56
N GLY C 489 4.22 20.51 -22.58
CA GLY C 489 4.73 20.24 -21.21
C GLY C 489 4.85 18.75 -20.92
N PHE C 490 4.34 17.88 -21.79
CA PHE C 490 4.24 16.43 -21.47
C PHE C 490 5.65 15.80 -21.48
N GLY C 491 6.54 16.30 -22.35
CA GLY C 491 7.83 15.69 -22.65
C GLY C 491 7.73 15.09 -24.03
N GLY C 492 8.48 15.63 -24.98
CA GLY C 492 8.33 15.21 -26.38
C GLY C 492 8.42 16.38 -27.33
N ILE C 493 8.61 16.05 -28.59
CA ILE C 493 8.63 17.05 -29.69
C ILE C 493 7.19 17.45 -29.94
N PRO C 494 6.85 18.74 -29.71
CA PRO C 494 5.50 19.25 -29.94
C PRO C 494 5.31 19.63 -31.42
N LEU C 495 4.39 18.93 -32.09
CA LEU C 495 4.05 19.19 -33.52
C LEU C 495 2.97 20.28 -33.62
N LEU C 496 3.37 21.56 -33.68
CA LEU C 496 2.42 22.67 -33.94
C LEU C 496 1.90 22.47 -35.35
N TYR C 497 0.59 22.49 -35.51
CA TYR C 497 -0.07 22.31 -36.82
C TYR C 497 -0.33 23.72 -37.38
N MET C 498 0.05 23.95 -38.64
CA MET C 498 0.10 25.29 -39.30
C MET C 498 -1.23 26.03 -39.14
N GLY C 499 -1.18 27.24 -38.57
CA GLY C 499 -2.34 28.13 -38.40
C GLY C 499 -3.03 27.99 -37.05
N ASP C 500 -2.80 26.91 -36.31
CA ASP C 500 -3.40 26.75 -34.96
C ASP C 500 -2.84 27.87 -34.07
N GLU C 501 -1.63 28.35 -34.34
CA GLU C 501 -1.04 29.50 -33.62
C GLU C 501 -1.82 30.77 -33.95
N LEU C 502 -2.75 30.74 -34.93
CA LEU C 502 -3.69 31.86 -35.26
C LEU C 502 -5.15 31.47 -34.99
N ALA C 503 -5.39 30.32 -34.35
CA ALA C 503 -6.75 29.77 -34.15
C ALA C 503 -7.55 29.74 -35.47
N LEU C 504 -6.95 29.24 -36.56
CA LEU C 504 -7.68 29.03 -37.83
C LEU C 504 -8.89 28.13 -37.62
N LEU C 505 -10.00 28.51 -38.27
CA LEU C 505 -11.28 27.79 -38.25
C LEU C 505 -11.34 26.82 -39.43
N ASN C 506 -12.33 25.94 -39.36
CA ASN C 506 -12.82 25.08 -40.47
C ASN C 506 -12.81 25.94 -41.74
N ASP C 507 -12.18 25.45 -42.80
CA ASP C 507 -12.23 26.01 -44.17
C ASP C 507 -13.11 25.09 -45.01
N HIS C 508 -14.30 25.54 -45.37
CA HIS C 508 -15.33 24.78 -46.14
C HIS C 508 -15.07 24.90 -47.64
N SER C 509 -14.01 25.57 -48.08
CA SER C 509 -13.76 25.82 -49.54
C SER C 509 -13.43 24.53 -50.31
N TYR C 510 -13.07 23.43 -49.61
CA TYR C 510 -12.79 22.09 -50.21
C TYR C 510 -14.05 21.52 -50.89
N LEU C 511 -15.25 21.89 -50.43
CA LEU C 511 -16.57 21.44 -50.99
C LEU C 511 -16.68 21.77 -52.50
N GLU C 512 -15.92 22.75 -53.01
CA GLU C 512 -16.01 23.24 -54.42
C GLU C 512 -14.77 22.86 -55.24
N GLU C 513 -13.77 22.18 -54.65
CA GLU C 513 -12.67 21.49 -55.37
C GLU C 513 -13.12 20.04 -55.55
N PRO C 514 -13.54 19.58 -56.75
CA PRO C 514 -14.12 18.25 -56.88
C PRO C 514 -13.15 17.11 -56.49
N GLU C 515 -11.84 17.37 -56.55
CA GLU C 515 -10.78 16.39 -56.18
C GLU C 515 -10.60 16.29 -54.65
N HIS C 516 -11.11 17.27 -53.88
CA HIS C 516 -11.07 17.33 -52.39
C HIS C 516 -12.47 17.08 -51.81
N ALA C 517 -13.56 17.35 -52.55
CA ALA C 517 -14.95 17.43 -52.01
C ALA C 517 -15.38 16.17 -51.24
N GLU C 518 -14.85 14.99 -51.56
CA GLU C 518 -15.37 13.73 -50.98
C GLU C 518 -14.63 13.41 -49.66
N ASP C 519 -13.52 14.11 -49.40
CA ASP C 519 -12.61 13.89 -48.24
C ASP C 519 -12.69 15.09 -47.27
N ASN C 520 -13.52 15.03 -46.25
CA ASN C 520 -13.77 16.24 -45.43
C ASN C 520 -12.57 16.51 -44.49
N ARG C 521 -11.49 15.75 -44.52
CA ARG C 521 -10.26 16.12 -43.75
C ARG C 521 -9.76 17.47 -44.27
N TRP C 522 -10.04 17.83 -45.53
CA TRP C 522 -9.62 19.13 -46.11
C TRP C 522 -10.21 20.30 -45.32
N VAL C 523 -11.26 20.05 -44.54
CA VAL C 523 -11.88 21.11 -43.70
C VAL C 523 -10.83 21.63 -42.73
N HIS C 524 -9.81 20.84 -42.41
CA HIS C 524 -8.82 21.26 -41.39
C HIS C 524 -7.43 21.29 -42.02
N ARG C 525 -7.40 21.57 -43.33
CA ARG C 525 -6.15 21.86 -44.08
C ARG C 525 -6.32 23.20 -44.80
N PRO C 526 -6.41 24.32 -44.04
CA PRO C 526 -6.54 25.65 -44.63
C PRO C 526 -5.26 26.17 -45.31
N HIS C 527 -5.41 27.16 -46.19
CA HIS C 527 -4.28 28.01 -46.67
C HIS C 527 -3.86 28.92 -45.51
N MET C 528 -2.57 29.22 -45.41
CA MET C 528 -2.06 30.13 -44.38
C MET C 528 -2.63 31.53 -44.69
N ASP C 529 -2.85 32.33 -43.64
CA ASP C 529 -3.47 33.67 -43.71
C ASP C 529 -2.47 34.65 -43.15
N TRP C 530 -1.61 35.19 -44.03
CA TRP C 530 -0.46 36.05 -43.65
C TRP C 530 -0.90 37.45 -43.23
N GLU C 531 -2.11 37.85 -43.65
CA GLU C 531 -2.80 39.08 -43.16
C GLU C 531 -3.07 38.87 -41.66
N LYS C 532 -3.67 37.71 -41.34
CA LYS C 532 -3.98 37.31 -39.95
C LYS C 532 -2.68 37.17 -39.15
N ALA C 533 -1.59 36.68 -39.74
CA ALA C 533 -0.30 36.54 -39.00
C ALA C 533 0.19 37.92 -38.57
N ALA C 534 0.23 38.87 -39.51
CA ALA C 534 0.60 40.28 -39.24
C ALA C 534 -0.37 40.88 -38.18
N ARG C 535 -1.70 40.69 -38.31
CA ARG C 535 -2.66 41.20 -37.31
C ARG C 535 -2.39 40.57 -35.95
N ALA C 536 -2.07 39.27 -35.91
CA ALA C 536 -1.86 38.55 -34.64
C ALA C 536 -0.62 39.12 -33.93
N LYS C 537 0.49 39.31 -34.65
CA LYS C 537 1.73 39.87 -34.06
C LYS C 537 1.43 41.30 -33.57
N ALA C 538 0.65 42.07 -34.31
CA ALA C 538 0.40 43.50 -34.02
C ALA C 538 -0.61 43.66 -32.87
N ASP C 539 -1.53 42.70 -32.67
CA ASP C 539 -2.70 42.89 -31.79
C ASP C 539 -2.83 41.72 -30.80
N PRO C 540 -2.07 41.72 -29.67
CA PRO C 540 -2.20 40.64 -28.69
C PRO C 540 -3.61 40.39 -28.13
N THR C 541 -4.60 41.26 -28.38
CA THR C 541 -5.97 41.09 -27.82
C THR C 541 -6.95 40.60 -28.87
N SER C 542 -6.53 40.47 -30.13
CA SER C 542 -7.40 39.84 -31.14
C SER C 542 -7.46 38.34 -30.83
N PRO C 543 -8.50 37.62 -31.25
CA PRO C 543 -8.53 36.17 -31.04
C PRO C 543 -7.24 35.51 -31.55
N GLU C 544 -6.78 35.91 -32.73
CA GLU C 544 -5.59 35.33 -33.37
C GLU C 544 -4.33 35.72 -32.59
N GLY C 545 -4.31 36.92 -31.98
CA GLY C 545 -3.13 37.42 -31.25
C GLY C 545 -3.05 36.84 -29.85
N ARG C 546 -4.21 36.63 -29.22
CA ARG C 546 -4.30 35.89 -27.93
C ARG C 546 -3.61 34.53 -28.09
N MET C 547 -3.95 33.81 -29.16
CA MET C 547 -3.40 32.48 -29.51
C MET C 547 -1.92 32.63 -29.81
N TYR C 548 -1.60 33.55 -30.72
CA TYR C 548 -0.21 33.69 -31.21
C TYR C 548 0.70 34.01 -30.02
N HIS C 549 0.39 35.03 -29.24
CA HIS C 549 1.27 35.47 -28.10
C HIS C 549 1.15 34.45 -26.97
N GLY C 550 -0.05 33.90 -26.74
CA GLY C 550 -0.25 32.91 -25.68
C GLY C 550 0.67 31.71 -25.94
N LEU C 551 0.71 31.30 -27.19
CA LEU C 551 1.51 30.11 -27.62
C LEU C 551 3.00 30.46 -27.64
N ARG C 552 3.42 31.63 -28.13
CA ARG C 552 4.86 31.97 -28.08
C ARG C 552 5.27 32.07 -26.60
N HIS C 553 4.41 32.54 -25.67
CA HIS C 553 4.83 32.63 -24.24
C HIS C 553 5.12 31.22 -23.71
N LEU C 554 4.19 30.28 -23.91
CA LEU C 554 4.33 28.85 -23.49
C LEU C 554 5.61 28.25 -24.13
N ILE C 555 5.90 28.57 -25.39
CA ILE C 555 7.09 28.06 -26.11
C ILE C 555 8.37 28.59 -25.45
N ARG C 556 8.41 29.88 -25.08
CA ARG C 556 9.64 30.48 -24.48
C ARG C 556 9.85 29.85 -23.10
N VAL C 557 8.80 29.60 -22.35
CA VAL C 557 8.95 29.00 -21.00
C VAL C 557 9.41 27.55 -21.15
N ARG C 558 8.81 26.81 -22.09
CA ARG C 558 9.22 25.41 -22.36
C ARG C 558 10.73 25.37 -22.59
N ARG C 559 11.23 26.23 -23.48
CA ARG C 559 12.62 26.19 -24.01
C ARG C 559 13.61 26.45 -22.85
N THR C 560 13.22 27.23 -21.83
CA THR C 560 14.09 27.62 -20.68
C THR C 560 13.83 26.74 -19.46
N THR C 561 13.13 25.61 -19.64
CA THR C 561 12.78 24.65 -18.56
C THR C 561 13.39 23.29 -18.88
N PRO C 562 14.60 23.01 -18.34
CA PRO C 562 15.28 21.75 -18.65
C PRO C 562 14.43 20.51 -18.26
N HIS C 563 13.49 20.67 -17.32
CA HIS C 563 12.63 19.54 -16.85
C HIS C 563 11.85 18.87 -18.00
N PHE C 564 11.71 19.52 -19.16
CA PHE C 564 10.89 19.01 -20.30
C PHE C 564 11.70 18.12 -21.22
N HIS C 565 12.94 17.82 -20.83
CA HIS C 565 13.83 16.92 -21.60
C HIS C 565 13.11 15.58 -21.73
N ALA C 566 12.91 15.15 -22.99
CA ALA C 566 12.02 14.01 -23.32
C ALA C 566 12.61 12.70 -22.83
N ALA C 567 13.91 12.62 -22.51
CA ALA C 567 14.45 11.38 -21.91
C ALA C 567 13.68 11.09 -20.61
N LEU C 568 13.11 12.10 -19.94
CA LEU C 568 12.30 11.92 -18.70
C LEU C 568 10.82 11.86 -19.09
N GLU C 569 10.05 10.99 -18.45
CA GLU C 569 8.61 10.78 -18.73
C GLU C 569 7.80 11.31 -17.56
N ALA C 570 6.63 11.88 -17.89
CA ALA C 570 5.56 12.33 -16.99
C ALA C 570 5.16 11.17 -16.08
N GLN C 571 5.13 11.40 -14.77
CA GLN C 571 4.62 10.42 -13.78
C GLN C 571 3.26 10.94 -13.36
N ILE C 572 2.20 10.26 -13.77
CA ILE C 572 0.81 10.77 -13.61
C ILE C 572 0.46 10.75 -12.12
N LEU C 573 -0.09 11.85 -11.64
CA LEU C 573 -0.56 11.99 -10.25
C LEU C 573 -2.02 11.51 -10.20
N GLU C 574 -2.46 11.07 -9.03
CA GLU C 574 -3.86 10.70 -8.79
C GLU C 574 -4.69 11.97 -9.03
N PRO C 575 -5.74 11.97 -9.88
CA PRO C 575 -6.54 13.17 -10.11
C PRO C 575 -7.47 13.46 -8.92
N ARG C 576 -6.86 13.96 -7.86
CA ARG C 576 -7.51 14.20 -6.54
C ARG C 576 -8.65 15.21 -6.71
N ASN C 577 -8.53 16.10 -7.69
CA ASN C 577 -9.66 16.87 -8.28
C ASN C 577 -9.84 16.26 -9.66
N PRO C 578 -11.03 15.69 -9.98
CA PRO C 578 -11.18 14.90 -11.20
C PRO C 578 -11.27 15.81 -12.42
N HIS C 579 -11.26 17.14 -12.25
CA HIS C 579 -11.27 18.15 -13.33
C HIS C 579 -9.82 18.57 -13.66
N VAL C 580 -8.83 18.10 -12.88
CA VAL C 580 -7.44 18.64 -12.93
C VAL C 580 -6.41 17.54 -13.17
N PHE C 581 -5.83 17.56 -14.35
CA PHE C 581 -4.78 16.64 -14.82
C PHE C 581 -3.48 17.15 -14.22
N GLY C 582 -2.70 16.21 -13.67
CA GLY C 582 -1.50 16.47 -12.89
C GLY C 582 -0.46 15.40 -13.12
N TYR C 583 0.81 15.79 -13.25
CA TYR C 583 1.93 14.85 -13.34
C TYR C 583 3.19 15.53 -12.82
N VAL C 584 4.21 14.73 -12.52
CA VAL C 584 5.55 15.24 -12.12
C VAL C 584 6.57 14.69 -13.11
N ARG C 585 7.57 15.50 -13.43
CA ARG C 585 8.74 15.17 -14.26
C ARG C 585 9.93 15.35 -13.32
N ARG C 586 10.69 14.27 -13.11
CA ARG C 586 11.70 14.17 -12.02
C ARG C 586 13.05 14.47 -12.65
N HIS C 587 13.41 15.75 -12.71
CA HIS C 587 14.68 16.26 -13.30
C HIS C 587 15.78 16.27 -12.23
N PRO C 588 17.05 16.07 -12.63
CA PRO C 588 18.17 16.20 -11.71
C PRO C 588 18.17 17.49 -10.85
N LEU C 589 17.80 18.63 -11.45
CA LEU C 589 17.71 19.95 -10.75
C LEU C 589 16.51 19.95 -9.81
N GLY C 590 15.55 19.05 -10.02
CA GLY C 590 14.39 18.87 -9.12
C GLY C 590 13.13 18.47 -9.87
N ASN C 591 12.03 18.40 -9.13
CA ASN C 591 10.71 17.97 -9.67
C ASN C 591 9.98 19.16 -10.29
N LEU C 592 9.29 18.91 -11.38
CA LEU C 592 8.32 19.89 -11.94
C LEU C 592 6.95 19.22 -11.86
N VAL C 593 5.99 19.88 -11.21
CA VAL C 593 4.58 19.42 -11.14
C VAL C 593 3.79 20.28 -12.12
N ALA C 594 3.10 19.63 -13.06
CA ALA C 594 2.26 20.27 -14.08
C ALA C 594 0.83 20.00 -13.68
N LEU C 595 0.03 21.06 -13.58
CA LEU C 595 -1.42 21.02 -13.23
C LEU C 595 -2.15 21.71 -14.37
N TYR C 596 -3.24 21.09 -14.82
CA TYR C 596 -4.05 21.56 -15.96
C TYR C 596 -5.53 21.41 -15.61
N ASN C 597 -6.24 22.54 -15.56
CA ASN C 597 -7.70 22.60 -15.33
C ASN C 597 -8.44 22.37 -16.64
N PHE C 598 -9.21 21.29 -16.74
CA PHE C 598 -9.95 20.88 -17.96
C PHE C 598 -11.42 21.31 -17.85
N SER C 599 -11.70 22.15 -16.85
CA SER C 599 -13.03 22.73 -16.52
C SER C 599 -13.02 24.24 -16.81
N GLU C 600 -14.13 24.77 -17.35
CA GLU C 600 -14.38 26.22 -17.51
C GLU C 600 -14.68 26.84 -16.14
N GLU C 601 -14.62 26.07 -15.05
CA GLU C 601 -14.91 26.58 -13.67
C GLU C 601 -13.63 26.57 -12.83
N VAL C 602 -13.58 27.48 -11.86
CA VAL C 602 -12.53 27.58 -10.83
C VAL C 602 -12.45 26.20 -10.19
N GLN C 603 -11.24 25.68 -9.99
CA GLN C 603 -10.99 24.35 -9.37
C GLN C 603 -9.89 24.52 -8.33
N TYR C 604 -10.07 23.84 -7.21
CA TYR C 604 -9.13 23.79 -6.08
C TYR C 604 -8.46 22.43 -6.08
N TYR C 605 -7.16 22.43 -5.75
CA TYR C 605 -6.27 21.27 -5.80
C TYR C 605 -5.52 21.16 -4.49
N PRO C 606 -5.41 19.97 -3.87
CA PRO C 606 -4.72 19.84 -2.59
C PRO C 606 -3.26 20.28 -2.67
N ALA C 607 -2.93 21.35 -1.96
CA ALA C 607 -1.56 21.91 -1.93
C ALA C 607 -0.54 20.85 -1.46
N GLU C 608 -0.93 19.87 -0.66
CA GLU C 608 0.06 18.92 -0.09
C GLU C 608 0.74 18.16 -1.24
N VAL C 609 0.09 17.92 -2.39
CA VAL C 609 0.72 17.32 -3.59
C VAL C 609 2.07 18.01 -3.91
N LEU C 610 2.09 19.34 -3.91
CA LEU C 610 3.31 20.14 -4.20
C LEU C 610 4.43 19.81 -3.21
N TRP C 611 4.12 19.77 -1.92
CA TRP C 611 5.11 19.44 -0.87
C TRP C 611 5.52 17.97 -0.90
N GLN C 612 4.62 17.08 -1.30
CA GLN C 612 4.91 15.62 -1.39
C GLN C 612 5.92 15.38 -2.53
N GLN C 613 5.95 16.28 -3.48
CA GLN C 613 6.90 16.23 -4.64
C GLN C 613 8.12 17.14 -4.37
N GLY C 614 8.32 17.58 -3.12
CA GLY C 614 9.53 18.29 -2.63
C GLY C 614 9.53 19.76 -3.01
N LEU C 615 8.36 20.36 -3.23
CA LEU C 615 8.23 21.79 -3.63
C LEU C 615 7.81 22.61 -2.40
N GLY C 616 8.80 23.11 -1.65
CA GLY C 616 8.64 23.95 -0.43
C GLY C 616 8.13 25.36 -0.75
N LEU C 617 8.70 26.03 -1.75
CA LEU C 617 8.25 27.35 -2.28
C LEU C 617 7.82 27.20 -3.74
N PRO C 618 6.57 26.74 -4.00
CA PRO C 618 6.12 26.44 -5.36
C PRO C 618 6.02 27.68 -6.25
N PHE C 619 6.74 27.64 -7.38
CA PHE C 619 6.81 28.75 -8.37
C PHE C 619 6.25 28.25 -9.71
N ASP C 620 5.29 28.99 -10.28
CA ASP C 620 4.70 28.68 -11.60
C ASP C 620 5.53 29.39 -12.64
N ARG C 621 6.29 28.62 -13.44
CA ARG C 621 7.10 29.14 -14.58
C ARG C 621 6.22 29.79 -15.64
N ILE C 622 4.94 29.44 -15.78
CA ILE C 622 4.09 30.09 -16.83
C ILE C 622 3.78 31.55 -16.39
N SER C 623 3.26 31.76 -15.17
CA SER C 623 2.88 33.11 -14.65
C SER C 623 4.12 33.95 -14.25
N GLY C 624 5.26 33.31 -13.98
CA GLY C 624 6.46 34.00 -13.47
C GLY C 624 6.29 34.37 -12.00
N GLN C 625 5.36 33.73 -11.28
CA GLN C 625 5.05 34.05 -9.86
C GLN C 625 4.91 32.77 -9.02
N LEU C 626 5.06 32.96 -7.71
CA LEU C 626 4.71 31.99 -6.64
C LEU C 626 3.28 31.49 -6.89
N VAL C 627 3.04 30.20 -6.69
CA VAL C 627 1.68 29.61 -6.67
C VAL C 627 1.01 30.03 -5.35
N PRO C 628 -0.10 30.79 -5.40
CA PRO C 628 -0.87 31.10 -4.19
C PRO C 628 -1.46 29.82 -3.57
N ILE C 629 -1.13 29.58 -2.31
CA ILE C 629 -1.74 28.52 -1.47
C ILE C 629 -2.66 29.18 -0.42
N GLU C 630 -3.95 28.82 -0.41
CA GLU C 630 -4.96 29.27 0.58
C GLU C 630 -5.70 28.04 1.13
N HIS C 631 -5.78 27.91 2.45
CA HIS C 631 -6.56 26.85 3.19
C HIS C 631 -6.20 25.47 2.63
N HIS C 632 -4.89 25.21 2.45
CA HIS C 632 -4.25 23.93 2.02
C HIS C 632 -4.63 23.57 0.57
N LEU C 633 -4.94 24.55 -0.25
CA LEU C 633 -5.48 24.33 -1.62
C LEU C 633 -4.85 25.31 -2.60
N VAL C 634 -4.70 24.87 -3.85
CA VAL C 634 -4.30 25.76 -4.98
C VAL C 634 -5.56 26.11 -5.73
N ARG C 635 -5.83 27.39 -5.90
CA ARG C 635 -6.99 27.90 -6.66
C ARG C 635 -6.55 27.97 -8.13
N LEU C 636 -7.16 27.16 -9.00
CA LEU C 636 -6.92 27.21 -10.46
C LEU C 636 -8.05 27.96 -11.15
N GLU C 637 -7.69 28.96 -11.96
CA GLU C 637 -8.62 29.66 -12.90
C GLU C 637 -9.17 28.67 -13.93
N PRO C 638 -10.31 29.00 -14.57
CA PRO C 638 -10.78 28.23 -15.72
C PRO C 638 -9.68 27.94 -16.75
N TYR C 639 -9.54 26.68 -17.17
CA TYR C 639 -8.53 26.16 -18.13
C TYR C 639 -7.11 26.65 -17.79
N ALA C 640 -6.79 26.82 -16.51
CA ALA C 640 -5.42 27.19 -16.06
C ALA C 640 -4.42 26.06 -16.35
N ARG C 641 -3.20 26.43 -16.70
CA ARG C 641 -2.03 25.54 -16.85
C ARG C 641 -0.96 26.05 -15.89
N LEU C 642 -0.39 25.20 -15.04
CA LEU C 642 0.73 25.61 -14.16
C LEU C 642 1.90 24.65 -14.47
N TRP C 643 3.11 25.19 -14.57
CA TRP C 643 4.37 24.43 -14.63
C TRP C 643 5.20 24.79 -13.39
N ILE C 644 5.11 23.98 -12.35
CA ILE C 644 5.54 24.38 -10.97
C ILE C 644 6.87 23.72 -10.63
N THR C 645 7.89 24.53 -10.34
CA THR C 645 9.17 24.10 -9.74
C THR C 645 9.42 24.93 -8.47
N ASP C 646 10.44 24.57 -7.69
CA ASP C 646 10.71 25.21 -6.38
C ASP C 646 11.27 26.63 -6.60
N MET D 1 22.87 10.49 -20.93
CA MET D 1 21.58 10.69 -21.64
C MET D 1 21.24 12.18 -21.71
N PHE D 2 21.93 13.07 -20.98
CA PHE D 2 21.70 14.55 -20.98
C PHE D 2 22.99 15.25 -21.43
N SER D 3 22.91 15.93 -22.58
CA SER D 3 24.00 16.74 -23.17
C SER D 3 23.77 18.20 -22.76
N THR D 4 24.74 18.80 -22.06
CA THR D 4 24.58 20.18 -21.52
C THR D 4 24.85 21.13 -22.68
N PRO D 5 23.84 21.96 -23.07
CA PRO D 5 23.92 22.81 -24.24
C PRO D 5 24.84 24.01 -23.96
N LEU D 6 25.36 24.65 -25.03
CA LEU D 6 26.25 25.82 -24.89
C LEU D 6 25.40 27.04 -24.58
N PRO D 7 25.55 27.66 -23.38
CA PRO D 7 24.89 28.93 -23.08
C PRO D 7 25.39 30.02 -24.03
N ALA D 8 24.49 30.92 -24.45
CA ALA D 8 24.76 32.03 -25.41
C ALA D 8 26.01 32.80 -24.98
N GLU D 9 26.08 33.23 -23.71
CA GLU D 9 27.17 34.06 -23.14
C GLU D 9 28.57 33.41 -23.36
N LEU D 10 28.65 32.09 -23.56
CA LEU D 10 29.94 31.35 -23.78
C LEU D 10 30.31 31.26 -25.26
N ARG D 11 29.43 31.67 -26.19
CA ARG D 11 29.66 31.57 -27.67
C ARG D 11 30.94 32.33 -28.05
N PRO D 12 31.17 33.58 -27.57
CA PRO D 12 32.42 34.29 -27.85
C PRO D 12 33.66 33.47 -27.45
N LEU D 13 33.64 32.88 -26.25
CA LEU D 13 34.74 32.04 -25.70
C LEU D 13 35.00 30.84 -26.61
N LEU D 14 33.95 30.21 -27.14
CA LEU D 14 34.12 29.07 -28.09
C LEU D 14 34.90 29.56 -29.31
N GLU D 15 34.57 30.73 -29.89
CA GLU D 15 35.23 31.25 -31.11
C GLU D 15 36.74 31.45 -30.87
N ARG D 16 37.15 32.02 -29.73
CA ARG D 16 38.60 32.26 -29.42
C ARG D 16 39.32 30.91 -29.33
N LEU D 17 38.68 29.91 -28.71
CA LEU D 17 39.23 28.54 -28.50
C LEU D 17 39.38 27.83 -29.85
N LEU D 18 38.33 27.90 -30.68
CA LEU D 18 38.32 27.43 -32.09
C LEU D 18 39.43 28.13 -32.92
N THR D 19 39.58 29.46 -32.81
CA THR D 19 40.62 30.22 -33.55
C THR D 19 42.00 29.74 -33.07
N LEU D 20 42.22 29.63 -31.76
CA LEU D 20 43.51 29.10 -31.23
C LEU D 20 43.73 27.67 -31.74
N ALA D 21 42.67 26.87 -31.83
CA ALA D 21 42.75 25.48 -32.33
C ALA D 21 43.16 25.49 -33.82
N GLN D 22 42.69 26.47 -34.60
CA GLN D 22 42.95 26.60 -36.08
C GLN D 22 44.44 26.84 -36.36
N ASP D 23 45.21 27.37 -35.40
CA ASP D 23 46.68 27.60 -35.52
C ASP D 23 47.44 26.29 -35.30
N GLU D 24 46.84 25.28 -34.67
CA GLU D 24 47.61 24.07 -34.27
C GLU D 24 47.22 22.86 -35.13
N LEU D 25 45.95 22.73 -35.55
CA LEU D 25 45.39 21.57 -36.30
C LEU D 25 44.80 22.07 -37.62
N SER D 26 44.60 21.19 -38.61
CA SER D 26 43.99 21.52 -39.93
C SER D 26 43.11 20.39 -40.48
N GLY D 27 42.33 20.72 -41.52
CA GLY D 27 41.47 19.80 -42.28
C GLY D 27 40.44 19.09 -41.42
N GLY D 28 40.17 17.82 -41.74
CA GLY D 28 39.24 16.90 -41.05
C GLY D 28 39.67 16.64 -39.61
N ASP D 29 40.98 16.60 -39.37
CA ASP D 29 41.53 16.46 -38.00
C ASP D 29 41.02 17.61 -37.12
N LEU D 30 41.15 18.86 -37.57
CA LEU D 30 40.71 20.07 -36.82
C LEU D 30 39.19 20.01 -36.58
N GLU D 31 38.40 19.58 -37.57
CA GLU D 31 36.92 19.42 -37.48
C GLU D 31 36.60 18.46 -36.31
N THR D 32 37.23 17.29 -36.30
CA THR D 32 37.01 16.23 -35.27
C THR D 32 37.30 16.85 -33.91
N PHE D 33 38.48 17.45 -33.72
CA PHE D 33 38.83 18.12 -32.43
C PHE D 33 37.79 19.20 -32.13
N SER D 34 37.44 20.01 -33.12
CA SER D 34 36.57 21.20 -32.94
C SER D 34 35.18 20.76 -32.46
N LEU D 35 34.61 19.71 -33.04
CA LEU D 35 33.27 19.20 -32.65
C LEU D 35 33.32 18.68 -31.22
N ARG D 36 34.38 17.96 -30.83
CA ARG D 36 34.50 17.40 -29.45
C ARG D 36 34.66 18.58 -28.47
N LEU D 37 35.48 19.58 -28.78
CA LEU D 37 35.61 20.81 -27.94
C LEU D 37 34.22 21.44 -27.75
N GLU D 38 33.51 21.72 -28.84
CA GLU D 38 32.15 22.34 -28.80
C GLU D 38 31.26 21.53 -27.84
N ARG D 39 31.26 20.19 -27.95
CA ARG D 39 30.29 19.31 -27.24
C ARG D 39 30.52 19.31 -25.73
N TYR D 40 31.77 19.31 -25.28
CA TYR D 40 32.17 19.17 -23.85
C TYR D 40 32.61 20.52 -23.23
N LEU D 41 32.67 21.63 -23.99
CA LEU D 41 33.09 22.97 -23.46
C LEU D 41 32.14 23.34 -22.34
N PRO D 42 30.80 23.23 -22.54
CA PRO D 42 29.86 23.67 -21.50
C PRO D 42 30.09 23.01 -20.14
N ASP D 43 30.54 21.75 -20.12
CA ASP D 43 30.78 20.99 -18.87
C ASP D 43 32.12 21.43 -18.29
N LEU D 44 33.12 21.51 -19.16
CA LEU D 44 34.48 21.95 -18.82
C LEU D 44 34.41 23.32 -18.12
N HIS D 45 33.73 24.27 -18.75
CA HIS D 45 33.61 25.65 -18.24
C HIS D 45 32.87 25.66 -16.91
N ALA D 46 31.70 25.01 -16.83
CA ALA D 46 30.83 25.04 -15.63
C ALA D 46 31.60 24.45 -14.43
N GLY D 47 32.52 23.53 -14.69
CA GLY D 47 33.40 22.93 -13.67
C GLY D 47 34.47 23.90 -13.21
N LEU D 48 35.20 24.49 -14.16
CA LEU D 48 36.32 25.41 -13.81
C LEU D 48 35.77 26.63 -13.04
N THR D 49 34.67 27.20 -13.49
CA THR D 49 34.16 28.54 -13.09
C THR D 49 33.65 28.49 -11.65
N ALA D 50 33.21 27.33 -11.16
CA ALA D 50 32.76 27.19 -9.76
C ALA D 50 33.98 27.07 -8.82
N VAL D 51 35.20 27.01 -9.36
CA VAL D 51 36.43 26.73 -8.55
C VAL D 51 37.50 27.83 -8.80
N TYR D 52 37.85 28.12 -10.05
CA TYR D 52 38.96 29.02 -10.42
C TYR D 52 38.43 30.37 -10.87
N PRO D 53 39.20 31.47 -10.65
CA PRO D 53 38.66 32.82 -10.72
C PRO D 53 38.59 33.35 -12.15
N ASP D 54 39.53 32.98 -13.03
CA ASP D 54 39.56 33.50 -14.43
C ASP D 54 39.41 32.30 -15.37
N ALA D 55 38.21 31.73 -15.44
CA ALA D 55 37.92 30.48 -16.20
C ALA D 55 38.22 30.71 -17.68
N GLU D 56 37.86 31.89 -18.18
CA GLU D 56 37.99 32.26 -19.62
C GLU D 56 39.48 32.11 -20.01
N GLY D 57 40.39 32.68 -19.22
CA GLY D 57 41.86 32.68 -19.49
C GLY D 57 42.53 31.36 -19.14
N LEU D 58 41.99 30.60 -18.18
CA LEU D 58 42.49 29.24 -17.87
C LEU D 58 42.24 28.33 -19.07
N LEU D 59 41.09 28.47 -19.72
CA LEU D 59 40.72 27.70 -20.94
C LEU D 59 41.66 28.01 -22.10
N GLU D 60 42.11 29.27 -22.24
CA GLU D 60 43.07 29.69 -23.31
C GLU D 60 44.43 29.01 -23.07
N ARG D 61 44.85 28.82 -21.82
CA ARG D 61 46.13 28.12 -21.51
C ARG D 61 45.95 26.61 -21.66
N LEU D 62 44.73 26.11 -21.40
CA LEU D 62 44.44 24.65 -21.45
C LEU D 62 44.43 24.22 -22.94
N LEU D 63 43.87 25.06 -23.80
CA LEU D 63 43.67 24.75 -25.24
C LEU D 63 44.94 24.14 -25.84
N PRO D 64 46.13 24.79 -25.83
CA PRO D 64 47.32 24.20 -26.46
C PRO D 64 47.72 22.81 -25.93
N ILE D 65 47.53 22.60 -24.62
CA ILE D 65 47.68 21.29 -23.93
C ILE D 65 46.77 20.23 -24.58
N LEU D 66 45.51 20.60 -24.84
CA LEU D 66 44.52 19.70 -25.48
C LEU D 66 45.00 19.36 -26.89
N THR D 67 45.32 20.41 -27.62
CA THR D 67 45.78 20.41 -29.02
C THR D 67 47.04 19.55 -29.18
N ALA D 68 47.99 19.72 -28.29
CA ALA D 68 49.25 18.94 -28.32
C ALA D 68 48.96 17.46 -28.01
N ALA D 69 48.15 17.18 -26.99
CA ALA D 69 47.81 15.80 -26.59
C ALA D 69 47.04 15.13 -27.72
N HIS D 70 46.17 15.87 -28.39
CA HIS D 70 45.43 15.36 -29.58
C HIS D 70 46.43 14.95 -30.68
N GLN D 71 47.43 15.78 -30.97
CA GLN D 71 48.38 15.53 -32.10
C GLN D 71 49.26 14.33 -31.74
N ALA D 72 49.53 14.10 -30.44
CA ALA D 72 50.41 12.99 -29.99
C ALA D 72 49.66 11.65 -29.94
N ARG D 73 48.34 11.69 -30.06
CA ARG D 73 47.45 10.50 -29.95
C ARG D 73 47.53 9.66 -31.22
N SER D 74 47.97 8.41 -31.07
CA SER D 74 48.16 7.47 -32.19
C SER D 74 46.86 7.10 -32.91
N ALA D 75 47.01 6.59 -34.12
CA ALA D 75 45.86 6.18 -34.93
C ALA D 75 45.09 5.08 -34.21
N ASP D 76 45.79 4.10 -33.65
CA ASP D 76 45.16 2.94 -32.96
C ASP D 76 44.27 3.44 -31.80
N LEU D 77 44.73 4.42 -31.03
CA LEU D 77 43.98 4.96 -29.87
C LEU D 77 42.84 5.85 -30.39
N ARG D 78 43.08 6.59 -31.47
CA ARG D 78 42.03 7.41 -32.14
C ARG D 78 40.91 6.49 -32.65
N ARG D 79 41.26 5.36 -33.26
CA ARG D 79 40.30 4.34 -33.72
C ARG D 79 39.49 3.85 -32.52
N LEU D 80 40.16 3.53 -31.42
CA LEU D 80 39.47 3.06 -30.20
C LEU D 80 38.53 4.17 -29.70
N ASP D 81 39.01 5.41 -29.74
CA ASP D 81 38.24 6.61 -29.33
C ASP D 81 36.89 6.59 -30.07
N ALA D 82 36.93 6.49 -31.40
CA ALA D 82 35.75 6.59 -32.29
C ALA D 82 34.87 5.34 -32.12
N LYS D 83 35.47 4.17 -31.92
CA LYS D 83 34.76 2.91 -31.62
C LYS D 83 33.94 3.08 -30.32
N ARG D 84 34.51 3.70 -29.31
CA ARG D 84 33.84 3.85 -27.98
C ARG D 84 32.76 4.91 -28.05
N LEU D 85 32.91 5.96 -28.86
CA LEU D 85 31.84 6.98 -29.02
C LEU D 85 30.60 6.32 -29.65
N LEU D 86 30.79 5.35 -30.54
CA LEU D 86 29.68 4.63 -31.21
C LEU D 86 28.99 3.69 -30.23
N ALA D 87 29.71 3.11 -29.28
CA ALA D 87 29.17 2.10 -28.33
C ALA D 87 29.51 2.54 -26.91
N PRO D 88 28.86 3.60 -26.35
CA PRO D 88 29.31 4.19 -25.09
C PRO D 88 28.88 3.40 -23.85
N ASP D 89 28.11 2.32 -24.04
CA ASP D 89 27.73 1.41 -22.93
C ASP D 89 28.75 0.27 -22.84
N TRP D 90 29.86 0.34 -23.58
CA TRP D 90 30.81 -0.78 -23.75
C TRP D 90 31.25 -1.34 -22.39
N PHE D 91 31.47 -0.47 -21.41
CA PHE D 91 32.06 -0.86 -20.10
C PHE D 91 30.98 -1.41 -19.17
N GLN D 92 29.71 -1.22 -19.54
CA GLN D 92 28.53 -1.71 -18.78
C GLN D 92 28.17 -3.14 -19.21
N ARG D 93 28.82 -3.68 -20.22
CA ARG D 93 28.40 -4.98 -20.80
C ARG D 93 28.73 -6.13 -19.83
N PRO D 94 27.96 -7.24 -19.90
CA PRO D 94 28.25 -8.44 -19.13
C PRO D 94 29.66 -9.01 -19.34
N GLU D 95 30.24 -8.81 -20.53
CA GLU D 95 31.57 -9.35 -20.93
C GLU D 95 32.73 -8.64 -20.19
N MET D 96 32.49 -7.48 -19.60
CA MET D 96 33.48 -6.78 -18.74
C MET D 96 33.71 -7.58 -17.45
N ILE D 97 34.90 -8.18 -17.35
CA ILE D 97 35.45 -8.76 -16.11
C ILE D 97 36.77 -8.01 -15.84
N ALA D 98 37.01 -7.61 -14.61
CA ALA D 98 38.21 -6.83 -14.24
C ALA D 98 39.14 -7.72 -13.43
N TYR D 99 40.43 -7.42 -13.47
CA TYR D 99 41.44 -8.09 -12.61
C TYR D 99 42.30 -6.99 -12.05
N VAL D 100 42.68 -7.09 -10.79
CA VAL D 100 43.44 -6.05 -10.05
C VAL D 100 44.67 -6.73 -9.47
N ALA D 101 45.86 -6.25 -9.81
CA ALA D 101 47.13 -6.83 -9.33
C ALA D 101 48.24 -5.78 -9.25
N TYR D 102 49.14 -5.95 -8.28
CA TYR D 102 50.49 -5.33 -8.26
C TYR D 102 51.37 -6.05 -9.30
N THR D 103 52.00 -5.29 -10.19
CA THR D 103 52.82 -5.82 -11.30
C THR D 103 53.84 -6.81 -10.75
N GLU D 104 54.63 -6.41 -9.76
CA GLU D 104 55.75 -7.22 -9.18
C GLU D 104 55.17 -8.49 -8.53
N ARG D 105 53.94 -8.43 -8.03
CA ARG D 105 53.35 -9.59 -7.32
C ARG D 105 52.76 -10.58 -8.34
N PHE D 106 52.32 -10.08 -9.49
CA PHE D 106 51.62 -10.85 -10.53
C PHE D 106 52.67 -11.42 -11.51
N ALA D 107 53.58 -10.61 -12.07
CA ALA D 107 54.45 -11.05 -13.19
C ALA D 107 55.85 -10.42 -13.18
N GLY D 108 56.25 -9.79 -12.07
CA GLY D 108 57.61 -9.25 -11.89
C GLY D 108 57.76 -7.87 -12.50
N THR D 109 57.51 -7.72 -13.81
CA THR D 109 57.73 -6.49 -14.60
C THR D 109 56.54 -6.25 -15.54
N LEU D 110 56.40 -5.04 -16.07
CA LEU D 110 55.43 -4.72 -17.15
C LEU D 110 55.55 -5.71 -18.31
N ARG D 111 56.78 -6.01 -18.74
CA ARG D 111 57.10 -7.04 -19.79
C ARG D 111 56.54 -8.39 -19.36
N GLY D 112 56.80 -8.78 -18.11
CA GLY D 112 56.32 -10.06 -17.54
C GLY D 112 54.81 -10.20 -17.70
N VAL D 113 54.06 -9.10 -17.63
CA VAL D 113 52.56 -9.13 -17.68
C VAL D 113 52.15 -9.70 -19.05
N GLU D 114 52.86 -9.35 -20.12
CA GLU D 114 52.56 -9.85 -21.49
C GLU D 114 52.43 -11.37 -21.48
N GLU D 115 53.28 -12.05 -20.70
CA GLU D 115 53.38 -13.54 -20.70
C GLU D 115 52.18 -14.14 -19.94
N ARG D 116 51.44 -13.34 -19.16
CA ARG D 116 50.29 -13.83 -18.35
C ARG D 116 48.94 -13.38 -18.93
N ILE D 117 48.92 -12.77 -20.12
CA ILE D 117 47.65 -12.36 -20.81
C ILE D 117 46.84 -13.63 -21.12
N ASP D 118 47.46 -14.78 -21.43
CA ASP D 118 46.72 -16.06 -21.64
C ASP D 118 45.86 -16.36 -20.42
N TYR D 119 46.45 -16.25 -19.22
CA TYR D 119 45.78 -16.51 -17.93
C TYR D 119 44.62 -15.52 -17.76
N LEU D 120 44.87 -14.23 -18.02
CA LEU D 120 43.82 -13.19 -17.87
C LEU D 120 42.66 -13.55 -18.79
N GLU D 121 42.94 -13.96 -20.03
CA GLU D 121 41.92 -14.19 -21.09
C GLU D 121 41.14 -15.47 -20.74
N GLU D 122 41.75 -16.42 -20.05
CA GLU D 122 41.06 -17.66 -19.58
C GLU D 122 40.02 -17.34 -18.51
N LEU D 123 40.21 -16.25 -17.73
CA LEU D 123 39.24 -15.75 -16.73
C LEU D 123 38.28 -14.74 -17.35
N GLY D 124 38.41 -14.46 -18.65
CA GLY D 124 37.52 -13.53 -19.40
C GLY D 124 37.79 -12.06 -19.09
N VAL D 125 38.99 -11.74 -18.63
CA VAL D 125 39.38 -10.35 -18.23
C VAL D 125 39.42 -9.44 -19.46
N ARG D 126 38.82 -8.26 -19.31
CA ARG D 126 38.77 -7.22 -20.35
C ARG D 126 39.22 -5.89 -19.73
N TYR D 127 39.68 -5.93 -18.49
CA TYR D 127 40.03 -4.71 -17.71
C TYR D 127 41.06 -5.12 -16.68
N LEU D 128 42.24 -4.50 -16.75
CA LEU D 128 43.40 -4.83 -15.87
C LEU D 128 43.82 -3.55 -15.17
N HIS D 129 43.56 -3.51 -13.87
CA HIS D 129 44.11 -2.54 -12.91
C HIS D 129 45.44 -3.09 -12.38
N LEU D 130 46.54 -2.52 -12.85
CA LEU D 130 47.89 -2.64 -12.26
C LEU D 130 48.05 -1.50 -11.25
N MET D 131 48.34 -1.87 -10.02
CA MET D 131 48.49 -0.95 -8.86
C MET D 131 49.65 0.01 -9.13
N PRO D 132 49.75 1.11 -8.34
CA PRO D 132 50.62 2.23 -8.70
C PRO D 132 52.02 1.78 -9.14
N PHE D 133 52.36 2.06 -10.39
CA PHE D 133 53.58 1.56 -11.06
C PHE D 133 54.46 2.74 -11.49
N LEU D 134 54.04 3.97 -11.21
CA LEU D 134 54.84 5.17 -11.50
C LEU D 134 55.92 5.32 -10.41
N LYS D 135 56.93 6.19 -10.64
CA LYS D 135 58.13 6.23 -9.76
C LYS D 135 57.68 6.73 -8.39
N PRO D 136 57.84 5.93 -7.33
CA PRO D 136 57.49 6.37 -6.01
C PRO D 136 58.76 6.87 -5.32
N ARG D 137 58.57 7.32 -4.10
CA ARG D 137 59.70 7.70 -3.24
C ARG D 137 60.30 6.39 -2.72
N PRO D 138 61.55 6.37 -2.24
CA PRO D 138 62.09 5.12 -1.74
C PRO D 138 61.44 4.59 -0.46
N ALA D 139 61.76 3.35 -0.17
CA ALA D 139 61.41 2.60 1.07
C ALA D 139 59.91 2.53 1.19
N PRO D 140 59.33 3.04 2.29
CA PRO D 140 57.90 3.02 2.47
C PRO D 140 57.28 4.06 1.54
N HIS D 141 56.46 3.61 0.59
CA HIS D 141 55.79 4.54 -0.34
C HIS D 141 54.28 4.25 -0.40
N ASP D 142 53.75 3.53 0.59
CA ASP D 142 52.29 3.23 0.69
C ASP D 142 51.92 2.39 -0.54
N GLY D 143 52.73 1.41 -0.88
CA GLY D 143 52.54 0.54 -2.04
C GLY D 143 52.31 1.35 -3.30
N GLY D 144 53.12 2.39 -3.53
CA GLY D 144 53.20 3.12 -4.83
C GLY D 144 52.40 4.41 -4.81
N TYR D 145 51.76 4.73 -3.69
CA TYR D 145 50.77 5.84 -3.55
C TYR D 145 51.45 7.15 -3.13
N ALA D 146 52.76 7.12 -2.90
CA ALA D 146 53.61 8.34 -2.75
C ALA D 146 54.48 8.48 -4.01
N VAL D 147 54.04 9.34 -4.93
CA VAL D 147 54.60 9.38 -6.30
C VAL D 147 55.66 10.49 -6.38
N MET D 148 56.85 10.13 -6.88
CA MET D 148 58.05 11.00 -6.98
C MET D 148 58.06 11.54 -8.41
N ASP D 149 57.62 10.75 -9.39
CA ASP D 149 57.60 11.18 -10.80
C ASP D 149 56.44 10.45 -11.51
N TYR D 150 55.38 11.20 -11.82
CA TYR D 150 54.26 10.75 -12.69
C TYR D 150 54.77 10.33 -14.08
N ARG D 151 55.90 10.87 -14.57
CA ARG D 151 56.32 10.71 -15.99
C ARG D 151 57.30 9.55 -16.18
N ALA D 152 57.55 8.76 -15.15
CA ALA D 152 58.46 7.59 -15.21
C ALA D 152 57.81 6.39 -14.52
N VAL D 153 58.01 5.22 -15.12
CA VAL D 153 57.72 3.89 -14.51
C VAL D 153 58.75 3.63 -13.41
N ARG D 154 58.35 2.97 -12.34
CA ARG D 154 59.30 2.49 -11.32
C ARG D 154 60.33 1.55 -11.99
N GLU D 155 61.61 1.90 -11.86
CA GLU D 155 62.79 1.29 -12.54
C GLU D 155 62.70 -0.23 -12.51
N ASP D 156 62.38 -0.85 -11.37
CA ASP D 156 62.41 -2.34 -11.24
C ASP D 156 61.33 -2.96 -12.14
N LEU D 157 60.33 -2.18 -12.58
CA LEU D 157 59.15 -2.65 -13.39
C LEU D 157 59.37 -2.44 -14.88
N GLY D 158 60.29 -1.56 -15.27
CA GLY D 158 60.65 -1.28 -16.68
C GLY D 158 60.52 0.20 -16.99
N THR D 159 60.25 0.56 -18.24
CA THR D 159 60.18 1.96 -18.72
C THR D 159 58.81 2.24 -19.34
N MET D 160 58.57 3.53 -19.63
CA MET D 160 57.40 3.98 -20.42
C MET D 160 57.33 3.23 -21.77
N ALA D 161 58.45 2.86 -22.40
CA ALA D 161 58.45 2.04 -23.64
C ALA D 161 57.78 0.70 -23.33
N ASP D 162 58.06 0.11 -22.17
CA ASP D 162 57.49 -1.22 -21.77
C ASP D 162 55.98 -1.08 -21.54
N LEU D 163 55.55 0.00 -20.87
CA LEU D 163 54.13 0.31 -20.63
C LEU D 163 53.40 0.43 -21.98
N GLU D 164 53.98 1.15 -22.93
CA GLU D 164 53.44 1.39 -24.31
C GLU D 164 53.28 0.06 -25.05
N ALA D 165 54.30 -0.78 -25.01
CA ALA D 165 54.26 -2.12 -25.64
C ALA D 165 53.25 -3.01 -24.89
N LEU D 166 53.13 -2.86 -23.56
CA LEU D 166 52.18 -3.70 -22.79
C LEU D 166 50.76 -3.32 -23.21
N THR D 167 50.45 -2.03 -23.34
CA THR D 167 49.07 -1.59 -23.64
C THR D 167 48.71 -1.98 -25.08
N ALA D 168 49.70 -2.03 -25.99
CA ALA D 168 49.50 -2.50 -27.37
C ALA D 168 49.07 -3.96 -27.32
N LYS D 169 49.80 -4.79 -26.57
CA LYS D 169 49.52 -6.26 -26.45
C LYS D 169 48.13 -6.43 -25.81
N LEU D 170 47.82 -5.64 -24.77
CA LEU D 170 46.52 -5.67 -24.06
C LEU D 170 45.38 -5.29 -25.02
N ARG D 171 45.51 -4.20 -25.76
CA ARG D 171 44.52 -3.76 -26.79
C ARG D 171 44.29 -4.88 -27.81
N ALA D 172 45.35 -5.51 -28.31
CA ALA D 172 45.24 -6.59 -29.33
C ALA D 172 44.29 -7.67 -28.81
N ARG D 173 44.22 -7.87 -27.49
CA ARG D 173 43.38 -8.91 -26.84
C ARG D 173 42.19 -8.30 -26.06
N GLY D 174 41.80 -7.05 -26.37
CA GLY D 174 40.58 -6.39 -25.84
C GLY D 174 40.64 -6.06 -24.34
N ILE D 175 41.83 -5.84 -23.77
CA ILE D 175 41.95 -5.52 -22.33
C ILE D 175 42.30 -4.03 -22.18
N ALA D 176 41.57 -3.36 -21.31
CA ALA D 176 41.72 -1.95 -20.93
C ALA D 176 42.61 -1.84 -19.68
N LEU D 177 43.69 -1.06 -19.77
CA LEU D 177 44.58 -0.78 -18.64
C LEU D 177 43.96 0.32 -17.80
N CYS D 178 43.77 0.01 -16.52
CA CYS D 178 43.42 0.98 -15.47
C CYS D 178 44.72 1.40 -14.79
N CYS D 179 44.93 2.70 -14.68
CA CYS D 179 46.06 3.32 -13.98
C CYS D 179 45.54 4.23 -12.87
N ASP D 180 46.15 4.15 -11.70
CA ASP D 180 45.94 5.11 -10.61
C ASP D 180 46.38 6.50 -11.11
N LEU D 181 45.54 7.49 -10.83
CA LEU D 181 45.85 8.94 -10.91
C LEU D 181 45.86 9.44 -9.48
N VAL D 182 47.04 9.43 -8.87
CA VAL D 182 47.17 9.86 -7.46
C VAL D 182 47.17 11.38 -7.42
N LEU D 183 45.99 12.01 -7.60
CA LEU D 183 45.88 13.46 -7.85
C LEU D 183 45.72 14.26 -6.55
N ASN D 184 45.62 13.62 -5.38
CA ASN D 184 45.39 14.34 -4.11
C ASN D 184 46.73 14.76 -3.52
N HIS D 185 47.81 14.04 -3.82
CA HIS D 185 49.09 14.14 -3.07
C HIS D 185 50.25 13.52 -3.85
N VAL D 186 51.44 14.06 -3.64
CA VAL D 186 52.72 13.54 -4.22
C VAL D 186 53.64 13.16 -3.07
N ALA D 187 54.68 12.36 -3.32
CA ALA D 187 55.77 12.15 -2.34
C ALA D 187 56.42 13.51 -2.02
N GLN D 188 56.95 13.69 -0.80
CA GLN D 188 57.73 14.90 -0.43
C GLN D 188 59.01 14.98 -1.29
N GLU D 189 59.53 13.84 -1.77
CA GLU D 189 60.71 13.74 -2.65
C GLU D 189 60.32 14.10 -4.11
N HIS D 190 59.04 14.33 -4.43
CA HIS D 190 58.59 14.77 -5.79
C HIS D 190 59.18 16.14 -6.10
N GLU D 191 59.45 16.43 -7.38
CA GLU D 191 60.09 17.70 -7.83
C GLU D 191 59.28 18.90 -7.30
N TRP D 192 57.93 18.88 -7.32
CA TRP D 192 57.10 20.03 -6.87
C TRP D 192 57.29 20.27 -5.37
N ALA D 193 57.35 19.22 -4.57
CA ALA D 193 57.57 19.32 -3.12
C ALA D 193 59.01 19.80 -2.87
N LEU D 194 60.00 19.25 -3.57
CA LEU D 194 61.44 19.63 -3.41
C LEU D 194 61.59 21.14 -3.68
N ARG D 195 60.92 21.66 -4.70
CA ARG D 195 60.93 23.09 -5.08
C ARG D 195 60.20 23.90 -4.00
N ALA D 196 59.12 23.38 -3.43
CA ALA D 196 58.37 24.04 -2.32
C ALA D 196 59.27 24.19 -1.08
N ARG D 197 60.10 23.17 -0.80
CA ARG D 197 60.89 23.04 0.45
C ARG D 197 62.08 24.01 0.43
N ARG D 198 62.63 24.28 -0.74
CA ARG D 198 63.71 25.28 -0.96
C ARG D 198 63.10 26.67 -1.17
N GLY D 199 61.86 26.91 -0.74
CA GLY D 199 61.23 28.25 -0.73
C GLY D 199 60.83 28.81 -2.10
N GLU D 200 60.84 28.03 -3.20
CA GLU D 200 60.29 28.50 -4.51
C GLU D 200 58.80 28.76 -4.32
N ALA D 201 58.37 30.02 -4.42
CA ALA D 201 57.00 30.48 -4.06
C ALA D 201 55.91 29.85 -4.96
N LYS D 202 56.18 29.58 -6.23
CA LYS D 202 55.14 29.05 -7.17
C LYS D 202 54.74 27.63 -6.73
N TYR D 203 55.68 26.87 -6.16
CA TYR D 203 55.50 25.45 -5.73
C TYR D 203 55.07 25.36 -4.27
N GLN D 204 55.19 26.44 -3.50
CA GLN D 204 54.59 26.53 -2.15
C GLN D 204 53.07 26.57 -2.31
N ARG D 205 52.60 27.20 -3.38
CA ARG D 205 51.17 27.38 -3.73
C ARG D 205 50.58 26.08 -4.33
N TYR D 206 51.41 25.05 -4.56
CA TYR D 206 50.98 23.69 -4.97
C TYR D 206 50.58 22.84 -3.76
N PHE D 207 50.88 23.29 -2.53
CA PHE D 207 50.59 22.57 -1.27
C PHE D 207 49.81 23.47 -0.31
N HIS D 208 49.45 22.94 0.86
CA HIS D 208 48.80 23.69 1.97
C HIS D 208 49.86 23.87 3.07
N MET D 209 50.62 24.96 2.96
CA MET D 209 51.77 25.25 3.86
C MET D 209 51.37 26.38 4.79
N PHE D 210 51.72 26.26 6.08
CA PHE D 210 51.35 27.20 7.17
C PHE D 210 52.60 27.55 7.99
N PRO D 211 52.74 28.83 8.40
CA PRO D 211 53.92 29.29 9.13
C PRO D 211 53.98 28.74 10.57
N ASP D 212 52.87 28.26 11.12
CA ASP D 212 52.72 27.86 12.55
C ASP D 212 51.34 27.24 12.76
N ARG D 213 51.02 26.86 14.01
CA ARG D 213 49.87 25.98 14.36
C ARG D 213 48.54 26.75 14.36
N THR D 214 48.54 28.08 14.26
CA THR D 214 47.31 28.93 14.33
C THR D 214 46.16 28.24 13.58
N LEU D 215 46.34 28.05 12.26
CA LEU D 215 45.32 27.51 11.33
C LEU D 215 45.25 25.99 11.44
N PRO D 216 46.33 25.20 11.28
CA PRO D 216 46.26 23.74 11.47
C PRO D 216 45.42 23.26 12.67
N ASP D 217 45.60 23.88 13.85
CA ASP D 217 44.88 23.54 15.12
C ASP D 217 43.37 23.68 14.89
N GLU D 218 42.94 24.67 14.12
CA GLU D 218 41.50 24.97 13.87
C GLU D 218 40.96 23.96 12.83
N TYR D 219 41.66 23.77 11.71
CA TYR D 219 41.35 22.68 10.73
C TYR D 219 41.15 21.35 11.46
N GLU D 220 42.08 20.96 12.34
CA GLU D 220 42.08 19.64 13.05
C GLU D 220 40.79 19.43 13.85
N LYS D 221 40.15 20.48 14.34
CA LYS D 221 38.97 20.36 15.26
C LYS D 221 37.84 19.56 14.56
N THR D 222 37.71 19.63 13.23
CA THR D 222 36.61 18.97 12.46
C THR D 222 37.16 17.93 11.45
N LEU D 223 38.40 17.46 11.62
CA LEU D 223 39.07 16.50 10.71
C LEU D 223 39.15 15.13 11.36
N PRO D 224 38.82 14.05 10.64
CA PRO D 224 39.11 12.69 11.10
C PRO D 224 40.58 12.32 10.86
N GLU D 225 40.99 11.17 11.39
CA GLU D 225 42.34 10.59 11.15
C GLU D 225 42.18 9.35 10.28
N VAL D 226 42.84 9.33 9.13
CA VAL D 226 42.82 8.19 8.18
C VAL D 226 43.80 7.11 8.63
N PHE D 227 45.00 7.49 9.08
CA PHE D 227 46.07 6.54 9.46
C PHE D 227 46.63 6.94 10.82
N PRO D 228 45.81 6.90 11.92
CA PRO D 228 46.23 7.36 13.25
C PRO D 228 47.47 6.65 13.83
N ASP D 229 47.71 5.39 13.45
CA ASP D 229 48.89 4.59 13.88
C ASP D 229 50.18 5.02 13.15
N PHE D 230 50.09 5.68 11.98
CA PHE D 230 51.22 5.98 11.05
C PHE D 230 51.69 7.42 11.21
N ALA D 231 50.72 8.33 11.31
CA ALA D 231 50.84 9.81 11.25
C ALA D 231 49.60 10.44 11.87
N PRO D 232 49.55 10.59 13.22
CA PRO D 232 48.43 11.29 13.85
C PRO D 232 48.02 12.56 13.11
N GLY D 233 46.74 12.89 13.20
CA GLY D 233 46.15 14.11 12.64
C GLY D 233 46.38 14.22 11.13
N ASN D 234 46.51 15.45 10.64
CA ASN D 234 46.43 15.77 9.20
C ASN D 234 47.54 16.73 8.79
N PHE D 235 48.53 16.97 9.66
CA PHE D 235 49.66 17.91 9.44
C PHE D 235 51.01 17.31 9.86
N THR D 236 52.06 17.69 9.14
CA THR D 236 53.48 17.35 9.39
C THR D 236 54.32 18.62 9.31
N PHE D 237 55.20 18.84 10.30
CA PHE D 237 56.21 19.95 10.27
C PHE D 237 57.34 19.53 9.31
N ASP D 238 57.66 20.41 8.37
CA ASP D 238 58.79 20.20 7.43
C ASP D 238 59.96 21.05 7.91
N GLU D 239 61.08 20.43 8.29
CA GLU D 239 62.24 21.10 8.94
C GLU D 239 62.91 22.02 7.91
N GLU D 240 63.05 21.60 6.65
CA GLU D 240 63.69 22.41 5.59
C GLU D 240 62.96 23.76 5.42
N SER D 241 61.66 23.75 5.13
CA SER D 241 60.86 24.96 4.78
C SER D 241 60.43 25.69 6.05
N GLY D 242 60.58 25.06 7.22
CA GLY D 242 60.15 25.59 8.53
C GLY D 242 58.65 25.83 8.57
N GLN D 243 57.86 24.96 7.94
CA GLN D 243 56.39 25.15 7.78
C GLN D 243 55.66 23.83 8.06
N TRP D 244 54.43 23.95 8.56
CA TRP D 244 53.44 22.86 8.68
C TRP D 244 52.79 22.64 7.31
N VAL D 245 52.76 21.39 6.86
CA VAL D 245 52.16 21.01 5.55
C VAL D 245 51.03 20.01 5.83
N TRP D 246 49.96 20.07 5.02
CA TRP D 246 48.80 19.17 5.10
C TRP D 246 49.24 17.79 4.62
N THR D 247 49.07 16.76 5.46
CA THR D 247 49.46 15.35 5.15
C THR D 247 48.32 14.49 5.66
N THR D 248 47.27 14.32 4.86
CA THR D 248 46.09 13.50 5.25
C THR D 248 46.56 12.08 5.53
N PHE D 249 47.38 11.53 4.65
N PHE D 249 47.38 11.52 4.65
CA PHE D 249 47.79 10.09 4.67
CA PHE D 249 47.77 10.10 4.68
C PHE D 249 49.11 9.98 5.45
C PHE D 249 49.11 9.99 5.44
N ASN D 250 50.15 9.38 4.86
CA ASN D 250 51.48 9.27 5.54
C ASN D 250 52.11 10.68 5.52
N ARG D 251 53.10 10.89 6.39
CA ARG D 251 53.83 12.17 6.62
C ARG D 251 54.55 12.61 5.33
N TRP D 252 54.91 11.67 4.46
CA TRP D 252 55.64 11.93 3.20
C TRP D 252 54.72 11.94 1.96
N GLN D 253 53.40 11.95 2.15
CA GLN D 253 52.40 12.19 1.07
C GLN D 253 51.85 13.58 1.31
N TRP D 254 52.18 14.54 0.44
CA TRP D 254 51.85 15.98 0.66
C TRP D 254 50.64 16.33 -0.20
N ASP D 255 49.56 16.72 0.45
CA ASP D 255 48.25 17.07 -0.16
C ASP D 255 48.41 18.29 -1.08
N LEU D 256 48.10 18.14 -2.36
CA LEU D 256 48.12 19.25 -3.35
C LEU D 256 47.02 20.26 -3.07
N ASN D 257 47.26 21.52 -3.45
CA ASN D 257 46.34 22.67 -3.34
C ASN D 257 45.53 22.78 -4.63
N TRP D 258 44.32 22.22 -4.60
CA TRP D 258 43.45 22.16 -5.80
C TRP D 258 42.76 23.51 -6.06
N ALA D 259 42.92 24.49 -5.17
CA ALA D 259 42.48 25.90 -5.37
C ALA D 259 43.38 26.59 -6.40
N ASN D 260 44.58 26.06 -6.63
CA ASN D 260 45.60 26.62 -7.55
C ASN D 260 45.33 26.09 -8.97
N PRO D 261 45.09 26.98 -9.97
CA PRO D 261 44.78 26.54 -11.32
C PRO D 261 45.91 25.73 -11.95
N GLU D 262 47.15 25.99 -11.54
CA GLU D 262 48.35 25.31 -12.09
C GLU D 262 48.29 23.82 -11.76
N VAL D 263 47.72 23.47 -10.61
CA VAL D 263 47.55 22.04 -10.20
C VAL D 263 46.54 21.41 -11.17
N PHE D 264 45.40 22.08 -11.44
CA PHE D 264 44.43 21.63 -12.48
C PHE D 264 45.20 21.32 -13.76
N LEU D 265 46.00 22.27 -14.28
CA LEU D 265 46.67 22.14 -15.60
C LEU D 265 47.67 20.99 -15.58
N GLU D 266 48.44 20.82 -14.48
CA GLU D 266 49.43 19.72 -14.36
C GLU D 266 48.70 18.38 -14.64
N PHE D 267 47.53 18.17 -14.02
CA PHE D 267 46.76 16.89 -14.09
C PHE D 267 46.02 16.76 -15.42
N ALA D 268 45.52 17.86 -16.01
CA ALA D 268 44.89 17.83 -17.35
C ALA D 268 45.94 17.33 -18.35
N ASP D 269 47.13 17.90 -18.28
CA ASP D 269 48.29 17.51 -19.12
C ASP D 269 48.66 16.05 -18.82
N LEU D 270 48.78 15.68 -17.54
CA LEU D 270 49.21 14.30 -17.16
C LEU D 270 48.18 13.25 -17.64
N ILE D 271 46.89 13.53 -17.46
CA ILE D 271 45.83 12.55 -17.84
C ILE D 271 45.98 12.24 -19.34
N LEU D 272 46.08 13.26 -20.20
CA LEU D 272 46.15 13.07 -21.67
C LEU D 272 47.45 12.37 -22.08
N TRP D 273 48.58 12.71 -21.45
CA TRP D 273 49.91 12.12 -21.73
C TRP D 273 49.85 10.63 -21.34
N LEU D 274 49.34 10.33 -20.16
CA LEU D 274 49.19 8.92 -19.69
C LEU D 274 48.26 8.20 -20.67
N ALA D 275 47.18 8.86 -21.08
CA ALA D 275 46.19 8.26 -22.00
C ALA D 275 46.88 7.93 -23.31
N ASN D 276 47.82 8.78 -23.73
CA ASN D 276 48.55 8.60 -25.01
C ASN D 276 49.55 7.45 -24.89
N ARG D 277 49.93 7.01 -23.69
CA ARG D 277 50.81 5.82 -23.49
C ARG D 277 49.92 4.55 -23.40
N GLY D 278 48.60 4.71 -23.43
CA GLY D 278 47.64 3.60 -23.54
C GLY D 278 46.78 3.37 -22.28
N VAL D 279 46.85 4.25 -21.29
CA VAL D 279 45.96 4.14 -20.10
C VAL D 279 44.53 4.42 -20.58
N GLU D 280 43.62 3.48 -20.34
CA GLU D 280 42.20 3.58 -20.76
C GLU D 280 41.34 3.94 -19.54
N VAL D 281 41.75 3.59 -18.32
CA VAL D 281 40.94 3.94 -17.12
C VAL D 281 41.82 4.60 -16.06
N PHE D 282 41.38 5.76 -15.55
CA PHE D 282 42.06 6.48 -14.45
C PHE D 282 41.28 6.26 -13.16
N ARG D 283 41.89 5.60 -12.18
CA ARG D 283 41.36 5.55 -10.78
C ARG D 283 41.69 6.86 -10.09
N LEU D 284 40.70 7.71 -9.83
CA LEU D 284 40.88 8.97 -9.09
C LEU D 284 41.09 8.63 -7.60
N ASP D 285 42.33 8.32 -7.25
CA ASP D 285 42.77 7.99 -5.87
C ASP D 285 42.36 9.14 -4.96
N ALA D 286 41.74 8.82 -3.84
CA ALA D 286 41.45 9.78 -2.76
C ALA D 286 40.68 10.99 -3.28
N ILE D 287 39.82 10.85 -4.28
CA ILE D 287 39.14 12.02 -4.95
C ILE D 287 38.34 12.78 -3.90
N ALA D 288 37.80 12.10 -2.89
CA ALA D 288 36.95 12.73 -1.86
C ALA D 288 37.69 13.89 -1.17
N PHE D 289 39.03 13.79 -1.10
CA PHE D 289 39.87 14.64 -0.20
C PHE D 289 40.37 15.91 -0.90
N ILE D 290 40.18 16.09 -2.21
CA ILE D 290 40.99 17.08 -2.99
C ILE D 290 40.59 18.53 -2.65
N TRP D 291 39.48 18.79 -1.95
CA TRP D 291 39.14 20.18 -1.56
C TRP D 291 39.19 20.38 -0.04
N LYS D 292 39.81 21.47 0.42
CA LYS D 292 39.88 21.79 1.87
C LYS D 292 38.90 22.90 2.21
N ARG D 293 38.19 22.76 3.32
CA ARG D 293 37.32 23.84 3.84
C ARG D 293 37.31 23.76 5.36
N LEU D 294 37.77 24.86 5.99
CA LEU D 294 37.76 25.06 7.46
C LEU D 294 36.35 24.78 8.00
N GLY D 295 36.27 24.00 9.08
CA GLY D 295 35.01 23.72 9.80
C GLY D 295 34.21 22.60 9.14
N THR D 296 34.79 21.91 8.14
CA THR D 296 34.26 20.66 7.54
C THR D 296 35.34 19.58 7.67
N ASN D 297 35.00 18.34 7.33
CA ASN D 297 35.91 17.18 7.43
C ASN D 297 36.83 17.12 6.20
N CYS D 298 36.69 18.07 5.28
CA CYS D 298 37.54 18.19 4.05
C CYS D 298 37.42 16.90 3.22
N GLN D 299 36.21 16.33 3.18
CA GLN D 299 35.81 15.23 2.27
C GLN D 299 34.48 15.65 1.64
N ASN D 300 34.26 15.28 0.37
CA ASN D 300 32.90 15.30 -0.25
C ASN D 300 32.44 16.74 -0.52
N GLN D 301 33.37 17.70 -0.50
CA GLN D 301 33.07 19.14 -0.69
C GLN D 301 32.62 19.31 -2.13
N PRO D 302 31.72 20.26 -2.42
CA PRO D 302 31.16 20.41 -3.76
C PRO D 302 32.18 20.66 -4.88
N GLU D 303 33.32 21.28 -4.55
CA GLU D 303 34.39 21.64 -5.54
C GLU D 303 35.06 20.35 -6.04
N VAL D 304 35.03 19.27 -5.26
CA VAL D 304 35.59 17.97 -5.69
C VAL D 304 34.98 17.62 -7.05
N HIS D 305 33.67 17.76 -7.14
CA HIS D 305 32.84 17.31 -8.29
C HIS D 305 33.02 18.26 -9.45
N ALA D 306 33.14 19.57 -9.19
CA ALA D 306 33.35 20.57 -10.25
C ALA D 306 34.73 20.31 -10.88
N ILE D 307 35.74 20.05 -10.05
CA ILE D 307 37.12 19.79 -10.56
C ILE D 307 37.06 18.51 -11.41
N THR D 308 36.43 17.43 -10.88
CA THR D 308 36.21 16.13 -11.57
C THR D 308 35.50 16.36 -12.92
N GLN D 309 34.45 17.15 -12.94
CA GLN D 309 33.67 17.44 -14.18
C GLN D 309 34.63 18.01 -15.22
N ALA D 310 35.49 18.91 -14.77
CA ALA D 310 36.42 19.64 -15.64
C ALA D 310 37.46 18.64 -16.16
N LEU D 311 37.99 17.78 -15.30
CA LEU D 311 39.06 16.83 -15.72
C LEU D 311 38.42 15.79 -16.65
N ARG D 312 37.14 15.49 -16.43
CA ARG D 312 36.43 14.46 -17.21
C ARG D 312 36.21 14.98 -18.62
N ALA D 313 35.75 16.24 -18.75
CA ALA D 313 35.52 16.93 -20.04
C ALA D 313 36.83 16.98 -20.87
N VAL D 314 37.93 17.33 -20.22
CA VAL D 314 39.29 17.27 -20.83
C VAL D 314 39.43 15.90 -21.52
N ALA D 315 39.24 14.79 -20.79
CA ALA D 315 39.39 13.42 -21.34
C ALA D 315 38.36 13.16 -22.44
N ARG D 316 37.13 13.66 -22.30
CA ARG D 316 36.06 13.48 -23.33
C ARG D 316 36.54 14.08 -24.67
N ILE D 317 37.26 15.20 -24.61
CA ILE D 317 37.53 16.02 -25.81
C ILE D 317 38.62 15.33 -26.61
N VAL D 318 39.66 14.87 -25.91
CA VAL D 318 40.94 14.45 -26.55
C VAL D 318 41.05 12.93 -26.58
N ALA D 319 40.42 12.23 -25.64
CA ALA D 319 40.52 10.76 -25.54
C ALA D 319 39.17 10.15 -25.13
N PRO D 320 38.16 10.18 -26.03
CA PRO D 320 36.87 9.56 -25.75
C PRO D 320 36.91 8.13 -25.18
N ALA D 321 37.94 7.35 -25.51
CA ALA D 321 38.06 5.94 -25.07
C ALA D 321 38.28 5.85 -23.57
N VAL D 322 38.77 6.90 -22.90
CA VAL D 322 39.13 6.74 -21.46
C VAL D 322 37.87 6.89 -20.61
N LEU D 323 37.90 6.19 -19.48
CA LEU D 323 36.94 6.18 -18.35
C LEU D 323 37.64 6.80 -17.14
N PHE D 324 36.86 7.43 -16.25
CA PHE D 324 37.24 7.77 -14.87
C PHE D 324 36.52 6.79 -13.92
N LYS D 325 37.25 6.28 -12.92
CA LYS D 325 36.75 5.45 -11.79
C LYS D 325 37.06 6.17 -10.48
N ALA D 326 36.05 6.51 -9.70
CA ALA D 326 36.20 7.28 -8.46
C ALA D 326 36.58 6.34 -7.32
N GLU D 327 37.67 6.61 -6.59
CA GLU D 327 37.88 5.97 -5.28
C GLU D 327 37.24 6.85 -4.20
N ALA D 328 35.99 6.59 -3.84
CA ALA D 328 35.25 7.32 -2.78
C ALA D 328 34.77 6.33 -1.73
N ILE D 329 35.64 5.96 -0.80
CA ILE D 329 35.25 5.04 0.30
C ILE D 329 34.57 5.87 1.37
N VAL D 330 33.31 6.23 1.11
CA VAL D 330 32.49 7.18 1.92
C VAL D 330 31.24 6.46 2.46
N ALA D 331 30.51 7.18 3.31
CA ALA D 331 29.22 6.77 3.94
C ALA D 331 28.21 6.50 2.81
N PRO D 332 27.27 5.56 3.06
CA PRO D 332 26.18 5.25 2.12
C PRO D 332 25.41 6.41 1.47
N ASP D 333 25.17 7.49 2.22
CA ASP D 333 24.41 8.66 1.74
C ASP D 333 25.30 9.56 0.83
N ASP D 334 26.63 9.38 0.82
CA ASP D 334 27.59 10.29 0.13
C ASP D 334 28.13 9.70 -1.18
N LEU D 335 28.00 8.39 -1.37
CA LEU D 335 28.67 7.67 -2.49
C LEU D 335 28.13 8.14 -3.86
N ILE D 336 26.80 8.23 -4.00
CA ILE D 336 26.07 8.47 -5.28
C ILE D 336 26.53 9.76 -5.96
N HIS D 337 27.02 10.72 -5.18
CA HIS D 337 27.46 12.04 -5.69
C HIS D 337 28.64 11.84 -6.64
N TYR D 338 29.43 10.77 -6.48
CA TYR D 338 30.65 10.50 -7.30
C TYR D 338 30.28 9.93 -8.67
N LEU D 339 29.01 9.56 -8.89
CA LEU D 339 28.49 9.21 -10.24
C LEU D 339 27.73 10.41 -10.84
N GLY D 340 27.79 11.57 -10.21
CA GLY D 340 27.18 12.79 -10.75
C GLY D 340 25.72 12.95 -10.33
N GLN D 341 25.43 13.98 -9.54
CA GLN D 341 24.07 14.32 -9.07
C GLN D 341 23.79 15.80 -9.35
N GLY D 342 22.51 16.22 -9.31
CA GLY D 342 22.10 17.61 -9.56
C GLY D 342 22.75 18.17 -10.83
N PRO D 343 23.46 19.31 -10.77
CA PRO D 343 24.02 19.94 -11.98
C PRO D 343 25.20 19.15 -12.58
N HIS D 344 25.67 18.13 -11.87
CA HIS D 344 26.76 17.21 -12.28
C HIS D 344 26.20 15.88 -12.82
N PHE D 345 24.86 15.74 -12.98
CA PHE D 345 24.23 14.42 -13.29
C PHE D 345 24.98 13.73 -14.44
N GLY D 346 25.66 12.63 -14.11
CA GLY D 346 26.35 11.76 -15.10
C GLY D 346 27.46 12.46 -15.86
N LEU D 347 28.01 13.56 -15.33
CA LEU D 347 29.11 14.34 -15.97
C LEU D 347 30.44 14.09 -15.26
N LEU D 348 30.45 13.19 -14.27
N LEU D 348 30.46 13.20 -14.26
CA LEU D 348 31.62 12.97 -13.39
CA LEU D 348 31.63 12.98 -13.39
C LEU D 348 32.31 11.66 -13.78
C LEU D 348 32.30 11.65 -13.79
N SER D 349 32.86 10.90 -12.84
CA SER D 349 33.47 9.58 -13.11
C SER D 349 32.40 8.66 -13.77
N ASP D 350 32.85 7.74 -14.60
CA ASP D 350 31.98 6.73 -15.26
C ASP D 350 31.62 5.64 -14.25
N THR D 351 32.49 5.41 -13.27
CA THR D 351 32.38 4.32 -12.29
C THR D 351 32.87 4.78 -10.92
N ALA D 352 32.50 4.02 -9.90
CA ALA D 352 32.90 4.23 -8.50
C ALA D 352 32.81 2.89 -7.79
N TYR D 353 33.70 2.67 -6.83
CA TYR D 353 33.74 1.47 -5.98
C TYR D 353 32.41 1.39 -5.22
N HIS D 354 31.72 0.24 -5.28
CA HIS D 354 30.51 0.02 -4.44
C HIS D 354 30.93 -0.56 -3.09
N ASN D 355 31.40 0.31 -2.20
CA ASN D 355 31.95 -0.12 -0.90
C ASN D 355 30.80 -0.57 0.01
N SER D 356 29.61 0.00 -0.12
CA SER D 356 28.45 -0.41 0.71
C SER D 356 28.10 -1.88 0.40
N LEU D 357 28.11 -2.29 -0.87
CA LEU D 357 27.77 -3.68 -1.26
C LEU D 357 28.79 -4.66 -0.68
N MET D 358 30.07 -4.37 -0.90
CA MET D 358 31.20 -5.16 -0.37
C MET D 358 30.98 -5.29 1.15
N VAL D 359 30.77 -4.19 1.84
CA VAL D 359 30.59 -4.21 3.32
C VAL D 359 29.42 -5.15 3.64
N GLN D 360 28.33 -5.04 2.89
CA GLN D 360 27.07 -5.75 3.23
C GLN D 360 27.23 -7.23 2.94
N ILE D 361 28.07 -7.61 1.97
CA ILE D 361 28.31 -9.04 1.66
C ILE D 361 28.97 -9.67 2.91
N TRP D 362 30.06 -9.07 3.40
CA TRP D 362 30.80 -9.57 4.58
C TRP D 362 29.91 -9.52 5.84
N SER D 363 29.16 -8.43 6.04
CA SER D 363 28.22 -8.28 7.18
C SER D 363 27.26 -9.48 7.18
N SER D 364 26.67 -9.78 6.02
CA SER D 364 25.64 -10.84 5.88
C SER D 364 26.25 -12.23 6.09
N LEU D 365 27.46 -12.47 5.59
CA LEU D 365 28.22 -13.75 5.77
C LEU D 365 28.44 -14.02 7.27
N ALA D 366 28.81 -12.97 8.02
CA ALA D 366 29.04 -13.01 9.48
C ALA D 366 27.75 -13.32 10.25
N SER D 367 26.67 -12.60 9.97
CA SER D 367 25.40 -12.66 10.76
C SER D 367 24.44 -13.72 10.21
N ARG D 368 24.68 -14.26 9.02
CA ARG D 368 23.75 -15.21 8.34
C ARG D 368 22.42 -14.50 8.02
N ASP D 369 22.38 -13.18 8.05
CA ASP D 369 21.13 -12.41 7.88
C ASP D 369 21.37 -11.31 6.84
N VAL D 370 20.43 -11.13 5.91
CA VAL D 370 20.59 -10.26 4.72
C VAL D 370 19.69 -9.02 4.81
N ARG D 371 19.03 -8.80 5.96
CA ARG D 371 17.99 -7.76 6.13
C ARG D 371 18.67 -6.38 6.11
N LEU D 372 19.79 -6.20 6.83
CA LEU D 372 20.58 -4.94 6.77
C LEU D 372 21.04 -4.72 5.32
N MET D 373 21.61 -5.73 4.68
CA MET D 373 22.01 -5.65 3.26
C MET D 373 20.78 -5.26 2.41
N SER D 374 19.68 -5.97 2.53
CA SER D 374 18.47 -5.73 1.70
C SER D 374 18.00 -4.28 1.87
N GLU D 375 17.89 -3.81 3.10
CA GLU D 375 17.47 -2.43 3.41
C GLU D 375 18.50 -1.41 2.87
N ALA D 376 19.79 -1.53 3.19
CA ALA D 376 20.79 -0.50 2.77
C ALA D 376 20.78 -0.35 1.24
N LEU D 377 20.70 -1.45 0.50
CA LEU D 377 20.84 -1.41 -0.97
C LEU D 377 19.53 -0.93 -1.58
N ARG D 378 18.40 -1.21 -0.90
CA ARG D 378 17.06 -0.77 -1.33
C ARG D 378 17.04 0.75 -1.26
N ARG D 379 17.54 1.36 -0.18
CA ARG D 379 17.48 2.83 0.03
C ARG D 379 18.47 3.55 -0.90
N PHE D 380 19.46 2.84 -1.46
CA PHE D 380 20.51 3.43 -2.32
C PHE D 380 19.83 4.19 -3.46
N PRO D 381 20.22 5.45 -3.67
CA PRO D 381 19.74 6.19 -4.82
C PRO D 381 20.17 5.59 -6.18
N LEU D 382 19.34 5.81 -7.20
CA LEU D 382 19.57 5.38 -8.60
C LEU D 382 20.70 6.21 -9.20
N LYS D 383 21.70 5.56 -9.80
CA LYS D 383 22.84 6.20 -10.50
C LYS D 383 22.37 6.68 -11.87
N PRO D 384 23.07 7.60 -12.54
CA PRO D 384 22.80 7.88 -13.96
C PRO D 384 23.06 6.62 -14.79
N THR D 385 22.27 6.39 -15.83
CA THR D 385 22.27 5.11 -16.61
C THR D 385 23.46 5.03 -17.55
N ASN D 386 24.21 6.13 -17.73
CA ASN D 386 25.52 6.12 -18.45
C ASN D 386 26.65 5.67 -17.50
N THR D 387 26.39 5.43 -16.22
CA THR D 387 27.46 5.08 -15.23
C THR D 387 27.32 3.61 -14.82
N ALA D 388 28.31 3.10 -14.09
CA ALA D 388 28.40 1.71 -13.58
C ALA D 388 29.09 1.72 -12.22
N TRP D 389 28.61 0.87 -11.31
CA TRP D 389 29.38 0.45 -10.12
C TRP D 389 30.56 -0.46 -10.53
N CYS D 390 31.64 -0.39 -9.77
CA CYS D 390 32.64 -1.47 -9.67
C CYS D 390 32.30 -2.27 -8.43
N THR D 391 32.02 -3.54 -8.62
CA THR D 391 31.70 -4.49 -7.53
C THR D 391 32.98 -5.23 -7.15
N TYR D 392 33.10 -5.60 -5.89
CA TYR D 392 34.30 -6.30 -5.39
C TYR D 392 34.03 -6.93 -4.03
N LEU D 393 34.71 -8.02 -3.74
CA LEU D 393 34.62 -8.69 -2.43
C LEU D 393 35.82 -8.24 -1.58
N ARG D 394 36.98 -8.10 -2.20
CA ARG D 394 38.22 -7.68 -1.52
C ARG D 394 39.05 -6.81 -2.47
N CYS D 395 40.05 -6.12 -1.92
CA CYS D 395 40.96 -5.23 -2.68
C CYS D 395 42.28 -5.03 -1.92
N HIS D 396 43.10 -4.08 -2.37
CA HIS D 396 44.45 -3.88 -1.78
C HIS D 396 44.29 -3.27 -0.39
N ASP D 397 43.13 -2.70 -0.05
CA ASP D 397 42.93 -2.00 1.23
C ASP D 397 42.19 -2.87 2.25
N ASP D 398 42.36 -2.46 3.50
CA ASP D 398 41.52 -2.80 4.67
C ASP D 398 40.03 -2.58 4.32
N ILE D 399 39.18 -3.24 5.10
CA ILE D 399 37.70 -3.02 5.06
C ILE D 399 37.30 -2.01 6.11
N GLY D 400 36.70 -0.91 5.67
CA GLY D 400 35.98 0.03 6.56
C GLY D 400 34.51 -0.33 6.64
N TRP D 401 33.97 -0.52 7.84
CA TRP D 401 32.56 -0.92 8.09
C TRP D 401 31.61 0.27 7.90
N ALA D 402 31.38 0.64 6.65
CA ALA D 402 30.48 1.72 6.22
C ALA D 402 29.00 1.28 6.33
N ILE D 403 28.44 1.41 7.53
CA ILE D 403 27.03 1.09 7.86
C ILE D 403 26.32 2.31 8.44
N ALA D 404 25.27 2.80 7.77
CA ALA D 404 24.46 3.93 8.26
C ALA D 404 23.58 3.42 9.40
N ASP D 405 23.67 4.10 10.56
CA ASP D 405 22.77 4.00 11.73
C ASP D 405 21.31 3.91 11.28
N GLU D 406 20.91 4.66 10.26
CA GLU D 406 19.48 4.76 9.82
C GLU D 406 19.04 3.40 9.22
N ASP D 407 19.94 2.77 8.46
CA ASP D 407 19.68 1.46 7.83
C ASP D 407 19.61 0.41 8.94
N ALA D 408 20.56 0.42 9.85
CA ALA D 408 20.61 -0.57 10.94
C ALA D 408 19.34 -0.46 11.80
N ALA D 409 18.97 0.77 12.17
CA ALA D 409 17.81 1.06 13.04
C ALA D 409 16.51 0.62 12.38
N ARG D 410 16.41 0.74 11.06
CA ARG D 410 15.20 0.33 10.31
C ARG D 410 14.99 -1.18 10.44
N VAL D 411 16.06 -1.97 10.51
CA VAL D 411 15.92 -3.44 10.64
C VAL D 411 16.22 -3.92 12.06
N GLY D 412 16.09 -3.05 13.06
CA GLY D 412 16.21 -3.46 14.48
C GLY D 412 17.64 -3.84 14.85
N LEU D 413 18.60 -3.02 14.43
CA LEU D 413 20.05 -3.16 14.79
C LEU D 413 20.57 -1.81 15.31
N SER D 414 21.42 -1.84 16.33
CA SER D 414 22.26 -0.69 16.74
C SER D 414 23.44 -0.61 15.78
N GLY D 415 23.51 0.50 15.06
CA GLY D 415 24.61 0.86 14.17
C GLY D 415 25.94 0.63 14.83
N GLU D 416 26.14 1.16 16.03
CA GLU D 416 27.48 1.11 16.68
C GLU D 416 27.74 -0.34 17.17
N ALA D 417 26.76 -1.04 17.76
CA ALA D 417 26.97 -2.42 18.22
C ALA D 417 27.29 -3.31 17.00
N HIS D 418 26.65 -3.08 15.85
CA HIS D 418 26.87 -3.91 14.62
C HIS D 418 28.26 -3.64 14.00
N ARG D 419 28.72 -2.39 13.96
CA ARG D 419 30.08 -2.07 13.43
C ARG D 419 31.14 -2.70 14.36
N ARG D 420 30.98 -2.59 15.67
CA ARG D 420 31.83 -3.27 16.68
C ARG D 420 31.83 -4.78 16.40
N PHE D 421 30.67 -5.42 16.33
CA PHE D 421 30.57 -6.87 16.04
C PHE D 421 31.33 -7.22 14.74
N LEU D 422 31.20 -6.43 13.68
CA LEU D 422 31.91 -6.77 12.41
C LEU D 422 33.43 -6.87 12.64
N SER D 423 34.02 -5.95 13.40
CA SER D 423 35.48 -6.00 13.68
C SER D 423 35.76 -7.12 14.68
N ASP D 424 34.88 -7.31 15.68
CA ASP D 424 34.99 -8.44 16.65
C ASP D 424 35.01 -9.74 15.84
N TYR D 425 34.11 -9.87 14.84
CA TYR D 425 33.90 -11.13 14.09
C TYR D 425 35.10 -11.41 13.18
N TYR D 426 35.48 -10.44 12.36
CA TYR D 426 36.48 -10.65 11.28
C TYR D 426 37.91 -10.63 11.86
N SER D 427 38.11 -10.08 13.06
CA SER D 427 39.40 -10.18 13.82
C SER D 427 39.58 -11.58 14.40
N GLY D 428 38.53 -12.41 14.37
CA GLY D 428 38.55 -13.80 14.87
C GLY D 428 38.22 -13.89 16.36
N ARG D 429 37.85 -12.78 17.00
CA ARG D 429 37.61 -12.73 18.46
C ARG D 429 36.22 -13.29 18.81
N PHE D 430 35.21 -13.04 17.99
CA PHE D 430 33.81 -13.44 18.25
C PHE D 430 33.76 -14.96 18.36
N PRO D 431 32.99 -15.53 19.32
CA PRO D 431 32.83 -16.98 19.44
C PRO D 431 32.36 -17.67 18.15
N ALA D 432 33.08 -18.74 17.75
CA ALA D 432 32.76 -19.61 16.61
C ALA D 432 33.06 -18.89 15.29
N SER D 433 33.66 -17.70 15.31
CA SER D 433 34.06 -16.99 14.06
C SER D 433 34.92 -17.90 13.20
N PHE D 434 34.71 -17.89 11.88
CA PHE D 434 35.55 -18.64 10.92
C PHE D 434 36.67 -17.73 10.39
N SER D 435 36.66 -16.44 10.72
CA SER D 435 37.58 -15.45 10.08
C SER D 435 38.95 -15.47 10.77
N ARG D 436 40.01 -15.35 9.96
CA ARG D 436 41.38 -14.97 10.39
C ARG D 436 41.71 -13.61 9.75
N GLY D 437 41.31 -12.53 10.40
CA GLY D 437 41.60 -11.17 9.93
C GLY D 437 42.34 -10.43 11.01
N LEU D 438 42.85 -9.25 10.71
CA LEU D 438 43.60 -8.40 11.67
C LEU D 438 42.93 -7.04 11.73
N VAL D 439 42.87 -6.49 12.93
CA VAL D 439 42.46 -5.09 13.19
C VAL D 439 43.52 -4.18 12.57
N PHE D 440 43.05 -3.14 11.88
CA PHE D 440 43.86 -2.06 11.27
C PHE D 440 43.36 -0.71 11.76
N GLN D 441 44.30 0.12 12.23
CA GLN D 441 44.06 1.56 12.59
C GLN D 441 42.94 1.67 13.63
N GLU D 442 42.95 0.79 14.65
CA GLU D 442 42.09 0.92 15.86
C GLU D 442 42.33 2.32 16.44
N ASN D 443 41.28 3.14 16.44
CA ASN D 443 41.28 4.52 16.97
C ASN D 443 40.60 4.51 18.34
N PRO D 444 41.37 4.67 19.46
CA PRO D 444 40.78 4.58 20.80
C PRO D 444 39.77 5.73 21.02
N ARG D 445 40.03 6.92 20.47
CA ARG D 445 39.23 8.16 20.73
C ARG D 445 37.85 8.02 20.09
N THR D 446 37.76 7.24 19.01
CA THR D 446 36.64 7.23 18.04
C THR D 446 35.92 5.87 18.12
N GLY D 447 36.64 4.79 18.46
CA GLY D 447 36.14 3.40 18.43
C GLY D 447 36.24 2.77 17.04
N ASP D 448 36.57 3.53 16.01
CA ASP D 448 36.68 3.00 14.62
C ASP D 448 37.77 1.92 14.56
N ARG D 449 37.41 0.79 13.97
CA ARG D 449 38.35 -0.31 13.66
C ARG D 449 38.09 -0.75 12.22
N ARG D 450 39.15 -0.92 11.43
CA ARG D 450 39.11 -1.55 10.07
C ARG D 450 39.73 -2.96 10.18
N ILE D 451 39.63 -3.73 9.11
CA ILE D 451 40.00 -5.16 9.08
C ILE D 451 40.87 -5.41 7.87
N SER D 452 42.04 -6.04 8.05
CA SER D 452 42.87 -6.56 6.94
C SER D 452 42.72 -8.07 6.89
N GLY D 453 42.91 -8.66 5.72
CA GLY D 453 42.89 -10.12 5.49
C GLY D 453 42.46 -10.46 4.08
N SER D 454 42.83 -11.65 3.62
CA SER D 454 42.48 -12.18 2.28
C SER D 454 41.04 -12.67 2.32
N ALA D 455 40.35 -12.62 1.18
CA ALA D 455 39.00 -13.19 1.03
C ALA D 455 38.99 -14.55 1.72
N ALA D 456 39.90 -15.46 1.36
CA ALA D 456 39.84 -16.87 1.80
C ALA D 456 40.08 -16.98 3.32
N SER D 457 40.91 -16.10 3.89
CA SER D 457 41.20 -16.12 5.33
C SER D 457 40.01 -15.56 6.11
N LEU D 458 39.42 -14.44 5.66
CA LEU D 458 38.20 -13.87 6.27
C LEU D 458 37.04 -14.88 6.21
N ALA D 459 36.95 -15.61 5.11
CA ALA D 459 35.79 -16.47 4.75
C ALA D 459 35.91 -17.84 5.41
N GLY D 460 37.05 -18.18 6.03
CA GLY D 460 37.16 -19.38 6.90
C GLY D 460 38.11 -20.46 6.38
N LEU D 461 38.70 -20.31 5.19
CA LEU D 461 39.59 -21.37 4.60
C LEU D 461 40.82 -21.58 5.51
N GLU D 462 41.40 -20.54 6.09
CA GLU D 462 42.60 -20.68 6.94
C GLU D 462 42.25 -21.51 8.18
N GLN D 463 41.18 -21.16 8.90
CA GLN D 463 40.69 -21.94 10.06
C GLN D 463 40.44 -23.39 9.62
N ALA D 464 39.82 -23.60 8.45
CA ALA D 464 39.38 -24.92 7.98
C ALA D 464 40.60 -25.80 7.77
N LEU D 465 41.66 -25.25 7.17
CA LEU D 465 42.94 -25.97 6.93
C LEU D 465 43.63 -26.31 8.26
N GLU D 466 43.61 -25.39 9.22
CA GLU D 466 44.17 -25.60 10.58
C GLU D 466 43.38 -26.71 11.30
N ARG D 467 42.04 -26.71 11.22
CA ARG D 467 41.16 -27.68 11.93
C ARG D 467 41.11 -29.00 11.15
N GLY D 468 41.51 -29.01 9.88
CA GLY D 468 41.49 -30.21 9.01
C GLY D 468 40.08 -30.79 8.76
N ASP D 469 39.01 -30.00 8.96
CA ASP D 469 37.59 -30.43 8.77
C ASP D 469 37.20 -30.25 7.30
N PRO D 470 37.02 -31.32 6.49
CA PRO D 470 36.73 -31.15 5.08
C PRO D 470 35.38 -30.46 4.79
N HIS D 471 34.42 -30.58 5.70
CA HIS D 471 33.11 -29.89 5.63
C HIS D 471 33.25 -28.36 5.87
N GLN D 472 34.05 -27.88 6.80
CA GLN D 472 34.30 -26.42 6.96
C GLN D 472 35.14 -25.87 5.80
N LEU D 473 35.95 -26.71 5.18
CA LEU D 473 36.77 -26.28 4.03
C LEU D 473 35.80 -26.06 2.86
N HIS D 474 34.88 -26.99 2.68
CA HIS D 474 33.76 -26.90 1.69
C HIS D 474 32.96 -25.59 1.90
N LEU D 475 32.44 -25.34 3.10
CA LEU D 475 31.60 -24.15 3.39
C LEU D 475 32.42 -22.88 3.12
N SER D 476 33.71 -22.90 3.43
CA SER D 476 34.62 -21.76 3.19
C SER D 476 34.67 -21.45 1.69
N LEU D 477 34.92 -22.46 0.87
CA LEU D 477 34.94 -22.31 -0.61
C LEU D 477 33.57 -21.81 -1.08
N GLU D 478 32.49 -22.34 -0.50
CA GLU D 478 31.12 -21.94 -0.89
C GLU D 478 30.88 -20.47 -0.57
N ARG D 479 31.35 -19.98 0.58
CA ARG D 479 31.18 -18.56 0.96
C ARG D 479 31.89 -17.67 -0.04
N LEU D 480 33.11 -18.05 -0.44
CA LEU D 480 33.91 -17.29 -1.42
C LEU D 480 33.19 -17.28 -2.77
N LEU D 481 32.59 -18.40 -3.16
CA LEU D 481 31.87 -18.47 -4.46
C LEU D 481 30.55 -17.70 -4.35
N LEU D 482 29.90 -17.74 -3.19
CA LEU D 482 28.64 -16.98 -2.99
C LEU D 482 28.95 -15.49 -3.11
N GLY D 483 29.94 -15.01 -2.37
CA GLY D 483 30.39 -13.60 -2.40
C GLY D 483 30.76 -13.17 -3.80
N HIS D 484 31.58 -13.94 -4.50
CA HIS D 484 31.94 -13.65 -5.90
C HIS D 484 30.67 -13.62 -6.78
N ALA D 485 29.71 -14.51 -6.57
CA ALA D 485 28.47 -14.58 -7.37
C ALA D 485 27.69 -13.25 -7.25
N VAL D 486 27.63 -12.70 -6.06
CA VAL D 486 26.99 -11.38 -5.85
C VAL D 486 27.78 -10.31 -6.60
N VAL D 487 29.11 -10.29 -6.52
CA VAL D 487 29.86 -9.20 -7.24
C VAL D 487 29.72 -9.39 -8.76
N LEU D 488 29.58 -10.63 -9.25
CA LEU D 488 29.47 -10.93 -10.72
C LEU D 488 28.04 -10.62 -11.20
N GLY D 489 27.07 -10.66 -10.28
CA GLY D 489 25.63 -10.74 -10.64
C GLY D 489 24.85 -9.46 -10.33
N PHE D 490 25.41 -8.56 -9.53
CA PHE D 490 24.67 -7.38 -9.02
C PHE D 490 24.45 -6.37 -10.16
N GLY D 491 25.39 -6.29 -11.10
CA GLY D 491 25.43 -5.28 -12.16
C GLY D 491 26.57 -4.31 -11.91
N GLY D 492 27.48 -4.21 -12.87
CA GLY D 492 28.74 -3.45 -12.73
C GLY D 492 29.96 -4.27 -13.14
N ILE D 493 31.10 -3.59 -13.23
CA ILE D 493 32.44 -4.17 -13.50
C ILE D 493 32.91 -4.90 -12.25
N PRO D 494 33.04 -6.25 -12.31
CA PRO D 494 33.54 -7.02 -11.16
C PRO D 494 35.08 -6.96 -11.14
N LEU D 495 35.62 -6.38 -10.06
CA LEU D 495 37.09 -6.23 -9.80
C LEU D 495 37.58 -7.47 -9.03
N LEU D 496 37.93 -8.52 -9.76
CA LEU D 496 38.58 -9.71 -9.19
C LEU D 496 39.94 -9.27 -8.66
N TYR D 497 40.27 -9.67 -7.44
CA TYR D 497 41.53 -9.33 -6.74
C TYR D 497 42.52 -10.50 -6.87
N MET D 498 43.69 -10.20 -7.42
CA MET D 498 44.74 -11.20 -7.78
C MET D 498 44.85 -12.26 -6.67
N GLY D 499 44.59 -13.52 -7.00
CA GLY D 499 44.75 -14.62 -6.02
C GLY D 499 43.42 -15.13 -5.47
N ASP D 500 42.37 -14.30 -5.47
CA ASP D 500 41.03 -14.69 -4.97
C ASP D 500 40.55 -15.89 -5.79
N GLU D 501 40.89 -15.97 -7.08
CA GLU D 501 40.53 -17.14 -7.94
C GLU D 501 41.26 -18.41 -7.47
N LEU D 502 42.33 -18.31 -6.67
CA LEU D 502 43.02 -19.50 -6.04
C LEU D 502 42.74 -19.60 -4.53
N ALA D 503 41.92 -18.74 -3.96
CA ALA D 503 41.64 -18.76 -2.51
C ALA D 503 42.93 -18.57 -1.72
N LEU D 504 43.78 -17.59 -2.08
CA LEU D 504 45.06 -17.31 -1.37
C LEU D 504 44.77 -16.82 0.05
N LEU D 505 45.61 -17.26 1.00
CA LEU D 505 45.48 -16.95 2.45
C LEU D 505 46.31 -15.73 2.76
N ASN D 506 46.05 -15.14 3.92
CA ASN D 506 46.92 -14.18 4.63
C ASN D 506 48.41 -14.54 4.39
N ASP D 507 49.21 -13.55 3.96
CA ASP D 507 50.67 -13.65 3.74
C ASP D 507 51.35 -12.86 4.86
N HIS D 508 52.02 -13.53 5.79
CA HIS D 508 52.68 -12.91 6.98
C HIS D 508 54.17 -12.60 6.69
N SER D 509 54.64 -12.77 5.44
CA SER D 509 55.93 -12.25 4.89
C SER D 509 56.20 -10.79 5.32
N TYR D 510 55.22 -9.90 5.14
CA TYR D 510 55.36 -8.44 5.31
C TYR D 510 56.08 -8.10 6.63
N LEU D 511 55.94 -8.92 7.68
CA LEU D 511 56.55 -8.65 9.02
C LEU D 511 58.09 -8.72 8.98
N GLU D 512 58.69 -9.29 7.93
CA GLU D 512 60.15 -9.42 7.65
C GLU D 512 60.68 -8.21 6.87
N GLU D 513 59.82 -7.50 6.13
CA GLU D 513 60.22 -6.25 5.41
C GLU D 513 59.92 -5.05 6.29
N PRO D 514 60.94 -4.39 6.88
CA PRO D 514 60.70 -3.23 7.75
C PRO D 514 59.85 -2.12 7.09
N GLU D 515 59.95 -1.98 5.77
CA GLU D 515 59.28 -0.91 4.99
C GLU D 515 57.76 -1.18 4.98
N HIS D 516 57.35 -2.44 5.15
CA HIS D 516 55.94 -2.94 5.12
C HIS D 516 55.42 -3.36 6.50
N ALA D 517 56.29 -3.73 7.46
CA ALA D 517 55.94 -4.50 8.69
C ALA D 517 54.94 -3.74 9.57
N GLU D 518 54.91 -2.42 9.53
CA GLU D 518 54.01 -1.56 10.35
C GLU D 518 52.62 -1.50 9.71
N ASP D 519 52.50 -1.89 8.43
CA ASP D 519 51.24 -1.74 7.64
C ASP D 519 50.65 -3.13 7.35
N ASN D 520 49.74 -3.60 8.20
CA ASN D 520 49.22 -4.99 8.11
C ASN D 520 48.31 -5.21 6.87
N ARG D 521 48.07 -4.18 6.04
CA ARG D 521 47.35 -4.37 4.74
C ARG D 521 48.18 -5.25 3.82
N TRP D 522 49.50 -5.30 4.03
CA TRP D 522 50.38 -6.19 3.22
C TRP D 522 49.98 -7.65 3.47
N VAL D 523 49.24 -7.94 4.54
CA VAL D 523 48.75 -9.33 4.82
C VAL D 523 47.94 -9.85 3.62
N HIS D 524 47.16 -9.00 2.94
CA HIS D 524 46.29 -9.41 1.81
C HIS D 524 46.85 -8.85 0.50
N ARG D 525 48.15 -8.60 0.42
CA ARG D 525 48.83 -8.22 -0.85
C ARG D 525 49.89 -9.27 -1.17
N PRO D 526 49.48 -10.54 -1.40
CA PRO D 526 50.43 -11.62 -1.60
C PRO D 526 51.09 -11.59 -2.98
N HIS D 527 52.23 -12.29 -3.08
CA HIS D 527 52.86 -12.70 -4.35
C HIS D 527 51.98 -13.78 -4.97
N MET D 528 51.81 -13.73 -6.28
CA MET D 528 51.06 -14.76 -7.01
C MET D 528 51.84 -16.06 -6.88
N ASP D 529 51.11 -17.14 -6.66
CA ASP D 529 51.67 -18.50 -6.60
C ASP D 529 51.32 -19.20 -7.91
N TRP D 530 52.26 -19.25 -8.87
CA TRP D 530 52.01 -19.76 -10.24
C TRP D 530 51.97 -21.30 -10.26
N GLU D 531 52.64 -21.96 -9.33
CA GLU D 531 52.55 -23.43 -9.11
C GLU D 531 51.12 -23.76 -8.66
N LYS D 532 50.52 -22.93 -7.80
CA LYS D 532 49.13 -23.02 -7.30
C LYS D 532 48.18 -22.83 -8.49
N ALA D 533 48.37 -21.77 -9.31
CA ALA D 533 47.60 -21.53 -10.55
C ALA D 533 47.55 -22.81 -11.41
N ALA D 534 48.70 -23.43 -11.72
CA ALA D 534 48.76 -24.68 -12.52
C ALA D 534 48.03 -25.83 -11.79
N ARG D 535 48.22 -25.97 -10.47
CA ARG D 535 47.53 -27.02 -9.69
C ARG D 535 46.02 -26.80 -9.75
N ALA D 536 45.54 -25.56 -9.63
CA ALA D 536 44.08 -25.26 -9.68
C ALA D 536 43.53 -25.72 -11.03
N LYS D 537 44.31 -25.52 -12.11
CA LYS D 537 43.88 -25.81 -13.50
C LYS D 537 43.82 -27.32 -13.67
N ALA D 538 44.84 -28.03 -13.18
CA ALA D 538 45.07 -29.47 -13.40
C ALA D 538 44.27 -30.32 -12.41
N ASP D 539 43.97 -29.81 -11.19
CA ASP D 539 43.22 -30.56 -10.13
C ASP D 539 42.01 -29.76 -9.66
N PRO D 540 40.86 -29.89 -10.35
CA PRO D 540 39.60 -29.29 -9.93
C PRO D 540 39.08 -29.69 -8.54
N THR D 541 39.62 -30.73 -7.91
CA THR D 541 39.12 -31.21 -6.58
C THR D 541 39.92 -30.55 -5.45
N SER D 542 41.05 -29.91 -5.75
CA SER D 542 41.87 -29.16 -4.78
C SER D 542 41.07 -27.94 -4.33
N PRO D 543 41.38 -27.35 -3.15
CA PRO D 543 40.76 -26.09 -2.75
C PRO D 543 40.91 -25.00 -3.84
N GLU D 544 42.14 -24.84 -4.36
CA GLU D 544 42.44 -23.79 -5.38
C GLU D 544 41.68 -24.10 -6.67
N GLY D 545 41.57 -25.37 -7.02
CA GLY D 545 40.80 -25.82 -8.20
C GLY D 545 39.29 -25.61 -8.05
N ARG D 546 38.71 -25.90 -6.88
CA ARG D 546 37.25 -25.72 -6.66
C ARG D 546 36.91 -24.23 -6.82
N MET D 547 37.80 -23.37 -6.34
CA MET D 547 37.64 -21.90 -6.44
C MET D 547 37.85 -21.46 -7.90
N TYR D 548 38.92 -21.91 -8.55
CA TYR D 548 39.27 -21.46 -9.91
C TYR D 548 38.16 -21.85 -10.88
N HIS D 549 37.81 -23.13 -10.92
CA HIS D 549 36.75 -23.69 -11.80
C HIS D 549 35.36 -23.14 -11.41
N GLY D 550 35.12 -22.90 -10.11
CA GLY D 550 33.82 -22.39 -9.64
C GLY D 550 33.63 -20.97 -10.14
N LEU D 551 34.69 -20.18 -9.99
CA LEU D 551 34.68 -18.75 -10.38
C LEU D 551 34.62 -18.65 -11.91
N ARG D 552 35.37 -19.50 -12.62
CA ARG D 552 35.44 -19.45 -14.09
C ARG D 552 34.04 -19.74 -14.63
N HIS D 553 33.32 -20.70 -14.03
CA HIS D 553 31.93 -21.04 -14.45
C HIS D 553 30.98 -19.84 -14.22
N LEU D 554 31.02 -19.18 -13.05
CA LEU D 554 30.16 -17.99 -12.79
C LEU D 554 30.46 -16.90 -13.82
N ILE D 555 31.74 -16.66 -14.11
CA ILE D 555 32.19 -15.65 -15.13
C ILE D 555 31.60 -15.98 -16.50
N ARG D 556 31.79 -17.21 -16.97
CA ARG D 556 31.29 -17.72 -18.28
C ARG D 556 29.75 -17.55 -18.32
N VAL D 557 29.04 -17.84 -17.23
CA VAL D 557 27.55 -17.68 -17.21
C VAL D 557 27.18 -16.19 -17.20
N ARG D 558 27.93 -15.37 -16.48
CA ARG D 558 27.66 -13.92 -16.45
C ARG D 558 27.83 -13.36 -17.87
N ARG D 559 28.91 -13.73 -18.54
CA ARG D 559 29.30 -13.18 -19.87
C ARG D 559 28.14 -13.35 -20.86
N THR D 560 27.44 -14.49 -20.79
CA THR D 560 26.38 -14.89 -21.74
C THR D 560 25.01 -14.58 -21.13
N THR D 561 24.92 -13.67 -20.16
CA THR D 561 23.64 -13.23 -19.55
C THR D 561 23.43 -11.74 -19.75
N PRO D 562 22.68 -11.32 -20.79
CA PRO D 562 22.49 -9.89 -21.12
C PRO D 562 21.89 -9.08 -19.97
N HIS D 563 21.17 -9.75 -19.06
CA HIS D 563 20.44 -9.16 -17.92
C HIS D 563 21.42 -8.44 -16.97
N PHE D 564 22.73 -8.73 -17.04
CA PHE D 564 23.72 -8.13 -16.11
C PHE D 564 24.29 -6.82 -16.65
N HIS D 565 23.79 -6.32 -17.79
CA HIS D 565 24.16 -4.98 -18.32
C HIS D 565 23.93 -3.95 -17.22
N ALA D 566 24.94 -3.12 -16.92
CA ALA D 566 24.99 -2.23 -15.74
C ALA D 566 24.10 -0.99 -15.91
N ALA D 567 23.53 -0.77 -17.10
CA ALA D 567 22.60 0.37 -17.28
C ALA D 567 21.36 0.10 -16.41
N LEU D 568 21.06 -1.19 -16.19
CA LEU D 568 19.99 -1.73 -15.32
C LEU D 568 20.53 -1.93 -13.89
N GLU D 569 19.72 -1.58 -12.91
CA GLU D 569 20.07 -1.78 -11.48
C GLU D 569 19.20 -2.89 -10.90
N ALA D 570 19.82 -3.70 -10.03
CA ALA D 570 19.19 -4.62 -9.07
C ALA D 570 18.04 -3.89 -8.37
N GLN D 571 16.85 -4.47 -8.39
CA GLN D 571 15.66 -4.02 -7.61
C GLN D 571 15.50 -5.02 -6.45
N ILE D 572 15.78 -4.55 -5.24
CA ILE D 572 15.90 -5.44 -4.05
C ILE D 572 14.52 -5.97 -3.66
N LEU D 573 14.38 -7.29 -3.49
CA LEU D 573 13.16 -7.97 -2.98
C LEU D 573 13.17 -7.89 -1.45
N GLU D 574 11.99 -7.90 -0.82
CA GLU D 574 11.81 -8.21 0.61
C GLU D 574 12.54 -9.52 0.90
N PRO D 575 13.39 -9.59 1.94
CA PRO D 575 14.06 -10.84 2.28
C PRO D 575 13.12 -11.71 3.11
N ARG D 576 12.20 -12.41 2.44
CA ARG D 576 11.04 -13.07 3.08
C ARG D 576 11.55 -14.32 3.80
N ASN D 577 12.66 -14.90 3.32
CA ASN D 577 13.57 -15.72 4.16
C ASN D 577 14.69 -14.77 4.56
N PRO D 578 14.90 -14.46 5.85
CA PRO D 578 15.89 -13.45 6.24
C PRO D 578 17.34 -13.90 6.04
N HIS D 579 17.58 -15.15 5.61
CA HIS D 579 18.95 -15.66 5.31
C HIS D 579 19.25 -15.58 3.81
N VAL D 580 18.30 -15.17 2.97
CA VAL D 580 18.38 -15.26 1.49
C VAL D 580 18.23 -13.87 0.86
N PHE D 581 19.29 -13.41 0.19
CA PHE D 581 19.32 -12.07 -0.44
C PHE D 581 18.73 -12.24 -1.84
N GLY D 582 17.89 -11.29 -2.27
CA GLY D 582 17.14 -11.39 -3.53
C GLY D 582 17.02 -10.06 -4.24
N TYR D 583 17.12 -10.09 -5.55
CA TYR D 583 16.74 -8.91 -6.36
C TYR D 583 16.28 -9.35 -7.74
N VAL D 584 15.66 -8.45 -8.46
CA VAL D 584 15.35 -8.69 -9.89
C VAL D 584 16.10 -7.64 -10.72
N ARG D 585 16.60 -8.03 -11.89
CA ARG D 585 17.14 -7.09 -12.88
C ARG D 585 16.22 -7.19 -14.09
N ARG D 586 15.63 -6.07 -14.49
CA ARG D 586 14.51 -6.02 -15.45
C ARG D 586 15.10 -5.72 -16.83
N HIS D 587 15.49 -6.76 -17.57
CA HIS D 587 16.04 -6.65 -18.94
C HIS D 587 14.87 -6.66 -19.92
N PRO D 588 14.99 -5.90 -21.02
CA PRO D 588 14.07 -6.00 -22.17
C PRO D 588 13.62 -7.41 -22.59
N LEU D 589 14.51 -8.41 -22.51
CA LEU D 589 14.19 -9.82 -22.89
C LEU D 589 13.47 -10.57 -21.75
N GLY D 590 13.31 -9.98 -20.57
CA GLY D 590 12.67 -10.67 -19.42
C GLY D 590 13.40 -10.40 -18.12
N ASN D 591 12.82 -10.82 -17.02
CA ASN D 591 13.36 -10.52 -15.67
C ASN D 591 14.32 -11.64 -15.29
N LEU D 592 15.38 -11.28 -14.57
CA LEU D 592 16.27 -12.24 -13.91
C LEU D 592 16.07 -12.06 -12.40
N VAL D 593 15.80 -13.13 -11.68
CA VAL D 593 15.80 -13.07 -10.19
C VAL D 593 17.04 -13.80 -9.70
N ALA D 594 17.78 -13.16 -8.81
CA ALA D 594 19.02 -13.67 -8.20
C ALA D 594 18.69 -13.93 -6.74
N LEU D 595 18.94 -15.14 -6.28
CA LEU D 595 18.73 -15.50 -4.86
C LEU D 595 20.08 -15.97 -4.35
N TYR D 596 20.44 -15.57 -3.15
CA TYR D 596 21.76 -15.89 -2.55
C TYR D 596 21.54 -16.25 -1.08
N ASN D 597 21.90 -17.48 -0.73
CA ASN D 597 21.72 -18.03 0.62
C ASN D 597 22.99 -17.66 1.39
N PHE D 598 22.85 -16.77 2.38
CA PHE D 598 23.95 -16.26 3.23
C PHE D 598 24.13 -17.16 4.47
N SER D 599 23.48 -18.33 4.47
CA SER D 599 23.47 -19.31 5.60
C SER D 599 24.20 -20.58 5.17
N GLU D 600 24.83 -21.28 6.13
CA GLU D 600 25.49 -22.59 5.91
C GLU D 600 24.45 -23.72 6.00
N GLU D 601 23.18 -23.41 6.17
CA GLU D 601 22.18 -24.49 6.19
C GLU D 601 21.19 -24.30 5.03
N VAL D 602 20.57 -25.40 4.67
CA VAL D 602 19.43 -25.44 3.72
C VAL D 602 18.45 -24.32 4.09
N GLN D 603 17.95 -23.61 3.08
CA GLN D 603 16.96 -22.52 3.30
C GLN D 603 15.86 -22.65 2.26
N TYR D 604 14.65 -22.31 2.65
CA TYR D 604 13.46 -22.39 1.76
C TYR D 604 13.01 -20.96 1.44
N TYR D 605 12.76 -20.69 0.17
CA TYR D 605 12.27 -19.37 -0.29
C TYR D 605 10.91 -19.56 -0.96
N PRO D 606 9.94 -18.65 -0.70
CA PRO D 606 8.60 -18.72 -1.29
C PRO D 606 8.66 -18.62 -2.82
N ALA D 607 8.19 -19.64 -3.51
CA ALA D 607 8.29 -19.79 -4.97
C ALA D 607 7.40 -18.77 -5.70
N GLU D 608 6.34 -18.29 -5.06
CA GLU D 608 5.43 -17.26 -5.62
C GLU D 608 6.23 -16.03 -6.07
N VAL D 609 7.32 -15.69 -5.40
CA VAL D 609 8.21 -14.56 -5.81
C VAL D 609 8.60 -14.69 -7.29
N LEU D 610 8.94 -15.89 -7.77
CA LEU D 610 9.40 -16.10 -9.16
C LEU D 610 8.24 -15.83 -10.14
N TRP D 611 7.02 -16.30 -9.83
CA TRP D 611 5.86 -16.08 -10.72
C TRP D 611 5.51 -14.58 -10.66
N GLN D 612 5.57 -13.95 -9.48
CA GLN D 612 5.37 -12.49 -9.28
C GLN D 612 6.30 -11.67 -10.19
N GLN D 613 7.48 -12.19 -10.55
CA GLN D 613 8.46 -11.48 -11.42
C GLN D 613 8.34 -11.99 -12.86
N GLY D 614 7.27 -12.71 -13.19
CA GLY D 614 6.98 -13.11 -14.58
C GLY D 614 7.65 -14.40 -15.01
N LEU D 615 8.10 -15.25 -14.08
CA LEU D 615 8.79 -16.51 -14.43
C LEU D 615 7.89 -17.72 -14.14
N GLY D 616 7.22 -18.25 -15.19
CA GLY D 616 6.33 -19.41 -15.13
C GLY D 616 7.09 -20.71 -15.08
N LEU D 617 8.26 -20.78 -15.73
CA LEU D 617 9.19 -21.95 -15.83
C LEU D 617 10.59 -21.51 -15.40
N PRO D 618 10.83 -21.32 -14.09
CA PRO D 618 12.10 -20.75 -13.61
C PRO D 618 13.31 -21.62 -13.96
N PHE D 619 14.26 -21.07 -14.72
CA PHE D 619 15.48 -21.78 -15.17
C PHE D 619 16.67 -21.13 -14.46
N ASP D 620 17.51 -21.93 -13.85
CA ASP D 620 18.72 -21.37 -13.18
C ASP D 620 19.90 -21.45 -14.14
N ARG D 621 20.43 -20.30 -14.54
CA ARG D 621 21.58 -20.24 -15.47
C ARG D 621 22.86 -20.82 -14.84
N ILE D 622 23.00 -20.78 -13.52
CA ILE D 622 24.23 -21.31 -12.85
C ILE D 622 24.24 -22.83 -12.93
N SER D 623 23.18 -23.50 -12.49
CA SER D 623 23.06 -24.99 -12.53
C SER D 623 22.83 -25.51 -13.97
N GLY D 624 22.33 -24.65 -14.86
CA GLY D 624 21.89 -25.03 -16.21
C GLY D 624 20.68 -25.96 -16.16
N GLN D 625 19.85 -25.89 -15.10
CA GLN D 625 18.67 -26.78 -14.88
C GLN D 625 17.47 -25.93 -14.41
N LEU D 626 16.25 -26.45 -14.62
CA LEU D 626 15.01 -25.88 -14.01
C LEU D 626 15.20 -25.76 -12.50
N VAL D 627 14.66 -24.69 -11.91
CA VAL D 627 14.59 -24.54 -10.44
C VAL D 627 13.53 -25.50 -9.92
N PRO D 628 13.95 -26.53 -9.15
CA PRO D 628 13.00 -27.38 -8.42
C PRO D 628 12.13 -26.56 -7.47
N ILE D 629 10.81 -26.67 -7.66
CA ILE D 629 9.77 -26.08 -6.79
C ILE D 629 8.96 -27.23 -6.17
N GLU D 630 8.88 -27.27 -4.85
CA GLU D 630 8.12 -28.31 -4.11
C GLU D 630 7.41 -27.62 -2.96
N HIS D 631 6.11 -27.84 -2.83
CA HIS D 631 5.26 -27.27 -1.76
C HIS D 631 5.38 -25.74 -1.69
N HIS D 632 5.26 -25.08 -2.83
CA HIS D 632 5.34 -23.61 -3.03
C HIS D 632 6.68 -23.05 -2.48
N LEU D 633 7.74 -23.86 -2.43
CA LEU D 633 9.07 -23.39 -1.93
C LEU D 633 10.21 -23.73 -2.90
N VAL D 634 11.23 -22.87 -2.93
CA VAL D 634 12.55 -23.18 -3.56
C VAL D 634 13.48 -23.62 -2.44
N ARG D 635 14.03 -24.81 -2.59
CA ARG D 635 15.01 -25.37 -1.61
C ARG D 635 16.40 -24.90 -2.02
N LEU D 636 17.05 -24.08 -1.19
CA LEU D 636 18.40 -23.55 -1.45
C LEU D 636 19.43 -24.31 -0.61
N GLU D 637 20.43 -24.84 -1.29
CA GLU D 637 21.61 -25.50 -0.69
C GLU D 637 22.35 -24.43 0.11
N PRO D 638 23.15 -24.86 1.11
CA PRO D 638 24.05 -23.95 1.83
C PRO D 638 24.83 -23.06 0.86
N TYR D 639 24.82 -21.75 1.09
CA TYR D 639 25.54 -20.74 0.28
C TYR D 639 25.19 -20.86 -1.22
N ALA D 640 23.97 -21.29 -1.53
CA ALA D 640 23.49 -21.44 -2.93
C ALA D 640 23.39 -20.06 -3.60
N ARG D 641 23.68 -20.02 -4.90
CA ARG D 641 23.51 -18.84 -5.77
C ARG D 641 22.74 -19.32 -7.01
N LEU D 642 21.63 -18.63 -7.30
CA LEU D 642 20.71 -18.89 -8.43
C LEU D 642 20.61 -17.61 -9.24
N TRP D 643 20.78 -17.70 -10.54
CA TRP D 643 20.48 -16.59 -11.48
C TRP D 643 19.33 -17.07 -12.37
N ILE D 644 18.10 -16.66 -12.03
CA ILE D 644 16.87 -17.34 -12.51
C ILE D 644 16.25 -16.47 -13.60
N THR D 645 16.07 -17.03 -14.78
CA THR D 645 15.23 -16.51 -15.89
C THR D 645 14.28 -17.60 -16.35
N ASP D 646 13.39 -17.27 -17.30
CA ASP D 646 12.35 -18.18 -17.85
C ASP D 646 13.00 -19.17 -18.83
#